data_5SC9
#
_entry.id   5SC9
#
_cell.length_a   208.273
_cell.length_b   112.676
_cell.length_c   187.899
_cell.angle_alpha   90.000
_cell.angle_beta   91.340
_cell.angle_gamma   90.000
#
_symmetry.space_group_name_H-M   'C 1 2 1'
#
loop_
_entity.id
_entity.type
_entity.pdbx_description
1 polymer 'Pyruvate kinase'
2 non-polymer 1,6-di-O-phosphono-beta-D-fructofuranose
3 non-polymer 'OXALATE ION'
4 non-polymer '1-(3,4-dihydroxy-9,10-dioxo-9,10-dihydroanthracene-2-sulfonyl)piperidine-4-carboxylic acid'
5 non-polymer 'MAGNESIUM ION'
6 water water
#
_entity_poly.entity_id   1
_entity_poly.type   'polypeptide(L)'
_entity_poly.pdbx_seq_one_letter_code
;GSMEGPAGYLRRADVAQLTQELGTAFFQQQQLPAAMADTFLEHLCLLDIDSEPVAARSTSIIATIGPASRSVERLKEMIK
AGMNIARLNFSHGSHEYHAESIANVREAVESFAGSPLSYRPVAIALDTKGPGSGPGLSEQDVRDLRFGVEHGVDIVFASF
VRKASDVAAVRAALGPEGHGIKIISKIENHEGVKRFDEILEVSDGIMVARGDLGIEIPAEKVFLAQKMMIGRCNLAGKPV
VCATQMLESMITKPRPTRAETSDVANAVLDGADCIMLSGETAKGNFPVEAVKMQHAIAREAEAAVYHRQLFEELRRAAPL
SRDPTEVTAIGAVEAAFKCCAAAIIVLTTTGRSAQLLSRYRPRAAVIAVTRSAQAARQVHLCRGVFPLLYREPPEAIWAD
DVDRRVQFGIESGKLRGFLRVGDLVIVVTGWRPGSGYTNIMRVLSIS
;
_entity_poly.pdbx_strand_id   A,B,C,D,E,F,G,H
#
# COMPACT_ATOMS: atom_id res chain seq x y z
N GLN A 28 15.56 27.37 5.74
CA GLN A 28 16.09 28.72 5.90
C GLN A 28 16.15 29.14 7.37
N GLN A 29 17.01 30.14 7.64
CA GLN A 29 17.29 30.77 8.92
C GLN A 29 16.11 31.61 9.42
N GLN A 30 16.23 32.14 10.66
CA GLN A 30 15.30 33.03 11.35
C GLN A 30 13.83 32.62 11.21
N GLN A 31 13.56 31.31 11.26
CA GLN A 31 12.21 30.75 11.16
C GLN A 31 11.45 31.24 9.93
N LEU A 32 12.18 31.51 8.82
CA LEU A 32 11.52 31.99 7.60
C LEU A 32 10.50 30.98 7.02
N PRO A 33 10.71 29.63 7.07
CA PRO A 33 9.64 28.73 6.63
C PRO A 33 8.35 28.92 7.45
N ALA A 34 8.46 29.11 8.78
CA ALA A 34 7.27 29.34 9.62
C ALA A 34 6.66 30.72 9.35
N ALA A 35 7.50 31.71 8.99
CA ALA A 35 7.04 33.07 8.68
C ALA A 35 6.15 33.10 7.44
N MET A 36 6.39 32.20 6.48
CA MET A 36 5.60 32.18 5.25
C MET A 36 4.30 31.38 5.35
N ALA A 37 3.98 30.79 6.52
CA ALA A 37 2.77 29.99 6.67
C ALA A 37 1.49 30.79 6.50
N ASP A 38 0.43 30.13 6.00
CA ASP A 38 -0.87 30.78 5.74
C ASP A 38 -1.79 30.86 6.95
N THR A 39 -1.51 30.07 7.99
CA THR A 39 -2.29 30.14 9.23
C THR A 39 -1.32 30.12 10.44
N PHE A 40 -1.79 30.60 11.59
CA PHE A 40 -1.00 30.56 12.82
C PHE A 40 -0.69 29.11 13.21
N LEU A 41 -1.66 28.20 13.03
CA LEU A 41 -1.44 26.78 13.32
C LEU A 41 -0.31 26.21 12.45
N GLU A 42 -0.32 26.49 11.14
CA GLU A 42 0.73 26.03 10.21
CA GLU A 42 0.74 26.01 10.25
C GLU A 42 2.08 26.65 10.61
N HIS A 43 2.07 27.92 11.05
CA HIS A 43 3.26 28.64 11.51
C HIS A 43 3.89 27.86 12.68
N LEU A 44 3.08 27.45 13.67
CA LEU A 44 3.60 26.68 14.80
C LEU A 44 4.20 25.36 14.34
N CYS A 45 3.50 24.64 13.45
CA CYS A 45 3.94 23.34 12.92
C CYS A 45 5.33 23.44 12.21
N LEU A 46 5.62 24.63 11.66
CA LEU A 46 6.86 24.82 10.89
C LEU A 46 8.03 25.38 11.70
N LEU A 47 7.84 25.69 13.00
CA LEU A 47 8.93 26.18 13.85
C LEU A 47 10.02 25.11 13.94
N ASP A 48 11.28 25.52 13.75
CA ASP A 48 12.38 24.57 13.64
C ASP A 48 13.52 24.92 14.59
N ILE A 49 13.91 23.97 15.45
CA ILE A 49 14.99 24.18 16.40
C ILE A 49 16.37 24.35 15.69
N ASP A 50 16.50 23.89 14.45
CA ASP A 50 17.73 24.05 13.66
C ASP A 50 17.76 25.36 12.85
N SER A 51 16.68 26.17 12.88
CA SER A 51 16.65 27.43 12.15
C SER A 51 17.23 28.51 13.07
N GLU A 52 18.48 28.91 12.80
CA GLU A 52 19.18 29.85 13.67
C GLU A 52 18.76 31.30 13.52
N PRO A 53 18.66 32.01 14.67
CA PRO A 53 18.31 33.43 14.58
C PRO A 53 19.45 34.22 13.96
N VAL A 54 19.12 35.21 13.12
CA VAL A 54 20.16 36.04 12.50
C VAL A 54 20.01 37.48 12.92
N ALA A 55 18.77 37.96 13.08
CA ALA A 55 18.52 39.34 13.46
C ALA A 55 19.06 39.64 14.86
N ALA A 56 19.40 40.91 15.09
CA ALA A 56 19.87 41.33 16.41
C ALA A 56 18.69 41.23 17.40
N ARG A 57 19.00 40.99 18.68
CA ARG A 57 17.99 40.85 19.72
C ARG A 57 17.26 42.19 19.90
N SER A 58 15.93 42.19 19.71
CA SER A 58 15.10 43.40 19.74
C SER A 58 14.45 43.75 21.08
N THR A 59 14.18 42.77 21.95
CA THR A 59 13.53 43.04 23.22
C THR A 59 14.60 43.47 24.22
N SER A 60 14.49 44.68 24.79
CA SER A 60 15.50 45.16 25.73
C SER A 60 15.48 44.42 27.06
N ILE A 61 16.65 44.32 27.68
CA ILE A 61 16.80 43.69 28.98
C ILE A 61 17.03 44.75 30.04
N ILE A 62 16.21 44.72 31.09
CA ILE A 62 16.35 45.60 32.23
C ILE A 62 16.94 44.76 33.37
N ALA A 63 18.10 45.18 33.90
CA ALA A 63 18.72 44.44 35.01
C ALA A 63 18.71 45.29 36.25
N THR A 64 18.29 44.72 37.39
CA THR A 64 18.27 45.45 38.64
C THR A 64 19.69 45.45 39.22
N ILE A 65 20.19 46.64 39.58
CA ILE A 65 21.54 46.78 40.12
C ILE A 65 21.52 46.68 41.64
N GLY A 66 22.36 45.82 42.18
CA GLY A 66 22.46 45.64 43.62
C GLY A 66 23.79 45.05 44.03
N PRO A 67 23.88 44.48 45.25
CA PRO A 67 25.17 43.92 45.70
C PRO A 67 25.90 43.02 44.70
N ALA A 68 25.18 42.12 44.03
CA ALA A 68 25.79 41.18 43.09
C ALA A 68 26.23 41.80 41.76
N SER A 69 25.81 43.04 41.47
CA SER A 69 26.07 43.65 40.18
C SER A 69 26.54 45.11 40.24
N ARG A 70 26.95 45.59 41.41
CA ARG A 70 27.38 46.99 41.62
C ARG A 70 28.74 47.35 41.05
N SER A 71 29.70 46.41 41.01
CA SER A 71 31.06 46.74 40.63
C SER A 71 31.22 47.10 39.16
N VAL A 72 32.18 47.98 38.86
CA VAL A 72 32.41 48.41 37.49
C VAL A 72 32.78 47.23 36.58
N GLU A 73 33.63 46.31 37.08
CA GLU A 73 34.03 45.16 36.29
C GLU A 73 32.83 44.24 35.98
N ARG A 74 31.94 44.04 36.96
CA ARG A 74 30.75 43.21 36.79
C ARG A 74 29.79 43.90 35.81
N LEU A 75 29.62 45.22 35.93
CA LEU A 75 28.76 45.99 35.04
C LEU A 75 29.23 45.96 33.59
N LYS A 76 30.56 45.94 33.36
CA LYS A 76 31.09 45.83 31.99
C LYS A 76 30.67 44.48 31.38
N GLU A 77 30.73 43.40 32.18
CA GLU A 77 30.33 42.06 31.73
CA GLU A 77 30.33 42.09 31.68
C GLU A 77 28.83 42.04 31.43
N MET A 78 28.02 42.73 32.24
CA MET A 78 26.57 42.77 32.04
CA MET A 78 26.57 42.77 32.04
C MET A 78 26.20 43.55 30.80
N ILE A 79 26.96 44.62 30.47
CA ILE A 79 26.71 45.40 29.26
C ILE A 79 27.04 44.52 28.05
N LYS A 80 28.18 43.81 28.09
CA LYS A 80 28.56 42.91 27.00
C LYS A 80 27.55 41.77 26.84
N ALA A 81 26.98 41.27 27.96
CA ALA A 81 25.99 40.20 27.94
C ALA A 81 24.63 40.65 27.34
N GLY A 82 24.34 41.96 27.37
CA GLY A 82 23.12 42.47 26.78
C GLY A 82 22.27 43.42 27.59
N MET A 83 22.67 43.80 28.81
CA MET A 83 21.90 44.74 29.62
C MET A 83 21.73 46.08 28.90
N ASN A 84 20.48 46.55 28.75
CA ASN A 84 20.19 47.82 28.07
C ASN A 84 19.74 48.91 29.04
N ILE A 85 19.09 48.52 30.14
CA ILE A 85 18.56 49.44 31.13
C ILE A 85 18.94 48.95 32.51
N ALA A 86 19.48 49.85 33.34
CA ALA A 86 19.88 49.52 34.71
C ALA A 86 18.77 50.03 35.63
N ARG A 87 18.18 49.16 36.44
CA ARG A 87 17.11 49.54 37.35
C ARG A 87 17.64 49.69 38.78
N LEU A 88 17.31 50.80 39.44
CA LEU A 88 17.73 51.05 40.82
C LEU A 88 16.47 51.00 41.64
N ASN A 89 16.37 50.04 42.54
CA ASN A 89 15.18 49.86 43.35
C ASN A 89 15.26 50.71 44.61
N PHE A 90 14.53 51.83 44.63
CA PHE A 90 14.55 52.74 45.77
C PHE A 90 13.75 52.23 46.99
N SER A 91 13.20 51.00 46.93
CA SER A 91 12.60 50.39 48.13
C SER A 91 13.72 49.96 49.12
N HIS A 92 14.99 49.86 48.65
CA HIS A 92 16.13 49.43 49.45
C HIS A 92 17.33 50.35 49.19
N GLY A 93 18.22 50.47 50.17
CA GLY A 93 19.43 51.29 50.02
C GLY A 93 19.22 52.78 50.17
N SER A 94 20.30 53.49 50.45
CA SER A 94 20.25 54.93 50.66
C SER A 94 20.48 55.69 49.34
N HIS A 95 20.33 57.03 49.38
CA HIS A 95 20.65 57.87 48.23
C HIS A 95 22.14 57.74 47.89
N GLU A 96 23.01 57.66 48.91
CA GLU A 96 24.45 57.51 48.69
C GLU A 96 24.76 56.18 47.99
N TYR A 97 24.08 55.11 48.40
CA TYR A 97 24.25 53.79 47.80
C TYR A 97 23.87 53.83 46.31
N HIS A 98 22.70 54.38 45.99
CA HIS A 98 22.24 54.49 44.60
C HIS A 98 23.07 55.43 43.76
N ALA A 99 23.59 56.53 44.34
CA ALA A 99 24.45 57.44 43.59
C ALA A 99 25.74 56.72 43.18
N GLU A 100 26.27 55.85 44.05
CA GLU A 100 27.48 55.10 43.72
C GLU A 100 27.16 54.07 42.62
N SER A 101 25.97 53.44 42.67
CA SER A 101 25.56 52.50 41.62
C SER A 101 25.47 53.21 40.27
N ILE A 102 24.86 54.40 40.23
CA ILE A 102 24.75 55.20 39.00
C ILE A 102 26.13 55.55 38.45
N ALA A 103 27.05 56.00 39.34
CA ALA A 103 28.41 56.34 38.92
C ALA A 103 29.12 55.13 38.33
N ASN A 104 28.95 53.95 38.95
CA ASN A 104 29.57 52.72 38.45
C ASN A 104 29.01 52.30 37.11
N VAL A 105 27.68 52.44 36.91
CA VAL A 105 27.06 52.12 35.61
C VAL A 105 27.63 53.05 34.54
N ARG A 106 27.66 54.35 34.83
CA ARG A 106 28.19 55.32 33.87
C ARG A 106 29.66 55.07 33.54
N GLU A 107 30.48 54.69 34.54
CA GLU A 107 31.89 54.40 34.29
C GLU A 107 32.02 53.17 33.37
N ALA A 108 31.22 52.14 33.64
CA ALA A 108 31.25 50.93 32.81
C ALA A 108 30.80 51.24 31.38
N VAL A 109 29.72 52.04 31.21
CA VAL A 109 29.21 52.39 29.88
C VAL A 109 30.23 53.20 29.09
N GLU A 110 30.82 54.20 29.74
CA GLU A 110 31.78 55.07 29.06
C GLU A 110 33.11 54.39 28.76
N SER A 111 33.40 53.25 29.40
CA SER A 111 34.63 52.50 29.09
C SER A 111 34.63 51.99 27.63
N PHE A 112 33.44 51.91 26.97
CA PHE A 112 33.29 51.45 25.59
C PHE A 112 33.17 52.60 24.58
N SER A 115 35.16 53.63 20.78
CA SER A 115 34.72 53.04 19.51
C SER A 115 33.29 53.51 19.23
N PRO A 116 33.15 54.65 18.55
CA PRO A 116 31.81 55.21 18.32
C PRO A 116 30.85 54.36 17.49
N LEU A 117 31.37 53.58 16.52
CA LEU A 117 30.54 52.73 15.67
C LEU A 117 29.97 51.50 16.42
N SER A 118 30.45 51.20 17.64
CA SER A 118 29.95 50.05 18.41
C SER A 118 29.41 50.42 19.81
N TYR A 119 29.58 51.70 20.24
CA TYR A 119 29.14 52.14 21.58
C TYR A 119 27.67 51.85 21.83
N ARG A 120 27.39 51.25 22.99
CA ARG A 120 26.02 50.94 23.41
C ARG A 120 25.53 51.79 24.58
N PRO A 121 24.57 52.70 24.31
CA PRO A 121 23.97 53.46 25.40
C PRO A 121 23.25 52.55 26.41
N VAL A 122 23.22 52.91 27.70
CA VAL A 122 22.52 52.14 28.74
C VAL A 122 21.67 53.12 29.55
N ALA A 123 20.34 52.91 29.61
CA ALA A 123 19.46 53.80 30.36
C ALA A 123 19.51 53.55 31.85
N ILE A 124 19.20 54.56 32.66
CA ILE A 124 19.13 54.42 34.09
C ILE A 124 17.70 54.68 34.54
N ALA A 125 17.09 53.70 35.20
CA ALA A 125 15.71 53.77 35.64
C ALA A 125 15.60 53.74 37.15
N LEU A 126 14.82 54.65 37.70
CA LEU A 126 14.60 54.72 39.13
C LEU A 126 13.24 54.09 39.44
N ASP A 127 13.22 53.04 40.26
CA ASP A 127 11.97 52.37 40.62
C ASP A 127 11.59 52.85 42.03
N THR A 128 10.48 53.58 42.14
CA THR A 128 10.07 54.18 43.41
C THR A 128 9.61 53.19 44.47
N LYS A 129 9.70 53.61 45.74
CA LYS A 129 9.26 52.80 46.87
C LYS A 129 7.75 52.61 46.83
N GLY A 130 7.02 53.65 46.48
CA GLY A 130 5.57 53.57 46.37
C GLY A 130 4.82 54.27 47.49
N PRO A 131 3.49 54.23 47.41
CA PRO A 131 2.66 54.92 48.42
C PRO A 131 2.60 54.19 49.76
N GLY A 136 -1.69 58.03 47.81
CA GLY A 136 -1.12 59.16 47.09
C GLY A 136 0.40 59.20 47.13
N LEU A 137 1.01 60.25 46.54
CA LEU A 137 2.47 60.35 46.49
C LEU A 137 3.09 60.53 47.87
N SER A 138 3.93 59.57 48.28
CA SER A 138 4.58 59.61 49.59
C SER A 138 5.69 60.67 49.66
N GLU A 139 6.02 61.12 50.88
CA GLU A 139 7.10 62.11 51.04
C GLU A 139 8.47 61.53 50.66
N GLN A 140 8.66 60.21 50.87
CA GLN A 140 9.89 59.54 50.49
C GLN A 140 10.01 59.54 48.96
N ASP A 141 8.91 59.28 48.23
CA ASP A 141 8.90 59.30 46.77
C ASP A 141 9.23 60.69 46.24
N VAL A 142 8.73 61.76 46.89
CA VAL A 142 9.07 63.13 46.46
C VAL A 142 10.59 63.36 46.54
N ARG A 143 11.21 62.91 47.63
CA ARG A 143 12.65 63.05 47.80
C ARG A 143 13.44 62.19 46.81
N ASP A 144 12.96 60.96 46.54
CA ASP A 144 13.63 60.07 45.60
C ASP A 144 13.51 60.55 44.17
N LEU A 145 12.35 61.10 43.80
CA LEU A 145 12.14 61.65 42.46
C LEU A 145 13.03 62.88 42.24
N ARG A 146 13.21 63.71 43.28
CA ARG A 146 14.11 64.87 43.19
C ARG A 146 15.54 64.37 43.01
N PHE A 147 15.94 63.29 43.73
CA PHE A 147 17.27 62.67 43.59
C PHE A 147 17.47 62.22 42.13
N GLY A 148 16.44 61.60 41.56
CA GLY A 148 16.48 61.12 40.18
C GLY A 148 16.73 62.23 39.18
N VAL A 149 16.02 63.36 39.33
CA VAL A 149 16.21 64.51 38.46
C VAL A 149 17.65 65.06 38.60
N GLU A 150 18.11 65.22 39.84
CA GLU A 150 19.46 65.73 40.11
C GLU A 150 20.55 64.82 39.57
N HIS A 151 20.31 63.50 39.53
CA HIS A 151 21.29 62.57 39.00
C HIS A 151 21.07 62.19 37.52
N GLY A 152 20.16 62.87 36.85
CA GLY A 152 19.93 62.66 35.43
C GLY A 152 19.40 61.31 35.00
N VAL A 153 18.53 60.69 35.82
CA VAL A 153 17.93 59.39 35.43
C VAL A 153 17.07 59.56 34.18
N ASP A 154 16.97 58.51 33.37
CA ASP A 154 16.22 58.58 32.11
C ASP A 154 14.75 58.18 32.26
N ILE A 155 14.47 57.26 33.19
CA ILE A 155 13.15 56.67 33.35
C ILE A 155 12.78 56.54 34.81
N VAL A 156 11.49 56.65 35.10
CA VAL A 156 10.97 56.38 36.42
C VAL A 156 9.99 55.21 36.27
N PHE A 157 10.18 54.15 37.07
CA PHE A 157 9.21 53.06 37.14
C PHE A 157 8.40 53.42 38.38
N ALA A 158 7.20 53.99 38.20
CA ALA A 158 6.36 54.44 39.32
C ALA A 158 5.57 53.29 39.92
N SER A 159 5.89 52.94 41.18
CA SER A 159 5.23 51.85 41.87
C SER A 159 3.77 52.10 42.26
N PHE A 160 2.97 51.04 42.20
CA PHE A 160 1.56 51.02 42.61
C PHE A 160 0.73 52.15 42.01
N VAL A 161 0.77 52.31 40.67
CA VAL A 161 -0.05 53.32 40.03
C VAL A 161 -1.48 52.78 39.99
N ARG A 162 -2.45 53.48 40.58
CA ARG A 162 -3.83 52.99 40.57
C ARG A 162 -4.81 53.90 39.83
N LYS A 163 -4.38 55.09 39.38
CA LYS A 163 -5.25 56.01 38.66
C LYS A 163 -4.41 57.10 37.97
N ALA A 164 -5.01 57.82 37.02
CA ALA A 164 -4.32 58.88 36.28
C ALA A 164 -3.72 59.96 37.18
N SER A 165 -4.40 60.31 38.30
CA SER A 165 -3.88 61.35 39.20
C SER A 165 -2.57 60.92 39.89
N ASP A 166 -2.31 59.61 40.02
CA ASP A 166 -1.04 59.13 40.56
C ASP A 166 0.10 59.51 39.59
N VAL A 167 -0.13 59.35 38.28
CA VAL A 167 0.87 59.69 37.27
C VAL A 167 1.11 61.20 37.28
N ALA A 168 0.04 62.00 37.40
CA ALA A 168 0.16 63.47 37.46
C ALA A 168 1.02 63.90 38.65
N ALA A 169 0.84 63.27 39.81
CA ALA A 169 1.63 63.57 41.00
C ALA A 169 3.12 63.25 40.81
N VAL A 170 3.43 62.12 40.12
CA VAL A 170 4.84 61.78 39.85
C VAL A 170 5.44 62.82 38.90
N ARG A 171 4.68 63.18 37.86
CA ARG A 171 5.12 64.18 36.88
CA ARG A 171 5.12 64.18 36.88
C ARG A 171 5.40 65.53 37.58
N ALA A 172 4.51 65.95 38.47
CA ALA A 172 4.69 67.21 39.19
C ALA A 172 5.93 67.17 40.08
N ALA A 173 6.17 66.04 40.76
CA ALA A 173 7.35 65.89 41.63
C ALA A 173 8.67 65.89 40.87
N LEU A 174 8.65 65.57 39.57
CA LEU A 174 9.86 65.63 38.74
C LEU A 174 10.22 67.10 38.38
N GLY A 175 9.24 68.01 38.46
CA GLY A 175 9.41 69.44 38.23
C GLY A 175 9.73 69.83 36.81
N PRO A 176 10.03 71.13 36.60
CA PRO A 176 10.35 71.59 35.24
C PRO A 176 11.64 71.01 34.68
N GLU A 177 12.63 70.69 35.54
CA GLU A 177 13.87 70.10 35.06
C GLU A 177 13.76 68.60 34.69
N GLY A 178 12.67 67.95 35.09
CA GLY A 178 12.47 66.53 34.82
C GLY A 178 11.46 66.23 33.72
N HIS A 179 11.12 67.24 32.90
CA HIS A 179 10.16 67.12 31.80
C HIS A 179 10.47 65.98 30.80
N GLY A 180 11.74 65.72 30.56
CA GLY A 180 12.16 64.72 29.59
C GLY A 180 12.20 63.28 30.09
N ILE A 181 12.05 63.08 31.40
CA ILE A 181 12.10 61.75 31.98
C ILE A 181 10.83 60.94 31.64
N LYS A 182 11.00 59.69 31.21
CA LYS A 182 9.85 58.85 30.86
C LYS A 182 9.23 58.25 32.12
N ILE A 183 7.91 58.27 32.22
CA ILE A 183 7.21 57.66 33.34
C ILE A 183 6.55 56.36 32.88
N ILE A 184 7.00 55.24 33.44
CA ILE A 184 6.45 53.92 33.16
C ILE A 184 5.67 53.57 34.40
N SER A 185 4.34 53.47 34.31
CA SER A 185 3.48 53.15 35.45
C SER A 185 3.45 51.66 35.71
N LYS A 186 3.75 51.25 36.96
CA LYS A 186 3.70 49.86 37.38
C LYS A 186 2.28 49.50 37.79
N ILE A 187 1.70 48.49 37.14
CA ILE A 187 0.35 48.03 37.47
C ILE A 187 0.55 46.87 38.42
N GLU A 188 0.13 47.04 39.68
CA GLU A 188 0.41 46.08 40.73
C GLU A 188 -0.78 45.58 41.54
N ASN A 189 -1.99 46.07 41.23
CA ASN A 189 -3.16 45.67 41.99
C ASN A 189 -4.43 45.72 41.16
N HIS A 190 -5.56 45.27 41.74
CA HIS A 190 -6.82 45.23 41.03
C HIS A 190 -7.25 46.58 40.47
N GLU A 191 -7.10 47.65 41.27
CA GLU A 191 -7.51 48.98 40.81
C GLU A 191 -6.72 49.44 39.59
N GLY A 192 -5.41 49.20 39.59
CA GLY A 192 -4.55 49.54 38.46
C GLY A 192 -4.99 48.83 37.19
N VAL A 193 -5.39 47.53 37.31
CA VAL A 193 -5.86 46.78 36.16
C VAL A 193 -7.19 47.36 35.66
N LYS A 194 -8.13 47.63 36.58
CA LYS A 194 -9.44 48.16 36.22
C LYS A 194 -9.40 49.57 35.64
N ARG A 195 -8.49 50.40 36.11
CA ARG A 195 -8.33 51.76 35.59
C ARG A 195 -7.16 51.84 34.58
N PHE A 196 -6.80 50.71 33.96
CA PHE A 196 -5.70 50.64 33.03
C PHE A 196 -5.76 51.66 31.90
N ASP A 197 -6.89 51.80 31.21
CA ASP A 197 -6.99 52.73 30.08
C ASP A 197 -6.65 54.17 30.46
N GLU A 198 -7.16 54.65 31.61
CA GLU A 198 -6.87 56.03 32.03
C GLU A 198 -5.39 56.20 32.42
N ILE A 199 -4.77 55.15 32.98
CA ILE A 199 -3.37 55.19 33.37
C ILE A 199 -2.49 55.20 32.13
N LEU A 200 -2.77 54.31 31.16
CA LEU A 200 -1.97 54.23 29.94
C LEU A 200 -2.00 55.56 29.16
N GLU A 201 -3.18 56.19 29.09
CA GLU A 201 -3.38 57.45 28.41
CA GLU A 201 -3.37 57.45 28.39
C GLU A 201 -2.38 58.54 28.84
N VAL A 202 -2.11 58.65 30.14
CA VAL A 202 -1.20 59.66 30.67
C VAL A 202 0.24 59.19 30.95
N SER A 203 0.53 57.89 30.75
CA SER A 203 1.87 57.38 31.01
C SER A 203 2.66 57.24 29.71
N ASP A 204 3.98 57.18 29.81
CA ASP A 204 4.81 56.90 28.64
C ASP A 204 4.79 55.39 28.30
N GLY A 205 4.50 54.55 29.28
CA GLY A 205 4.45 53.12 29.11
C GLY A 205 4.02 52.43 30.39
N ILE A 206 4.06 51.10 30.38
CA ILE A 206 3.56 50.32 31.51
C ILE A 206 4.52 49.23 31.91
N MET A 207 4.52 48.87 33.19
CA MET A 207 5.25 47.70 33.66
C MET A 207 4.21 46.75 34.30
N VAL A 208 4.20 45.49 33.86
CA VAL A 208 3.36 44.47 34.44
C VAL A 208 4.17 43.94 35.63
N ALA A 209 3.91 44.48 36.83
CA ALA A 209 4.68 44.18 38.03
C ALA A 209 4.06 42.95 38.67
N ARG A 210 4.43 41.77 38.15
CA ARG A 210 3.79 40.52 38.53
C ARG A 210 3.95 40.08 39.97
N GLY A 211 4.99 40.56 40.65
CA GLY A 211 5.24 40.21 42.05
C GLY A 211 4.08 40.62 42.93
N ASP A 212 3.81 41.92 43.01
CA ASP A 212 2.68 42.43 43.78
C ASP A 212 1.37 42.05 43.14
N LEU A 213 1.27 42.06 41.80
CA LEU A 213 0.02 41.69 41.12
C LEU A 213 -0.43 40.27 41.52
N GLY A 214 0.52 39.36 41.64
CA GLY A 214 0.27 37.96 42.01
C GLY A 214 -0.14 37.74 43.45
N ILE A 215 -0.02 38.77 44.29
CA ILE A 215 -0.44 38.76 45.70
C ILE A 215 -1.75 39.55 45.84
N GLU A 216 -1.94 40.62 45.03
CA GLU A 216 -3.11 41.47 45.06
C GLU A 216 -4.33 40.84 44.36
N ILE A 217 -4.09 40.07 43.30
CA ILE A 217 -5.15 39.34 42.60
C ILE A 217 -4.82 37.84 42.65
N PRO A 218 -5.77 36.92 42.41
CA PRO A 218 -5.43 35.47 42.41
C PRO A 218 -4.27 35.18 41.45
N ALA A 219 -3.28 34.40 41.91
CA ALA A 219 -2.10 34.08 41.13
C ALA A 219 -2.43 33.51 39.75
N GLU A 220 -3.51 32.72 39.67
CA GLU A 220 -3.94 32.10 38.41
C GLU A 220 -4.54 33.09 37.40
N LYS A 221 -4.74 34.37 37.79
CA LYS A 221 -5.28 35.37 36.87
C LYS A 221 -4.20 36.33 36.33
N VAL A 222 -2.98 36.29 36.87
CA VAL A 222 -1.91 37.20 36.44
C VAL A 222 -1.63 37.14 34.94
N PHE A 223 -1.62 35.92 34.36
CA PHE A 223 -1.36 35.81 32.92
C PHE A 223 -2.41 36.58 32.08
N LEU A 224 -3.68 36.65 32.56
CA LEU A 224 -4.74 37.37 31.83
C LEU A 224 -4.43 38.87 31.86
N ALA A 225 -4.06 39.40 33.04
CA ALA A 225 -3.71 40.82 33.18
C ALA A 225 -2.49 41.13 32.33
N GLN A 226 -1.49 40.25 32.33
CA GLN A 226 -0.28 40.46 31.53
C GLN A 226 -0.61 40.51 30.04
N LYS A 227 -1.37 39.51 29.53
CA LYS A 227 -1.70 39.47 28.10
C LYS A 227 -2.55 40.66 27.68
N MET A 228 -3.52 41.05 28.51
CA MET A 228 -4.39 42.18 28.23
C MET A 228 -3.57 43.48 28.18
N MET A 229 -2.72 43.71 29.18
CA MET A 229 -1.92 44.95 29.23
C MET A 229 -0.93 45.03 28.10
N ILE A 230 -0.29 43.91 27.73
CA ILE A 230 0.63 43.90 26.61
C ILE A 230 -0.12 44.20 25.31
N GLY A 231 -1.28 43.54 25.10
CA GLY A 231 -2.11 43.79 23.92
C GLY A 231 -2.52 45.26 23.79
N ARG A 232 -2.98 45.86 24.91
CA ARG A 232 -3.41 47.26 24.89
C ARG A 232 -2.25 48.22 24.65
N CYS A 233 -1.06 47.93 25.22
CA CYS A 233 0.11 48.79 24.97
C CYS A 233 0.56 48.68 23.53
N ASN A 234 0.53 47.46 22.96
CA ASN A 234 0.87 47.26 21.56
C ASN A 234 -0.11 48.07 20.66
N LEU A 235 -1.40 48.07 20.99
CA LEU A 235 -2.42 48.82 20.24
CA LEU A 235 -2.40 48.82 20.22
C LEU A 235 -2.15 50.33 20.36
N ALA A 236 -1.77 50.80 21.55
CA ALA A 236 -1.48 52.22 21.77
C ALA A 236 -0.09 52.67 21.23
N GLY A 237 0.78 51.73 20.91
CA GLY A 237 2.12 52.03 20.45
C GLY A 237 3.00 52.57 21.58
N LYS A 238 2.77 52.11 22.81
CA LYS A 238 3.54 52.52 23.99
C LYS A 238 4.28 51.34 24.60
N PRO A 239 5.52 51.57 25.10
CA PRO A 239 6.29 50.44 25.66
C PRO A 239 5.66 49.73 26.83
N VAL A 240 5.85 48.40 26.89
CA VAL A 240 5.35 47.60 28.00
C VAL A 240 6.47 46.66 28.45
N VAL A 241 6.68 46.59 29.76
CA VAL A 241 7.71 45.77 30.37
C VAL A 241 7.08 44.60 31.10
N CYS A 242 7.63 43.38 30.90
CA CYS A 242 7.18 42.23 31.69
C CYS A 242 8.21 42.04 32.80
N ALA A 243 7.78 41.95 34.05
CA ALA A 243 8.69 41.89 35.17
C ALA A 243 8.35 40.84 36.21
N THR A 244 9.40 40.42 36.95
CA THR A 244 9.41 39.69 38.21
C THR A 244 9.30 38.18 38.07
N GLN A 245 10.32 37.50 38.65
CA GLN A 245 10.47 36.05 38.74
C GLN A 245 10.58 35.36 37.39
N MET A 246 11.05 36.08 36.35
CA MET A 246 11.19 35.48 35.03
C MET A 246 12.22 34.36 35.01
N LEU A 247 13.35 34.54 35.72
CA LEU A 247 14.39 33.51 35.81
C LEU A 247 14.78 33.29 37.28
N GLU A 248 13.79 33.34 38.17
CA GLU A 248 13.97 33.28 39.62
C GLU A 248 14.95 32.24 40.15
N SER A 249 14.89 31.00 39.66
CA SER A 249 15.78 29.94 40.14
C SER A 249 17.27 30.25 39.91
N MET A 250 17.58 31.15 38.95
CA MET A 250 18.96 31.55 38.66
C MET A 250 19.60 32.44 39.74
N ILE A 251 18.84 32.75 40.80
CA ILE A 251 19.40 33.45 41.95
C ILE A 251 20.43 32.47 42.63
N THR A 252 20.13 31.15 42.66
CA THR A 252 21.05 30.17 43.25
C THR A 252 21.58 29.11 42.26
N LYS A 253 20.89 28.90 41.12
CA LYS A 253 21.32 27.88 40.16
C LYS A 253 21.87 28.45 38.87
N PRO A 254 22.86 27.78 38.23
CA PRO A 254 23.45 28.34 37.00
C PRO A 254 22.57 28.26 35.75
N ARG A 255 21.55 27.40 35.78
CA ARG A 255 20.64 27.23 34.64
C ARG A 255 19.20 27.40 35.14
N PRO A 256 18.30 27.96 34.31
CA PRO A 256 16.91 28.14 34.77
C PRO A 256 16.05 26.89 34.61
N THR A 257 14.82 26.92 35.17
CA THR A 257 13.88 25.82 34.99
C THR A 257 13.23 25.90 33.60
N ARG A 258 12.54 24.82 33.19
CA ARG A 258 11.82 24.81 31.91
C ARG A 258 10.68 25.86 31.91
N ALA A 259 10.06 26.10 33.08
CA ALA A 259 8.98 27.09 33.16
C ALA A 259 9.53 28.51 32.98
N GLU A 260 10.74 28.76 33.47
CA GLU A 260 11.34 30.09 33.37
C GLU A 260 11.73 30.44 31.96
N THR A 261 12.32 29.49 31.20
CA THR A 261 12.65 29.78 29.80
C THR A 261 11.37 29.99 28.99
N SER A 262 10.32 29.19 29.27
CA SER A 262 9.02 29.34 28.65
C SER A 262 8.43 30.73 28.95
N ASP A 263 8.53 31.19 30.20
CA ASP A 263 7.98 32.49 30.61
C ASP A 263 8.62 33.63 29.84
N VAL A 264 9.98 33.62 29.71
CA VAL A 264 10.66 34.66 28.97
C VAL A 264 10.23 34.64 27.49
N ALA A 265 10.22 33.45 26.88
CA ALA A 265 9.84 33.32 25.48
C ALA A 265 8.39 33.81 25.24
N ASN A 266 7.47 33.43 26.14
CA ASN A 266 6.07 33.83 25.99
C ASN A 266 5.86 35.31 26.24
N ALA A 267 6.69 35.95 27.07
CA ALA A 267 6.55 37.43 27.26
C ALA A 267 6.89 38.12 25.93
N VAL A 268 7.94 37.65 25.25
CA VAL A 268 8.33 38.22 23.95
C VAL A 268 7.25 37.94 22.91
N LEU A 269 6.77 36.67 22.84
CA LEU A 269 5.69 36.33 21.90
C LEU A 269 4.41 37.10 22.19
N ASP A 270 4.12 37.40 23.46
CA ASP A 270 2.93 38.18 23.86
C ASP A 270 3.00 39.61 23.26
N GLY A 271 4.21 40.14 23.11
CA GLY A 271 4.45 41.47 22.56
C GLY A 271 5.18 42.43 23.48
N ALA A 272 5.82 41.92 24.57
CA ALA A 272 6.52 42.81 25.51
C ALA A 272 7.67 43.53 24.83
N ASP A 273 7.82 44.82 25.10
CA ASP A 273 8.94 45.59 24.56
C ASP A 273 10.22 45.29 25.35
N CYS A 274 10.10 45.11 26.69
CA CYS A 274 11.24 44.84 27.57
C CYS A 274 10.93 43.68 28.48
N ILE A 275 11.97 43.00 28.91
CA ILE A 275 11.90 41.95 29.92
C ILE A 275 12.85 42.35 31.05
N MET A 276 12.56 41.92 32.28
CA MET A 276 13.31 42.39 33.44
C MET A 276 13.86 41.28 34.30
N LEU A 277 14.95 41.60 35.02
CA LEU A 277 15.61 40.75 36.01
C LEU A 277 15.65 41.56 37.30
N SER A 278 15.27 40.94 38.41
CA SER A 278 15.27 41.60 39.71
C SER A 278 16.30 40.93 40.62
N GLY A 279 15.91 40.00 41.50
CA GLY A 279 16.84 39.31 42.37
C GLY A 279 17.93 38.58 41.61
N GLU A 280 17.62 38.14 40.38
CA GLU A 280 18.56 37.41 39.53
C GLU A 280 19.84 38.20 39.29
N THR A 281 19.74 39.54 39.18
CA THR A 281 20.92 40.38 38.97
C THR A 281 21.28 41.22 40.20
N ALA A 282 20.30 41.54 41.06
CA ALA A 282 20.58 42.37 42.22
C ALA A 282 21.28 41.62 43.34
N LYS A 283 20.93 40.35 43.57
CA LYS A 283 21.52 39.61 44.69
C LYS A 283 21.96 38.19 44.38
N GLY A 284 21.65 37.69 43.20
CA GLY A 284 21.96 36.31 42.86
C GLY A 284 23.41 35.99 42.59
N ASN A 285 23.72 34.69 42.52
CA ASN A 285 25.08 34.25 42.26
C ASN A 285 25.45 34.19 40.78
N PHE A 286 24.48 34.44 39.87
CA PHE A 286 24.74 34.34 38.43
C PHE A 286 24.15 35.54 37.66
N PRO A 287 24.47 36.80 38.04
CA PRO A 287 23.86 37.95 37.34
C PRO A 287 24.16 38.02 35.86
N VAL A 288 25.42 37.76 35.46
CA VAL A 288 25.79 37.82 34.05
C VAL A 288 25.10 36.72 33.27
N GLU A 289 25.08 35.50 33.84
CA GLU A 289 24.46 34.35 33.20
C GLU A 289 22.93 34.57 33.02
N ALA A 290 22.29 35.27 33.96
CA ALA A 290 20.86 35.56 33.87
C ALA A 290 20.60 36.49 32.68
N VAL A 291 21.45 37.51 32.50
CA VAL A 291 21.34 38.43 31.35
C VAL A 291 21.57 37.67 30.05
N LYS A 292 22.61 36.79 30.01
CA LYS A 292 22.89 36.00 28.82
C LYS A 292 21.72 35.09 28.46
N MET A 293 21.06 34.51 29.46
CA MET A 293 19.93 33.62 29.24
C MET A 293 18.75 34.39 28.65
N GLN A 294 18.42 35.57 29.20
CA GLN A 294 17.35 36.39 28.62
C GLN A 294 17.66 36.79 27.20
N HIS A 295 18.94 37.15 26.93
CA HIS A 295 19.35 37.51 25.57
C HIS A 295 19.11 36.34 24.60
N ALA A 296 19.56 35.15 24.97
CA ALA A 296 19.46 33.97 24.11
C ALA A 296 18.00 33.59 23.84
N ILE A 297 17.15 33.60 24.88
CA ILE A 297 15.73 33.25 24.70
C ILE A 297 15.04 34.29 23.85
N ALA A 298 15.25 35.59 24.15
CA ALA A 298 14.59 36.66 23.39
C ALA A 298 14.90 36.60 21.90
N ARG A 299 16.15 36.30 21.53
CA ARG A 299 16.52 36.18 20.12
C ARG A 299 15.75 35.06 19.43
N GLU A 300 15.62 33.90 20.11
CA GLU A 300 14.91 32.77 19.52
C GLU A 300 13.43 33.10 19.39
N ALA A 301 12.85 33.73 20.42
CA ALA A 301 11.42 34.05 20.46
C ALA A 301 11.04 35.11 19.43
N GLU A 302 11.90 36.10 19.21
CA GLU A 302 11.63 37.14 18.21
C GLU A 302 11.54 36.59 16.80
N ALA A 303 12.38 35.61 16.47
CA ALA A 303 12.31 34.99 15.15
C ALA A 303 11.03 34.16 14.97
N ALA A 304 10.48 33.63 16.09
CA ALA A 304 9.26 32.82 16.10
C ALA A 304 7.95 33.63 16.09
N VAL A 305 8.03 34.97 16.09
CA VAL A 305 6.85 35.83 16.00
C VAL A 305 6.21 35.63 14.60
N TYR A 306 4.89 35.49 14.53
CA TYR A 306 4.19 35.30 13.25
C TYR A 306 3.87 36.69 12.69
N HIS A 307 4.86 37.35 12.07
CA HIS A 307 4.71 38.70 11.53
C HIS A 307 3.57 38.86 10.55
N ARG A 308 3.25 37.84 9.76
CA ARG A 308 2.16 37.96 8.77
C ARG A 308 0.83 38.38 9.44
N GLN A 309 0.48 37.73 10.56
CA GLN A 309 -0.73 38.07 11.30
CA GLN A 309 -0.73 38.09 11.28
C GLN A 309 -0.53 39.34 12.12
N LEU A 310 0.61 39.42 12.83
CA LEU A 310 0.88 40.57 13.70
C LEU A 310 0.86 41.90 12.95
N PHE A 311 1.56 41.99 11.82
CA PHE A 311 1.60 43.22 11.05
C PHE A 311 0.22 43.55 10.53
N GLU A 312 -0.51 42.54 9.98
CA GLU A 312 -1.86 42.78 9.45
CA GLU A 312 -1.85 42.80 9.46
C GLU A 312 -2.77 43.34 10.54
N GLU A 313 -2.73 42.75 11.75
CA GLU A 313 -3.57 43.22 12.83
C GLU A 313 -3.18 44.57 13.36
N LEU A 314 -1.87 44.84 13.49
CA LEU A 314 -1.43 46.14 13.99
C LEU A 314 -1.75 47.23 12.97
N ARG A 315 -1.54 46.96 11.69
CA ARG A 315 -1.84 47.88 10.62
C ARG A 315 -3.34 48.22 10.58
N ARG A 316 -4.23 47.20 10.70
CA ARG A 316 -5.69 47.34 10.67
C ARG A 316 -6.20 48.14 11.88
N ALA A 317 -5.64 47.87 13.08
CA ALA A 317 -6.08 48.53 14.30
C ALA A 317 -5.51 49.93 14.50
N ALA A 318 -4.35 50.25 13.91
CA ALA A 318 -3.74 51.59 14.06
C ALA A 318 -4.64 52.59 13.38
N PRO A 319 -5.05 53.67 14.06
CA PRO A 319 -6.02 54.58 13.46
C PRO A 319 -5.50 55.31 12.26
N LEU A 320 -6.43 55.78 11.41
CA LEU A 320 -6.07 56.63 10.27
C LEU A 320 -5.51 57.94 10.86
N SER A 321 -4.55 58.54 10.17
CA SER A 321 -3.88 59.70 10.73
C SER A 321 -3.44 60.64 9.68
N ARG A 322 -3.45 61.93 10.01
CA ARG A 322 -2.93 62.96 9.12
CA ARG A 322 -2.90 62.92 9.09
C ARG A 322 -1.55 63.48 9.60
N ASP A 323 -0.94 62.82 10.62
CA ASP A 323 0.37 63.20 11.16
C ASP A 323 1.41 62.63 10.20
N PRO A 324 2.24 63.45 9.55
CA PRO A 324 3.19 62.91 8.57
C PRO A 324 4.18 61.91 9.13
N THR A 325 4.57 62.00 10.43
CA THR A 325 5.48 61.00 10.99
C THR A 325 4.77 59.62 11.02
N GLU A 326 3.49 59.58 11.45
CA GLU A 326 2.72 58.34 11.51
C GLU A 326 2.53 57.73 10.11
N VAL A 327 2.22 58.59 9.13
CA VAL A 327 2.02 58.18 7.75
C VAL A 327 3.31 57.62 7.15
N THR A 328 4.43 58.31 7.39
CA THR A 328 5.73 57.83 6.89
C THR A 328 6.10 56.51 7.54
N ALA A 329 5.83 56.37 8.84
CA ALA A 329 6.20 55.15 9.58
C ALA A 329 5.54 53.90 8.98
N ILE A 330 4.22 53.96 8.68
CA ILE A 330 3.56 52.78 8.14
C ILE A 330 4.02 52.50 6.71
N GLY A 331 4.28 53.55 5.93
CA GLY A 331 4.81 53.37 4.58
C GLY A 331 6.19 52.71 4.61
N ALA A 332 7.04 53.13 5.56
CA ALA A 332 8.40 52.58 5.72
C ALA A 332 8.36 51.12 6.15
N VAL A 333 7.48 50.77 7.09
CA VAL A 333 7.40 49.37 7.55
C VAL A 333 6.87 48.47 6.44
N GLU A 334 5.87 48.96 5.68
CA GLU A 334 5.32 48.19 4.55
C GLU A 334 6.42 47.97 3.51
N ALA A 335 7.19 49.03 3.19
CA ALA A 335 8.29 48.94 2.22
C ALA A 335 9.36 47.96 2.71
N ALA A 336 9.68 47.99 4.01
CA ALA A 336 10.70 47.09 4.59
C ALA A 336 10.30 45.63 4.42
N PHE A 337 9.01 45.31 4.66
CA PHE A 337 8.54 43.94 4.50
C PHE A 337 8.55 43.51 3.02
N LYS A 338 8.24 44.43 2.10
CA LYS A 338 8.21 44.11 0.67
C LYS A 338 9.56 43.64 0.12
N CYS A 339 10.66 44.24 0.61
CA CYS A 339 11.98 43.89 0.11
C CYS A 339 12.83 43.11 1.07
N CYS A 340 12.28 42.65 2.22
CA CYS A 340 13.07 41.97 3.26
C CYS A 340 14.23 42.85 3.68
N ALA A 341 13.95 44.14 3.91
CA ALA A 341 14.99 45.10 4.27
C ALA A 341 15.72 44.67 5.52
N ALA A 342 17.04 44.80 5.51
CA ALA A 342 17.84 44.42 6.68
C ALA A 342 17.62 45.42 7.83
N ALA A 343 17.32 46.68 7.51
CA ALA A 343 17.13 47.70 8.53
C ALA A 343 16.32 48.88 8.01
N ILE A 344 15.75 49.65 8.93
CA ILE A 344 15.12 50.92 8.69
C ILE A 344 16.00 51.91 9.49
N ILE A 345 16.71 52.81 8.81
CA ILE A 345 17.54 53.79 9.49
C ILE A 345 16.72 55.04 9.64
N VAL A 346 16.57 55.53 10.87
CA VAL A 346 15.76 56.71 11.12
C VAL A 346 16.52 57.76 11.90
N LEU A 347 16.40 59.03 11.49
CA LEU A 347 17.02 60.11 12.27
C LEU A 347 15.98 60.58 13.25
N THR A 348 16.36 60.76 14.51
CA THR A 348 15.40 61.19 15.51
C THR A 348 16.04 62.07 16.58
N THR A 349 15.32 63.09 17.04
CA THR A 349 15.81 63.99 18.06
C THR A 349 15.34 63.52 19.44
N THR A 350 14.05 63.16 19.55
CA THR A 350 13.41 62.74 20.79
C THR A 350 13.18 61.22 20.90
N GLY A 351 13.32 60.51 19.79
CA GLY A 351 13.03 59.08 19.72
C GLY A 351 11.65 58.79 19.12
N ARG A 352 10.78 59.80 19.02
CA ARG A 352 9.41 59.61 18.53
C ARG A 352 9.30 58.93 17.15
N SER A 353 10.09 59.36 16.15
CA SER A 353 10.01 58.74 14.82
C SER A 353 10.37 57.24 14.89
N ALA A 354 11.31 56.86 15.77
CA ALA A 354 11.70 55.45 15.92
C ALA A 354 10.57 54.69 16.64
N GLN A 355 9.98 55.28 17.65
CA GLN A 355 8.84 54.67 18.36
C GLN A 355 7.65 54.38 17.40
N LEU A 356 7.34 55.30 16.47
CA LEU A 356 6.26 55.10 15.53
C LEU A 356 6.55 53.99 14.51
N LEU A 357 7.83 53.74 14.22
CA LEU A 357 8.20 52.62 13.36
C LEU A 357 8.06 51.31 14.19
N SER A 358 8.58 51.31 15.42
CA SER A 358 8.57 50.16 16.33
CA SER A 358 8.56 50.13 16.28
C SER A 358 7.15 49.63 16.59
N ARG A 359 6.17 50.53 16.65
CA ARG A 359 4.77 50.13 16.92
C ARG A 359 4.19 49.15 15.88
N TYR A 360 4.75 49.12 14.67
CA TYR A 360 4.31 48.21 13.61
C TYR A 360 5.07 46.88 13.61
N ARG A 361 5.99 46.69 14.58
CA ARG A 361 6.79 45.47 14.74
C ARG A 361 7.45 44.98 13.45
N PRO A 362 8.25 45.83 12.78
CA PRO A 362 8.95 45.35 11.58
C PRO A 362 9.95 44.25 11.96
N ARG A 363 10.21 43.33 11.04
CA ARG A 363 11.28 42.34 11.23
C ARG A 363 12.63 43.08 11.06
N ALA A 364 12.68 44.11 10.20
CA ALA A 364 13.86 44.92 9.99
C ALA A 364 14.22 45.67 11.27
N ALA A 365 15.52 45.69 11.62
CA ALA A 365 15.99 46.45 12.78
C ALA A 365 15.73 47.93 12.56
N VAL A 366 15.30 48.66 13.58
CA VAL A 366 15.12 50.11 13.44
C VAL A 366 16.39 50.75 14.05
N ILE A 367 17.28 51.25 13.20
CA ILE A 367 18.53 51.86 13.64
C ILE A 367 18.27 53.35 13.83
N ALA A 368 18.22 53.80 15.08
CA ALA A 368 17.87 55.20 15.37
C ALA A 368 19.12 56.03 15.61
N VAL A 369 19.40 56.98 14.70
CA VAL A 369 20.56 57.85 14.83
C VAL A 369 20.15 59.15 15.48
N THR A 370 20.74 59.46 16.64
CA THR A 370 20.38 60.67 17.38
C THR A 370 21.62 61.33 17.97
N ARG A 371 21.57 62.63 18.15
CA ARG A 371 22.59 63.39 18.87
C ARG A 371 22.26 63.47 20.37
N SER A 372 21.00 63.20 20.77
CA SER A 372 20.61 63.25 22.16
C SER A 372 21.02 61.98 22.90
N ALA A 373 21.90 62.12 23.91
CA ALA A 373 22.33 60.96 24.68
C ALA A 373 21.13 60.42 25.51
N GLN A 374 20.28 61.31 26.02
CA GLN A 374 19.11 60.85 26.79
C GLN A 374 18.13 60.08 25.89
N ALA A 375 17.86 60.59 24.68
CA ALA A 375 16.96 59.91 23.74
C ALA A 375 17.53 58.54 23.35
N ALA A 376 18.86 58.43 23.17
CA ALA A 376 19.51 57.17 22.83
C ALA A 376 19.28 56.14 23.94
N ARG A 377 19.34 56.58 25.20
CA ARG A 377 19.13 55.70 26.33
C ARG A 377 17.64 55.31 26.42
N GLN A 378 16.75 56.28 26.29
CA GLN A 378 15.32 56.04 26.45
C GLN A 378 14.68 55.16 25.37
N VAL A 379 15.19 55.20 24.16
CA VAL A 379 14.61 54.46 23.05
C VAL A 379 14.78 52.92 23.20
N HIS A 380 15.57 52.46 24.21
CA HIS A 380 15.67 51.05 24.58
C HIS A 380 14.29 50.54 25.06
N LEU A 381 13.38 51.43 25.50
CA LEU A 381 12.05 51.03 25.91
C LEU A 381 11.23 50.47 24.73
N CYS A 382 11.56 50.83 23.47
CA CYS A 382 10.81 50.42 22.27
C CYS A 382 11.42 49.22 21.60
N ARG A 383 10.64 48.13 21.45
CA ARG A 383 11.20 46.92 20.82
C ARG A 383 11.76 47.15 19.43
N GLY A 384 12.93 46.59 19.18
CA GLY A 384 13.55 46.62 17.87
C GLY A 384 14.20 47.92 17.46
N VAL A 385 14.36 48.84 18.42
CA VAL A 385 15.06 50.11 18.15
C VAL A 385 16.47 49.98 18.72
N PHE A 386 17.46 50.20 17.85
CA PHE A 386 18.89 50.12 18.16
C PHE A 386 19.45 51.54 18.11
N PRO A 387 19.64 52.16 19.28
CA PRO A 387 20.12 53.56 19.28
C PRO A 387 21.59 53.71 18.97
N LEU A 388 21.92 54.70 18.14
CA LEU A 388 23.29 55.03 17.80
C LEU A 388 23.49 56.49 18.15
N LEU A 389 24.41 56.78 19.08
CA LEU A 389 24.66 58.15 19.50
C LEU A 389 25.68 58.79 18.55
N TYR A 390 25.24 59.81 17.81
CA TYR A 390 26.05 60.47 16.79
C TYR A 390 26.97 61.54 17.40
N ARG A 391 28.28 61.32 17.24
CA ARG A 391 29.29 62.25 17.79
C ARG A 391 30.33 62.66 16.74
N GLU A 392 29.95 62.61 15.47
CA GLU A 392 30.86 62.99 14.40
CA GLU A 392 30.85 63.01 14.39
C GLU A 392 30.75 64.52 14.20
N PRO A 393 31.78 65.16 13.60
CA PRO A 393 31.72 66.62 13.42
C PRO A 393 30.53 67.02 12.55
N PRO A 394 29.95 68.19 12.83
CA PRO A 394 28.82 68.66 12.01
C PRO A 394 29.20 69.14 10.62
N GLU A 395 28.26 69.02 9.68
CA GLU A 395 28.45 69.50 8.33
C GLU A 395 27.85 70.91 8.23
N ALA A 396 28.39 71.73 7.33
CA ALA A 396 27.89 73.10 7.18
C ALA A 396 26.53 73.13 6.49
N ILE A 397 26.28 72.21 5.56
CA ILE A 397 25.00 72.18 4.85
C ILE A 397 24.09 71.13 5.49
N TRP A 398 22.91 71.56 6.01
CA TRP A 398 21.97 70.66 6.69
C TRP A 398 21.70 69.34 5.91
N ALA A 399 21.42 69.40 4.60
CA ALA A 399 21.23 68.20 3.78
C ALA A 399 22.46 67.26 3.80
N ASP A 400 23.70 67.83 3.78
CA ASP A 400 24.91 67.00 3.88
C ASP A 400 25.04 66.38 5.28
N ASP A 401 24.62 67.11 6.30
CA ASP A 401 24.68 66.63 7.68
C ASP A 401 23.70 65.45 7.87
N VAL A 402 22.51 65.53 7.24
CA VAL A 402 21.51 64.45 7.26
C VAL A 402 22.12 63.23 6.58
N ASP A 403 22.72 63.42 5.38
CA ASP A 403 23.35 62.34 4.64
CA ASP A 403 23.34 62.33 4.64
C ASP A 403 24.46 61.65 5.42
N ARG A 404 25.29 62.45 6.14
CA ARG A 404 26.36 61.82 6.92
C ARG A 404 25.82 61.01 8.09
N ARG A 405 24.72 61.45 8.69
CA ARG A 405 24.09 60.67 9.77
C ARG A 405 23.54 59.34 9.27
N VAL A 406 22.98 59.32 8.05
CA VAL A 406 22.51 58.10 7.40
C VAL A 406 23.69 57.19 7.11
N GLN A 407 24.79 57.74 6.57
CA GLN A 407 26.00 56.96 6.32
C GLN A 407 26.60 56.41 7.62
N PHE A 408 26.47 57.15 8.73
CA PHE A 408 26.94 56.70 10.04
C PHE A 408 26.10 55.46 10.47
N GLY A 409 24.79 55.51 10.24
CA GLY A 409 23.92 54.38 10.56
C GLY A 409 24.29 53.17 9.72
N ILE A 410 24.62 53.38 8.44
CA ILE A 410 25.06 52.28 7.55
C ILE A 410 26.39 51.67 8.01
N GLU A 411 27.40 52.50 8.28
CA GLU A 411 28.71 52.02 8.72
C GLU A 411 28.63 51.29 10.06
N SER A 412 27.87 51.84 11.02
CA SER A 412 27.66 51.21 12.32
C SER A 412 26.92 49.87 12.14
N GLY A 413 25.94 49.84 11.23
CA GLY A 413 25.17 48.64 10.92
C GLY A 413 26.04 47.55 10.35
N LYS A 414 26.97 47.90 9.46
CA LYS A 414 27.89 46.93 8.87
C LYS A 414 28.81 46.36 9.96
N LEU A 415 29.40 47.22 10.81
CA LEU A 415 30.31 46.79 11.87
C LEU A 415 29.61 45.85 12.86
N ARG A 416 28.36 46.17 13.21
CA ARG A 416 27.62 45.37 14.18
C ARG A 416 26.94 44.13 13.62
N GLY A 417 27.01 43.91 12.31
CA GLY A 417 26.40 42.74 11.70
C GLY A 417 24.95 42.88 11.27
N PHE A 418 24.39 44.09 11.37
CA PHE A 418 23.01 44.32 10.94
C PHE A 418 22.92 44.33 9.42
N LEU A 419 23.93 44.88 8.75
CA LEU A 419 23.92 45.11 7.31
C LEU A 419 25.12 44.55 6.62
N ARG A 420 24.93 44.21 5.35
CA ARG A 420 25.99 43.75 4.47
C ARG A 420 25.81 44.40 3.11
N VAL A 421 26.87 44.45 2.31
CA VAL A 421 26.81 44.98 0.95
C VAL A 421 25.79 44.16 0.14
N GLY A 422 24.91 44.85 -0.58
CA GLY A 422 23.86 44.18 -1.33
C GLY A 422 22.51 44.24 -0.64
N ASP A 423 22.48 44.47 0.68
CA ASP A 423 21.21 44.59 1.40
C ASP A 423 20.43 45.84 0.97
N LEU A 424 19.12 45.83 1.16
CA LEU A 424 18.31 47.02 0.94
C LEU A 424 17.97 47.55 2.33
N VAL A 425 17.96 48.86 2.49
CA VAL A 425 17.56 49.50 3.74
C VAL A 425 16.53 50.58 3.39
N ILE A 426 15.68 50.89 4.36
CA ILE A 426 14.72 51.97 4.23
C ILE A 426 15.25 53.10 5.10
N VAL A 427 15.27 54.33 4.60
CA VAL A 427 15.80 55.45 5.36
C VAL A 427 14.69 56.44 5.61
N VAL A 428 14.49 56.82 6.85
CA VAL A 428 13.42 57.72 7.23
C VAL A 428 14.01 59.02 7.79
N THR A 429 13.70 60.14 7.13
CA THR A 429 14.22 61.45 7.50
C THR A 429 13.07 62.50 7.44
N GLY A 430 13.40 63.77 7.68
CA GLY A 430 12.43 64.85 7.63
C GLY A 430 12.85 65.95 6.67
N TRP A 431 11.97 66.94 6.50
CA TRP A 431 12.21 67.99 5.52
C TRP A 431 12.91 69.23 6.07
N ARG A 432 13.03 69.34 7.39
CA ARG A 432 13.68 70.47 8.02
C ARG A 432 14.21 70.08 9.41
N PRO A 433 15.19 70.84 9.95
CA PRO A 433 15.73 70.48 11.27
C PRO A 433 14.70 70.60 12.40
N GLY A 434 14.97 69.97 13.52
CA GLY A 434 14.08 70.00 14.68
C GLY A 434 13.12 68.81 14.70
N SER A 435 12.65 68.46 15.89
CA SER A 435 11.74 67.35 16.08
CA SER A 435 11.72 67.34 16.08
C SER A 435 10.38 67.62 15.44
N GLY A 436 9.69 66.56 15.00
CA GLY A 436 8.33 66.64 14.47
C GLY A 436 8.12 66.78 12.99
N TYR A 437 9.18 66.77 12.19
CA TYR A 437 9.05 66.99 10.75
C TYR A 437 9.40 65.78 9.90
N THR A 438 9.45 64.57 10.49
CA THR A 438 9.70 63.34 9.68
C THR A 438 8.60 63.19 8.63
N ASN A 439 8.99 63.07 7.36
CA ASN A 439 8.01 62.96 6.27
C ASN A 439 8.57 62.26 5.03
N ILE A 440 9.78 61.66 5.09
CA ILE A 440 10.40 61.08 3.90
C ILE A 440 10.87 59.66 4.15
N MET A 441 10.61 58.79 3.18
CA MET A 441 11.08 57.41 3.23
CA MET A 441 11.02 57.38 3.20
C MET A 441 11.81 57.14 1.91
N ARG A 442 12.99 56.55 1.98
CA ARG A 442 13.82 56.31 0.79
C ARG A 442 14.30 54.86 0.80
N VAL A 443 14.40 54.24 -0.36
CA VAL A 443 14.90 52.87 -0.47
C VAL A 443 16.34 52.97 -0.95
N LEU A 444 17.27 52.42 -0.19
CA LEU A 444 18.70 52.51 -0.53
C LEU A 444 19.35 51.12 -0.60
N SER A 445 20.23 50.91 -1.60
CA SER A 445 20.96 49.66 -1.72
CA SER A 445 20.96 49.66 -1.72
C SER A 445 22.32 49.87 -1.04
N ILE A 446 22.73 48.95 -0.18
CA ILE A 446 23.98 49.06 0.55
C ILE A 446 25.19 48.76 -0.30
N SER A 447 26.09 49.75 -0.30
CA SER A 447 27.39 49.87 -0.94
C SER A 447 27.29 50.06 -2.41
N ASP B 14 -10.23 53.44 15.49
CA ASP B 14 -9.86 53.05 14.12
C ASP B 14 -9.98 54.27 13.17
N VAL B 15 -11.15 54.90 13.14
CA VAL B 15 -11.40 56.06 12.29
C VAL B 15 -11.90 57.27 13.10
N ALA B 16 -12.03 57.17 14.42
CA ALA B 16 -12.60 58.22 15.26
C ALA B 16 -11.88 59.58 15.18
N GLN B 17 -10.54 59.61 15.28
CA GLN B 17 -9.81 60.88 15.22
C GLN B 17 -9.93 61.51 13.86
N LEU B 18 -9.79 60.72 12.78
CA LEU B 18 -9.92 61.25 11.44
C LEU B 18 -11.36 61.65 11.13
N THR B 19 -12.36 60.98 11.73
CA THR B 19 -13.75 61.38 11.53
C THR B 19 -13.97 62.72 12.20
N GLN B 20 -13.40 62.95 13.40
CA GLN B 20 -13.52 64.24 14.07
C GLN B 20 -12.86 65.35 13.24
N GLU B 21 -11.70 65.07 12.63
CA GLU B 21 -10.94 66.05 11.86
C GLU B 21 -11.52 66.35 10.48
N LEU B 22 -11.85 65.31 9.72
CA LEU B 22 -12.37 65.48 8.37
C LEU B 22 -13.90 65.61 8.32
N GLY B 23 -14.59 65.21 9.38
CA GLY B 23 -16.05 65.31 9.47
C GLY B 23 -16.82 64.07 9.06
N THR B 24 -18.06 63.95 9.57
CA THR B 24 -18.90 62.81 9.21
C THR B 24 -19.33 62.88 7.76
N ALA B 25 -19.46 64.10 7.16
CA ALA B 25 -19.86 64.20 5.76
C ALA B 25 -18.83 63.55 4.85
N PHE B 26 -17.53 63.76 5.12
CA PHE B 26 -16.46 63.16 4.33
C PHE B 26 -16.57 61.63 4.35
N PHE B 27 -16.79 61.06 5.55
CA PHE B 27 -16.85 59.62 5.73
C PHE B 27 -18.18 58.99 5.27
N GLN B 28 -19.18 59.78 4.83
CA GLN B 28 -20.40 59.18 4.29
C GLN B 28 -20.33 59.12 2.74
N GLN B 29 -19.43 59.90 2.10
CA GLN B 29 -19.26 59.93 0.66
C GLN B 29 -18.36 58.78 0.16
N GLN B 30 -18.25 58.64 -1.16
CA GLN B 30 -17.43 57.67 -1.90
C GLN B 30 -17.46 56.26 -1.33
N GLN B 31 -18.63 55.82 -0.87
CA GLN B 31 -18.82 54.49 -0.28
C GLN B 31 -17.83 54.19 0.85
N LEU B 32 -17.40 55.23 1.60
CA LEU B 32 -16.47 55.04 2.69
C LEU B 32 -17.04 54.14 3.81
N PRO B 33 -18.36 54.17 4.16
CA PRO B 33 -18.85 53.21 5.15
C PRO B 33 -18.65 51.77 4.67
N ALA B 34 -18.88 51.49 3.37
CA ALA B 34 -18.68 50.14 2.82
C ALA B 34 -17.18 49.79 2.76
N ALA B 35 -16.33 50.80 2.53
CA ALA B 35 -14.86 50.61 2.49
C ALA B 35 -14.30 50.16 3.82
N MET B 36 -14.90 50.60 4.93
CA MET B 36 -14.41 50.23 6.27
C MET B 36 -14.95 48.88 6.78
N ALA B 37 -15.77 48.17 6.00
CA ALA B 37 -16.36 46.91 6.47
C ALA B 37 -15.32 45.84 6.67
N ASP B 38 -15.57 44.93 7.64
CA ASP B 38 -14.65 43.85 7.98
C ASP B 38 -14.75 42.63 7.10
N THR B 39 -15.88 42.47 6.35
CA THR B 39 -16.03 41.35 5.43
C THR B 39 -16.59 41.85 4.09
N PHE B 40 -16.42 41.08 3.01
CA PHE B 40 -16.97 41.45 1.70
C PHE B 40 -18.50 41.49 1.77
N LEU B 41 -19.11 40.54 2.49
CA LEU B 41 -20.57 40.53 2.68
C LEU B 41 -21.04 41.83 3.35
N GLU B 42 -20.37 42.26 4.44
CA GLU B 42 -20.72 43.51 5.14
CA GLU B 42 -20.76 43.50 5.11
C GLU B 42 -20.52 44.70 4.20
N HIS B 43 -19.45 44.67 3.39
CA HIS B 43 -19.15 45.73 2.42
C HIS B 43 -20.34 45.89 1.45
N LEU B 44 -20.86 44.76 0.92
CA LEU B 44 -22.04 44.83 0.02
C LEU B 44 -23.24 45.42 0.74
N CYS B 45 -23.52 44.96 1.98
CA CYS B 45 -24.65 45.45 2.76
C CYS B 45 -24.58 46.95 3.03
N LEU B 46 -23.38 47.53 3.02
CA LEU B 46 -23.23 48.96 3.33
C LEU B 46 -23.18 49.87 2.10
N LEU B 47 -23.22 49.31 0.88
CA LEU B 47 -23.24 50.13 -0.35
C LEU B 47 -24.50 51.00 -0.34
N ASP B 48 -24.35 52.28 -0.64
CA ASP B 48 -25.42 53.25 -0.45
C ASP B 48 -25.59 54.09 -1.69
N ILE B 49 -26.80 54.12 -2.26
CA ILE B 49 -27.09 54.93 -3.45
C ILE B 49 -26.99 56.43 -3.14
N ASP B 50 -27.10 56.85 -1.88
CA ASP B 50 -26.97 58.26 -1.48
C ASP B 50 -25.51 58.66 -1.16
N SER B 51 -24.56 57.72 -1.26
CA SER B 51 -23.15 58.02 -1.02
C SER B 51 -22.53 58.42 -2.34
N GLU B 52 -22.34 59.71 -2.54
CA GLU B 52 -21.88 60.24 -3.82
C GLU B 52 -20.39 60.05 -4.07
N PRO B 53 -20.01 59.72 -5.32
CA PRO B 53 -18.59 59.62 -5.64
C PRO B 53 -17.95 61.01 -5.62
N VAL B 54 -16.71 61.09 -5.17
CA VAL B 54 -16.01 62.38 -5.10
C VAL B 54 -14.75 62.34 -5.98
N ALA B 55 -14.06 61.21 -6.01
CA ALA B 55 -12.82 61.07 -6.76
C ALA B 55 -13.03 61.23 -8.26
N ALA B 56 -11.94 61.64 -8.95
CA ALA B 56 -11.96 61.73 -10.40
C ALA B 56 -12.07 60.28 -10.96
N ARG B 57 -12.70 60.14 -12.12
CA ARG B 57 -12.90 58.84 -12.71
C ARG B 57 -11.57 58.23 -13.12
N SER B 58 -11.28 57.04 -12.62
CA SER B 58 -9.99 56.39 -12.83
C SER B 58 -9.91 55.38 -13.98
N THR B 59 -11.02 54.73 -14.37
CA THR B 59 -10.99 53.75 -15.45
C THR B 59 -11.07 54.51 -16.76
N SER B 60 -10.07 54.35 -17.64
CA SER B 60 -10.07 55.06 -18.91
C SER B 60 -11.15 54.56 -19.87
N ILE B 61 -11.66 55.49 -20.68
CA ILE B 61 -12.64 55.17 -21.70
C ILE B 61 -11.98 55.19 -23.05
N ILE B 62 -12.12 54.08 -23.77
CA ILE B 62 -11.65 53.95 -25.15
C ILE B 62 -12.87 54.11 -26.04
N ALA B 63 -12.86 55.11 -26.95
CA ALA B 63 -13.98 55.30 -27.87
C ALA B 63 -13.53 55.00 -29.27
N THR B 64 -14.28 54.17 -29.98
CA THR B 64 -13.94 53.85 -31.37
C THR B 64 -14.37 55.02 -32.24
N ILE B 65 -13.47 55.49 -33.10
CA ILE B 65 -13.75 56.63 -33.96
C ILE B 65 -14.29 56.15 -35.30
N GLY B 66 -15.37 56.76 -35.74
CA GLY B 66 -16.00 56.43 -37.01
C GLY B 66 -16.89 57.55 -37.52
N PRO B 67 -17.80 57.23 -38.45
CA PRO B 67 -18.70 58.26 -39.01
C PRO B 67 -19.45 59.14 -38.01
N ALA B 68 -19.88 58.60 -36.84
CA ALA B 68 -20.61 59.42 -35.89
C ALA B 68 -19.72 60.20 -34.91
N SER B 69 -18.41 59.99 -34.94
CA SER B 69 -17.52 60.62 -33.97
C SER B 69 -16.23 61.16 -34.60
N ARG B 70 -16.24 61.47 -35.90
CA ARG B 70 -15.04 61.88 -36.64
C ARG B 70 -14.82 63.36 -36.75
N SER B 71 -15.87 64.16 -36.70
CA SER B 71 -15.72 65.60 -36.85
C SER B 71 -14.97 66.23 -35.67
N VAL B 72 -14.24 67.30 -35.92
CA VAL B 72 -13.46 67.97 -34.88
C VAL B 72 -14.38 68.48 -33.76
N GLU B 73 -15.54 69.05 -34.11
CA GLU B 73 -16.48 69.56 -33.12
C GLU B 73 -17.02 68.43 -32.24
N ARG B 74 -17.33 67.27 -32.84
CA ARG B 74 -17.85 66.11 -32.11
C ARG B 74 -16.75 65.54 -31.21
N LEU B 75 -15.51 65.48 -31.70
CA LEU B 75 -14.37 65.00 -30.93
C LEU B 75 -14.08 65.87 -29.73
N LYS B 76 -14.27 67.20 -29.84
CA LYS B 76 -14.08 68.09 -28.69
C LYS B 76 -15.10 67.76 -27.60
N GLU B 77 -16.36 67.48 -27.99
CA GLU B 77 -17.42 67.10 -27.04
CA GLU B 77 -17.37 67.12 -27.00
C GLU B 77 -17.08 65.76 -26.37
N MET B 78 -16.53 64.80 -27.14
CA MET B 78 -16.18 63.50 -26.60
CA MET B 78 -16.18 63.50 -26.60
C MET B 78 -15.00 63.59 -25.62
N ILE B 79 -14.04 64.50 -25.89
CA ILE B 79 -12.92 64.69 -24.98
C ILE B 79 -13.46 65.30 -23.68
N LYS B 80 -14.36 66.29 -23.77
CA LYS B 80 -14.95 66.89 -22.59
C LYS B 80 -15.82 65.88 -21.79
N ALA B 81 -16.47 64.95 -22.49
CA ALA B 81 -17.30 63.91 -21.86
C ALA B 81 -16.46 62.83 -21.13
N GLY B 82 -15.18 62.70 -21.50
CA GLY B 82 -14.29 61.76 -20.83
C GLY B 82 -13.50 60.78 -21.67
N MET B 83 -13.57 60.85 -23.02
CA MET B 83 -12.78 59.95 -23.86
C MET B 83 -11.25 60.14 -23.59
N ASN B 84 -10.54 59.05 -23.30
CA ASN B 84 -9.09 59.10 -23.03
C ASN B 84 -8.26 58.50 -24.15
N ILE B 85 -8.82 57.50 -24.85
CA ILE B 85 -8.13 56.79 -25.92
C ILE B 85 -9.06 56.69 -27.12
N ALA B 86 -8.56 57.04 -28.32
CA ALA B 86 -9.33 56.96 -29.56
C ALA B 86 -8.89 55.70 -30.30
N ARG B 87 -9.82 54.81 -30.58
CA ARG B 87 -9.52 53.55 -31.24
C ARG B 87 -9.86 53.64 -32.73
N LEU B 88 -8.93 53.22 -33.59
CA LEU B 88 -9.15 53.20 -35.04
C LEU B 88 -9.23 51.73 -35.43
N ASN B 89 -10.39 51.30 -35.92
CA ASN B 89 -10.56 49.90 -36.28
C ASN B 89 -10.16 49.69 -37.73
N PHE B 90 -8.98 49.09 -37.93
CA PHE B 90 -8.46 48.87 -39.28
C PHE B 90 -9.15 47.71 -40.02
N SER B 91 -10.19 47.08 -39.42
CA SER B 91 -11.00 46.10 -40.14
C SER B 91 -11.91 46.83 -41.18
N HIS B 92 -12.11 48.16 -41.03
CA HIS B 92 -12.95 48.98 -41.90
C HIS B 92 -12.23 50.28 -42.29
N GLY B 93 -12.56 50.84 -43.44
CA GLY B 93 -11.96 52.09 -43.89
C GLY B 93 -10.58 51.96 -44.49
N SER B 94 -10.18 52.97 -45.24
CA SER B 94 -8.88 53.00 -45.90
C SER B 94 -7.83 53.70 -45.02
N HIS B 95 -6.56 53.69 -45.46
CA HIS B 95 -5.50 54.41 -44.76
C HIS B 95 -5.80 55.92 -44.80
N GLU B 96 -6.35 56.42 -45.92
CA GLU B 96 -6.70 57.84 -46.04
C GLU B 96 -7.79 58.21 -45.04
N TYR B 97 -8.79 57.34 -44.87
CA TYR B 97 -9.89 57.56 -43.93
C TYR B 97 -9.34 57.65 -42.50
N HIS B 98 -8.50 56.69 -42.10
CA HIS B 98 -7.91 56.67 -40.75
C HIS B 98 -6.96 57.82 -40.50
N ALA B 99 -6.18 58.25 -41.53
CA ALA B 99 -5.28 59.38 -41.38
C ALA B 99 -6.09 60.66 -41.09
N GLU B 100 -7.26 60.81 -41.73
CA GLU B 100 -8.10 61.98 -41.50
C GLU B 100 -8.69 61.92 -40.08
N SER B 101 -9.07 60.73 -39.61
CA SER B 101 -9.59 60.57 -38.25
C SER B 101 -8.51 60.98 -37.23
N ILE B 102 -7.26 60.50 -37.42
CA ILE B 102 -6.13 60.84 -36.56
C ILE B 102 -5.91 62.36 -36.54
N ALA B 103 -5.93 63.01 -37.73
CA ALA B 103 -5.72 64.45 -37.81
C ALA B 103 -6.82 65.21 -37.06
N ASN B 104 -8.07 64.75 -37.18
CA ASN B 104 -9.19 65.38 -36.49
C ASN B 104 -9.09 65.21 -34.97
N VAL B 105 -8.66 64.03 -34.51
CA VAL B 105 -8.47 63.80 -33.07
C VAL B 105 -7.37 64.72 -32.55
N ARG B 106 -6.24 64.80 -33.25
CA ARG B 106 -5.15 65.69 -32.86
C ARG B 106 -5.55 67.16 -32.86
N GLU B 107 -6.37 67.60 -33.85
CA GLU B 107 -6.84 68.98 -33.86
C GLU B 107 -7.74 69.26 -32.65
N ALA B 108 -8.64 68.32 -32.33
CA ALA B 108 -9.53 68.48 -31.17
C ALA B 108 -8.72 68.50 -29.86
N VAL B 109 -7.74 67.61 -29.72
CA VAL B 109 -6.91 67.54 -28.51
C VAL B 109 -6.11 68.83 -28.32
N GLU B 110 -5.47 69.30 -29.41
CA GLU B 110 -4.63 70.49 -29.33
C GLU B 110 -5.43 71.78 -29.16
N SER B 111 -6.75 71.76 -29.41
CA SER B 111 -7.58 72.94 -29.17
C SER B 111 -7.62 73.32 -27.67
N PHE B 112 -7.28 72.39 -26.76
CA PHE B 112 -7.27 72.64 -25.33
C PHE B 112 -5.82 72.85 -24.77
N ALA B 113 -4.79 72.90 -25.64
CA ALA B 113 -3.38 72.97 -25.20
C ALA B 113 -2.87 74.29 -24.63
N GLY B 114 -3.70 75.31 -24.57
CA GLY B 114 -3.25 76.61 -24.06
C GLY B 114 -2.91 76.63 -22.57
N SER B 115 -3.21 75.54 -21.85
CA SER B 115 -2.97 75.49 -20.41
C SER B 115 -3.07 74.06 -19.84
N PRO B 116 -2.26 73.75 -18.82
CA PRO B 116 -2.36 72.42 -18.18
C PRO B 116 -3.72 72.16 -17.52
N LEU B 117 -4.50 73.22 -17.25
CA LEU B 117 -5.83 73.07 -16.64
C LEU B 117 -6.88 72.59 -17.66
N SER B 118 -6.65 72.83 -18.94
CA SER B 118 -7.56 72.41 -20.00
C SER B 118 -7.06 71.24 -20.80
N TYR B 119 -5.72 71.10 -20.93
CA TYR B 119 -5.14 70.05 -21.73
C TYR B 119 -5.44 68.68 -21.19
N ARG B 120 -5.84 67.80 -22.07
CA ARG B 120 -6.08 66.42 -21.71
C ARG B 120 -5.45 65.58 -22.77
N PRO B 121 -4.34 64.89 -22.48
CA PRO B 121 -3.75 64.01 -23.50
C PRO B 121 -4.75 62.92 -23.91
N VAL B 122 -4.77 62.54 -25.21
CA VAL B 122 -5.64 61.49 -25.71
C VAL B 122 -4.79 60.54 -26.52
N ALA B 123 -4.76 59.25 -26.17
CA ALA B 123 -3.96 58.28 -26.88
C ALA B 123 -4.64 57.85 -28.17
N ILE B 124 -3.85 57.43 -29.17
CA ILE B 124 -4.39 56.91 -30.42
C ILE B 124 -4.00 55.46 -30.54
N ALA B 125 -5.00 54.58 -30.65
CA ALA B 125 -4.79 53.15 -30.72
C ALA B 125 -5.22 52.58 -32.06
N LEU B 126 -4.39 51.71 -32.63
CA LEU B 126 -4.68 51.09 -33.91
C LEU B 126 -5.10 49.67 -33.64
N ASP B 127 -6.31 49.29 -34.03
CA ASP B 127 -6.82 47.94 -33.83
C ASP B 127 -6.70 47.20 -35.16
N THR B 128 -5.86 46.18 -35.22
CA THR B 128 -5.58 45.48 -36.48
C THR B 128 -6.74 44.63 -37.01
N LYS B 129 -6.72 44.36 -38.32
CA LYS B 129 -7.73 43.54 -38.97
C LYS B 129 -7.62 42.09 -38.48
N GLY B 130 -6.40 41.60 -38.33
CA GLY B 130 -6.17 40.26 -37.83
C GLY B 130 -5.68 39.27 -38.86
N PRO B 131 -5.42 38.03 -38.44
CA PRO B 131 -4.91 37.02 -39.38
C PRO B 131 -5.97 36.46 -40.32
N PRO B 135 -3.46 32.34 -39.68
CA PRO B 135 -2.22 31.59 -39.96
C PRO B 135 -0.94 32.42 -39.76
N GLY B 136 -0.98 33.36 -38.83
CA GLY B 136 0.16 34.25 -38.57
C GLY B 136 -0.09 35.68 -39.01
N LEU B 137 0.95 36.54 -38.97
CA LEU B 137 0.79 37.95 -39.36
C LEU B 137 0.43 38.14 -40.83
N SER B 138 -0.74 38.72 -41.10
CA SER B 138 -1.20 38.93 -42.46
C SER B 138 -0.45 40.07 -43.16
N GLU B 139 -0.48 40.08 -44.51
CA GLU B 139 0.17 41.13 -45.28
C GLU B 139 -0.50 42.49 -45.04
N GLN B 140 -1.84 42.50 -44.87
CA GLN B 140 -2.55 43.74 -44.59
C GLN B 140 -2.14 44.30 -43.22
N ASP B 141 -1.96 43.42 -42.22
CA ASP B 141 -1.52 43.86 -40.90
C ASP B 141 -0.12 44.47 -40.96
N VAL B 142 0.79 43.92 -41.78
CA VAL B 142 2.13 44.48 -41.94
C VAL B 142 2.04 45.92 -42.47
N ARG B 143 1.20 46.15 -43.48
CA ARG B 143 1.01 47.48 -44.03
C ARG B 143 0.34 48.43 -43.05
N ASP B 144 -0.66 47.94 -42.30
CA ASP B 144 -1.36 48.78 -41.33
C ASP B 144 -0.47 49.15 -40.14
N LEU B 145 0.38 48.21 -39.69
CA LEU B 145 1.31 48.47 -38.59
C LEU B 145 2.37 49.49 -39.02
N ARG B 146 2.81 49.42 -40.30
CA ARG B 146 3.77 50.42 -40.81
C ARG B 146 3.09 51.79 -40.85
N PHE B 147 1.79 51.85 -41.25
CA PHE B 147 0.99 53.09 -41.26
C PHE B 147 0.95 53.66 -39.83
N GLY B 148 0.72 52.81 -38.85
CA GLY B 148 0.67 53.21 -37.44
C GLY B 148 1.94 53.87 -36.97
N VAL B 149 3.09 53.26 -37.28
CA VAL B 149 4.39 53.82 -36.92
C VAL B 149 4.61 55.18 -37.60
N GLU B 150 4.31 55.26 -38.91
CA GLU B 150 4.45 56.50 -39.66
C GLU B 150 3.55 57.61 -39.16
N HIS B 151 2.37 57.26 -38.62
CA HIS B 151 1.45 58.27 -38.09
C HIS B 151 1.57 58.49 -36.58
N GLY B 152 2.57 57.89 -35.93
CA GLY B 152 2.83 58.08 -34.51
C GLY B 152 1.77 57.58 -33.55
N VAL B 153 1.14 56.43 -33.85
CA VAL B 153 0.14 55.89 -32.92
C VAL B 153 0.82 55.47 -31.60
N ASP B 154 0.08 55.50 -30.50
CA ASP B 154 0.63 55.17 -29.19
C ASP B 154 0.50 53.71 -28.82
N ILE B 155 -0.56 53.06 -29.30
CA ILE B 155 -0.91 51.70 -28.92
C ILE B 155 -1.39 50.89 -30.11
N VAL B 156 -1.14 49.60 -30.07
CA VAL B 156 -1.67 48.67 -31.05
C VAL B 156 -2.54 47.66 -30.28
N PHE B 157 -3.79 47.47 -30.70
CA PHE B 157 -4.66 46.43 -30.17
C PHE B 157 -4.52 45.33 -31.21
N ALA B 158 -3.70 44.31 -30.94
CA ALA B 158 -3.44 43.22 -31.88
C ALA B 158 -4.54 42.18 -31.86
N SER B 159 -5.28 42.07 -32.98
CA SER B 159 -6.39 41.11 -33.09
C SER B 159 -5.98 39.66 -33.15
N PHE B 160 -6.79 38.79 -32.55
CA PHE B 160 -6.64 37.33 -32.54
C PHE B 160 -5.24 36.84 -32.16
N VAL B 161 -4.72 37.30 -31.01
CA VAL B 161 -3.43 36.83 -30.55
C VAL B 161 -3.63 35.43 -29.98
N ARG B 162 -2.93 34.42 -30.52
CA ARG B 162 -3.10 33.03 -30.07
C ARG B 162 -1.89 32.43 -29.37
N LYS B 163 -0.73 33.07 -29.45
CA LYS B 163 0.51 32.57 -28.87
C LYS B 163 1.55 33.69 -28.81
N ALA B 164 2.61 33.50 -28.03
CA ALA B 164 3.68 34.48 -27.87
C ALA B 164 4.32 34.91 -29.20
N SER B 165 4.47 33.97 -30.16
CA SER B 165 5.09 34.30 -31.45
C SER B 165 4.24 35.28 -32.27
N ASP B 166 2.92 35.34 -32.03
CA ASP B 166 2.07 36.32 -32.71
C ASP B 166 2.46 37.73 -32.26
N VAL B 167 2.73 37.89 -30.95
CA VAL B 167 3.15 39.17 -30.39
C VAL B 167 4.51 39.56 -30.95
N ALA B 168 5.44 38.61 -31.03
CA ALA B 168 6.78 38.87 -31.57
C ALA B 168 6.70 39.35 -33.02
N ALA B 169 5.79 38.76 -33.81
CA ALA B 169 5.59 39.17 -35.20
C ALA B 169 5.07 40.61 -35.30
N VAL B 170 4.13 41.00 -34.42
CA VAL B 170 3.61 42.37 -34.41
C VAL B 170 4.75 43.34 -34.04
N ARG B 171 5.55 42.96 -33.04
CA ARG B 171 6.67 43.78 -32.58
CA ARG B 171 6.67 43.78 -32.58
C ARG B 171 7.68 43.99 -33.71
N ALA B 172 7.99 42.91 -34.46
CA ALA B 172 8.93 43.00 -35.58
C ALA B 172 8.38 43.90 -36.69
N ALA B 173 7.07 43.79 -36.99
CA ALA B 173 6.44 44.62 -38.03
C ALA B 173 6.40 46.11 -37.67
N LEU B 174 6.49 46.44 -36.38
CA LEU B 174 6.55 47.85 -35.95
C LEU B 174 7.97 48.46 -36.21
N GLY B 175 8.98 47.61 -36.37
CA GLY B 175 10.34 48.02 -36.67
C GLY B 175 11.06 48.76 -35.56
N PRO B 176 12.28 49.26 -35.87
CA PRO B 176 13.05 49.98 -34.85
C PRO B 176 12.43 51.31 -34.43
N GLU B 177 11.69 51.97 -35.34
CA GLU B 177 11.04 53.24 -35.00
C GLU B 177 9.76 53.09 -34.16
N GLY B 178 9.25 51.87 -34.00
CA GLY B 178 8.04 51.63 -33.23
C GLY B 178 8.26 50.91 -31.91
N HIS B 179 9.49 50.98 -31.37
CA HIS B 179 9.83 50.31 -30.12
C HIS B 179 9.03 50.82 -28.92
N GLY B 180 8.63 52.09 -28.94
CA GLY B 180 7.90 52.70 -27.84
C GLY B 180 6.39 52.46 -27.82
N ILE B 181 5.85 51.91 -28.92
CA ILE B 181 4.42 51.63 -29.05
C ILE B 181 4.02 50.45 -28.14
N LYS B 182 2.94 50.61 -27.38
CA LYS B 182 2.46 49.54 -26.50
C LYS B 182 1.65 48.51 -27.30
N ILE B 183 1.88 47.23 -27.07
CA ILE B 183 1.13 46.17 -27.72
C ILE B 183 0.16 45.55 -26.73
N ILE B 184 -1.13 45.73 -26.99
CA ILE B 184 -2.21 45.15 -26.18
C ILE B 184 -2.76 43.96 -26.96
N SER B 185 -2.54 42.75 -26.48
CA SER B 185 -2.99 41.56 -27.17
C SER B 185 -4.48 41.29 -26.97
N LYS B 186 -5.22 41.15 -28.07
CA LYS B 186 -6.64 40.84 -27.99
C LYS B 186 -6.83 39.33 -27.89
N ILE B 187 -7.47 38.85 -26.81
CA ILE B 187 -7.74 37.43 -26.63
C ILE B 187 -9.16 37.21 -27.15
N GLU B 188 -9.28 36.45 -28.24
CA GLU B 188 -10.55 36.30 -28.95
C GLU B 188 -11.00 34.87 -29.21
N ASN B 189 -10.22 33.88 -28.80
CA ASN B 189 -10.58 32.49 -29.06
C ASN B 189 -10.06 31.54 -27.98
N HIS B 190 -10.41 30.25 -28.08
CA HIS B 190 -10.02 29.26 -27.11
C HIS B 190 -8.51 29.16 -26.94
N GLU B 191 -7.75 29.15 -28.06
CA GLU B 191 -6.30 29.05 -27.97
C GLU B 191 -5.67 30.22 -27.20
N GLY B 192 -6.17 31.43 -27.43
CA GLY B 192 -5.70 32.62 -26.74
C GLY B 192 -5.91 32.52 -25.23
N VAL B 193 -7.08 31.97 -24.82
CA VAL B 193 -7.37 31.78 -23.41
C VAL B 193 -6.43 30.71 -22.81
N LYS B 194 -6.26 29.59 -23.50
CA LYS B 194 -5.40 28.50 -23.03
C LYS B 194 -3.91 28.86 -22.96
N ARG B 195 -3.43 29.68 -23.90
CA ARG B 195 -2.05 30.13 -23.89
C ARG B 195 -1.90 31.53 -23.29
N PHE B 196 -2.87 31.95 -22.47
CA PHE B 196 -2.89 33.28 -21.88
C PHE B 196 -1.59 33.67 -21.17
N ASP B 197 -1.05 32.80 -20.31
CA ASP B 197 0.17 33.13 -19.56
C ASP B 197 1.35 33.51 -20.45
N GLU B 198 1.58 32.73 -21.53
CA GLU B 198 2.68 33.03 -22.43
C GLU B 198 2.45 34.33 -23.21
N ILE B 199 1.19 34.63 -23.54
CA ILE B 199 0.84 35.85 -24.26
C ILE B 199 1.02 37.07 -23.36
N LEU B 200 0.53 36.99 -22.12
CA LEU B 200 0.64 38.11 -21.18
C LEU B 200 2.09 38.46 -20.90
N GLU B 201 2.94 37.44 -20.76
CA GLU B 201 4.36 37.62 -20.48
C GLU B 201 5.06 38.53 -21.48
N VAL B 202 4.73 38.42 -22.78
CA VAL B 202 5.36 39.21 -23.83
C VAL B 202 4.56 40.43 -24.28
N SER B 203 3.34 40.63 -23.77
CA SER B 203 2.52 41.76 -24.16
C SER B 203 2.62 42.89 -23.13
N ASP B 204 2.27 44.11 -23.55
CA ASP B 204 2.19 45.22 -22.60
C ASP B 204 0.86 45.17 -21.79
N GLY B 205 -0.13 44.50 -22.34
CA GLY B 205 -1.44 44.36 -21.72
C GLY B 205 -2.35 43.49 -22.55
N ILE B 206 -3.61 43.39 -22.14
CA ILE B 206 -4.56 42.49 -22.77
C ILE B 206 -5.89 43.17 -23.01
N MET B 207 -6.58 42.74 -24.07
CA MET B 207 -7.95 43.16 -24.29
C MET B 207 -8.82 41.89 -24.29
N VAL B 208 -9.88 41.89 -23.47
CA VAL B 208 -10.85 40.80 -23.48
C VAL B 208 -11.84 41.18 -24.60
N ALA B 209 -11.63 40.65 -25.80
CA ALA B 209 -12.44 40.95 -26.97
C ALA B 209 -13.62 40.03 -26.97
N ARG B 210 -14.68 40.43 -26.24
CA ARG B 210 -15.81 39.56 -26.02
C ARG B 210 -16.68 39.24 -27.22
N GLY B 211 -16.64 40.07 -28.25
CA GLY B 211 -17.42 39.83 -29.46
C GLY B 211 -17.05 38.51 -30.11
N ASP B 212 -15.78 38.38 -30.52
CA ASP B 212 -15.29 37.15 -31.10
C ASP B 212 -15.20 36.04 -30.07
N LEU B 213 -14.80 36.36 -28.82
CA LEU B 213 -14.71 35.33 -27.78
C LEU B 213 -16.07 34.62 -27.57
N GLY B 214 -17.16 35.39 -27.62
CA GLY B 214 -18.52 34.88 -27.45
C GLY B 214 -19.05 34.03 -28.59
N ILE B 215 -18.33 34.01 -29.72
CA ILE B 215 -18.63 33.18 -30.89
C ILE B 215 -17.68 31.97 -30.91
N GLU B 216 -16.41 32.18 -30.49
CA GLU B 216 -15.39 31.14 -30.49
C GLU B 216 -15.55 30.14 -29.36
N ILE B 217 -16.02 30.59 -28.19
CA ILE B 217 -16.29 29.70 -27.06
C ILE B 217 -17.80 29.83 -26.69
N PRO B 218 -18.39 28.89 -25.92
CA PRO B 218 -19.81 29.05 -25.54
C PRO B 218 -20.06 30.40 -24.86
N ALA B 219 -21.11 31.11 -25.26
CA ALA B 219 -21.43 32.43 -24.75
C ALA B 219 -21.53 32.47 -23.23
N GLU B 220 -22.01 31.38 -22.63
CA GLU B 220 -22.17 31.31 -21.17
C GLU B 220 -20.83 31.17 -20.42
N LYS B 221 -19.70 31.00 -21.12
CA LYS B 221 -18.39 30.89 -20.51
C LYS B 221 -17.56 32.18 -20.61
N VAL B 222 -18.01 33.17 -21.40
CA VAL B 222 -17.23 34.40 -21.59
C VAL B 222 -16.91 35.11 -20.27
N PHE B 223 -17.87 35.17 -19.34
CA PHE B 223 -17.63 35.83 -18.06
C PHE B 223 -16.47 35.18 -17.28
N LEU B 224 -16.28 33.84 -17.41
CA LEU B 224 -15.19 33.14 -16.73
C LEU B 224 -13.86 33.58 -17.31
N ALA B 225 -13.77 33.65 -18.64
CA ALA B 225 -12.55 34.07 -19.34
C ALA B 225 -12.25 35.51 -18.98
N GLN B 226 -13.28 36.38 -18.95
CA GLN B 226 -13.10 37.79 -18.60
C GLN B 226 -12.55 37.92 -17.16
N LYS B 227 -13.18 37.27 -16.20
CA LYS B 227 -12.78 37.38 -14.81
C LYS B 227 -11.38 36.83 -14.57
N MET B 228 -11.06 35.70 -15.22
CA MET B 228 -9.73 35.07 -15.11
C MET B 228 -8.65 36.00 -15.69
N MET B 229 -8.88 36.54 -16.88
CA MET B 229 -7.91 37.40 -17.53
C MET B 229 -7.69 38.70 -16.80
N ILE B 230 -8.77 39.30 -16.28
CA ILE B 230 -8.64 40.52 -15.51
C ILE B 230 -7.84 40.22 -14.21
N GLY B 231 -8.17 39.13 -13.53
CA GLY B 231 -7.46 38.73 -12.31
C GLY B 231 -5.98 38.51 -12.56
N ARG B 232 -5.63 37.79 -13.64
CA ARG B 232 -4.22 37.56 -13.96
C ARG B 232 -3.48 38.83 -14.34
N CYS B 233 -4.11 39.75 -15.08
CA CYS B 233 -3.50 41.03 -15.43
C CYS B 233 -3.29 41.88 -14.20
N ASN B 234 -4.26 41.89 -13.28
CA ASN B 234 -4.15 42.63 -12.02
C ASN B 234 -2.97 42.07 -11.20
N LEU B 235 -2.82 40.75 -11.17
CA LEU B 235 -1.73 40.11 -10.44
C LEU B 235 -0.36 40.48 -11.09
N ALA B 236 -0.30 40.50 -12.42
CA ALA B 236 0.91 40.85 -13.18
C ALA B 236 1.21 42.36 -13.20
N GLY B 237 0.25 43.20 -12.83
CA GLY B 237 0.40 44.64 -12.88
C GLY B 237 0.43 45.17 -14.31
N LYS B 238 -0.31 44.53 -15.23
CA LYS B 238 -0.38 44.98 -16.62
C LYS B 238 -1.82 45.39 -16.99
N PRO B 239 -1.99 46.42 -17.82
CA PRO B 239 -3.34 46.89 -18.17
C PRO B 239 -4.23 45.85 -18.85
N VAL B 240 -5.50 45.86 -18.52
CA VAL B 240 -6.47 44.97 -19.14
C VAL B 240 -7.70 45.81 -19.54
N VAL B 241 -8.19 45.59 -20.75
CA VAL B 241 -9.31 46.31 -21.31
C VAL B 241 -10.51 45.36 -21.41
N CYS B 242 -11.69 45.83 -21.02
CA CYS B 242 -12.91 45.03 -21.23
C CYS B 242 -13.60 45.67 -22.45
N ALA B 243 -13.94 44.85 -23.45
CA ALA B 243 -14.50 45.38 -24.67
C ALA B 243 -15.73 44.64 -25.18
N THR B 244 -16.54 45.37 -25.97
CA THR B 244 -17.60 44.91 -26.87
C THR B 244 -18.95 44.68 -26.22
N GLN B 245 -19.95 45.40 -26.79
CA GLN B 245 -21.36 45.37 -26.42
C GLN B 245 -21.64 45.81 -25.01
N MET B 246 -20.77 46.64 -24.42
CA MET B 246 -20.98 47.10 -23.05
C MET B 246 -22.24 47.95 -22.94
N LEU B 247 -22.48 48.86 -23.91
CA LEU B 247 -23.66 49.72 -23.90
C LEU B 247 -24.36 49.63 -25.28
N GLU B 248 -24.37 48.45 -25.88
CA GLU B 248 -24.86 48.18 -27.23
C GLU B 248 -26.17 48.87 -27.61
N SER B 249 -27.19 48.82 -26.75
CA SER B 249 -28.48 49.44 -27.07
C SER B 249 -28.42 50.96 -27.26
N MET B 250 -27.36 51.61 -26.72
CA MET B 250 -27.18 53.05 -26.87
C MET B 250 -26.78 53.48 -28.29
N ILE B 251 -26.57 52.52 -29.21
CA ILE B 251 -26.33 52.81 -30.62
C ILE B 251 -27.61 53.51 -31.18
N THR B 252 -28.80 53.09 -30.72
CA THR B 252 -30.07 53.66 -31.18
C THR B 252 -30.86 54.34 -30.07
N LYS B 253 -30.63 53.99 -28.80
CA LYS B 253 -31.41 54.57 -27.70
C LYS B 253 -30.61 55.55 -26.84
N PRO B 254 -31.25 56.59 -26.29
CA PRO B 254 -30.51 57.55 -25.46
C PRO B 254 -30.10 57.04 -24.09
N ARG B 255 -30.73 55.93 -23.61
CA ARG B 255 -30.45 55.33 -22.30
C ARG B 255 -30.19 53.82 -22.49
N PRO B 256 -29.27 53.25 -21.70
CA PRO B 256 -28.95 51.82 -21.87
C PRO B 256 -29.92 50.89 -21.12
N THR B 257 -29.77 49.58 -21.33
CA THR B 257 -30.60 48.61 -20.59
C THR B 257 -30.01 48.41 -19.18
N ARG B 258 -30.77 47.74 -18.28
CA ARG B 258 -30.27 47.45 -16.94
C ARG B 258 -29.08 46.49 -16.99
N ALA B 259 -29.05 45.57 -17.97
CA ALA B 259 -27.94 44.63 -18.08
C ALA B 259 -26.66 45.36 -18.51
N GLU B 260 -26.79 46.36 -19.38
CA GLU B 260 -25.63 47.11 -19.87
C GLU B 260 -24.98 47.96 -18.79
N THR B 261 -25.76 48.64 -17.95
CA THR B 261 -25.16 49.41 -16.85
C THR B 261 -24.47 48.47 -15.87
N SER B 262 -25.12 47.31 -15.58
CA SER B 262 -24.55 46.29 -14.73
C SER B 262 -23.20 45.79 -15.31
N ASP B 263 -23.15 45.51 -16.61
CA ASP B 263 -21.95 45.02 -17.28
C ASP B 263 -20.78 45.98 -17.10
N VAL B 264 -20.99 47.29 -17.32
CA VAL B 264 -19.95 48.30 -17.17
C VAL B 264 -19.48 48.35 -15.71
N ALA B 265 -20.42 48.38 -14.76
CA ALA B 265 -20.06 48.42 -13.35
C ALA B 265 -19.25 47.18 -12.95
N ASN B 266 -19.68 45.98 -13.39
CA ASN B 266 -19.01 44.75 -13.04
C ASN B 266 -17.65 44.63 -13.70
N ALA B 267 -17.43 45.23 -14.89
CA ALA B 267 -16.10 45.20 -15.51
C ALA B 267 -15.12 46.00 -14.62
N VAL B 268 -15.55 47.16 -14.11
CA VAL B 268 -14.74 47.98 -13.22
C VAL B 268 -14.49 47.23 -11.90
N LEU B 269 -15.56 46.63 -11.31
CA LEU B 269 -15.41 45.88 -10.07
C LEU B 269 -14.51 44.64 -10.26
N ASP B 270 -14.53 44.04 -11.44
CA ASP B 270 -13.68 42.88 -11.76
C ASP B 270 -12.18 43.30 -11.71
N GLY B 271 -11.89 44.55 -12.06
CA GLY B 271 -10.53 45.08 -12.04
C GLY B 271 -10.04 45.63 -13.37
N ALA B 272 -10.95 45.83 -14.35
CA ALA B 272 -10.51 46.34 -15.67
C ALA B 272 -9.86 47.72 -15.56
N ASP B 273 -8.73 47.93 -16.27
CA ASP B 273 -8.09 49.23 -16.30
C ASP B 273 -8.84 50.18 -17.24
N CYS B 274 -9.34 49.65 -18.37
CA CYS B 274 -10.06 50.42 -19.38
C CYS B 274 -11.37 49.73 -19.75
N ILE B 275 -12.34 50.51 -20.17
CA ILE B 275 -13.59 50.01 -20.73
C ILE B 275 -13.71 50.64 -22.13
N MET B 276 -14.38 49.93 -23.05
CA MET B 276 -14.43 50.36 -24.42
C MET B 276 -15.84 50.52 -24.98
N LEU B 277 -15.95 51.39 -25.99
CA LEU B 277 -17.14 51.64 -26.77
C LEU B 277 -16.75 51.38 -28.21
N SER B 278 -17.56 50.59 -28.92
CA SER B 278 -17.31 50.28 -30.33
CA SER B 278 -17.31 50.29 -30.32
C SER B 278 -18.40 50.98 -31.18
N GLY B 279 -19.47 50.26 -31.58
CA GLY B 279 -20.57 50.84 -32.35
C GLY B 279 -21.23 52.02 -31.66
N GLU B 280 -21.26 51.99 -30.32
CA GLU B 280 -21.85 53.08 -29.54
C GLU B 280 -21.27 54.46 -29.89
N THR B 281 -19.96 54.53 -30.24
CA THR B 281 -19.35 55.82 -30.61
C THR B 281 -19.01 55.90 -32.10
N ALA B 282 -18.76 54.78 -32.75
CA ALA B 282 -18.39 54.78 -34.17
C ALA B 282 -19.57 55.05 -35.10
N LYS B 283 -20.75 54.50 -34.80
CA LYS B 283 -21.90 54.63 -35.71
C LYS B 283 -23.18 55.09 -35.05
N GLY B 284 -23.28 54.97 -33.74
CA GLY B 284 -24.50 55.30 -33.03
C GLY B 284 -24.98 56.73 -33.07
N ASN B 285 -26.21 56.94 -32.64
CA ASN B 285 -26.80 58.27 -32.62
C ASN B 285 -26.50 59.07 -31.36
N PHE B 286 -25.87 58.42 -30.35
CA PHE B 286 -25.59 59.09 -29.10
C PHE B 286 -24.12 58.86 -28.66
N PRO B 287 -23.11 59.17 -29.51
CA PRO B 287 -21.72 58.90 -29.10
C PRO B 287 -21.29 59.62 -27.85
N VAL B 288 -21.65 60.89 -27.70
CA VAL B 288 -21.26 61.67 -26.55
C VAL B 288 -21.95 61.13 -25.29
N GLU B 289 -23.25 60.82 -25.41
CA GLU B 289 -24.03 60.28 -24.28
C GLU B 289 -23.51 58.91 -23.85
N ALA B 290 -23.01 58.09 -24.78
CA ALA B 290 -22.44 56.79 -24.45
C ALA B 290 -21.18 56.98 -23.59
N VAL B 291 -20.31 57.95 -23.97
CA VAL B 291 -19.11 58.26 -23.21
C VAL B 291 -19.51 58.77 -21.83
N LYS B 292 -20.51 59.67 -21.76
CA LYS B 292 -20.98 60.20 -20.49
C LYS B 292 -21.53 59.10 -19.57
N MET B 293 -22.23 58.12 -20.16
CA MET B 293 -22.81 57.00 -19.39
C MET B 293 -21.69 56.11 -18.83
N GLN B 294 -20.68 55.76 -19.63
CA GLN B 294 -19.53 54.99 -19.12
C GLN B 294 -18.81 55.76 -18.04
N HIS B 295 -18.65 57.08 -18.20
CA HIS B 295 -18.00 57.92 -17.18
C HIS B 295 -18.78 57.84 -15.86
N ALA B 296 -20.11 58.05 -15.92
CA ALA B 296 -20.95 58.04 -14.72
C ALA B 296 -20.94 56.69 -14.00
N ILE B 297 -21.04 55.59 -14.76
CA ILE B 297 -21.04 54.26 -14.14
C ILE B 297 -19.67 53.96 -13.53
N ALA B 298 -18.58 54.23 -14.28
CA ALA B 298 -17.23 53.93 -13.78
C ALA B 298 -16.93 54.66 -12.49
N ARG B 299 -17.38 55.94 -12.32
CA ARG B 299 -17.12 56.65 -11.06
C ARG B 299 -17.84 56.00 -9.88
N GLU B 300 -19.08 55.54 -10.12
CA GLU B 300 -19.84 54.88 -9.06
C GLU B 300 -19.18 53.56 -8.71
N ALA B 301 -18.77 52.79 -9.73
CA ALA B 301 -18.18 51.47 -9.49
C ALA B 301 -16.81 51.53 -8.83
N GLU B 302 -15.99 52.52 -9.17
CA GLU B 302 -14.68 52.67 -8.55
C GLU B 302 -14.77 52.90 -7.06
N ALA B 303 -15.75 53.71 -6.62
CA ALA B 303 -15.94 53.96 -5.21
C ALA B 303 -16.41 52.68 -4.49
N ALA B 304 -17.11 51.77 -5.18
CA ALA B 304 -17.67 50.53 -4.62
C ALA B 304 -16.66 49.37 -4.56
N VAL B 305 -15.42 49.57 -5.06
CA VAL B 305 -14.39 48.54 -4.98
C VAL B 305 -14.05 48.29 -3.50
N TYR B 306 -13.89 47.03 -3.07
CA TYR B 306 -13.59 46.74 -1.67
C TYR B 306 -12.05 46.76 -1.51
N HIS B 307 -11.47 47.98 -1.40
CA HIS B 307 -10.01 48.14 -1.33
C HIS B 307 -9.37 47.39 -0.20
N ARG B 308 -10.02 47.24 0.95
CA ARG B 308 -9.44 46.53 2.09
C ARG B 308 -9.00 45.11 1.72
N GLN B 309 -9.87 44.37 0.99
CA GLN B 309 -9.51 43.03 0.59
C GLN B 309 -8.60 43.05 -0.61
N LEU B 310 -8.88 43.91 -1.59
CA LEU B 310 -8.06 44.00 -2.80
C LEU B 310 -6.58 44.30 -2.47
N PHE B 311 -6.33 45.30 -1.63
CA PHE B 311 -4.96 45.67 -1.27
C PHE B 311 -4.26 44.54 -0.48
N GLU B 312 -4.97 43.91 0.47
CA GLU B 312 -4.46 42.77 1.24
C GLU B 312 -4.07 41.61 0.30
N GLU B 313 -4.96 41.29 -0.65
CA GLU B 313 -4.71 40.20 -1.57
C GLU B 313 -3.61 40.50 -2.57
N LEU B 314 -3.51 41.74 -3.06
CA LEU B 314 -2.46 42.13 -4.00
C LEU B 314 -1.10 42.02 -3.27
N ARG B 315 -1.01 42.38 -1.97
CA ARG B 315 0.22 42.24 -1.19
C ARG B 315 0.61 40.79 -0.96
N ARG B 316 -0.37 39.96 -0.58
CA ARG B 316 -0.15 38.55 -0.29
C ARG B 316 0.28 37.78 -1.54
N ALA B 317 -0.33 38.09 -2.70
CA ALA B 317 -0.03 37.37 -3.93
C ALA B 317 1.24 37.85 -4.64
N ALA B 318 1.57 39.14 -4.50
CA ALA B 318 2.72 39.68 -5.20
C ALA B 318 3.98 39.16 -4.53
N PRO B 319 4.93 38.66 -5.33
CA PRO B 319 6.19 38.19 -4.73
C PRO B 319 6.99 39.36 -4.16
N LEU B 320 7.91 39.07 -3.23
CA LEU B 320 8.80 40.06 -2.65
C LEU B 320 9.63 40.69 -3.78
N SER B 321 10.01 41.95 -3.61
CA SER B 321 10.73 42.63 -4.67
C SER B 321 11.91 43.38 -4.16
N ARG B 322 12.98 43.36 -4.92
CA ARG B 322 14.16 44.15 -4.59
C ARG B 322 14.29 45.35 -5.55
N ASP B 323 13.26 45.65 -6.35
CA ASP B 323 13.27 46.78 -7.26
C ASP B 323 12.82 47.99 -6.46
N PRO B 324 13.66 49.03 -6.32
CA PRO B 324 13.26 50.19 -5.51
C PRO B 324 12.00 50.90 -5.98
N THR B 325 11.69 50.90 -7.29
CA THR B 325 10.46 51.53 -7.77
C THR B 325 9.24 50.79 -7.20
N GLU B 326 9.29 49.45 -7.23
CA GLU B 326 8.21 48.61 -6.71
C GLU B 326 8.05 48.79 -5.20
N VAL B 327 9.18 48.83 -4.48
CA VAL B 327 9.19 48.98 -3.03
C VAL B 327 8.64 50.35 -2.62
N THR B 328 9.03 51.40 -3.35
CA THR B 328 8.54 52.74 -3.06
C THR B 328 7.02 52.81 -3.37
N ALA B 329 6.58 52.17 -4.48
CA ALA B 329 5.18 52.20 -4.87
C ALA B 329 4.26 51.62 -3.78
N ILE B 330 4.62 50.47 -3.19
CA ILE B 330 3.77 49.88 -2.15
C ILE B 330 3.78 50.74 -0.89
N GLY B 331 4.92 51.32 -0.53
CA GLY B 331 5.00 52.21 0.61
C GLY B 331 4.16 53.45 0.38
N ALA B 332 4.19 54.02 -0.83
CA ALA B 332 3.41 55.21 -1.16
C ALA B 332 1.89 54.93 -1.09
N VAL B 333 1.45 53.78 -1.62
CA VAL B 333 0.03 53.42 -1.60
C VAL B 333 -0.42 53.16 -0.17
N GLU B 334 0.40 52.50 0.64
CA GLU B 334 0.08 52.26 2.05
CA GLU B 334 0.08 52.24 2.05
C GLU B 334 -0.05 53.59 2.79
N ALA B 335 0.88 54.52 2.53
CA ALA B 335 0.84 55.84 3.16
C ALA B 335 -0.41 56.61 2.74
N ALA B 336 -0.78 56.55 1.45
CA ALA B 336 -1.97 57.23 0.92
C ALA B 336 -3.24 56.73 1.65
N PHE B 337 -3.37 55.41 1.84
CA PHE B 337 -4.52 54.85 2.54
C PHE B 337 -4.55 55.29 4.03
N LYS B 338 -3.39 55.39 4.68
CA LYS B 338 -3.29 55.78 6.08
C LYS B 338 -3.86 57.16 6.37
N CYS B 339 -3.65 58.11 5.44
CA CYS B 339 -4.10 59.49 5.66
C CYS B 339 -5.23 59.92 4.79
N CYS B 340 -5.83 59.02 3.98
CA CYS B 340 -6.88 59.36 3.00
C CYS B 340 -6.35 60.45 2.07
N ALA B 341 -5.12 60.25 1.58
CA ALA B 341 -4.46 61.23 0.69
C ALA B 341 -5.30 61.51 -0.52
N ALA B 342 -5.38 62.78 -0.91
CA ALA B 342 -6.16 63.18 -2.06
C ALA B 342 -5.49 62.69 -3.37
N ALA B 343 -4.15 62.65 -3.39
CA ALA B 343 -3.42 62.26 -4.58
C ALA B 343 -2.01 61.75 -4.24
N ILE B 344 -1.42 61.01 -5.18
CA ILE B 344 -0.04 60.59 -5.18
C ILE B 344 0.55 61.26 -6.42
N ILE B 345 1.49 62.20 -6.24
CA ILE B 345 2.12 62.87 -7.37
C ILE B 345 3.42 62.14 -7.68
N VAL B 346 3.60 61.68 -8.91
CA VAL B 346 4.77 60.92 -9.28
C VAL B 346 5.45 61.50 -10.51
N LEU B 347 6.78 61.59 -10.50
CA LEU B 347 7.53 62.03 -11.69
C LEU B 347 7.86 60.78 -12.47
N THR B 348 7.64 60.79 -13.79
CA THR B 348 7.90 59.61 -14.59
C THR B 348 8.34 59.95 -16.00
N THR B 349 9.29 59.20 -16.55
CA THR B 349 9.78 59.46 -17.89
C THR B 349 9.04 58.56 -18.88
N THR B 350 8.90 57.27 -18.54
CA THR B 350 8.26 56.26 -19.38
C THR B 350 6.82 55.91 -18.96
N GLY B 351 6.41 56.31 -17.77
CA GLY B 351 5.13 55.93 -17.20
C GLY B 351 5.25 54.78 -16.21
N ARG B 352 6.41 54.07 -16.18
CA ARG B 352 6.58 52.89 -15.31
C ARG B 352 6.34 53.13 -13.82
N SER B 353 6.84 54.23 -13.23
CA SER B 353 6.63 54.48 -11.81
C SER B 353 5.12 54.67 -11.52
N ALA B 354 4.38 55.29 -12.45
CA ALA B 354 2.94 55.49 -12.27
C ALA B 354 2.22 54.12 -12.41
N GLN B 355 2.65 53.27 -13.36
CA GLN B 355 2.08 51.94 -13.53
C GLN B 355 2.24 51.08 -12.27
N LEU B 356 3.41 51.17 -11.61
CA LEU B 356 3.64 50.40 -10.39
C LEU B 356 2.80 50.89 -9.20
N LEU B 357 2.44 52.18 -9.18
CA LEU B 357 1.55 52.70 -8.16
C LEU B 357 0.12 52.19 -8.48
N SER B 358 -0.29 52.31 -9.76
CA SER B 358 -1.61 51.89 -10.23
C SER B 358 -1.91 50.41 -9.91
N ARG B 359 -0.91 49.52 -9.98
CA ARG B 359 -1.11 48.08 -9.73
C ARG B 359 -1.61 47.76 -8.31
N TYR B 360 -1.38 48.66 -7.34
CA TYR B 360 -1.87 48.47 -5.96
C TYR B 360 -3.26 49.07 -5.73
N ARG B 361 -3.86 49.66 -6.78
CA ARG B 361 -5.19 50.22 -6.77
C ARG B 361 -5.44 51.20 -5.63
N PRO B 362 -4.65 52.29 -5.53
CA PRO B 362 -4.94 53.29 -4.48
C PRO B 362 -6.27 53.98 -4.78
N ARG B 363 -6.94 54.46 -3.75
CA ARG B 363 -8.13 55.33 -3.91
C ARG B 363 -7.63 56.74 -4.36
N ALA B 364 -6.44 57.13 -3.91
CA ALA B 364 -5.86 58.42 -4.26
C ALA B 364 -5.56 58.45 -5.77
N ALA B 365 -5.81 59.59 -6.42
CA ALA B 365 -5.49 59.77 -7.83
C ALA B 365 -3.96 59.74 -8.00
N VAL B 366 -3.45 59.09 -9.04
CA VAL B 366 -2.00 59.10 -9.30
C VAL B 366 -1.78 60.17 -10.37
N ILE B 367 -1.25 61.33 -9.97
CA ILE B 367 -0.97 62.44 -10.89
C ILE B 367 0.45 62.24 -11.41
N ALA B 368 0.58 61.87 -12.69
CA ALA B 368 1.88 61.57 -13.28
C ALA B 368 2.41 62.76 -14.06
N VAL B 369 3.52 63.36 -13.58
CA VAL B 369 4.15 64.52 -14.25
C VAL B 369 5.26 64.01 -15.15
N THR B 370 5.14 64.26 -16.46
CA THR B 370 6.12 63.77 -17.43
C THR B 370 6.40 64.79 -18.51
N ARG B 371 7.62 64.75 -19.06
CA ARG B 371 7.98 65.58 -20.22
C ARG B 371 7.64 64.81 -21.54
N SER B 372 7.42 63.48 -21.46
CA SER B 372 7.13 62.68 -22.64
C SER B 372 5.65 62.77 -23.04
N ALA B 373 5.36 63.36 -24.21
CA ALA B 373 3.98 63.45 -24.70
C ALA B 373 3.42 62.04 -24.96
N GLN B 374 4.26 61.13 -25.47
CA GLN B 374 3.83 59.76 -25.71
C GLN B 374 3.54 59.02 -24.42
N ALA B 375 4.39 59.16 -23.37
CA ALA B 375 4.12 58.51 -22.08
C ALA B 375 2.84 59.08 -21.48
N ALA B 376 2.60 60.40 -21.63
CA ALA B 376 1.39 61.03 -21.10
C ALA B 376 0.13 60.41 -21.76
N ARG B 377 0.20 60.07 -23.06
CA ARG B 377 -0.93 59.43 -23.73
C ARG B 377 -1.06 57.96 -23.30
N GLN B 378 0.06 57.24 -23.25
CA GLN B 378 0.04 55.81 -22.94
C GLN B 378 -0.38 55.47 -21.51
N VAL B 379 -0.11 56.35 -20.51
CA VAL B 379 -0.46 56.02 -19.13
C VAL B 379 -1.98 55.93 -18.90
N HIS B 380 -2.80 56.39 -19.87
CA HIS B 380 -4.26 56.20 -19.80
C HIS B 380 -4.61 54.70 -19.75
N LEU B 381 -3.70 53.80 -20.18
CA LEU B 381 -3.94 52.36 -20.08
C LEU B 381 -4.00 51.87 -18.61
N CYS B 382 -3.40 52.61 -17.67
CA CYS B 382 -3.32 52.24 -16.25
C CYS B 382 -4.36 52.91 -15.42
N ARG B 383 -5.18 52.11 -14.70
CA ARG B 383 -6.24 52.71 -13.90
C ARG B 383 -5.76 53.75 -12.90
N GLY B 384 -6.42 54.89 -12.86
CA GLY B 384 -6.17 55.90 -11.84
C GLY B 384 -4.96 56.79 -12.08
N VAL B 385 -4.38 56.72 -13.29
CA VAL B 385 -3.24 57.59 -13.61
C VAL B 385 -3.74 58.79 -14.44
N PHE B 386 -3.47 60.01 -13.97
CA PHE B 386 -3.88 61.26 -14.59
C PHE B 386 -2.61 61.97 -15.09
N PRO B 387 -2.38 61.90 -16.41
CA PRO B 387 -1.15 62.49 -16.94
C PRO B 387 -1.13 64.01 -17.03
N LEU B 388 0.00 64.61 -16.65
CA LEU B 388 0.22 66.06 -16.76
C LEU B 388 1.48 66.25 -17.58
N LEU B 389 1.34 66.85 -18.76
CA LEU B 389 2.49 67.06 -19.63
C LEU B 389 3.22 68.36 -19.23
N TYR B 390 4.49 68.24 -18.79
CA TYR B 390 5.33 69.35 -18.35
C TYR B 390 6.12 69.85 -19.56
N ARG B 391 6.00 71.15 -19.89
CA ARG B 391 6.64 71.70 -21.08
C ARG B 391 7.83 72.63 -20.83
N GLU B 392 8.13 72.97 -19.57
CA GLU B 392 9.22 73.89 -19.27
C GLU B 392 10.60 73.30 -19.51
N PRO B 393 11.54 74.14 -20.00
CA PRO B 393 12.92 73.64 -20.20
C PRO B 393 13.60 73.30 -18.88
N PRO B 394 14.56 72.36 -18.89
CA PRO B 394 15.21 71.97 -17.64
C PRO B 394 15.94 73.07 -16.89
N GLU B 395 15.76 73.11 -15.56
CA GLU B 395 16.47 74.03 -14.67
C GLU B 395 17.94 73.62 -14.64
N ALA B 396 18.83 74.59 -14.35
CA ALA B 396 20.26 74.33 -14.29
C ALA B 396 20.60 73.29 -13.22
N ILE B 397 19.97 73.39 -12.04
CA ILE B 397 20.24 72.42 -10.97
C ILE B 397 19.13 71.35 -11.03
N TRP B 398 19.52 70.08 -11.20
CA TRP B 398 18.55 68.97 -11.29
C TRP B 398 17.55 68.94 -10.12
N ALA B 399 18.01 69.09 -8.87
CA ALA B 399 17.13 69.10 -7.70
C ALA B 399 16.06 70.19 -7.78
N ASP B 400 16.39 71.35 -8.39
CA ASP B 400 15.40 72.42 -8.56
C ASP B 400 14.40 72.05 -9.67
N ASP B 401 14.87 71.37 -10.72
CA ASP B 401 14.00 70.94 -11.81
C ASP B 401 12.96 69.91 -11.28
N VAL B 402 13.38 69.04 -10.36
CA VAL B 402 12.50 68.04 -9.74
C VAL B 402 11.47 68.77 -8.90
N ASP B 403 11.92 69.71 -8.05
CA ASP B 403 11.01 70.49 -7.23
C ASP B 403 10.00 71.27 -8.06
N ARG B 404 10.42 71.84 -9.19
CA ARG B 404 9.50 72.59 -10.05
C ARG B 404 8.40 71.69 -10.60
N ARG B 405 8.76 70.46 -10.99
CA ARG B 405 7.77 69.51 -11.53
C ARG B 405 6.80 69.06 -10.45
N VAL B 406 7.27 68.86 -9.21
CA VAL B 406 6.40 68.47 -8.11
C VAL B 406 5.41 69.61 -7.83
N GLN B 407 5.93 70.87 -7.81
CA GLN B 407 5.08 72.04 -7.60
C GLN B 407 4.08 72.22 -8.73
N PHE B 408 4.46 71.91 -9.97
CA PHE B 408 3.57 71.94 -11.13
C PHE B 408 2.41 70.96 -10.91
N GLY B 409 2.69 69.76 -10.41
CA GLY B 409 1.67 68.76 -10.12
C GLY B 409 0.74 69.25 -9.03
N ILE B 410 1.29 69.90 -7.99
CA ILE B 410 0.50 70.44 -6.87
C ILE B 410 -0.40 71.57 -7.33
N GLU B 411 0.17 72.54 -8.05
CA GLU B 411 -0.60 73.68 -8.54
C GLU B 411 -1.67 73.26 -9.52
N SER B 412 -1.36 72.34 -10.45
CA SER B 412 -2.36 71.81 -11.39
C SER B 412 -3.45 71.08 -10.61
N GLY B 413 -3.04 70.27 -9.63
CA GLY B 413 -3.96 69.52 -8.79
C GLY B 413 -4.91 70.40 -8.02
N LYS B 414 -4.41 71.51 -7.46
CA LYS B 414 -5.24 72.45 -6.71
C LYS B 414 -6.19 73.18 -7.66
N LEU B 415 -5.67 73.76 -8.75
CA LEU B 415 -6.48 74.48 -9.72
C LEU B 415 -7.52 73.58 -10.43
N ARG B 416 -7.34 72.26 -10.39
CA ARG B 416 -8.25 71.31 -11.04
C ARG B 416 -9.14 70.53 -10.04
N GLY B 417 -9.15 70.89 -8.76
CA GLY B 417 -9.99 70.24 -7.78
C GLY B 417 -9.52 68.91 -7.22
N PHE B 418 -8.40 68.37 -7.74
CA PHE B 418 -7.84 67.13 -7.19
C PHE B 418 -7.37 67.36 -5.76
N LEU B 419 -6.81 68.55 -5.50
CA LEU B 419 -6.24 68.90 -4.21
C LEU B 419 -6.87 70.15 -3.66
N ARG B 420 -7.00 70.18 -2.36
CA ARG B 420 -7.53 71.32 -1.62
C ARG B 420 -6.54 71.67 -0.53
N VAL B 421 -6.50 72.95 -0.06
CA VAL B 421 -5.63 73.34 1.03
C VAL B 421 -5.97 72.51 2.28
N GLY B 422 -4.96 71.96 2.95
CA GLY B 422 -5.17 71.08 4.09
C GLY B 422 -5.05 69.60 3.74
N ASP B 423 -5.17 69.26 2.45
CA ASP B 423 -5.05 67.86 2.03
C ASP B 423 -3.61 67.38 2.22
N LEU B 424 -3.46 66.06 2.35
CA LEU B 424 -2.14 65.46 2.35
C LEU B 424 -1.98 64.81 0.99
N VAL B 425 -0.78 64.93 0.42
CA VAL B 425 -0.46 64.28 -0.85
C VAL B 425 0.85 63.48 -0.60
N ILE B 426 1.02 62.40 -1.34
CA ILE B 426 2.23 61.59 -1.27
C ILE B 426 2.98 61.93 -2.55
N VAL B 427 4.29 62.22 -2.45
CA VAL B 427 5.09 62.58 -3.63
C VAL B 427 6.16 61.52 -3.88
N VAL B 428 6.21 61.00 -5.09
CA VAL B 428 7.13 59.91 -5.44
C VAL B 428 8.12 60.40 -6.49
N THR B 429 9.41 60.34 -6.15
CA THR B 429 10.50 60.82 -6.99
C THR B 429 11.68 59.81 -6.94
N GLY B 430 12.78 60.12 -7.66
CA GLY B 430 13.97 59.31 -7.67
C GLY B 430 15.21 60.10 -7.26
N TRP B 431 16.31 59.41 -7.08
CA TRP B 431 17.54 59.99 -6.54
C TRP B 431 18.50 60.54 -7.61
N ARG B 432 18.30 60.19 -8.88
CA ARG B 432 19.13 60.67 -9.99
C ARG B 432 18.27 60.75 -11.28
N PRO B 433 18.70 61.55 -12.29
CA PRO B 433 17.92 61.64 -13.54
C PRO B 433 17.88 60.33 -14.31
N GLY B 434 16.93 60.22 -15.22
CA GLY B 434 16.77 59.04 -16.06
C GLY B 434 15.74 58.09 -15.49
N SER B 435 15.16 57.27 -16.36
CA SER B 435 14.17 56.27 -15.97
C SER B 435 14.77 55.18 -15.10
N GLY B 436 13.97 54.63 -14.17
CA GLY B 436 14.39 53.49 -13.36
C GLY B 436 14.96 53.73 -11.98
N TYR B 437 15.03 54.99 -11.54
CA TYR B 437 15.65 55.31 -10.25
C TYR B 437 14.69 55.83 -9.18
N THR B 438 13.37 55.63 -9.37
CA THR B 438 12.39 56.06 -8.34
C THR B 438 12.67 55.32 -7.04
N ASN B 439 12.81 56.02 -5.94
CA ASN B 439 13.11 55.38 -4.65
C ASN B 439 12.70 56.24 -3.46
N ILE B 440 11.99 57.36 -3.69
CA ILE B 440 11.63 58.27 -2.61
C ILE B 440 10.13 58.51 -2.51
N MET B 441 9.64 58.52 -1.29
CA MET B 441 8.26 58.85 -1.02
CA MET B 441 8.25 58.81 -0.98
C MET B 441 8.25 59.91 0.08
N ARG B 442 7.51 61.01 -0.15
CA ARG B 442 7.41 62.10 0.80
C ARG B 442 5.95 62.43 1.11
N VAL B 443 5.64 62.78 2.36
CA VAL B 443 4.28 63.14 2.74
C VAL B 443 4.25 64.65 2.85
N LEU B 444 3.43 65.31 2.03
CA LEU B 444 3.34 66.78 2.02
CA LEU B 444 3.35 66.77 1.99
C LEU B 444 1.95 67.29 2.35
N SER B 445 1.89 68.38 3.14
CA SER B 445 0.62 69.02 3.48
C SER B 445 0.42 70.17 2.48
N ILE B 446 -0.74 70.22 1.84
CA ILE B 446 -1.01 71.24 0.84
CA ILE B 446 -1.03 71.23 0.83
C ILE B 446 -1.38 72.59 1.48
N SER B 447 -0.68 73.65 1.07
CA SER B 447 -0.92 74.99 1.58
C SER B 447 -1.32 75.96 0.46
N GLN C 28 -20.09 39.72 31.52
CA GLN C 28 -20.15 38.45 30.81
C GLN C 28 -18.93 37.56 31.16
N GLN C 29 -19.28 36.36 31.58
CA GLN C 29 -18.44 35.30 32.10
C GLN C 29 -17.63 34.60 31.01
N GLN C 30 -16.74 33.67 31.44
CA GLN C 30 -15.90 32.81 30.62
C GLN C 30 -15.23 33.53 29.44
N GLN C 31 -14.79 34.76 29.66
CA GLN C 31 -14.12 35.58 28.64
C GLN C 31 -14.93 35.69 27.33
N LEU C 32 -16.27 35.66 27.43
CA LEU C 32 -17.10 35.76 26.23
C LEU C 32 -16.91 37.08 25.47
N PRO C 33 -16.69 38.26 26.11
CA PRO C 33 -16.38 39.46 25.31
C PRO C 33 -15.10 39.27 24.46
N ALA C 34 -14.05 38.64 25.01
CA ALA C 34 -12.81 38.36 24.25
C ALA C 34 -13.03 37.30 23.18
N ALA C 35 -13.93 36.34 23.44
CA ALA C 35 -14.25 35.30 22.47
C ALA C 35 -14.90 35.86 21.20
N MET C 36 -15.67 36.94 21.32
CA MET C 36 -16.35 37.53 20.17
C MET C 36 -15.48 38.52 19.37
N ALA C 37 -14.21 38.72 19.75
CA ALA C 37 -13.35 39.68 19.06
C ALA C 37 -13.06 39.28 17.62
N ASP C 38 -12.88 40.27 16.74
CA ASP C 38 -12.62 40.04 15.32
C ASP C 38 -11.16 39.77 14.99
N THR C 39 -10.22 40.09 15.89
CA THR C 39 -8.81 39.80 15.67
C THR C 39 -8.21 39.21 16.97
N PHE C 40 -7.07 38.53 16.84
CA PHE C 40 -6.39 37.97 18.01
C PHE C 40 -5.91 39.11 18.93
N LEU C 41 -5.42 40.22 18.34
CA LEU C 41 -5.01 41.38 19.13
C LEU C 41 -6.18 41.94 19.95
N GLU C 42 -7.36 42.11 19.34
CA GLU C 42 -8.55 42.59 20.05
CA GLU C 42 -8.52 42.60 20.07
C GLU C 42 -8.97 41.60 21.14
N HIS C 43 -8.84 40.29 20.85
CA HIS C 43 -9.16 39.22 21.81
C HIS C 43 -8.30 39.41 23.07
N LEU C 44 -6.97 39.61 22.89
CA LEU C 44 -6.08 39.85 24.05
C LEU C 44 -6.50 41.09 24.83
N CYS C 45 -6.79 42.19 24.12
CA CYS C 45 -7.19 43.46 24.75
C CYS C 45 -8.47 43.33 25.59
N LEU C 46 -9.34 42.37 25.25
CA LEU C 46 -10.60 42.20 25.95
C LEU C 46 -10.58 41.18 27.08
N LEU C 47 -9.44 40.49 27.31
CA LEU C 47 -9.33 39.54 28.43
C LEU C 47 -9.54 40.28 29.74
N ASP C 48 -10.33 39.70 30.64
CA ASP C 48 -10.74 40.39 31.85
C ASP C 48 -10.54 39.51 33.08
N ILE C 49 -9.78 40.00 34.07
CA ILE C 49 -9.55 39.27 35.32
C ILE C 49 -10.85 39.08 36.13
N ASP C 50 -11.88 39.90 35.90
CA ASP C 50 -13.17 39.78 36.59
C ASP C 50 -14.15 38.85 35.86
N SER C 51 -13.80 38.33 34.68
CA SER C 51 -14.67 37.44 33.94
C SER C 51 -14.39 36.01 34.42
N GLU C 52 -15.29 35.48 35.26
CA GLU C 52 -15.09 34.18 35.89
C GLU C 52 -15.31 32.98 34.99
N PRO C 53 -14.44 31.95 35.12
CA PRO C 53 -14.66 30.74 34.33
C PRO C 53 -15.91 30.01 34.82
N VAL C 54 -16.67 29.43 33.89
CA VAL C 54 -17.87 28.68 34.28
C VAL C 54 -17.74 27.22 33.85
N ALA C 55 -17.13 26.96 32.70
CA ALA C 55 -16.97 25.62 32.20
C ALA C 55 -16.11 24.75 33.10
N ALA C 56 -16.34 23.43 33.05
CA ALA C 56 -15.53 22.49 33.83
C ALA C 56 -14.12 22.50 33.22
N ARG C 57 -13.10 22.24 34.03
CA ARG C 57 -11.72 22.21 33.55
C ARG C 57 -11.51 21.08 32.54
N SER C 58 -11.04 21.43 31.35
CA SER C 58 -10.92 20.49 30.25
C SER C 58 -9.53 19.85 30.04
N THR C 59 -8.47 20.50 30.50
CA THR C 59 -7.12 19.97 30.33
C THR C 59 -6.85 19.01 31.46
N SER C 60 -6.58 17.75 31.15
CA SER C 60 -6.32 16.78 32.20
C SER C 60 -5.01 17.01 32.95
N ILE C 61 -5.01 16.66 34.23
CA ILE C 61 -3.84 16.78 35.06
C ILE C 61 -3.24 15.37 35.32
N ILE C 62 -1.96 15.22 35.00
CA ILE C 62 -1.23 14.00 35.24
C ILE C 62 -0.36 14.26 36.48
N ALA C 63 -0.51 13.43 37.52
CA ALA C 63 0.31 13.60 38.72
C ALA C 63 1.20 12.38 38.88
N THR C 64 2.48 12.60 39.16
CA THR C 64 3.41 11.50 39.36
C THR C 64 3.26 11.00 40.79
N ILE C 65 3.06 9.69 40.94
CA ILE C 65 2.90 9.08 42.26
C ILE C 65 4.25 8.64 42.83
N GLY C 66 4.53 9.09 44.04
CA GLY C 66 5.77 8.73 44.72
C GLY C 66 5.61 8.78 46.21
N PRO C 67 6.72 8.88 46.95
CA PRO C 67 6.63 8.92 48.41
C PRO C 67 5.66 9.94 49.00
N ALA C 68 5.57 11.14 48.41
CA ALA C 68 4.67 12.18 48.93
C ALA C 68 3.21 12.02 48.57
N SER C 69 2.86 11.09 47.68
CA SER C 69 1.50 10.98 47.18
C SER C 69 1.00 9.57 47.04
N ARG C 70 1.60 8.62 47.73
CA ARG C 70 1.26 7.20 47.61
C ARG C 70 0.17 6.70 48.51
N SER C 71 -0.01 7.35 49.67
CA SER C 71 -1.01 6.86 50.61
C SER C 71 -2.41 7.02 50.07
N VAL C 72 -3.31 6.11 50.47
CA VAL C 72 -4.69 6.14 50.03
C VAL C 72 -5.36 7.45 50.42
N GLU C 73 -5.10 7.94 51.65
CA GLU C 73 -5.72 9.20 52.08
C GLU C 73 -5.23 10.40 51.27
N ARG C 74 -3.94 10.43 50.93
CA ARG C 74 -3.38 11.50 50.13
C ARG C 74 -3.92 11.42 48.69
N LEU C 75 -4.04 10.20 48.15
CA LEU C 75 -4.59 10.00 46.81
C LEU C 75 -6.06 10.44 46.70
N LYS C 76 -6.85 10.26 47.77
CA LYS C 76 -8.23 10.72 47.78
C LYS C 76 -8.27 12.25 47.65
N GLU C 77 -7.36 12.94 48.35
CA GLU C 77 -7.30 14.39 48.29
C GLU C 77 -6.84 14.86 46.90
N MET C 78 -5.93 14.10 46.26
CA MET C 78 -5.45 14.45 44.93
CA MET C 78 -5.45 14.45 44.93
C MET C 78 -6.53 14.25 43.88
N ILE C 79 -7.37 13.23 44.04
CA ILE C 79 -8.49 12.99 43.13
C ILE C 79 -9.49 14.16 43.28
N LYS C 80 -9.80 14.54 44.53
CA LYS C 80 -10.71 15.68 44.76
C LYS C 80 -10.15 16.99 44.22
N ALA C 81 -8.82 17.16 44.28
CA ALA C 81 -8.18 18.36 43.78
C ALA C 81 -8.18 18.42 42.22
N GLY C 82 -8.33 17.29 41.55
CA GLY C 82 -8.39 17.26 40.09
C GLY C 82 -7.49 16.31 39.33
N MET C 83 -6.72 15.46 40.03
CA MET C 83 -5.86 14.49 39.32
C MET C 83 -6.71 13.54 38.43
N ASN C 84 -6.36 13.43 37.14
CA ASN C 84 -7.09 12.55 36.20
C ASN C 84 -6.28 11.33 35.80
N ILE C 85 -4.95 11.46 35.79
CA ILE C 85 -4.04 10.38 35.36
C ILE C 85 -2.91 10.28 36.40
N ALA C 86 -2.64 9.05 36.86
CA ALA C 86 -1.58 8.79 37.82
C ALA C 86 -0.38 8.25 37.05
N ARG C 87 0.76 8.92 37.13
CA ARG C 87 1.97 8.49 36.44
C ARG C 87 2.90 7.71 37.38
N LEU C 88 3.35 6.53 36.95
CA LEU C 88 4.32 5.73 37.71
C LEU C 88 5.64 5.79 36.95
N ASN C 89 6.66 6.36 37.57
CA ASN C 89 7.96 6.50 36.92
C ASN C 89 8.81 5.27 37.18
N PHE C 90 8.93 4.41 36.16
CA PHE C 90 9.69 3.18 36.31
C PHE C 90 11.23 3.39 36.28
N SER C 91 11.69 4.64 36.21
CA SER C 91 13.13 4.93 36.37
C SER C 91 13.53 4.73 37.86
N HIS C 92 12.55 4.68 38.80
CA HIS C 92 12.79 4.52 40.23
C HIS C 92 11.82 3.49 40.82
N GLY C 93 12.23 2.80 41.88
CA GLY C 93 11.37 1.85 42.56
C GLY C 93 11.23 0.50 41.90
N SER C 94 10.83 -0.50 42.68
CA SER C 94 10.69 -1.86 42.20
C SER C 94 9.28 -2.11 41.64
N HIS C 95 9.06 -3.30 41.06
CA HIS C 95 7.74 -3.71 40.61
C HIS C 95 6.79 -3.80 41.80
N GLU C 96 7.28 -4.29 42.95
CA GLU C 96 6.47 -4.39 44.16
C GLU C 96 6.02 -3.00 44.65
N TYR C 97 6.93 -2.03 44.61
CA TYR C 97 6.64 -0.65 45.01
C TYR C 97 5.53 -0.06 44.10
N HIS C 98 5.68 -0.18 42.78
CA HIS C 98 4.70 0.31 41.82
C HIS C 98 3.36 -0.42 41.89
N ALA C 99 3.36 -1.74 42.17
CA ALA C 99 2.11 -2.49 42.30
C ALA C 99 1.33 -1.95 43.51
N GLU C 100 2.04 -1.59 44.60
CA GLU C 100 1.40 -1.03 45.79
CA GLU C 100 1.38 -1.05 45.77
C GLU C 100 0.81 0.34 45.44
N SER C 101 1.54 1.16 44.67
CA SER C 101 1.04 2.47 44.26
C SER C 101 -0.24 2.32 43.43
N ILE C 102 -0.26 1.37 42.46
CA ILE C 102 -1.44 1.10 41.63
C ILE C 102 -2.63 0.66 42.49
N ALA C 103 -2.39 -0.24 43.46
CA ALA C 103 -3.45 -0.70 44.34
C ALA C 103 -4.01 0.46 45.17
N ASN C 104 -3.14 1.35 45.64
CA ASN C 104 -3.58 2.51 46.44
C ASN C 104 -4.38 3.49 45.59
N VAL C 105 -3.97 3.71 44.34
CA VAL C 105 -4.74 4.58 43.42
C VAL C 105 -6.13 3.98 43.19
N ARG C 106 -6.19 2.68 42.88
CA ARG C 106 -7.47 2.03 42.66
C ARG C 106 -8.38 2.03 43.91
N GLU C 107 -7.79 1.88 45.10
CA GLU C 107 -8.55 1.92 46.34
C GLU C 107 -9.12 3.33 46.53
N ALA C 108 -8.31 4.37 46.29
CA ALA C 108 -8.76 5.74 46.43
C ALA C 108 -9.86 6.06 45.42
N VAL C 109 -9.72 5.62 44.16
CA VAL C 109 -10.72 5.87 43.12
C VAL C 109 -12.06 5.20 43.48
N GLU C 110 -11.99 3.93 43.90
CA GLU C 110 -13.19 3.18 44.23
C GLU C 110 -13.86 3.63 45.52
N SER C 111 -13.17 4.39 46.36
CA SER C 111 -13.79 4.93 47.58
C SER C 111 -14.93 5.92 47.27
N PHE C 112 -14.98 6.47 46.04
CA PHE C 112 -16.01 7.40 45.59
C PHE C 112 -17.06 6.72 44.71
N ALA C 113 -17.04 5.39 44.55
CA ALA C 113 -17.97 4.70 43.66
C ALA C 113 -19.45 4.68 44.13
N GLY C 114 -19.71 5.12 45.35
CA GLY C 114 -21.07 5.20 45.88
C GLY C 114 -21.80 6.48 45.51
N SER C 115 -21.05 7.56 45.26
CA SER C 115 -21.64 8.85 44.91
C SER C 115 -21.38 9.26 43.45
N PRO C 116 -22.44 9.29 42.62
CA PRO C 116 -22.26 9.68 41.20
C PRO C 116 -21.65 11.06 41.01
N LEU C 117 -21.91 11.96 41.96
CA LEU C 117 -21.41 13.33 41.98
C LEU C 117 -19.89 13.41 42.16
N SER C 118 -19.28 12.40 42.83
CA SER C 118 -17.83 12.45 43.06
CA SER C 118 -17.85 12.41 43.11
C SER C 118 -17.04 11.30 42.42
N TYR C 119 -17.70 10.26 41.87
CA TYR C 119 -16.94 9.18 41.22
C TYR C 119 -16.25 9.72 39.98
N ARG C 120 -14.94 9.49 39.87
CA ARG C 120 -14.20 9.96 38.70
C ARG C 120 -13.18 8.90 38.30
N PRO C 121 -13.25 8.42 37.06
CA PRO C 121 -12.23 7.46 36.60
C PRO C 121 -10.85 8.11 36.64
N VAL C 122 -9.82 7.31 36.94
CA VAL C 122 -8.46 7.84 36.96
C VAL C 122 -7.59 6.87 36.16
N ALA C 123 -6.91 7.35 35.11
CA ALA C 123 -6.07 6.47 34.30
C ALA C 123 -4.75 6.19 35.00
N ILE C 124 -4.14 5.04 34.70
CA ILE C 124 -2.82 4.71 35.23
C ILE C 124 -1.84 4.62 34.08
N ALA C 125 -0.79 5.43 34.14
CA ALA C 125 0.22 5.53 33.09
C ALA C 125 1.58 5.05 33.60
N LEU C 126 2.25 4.21 32.81
CA LEU C 126 3.55 3.68 33.15
C LEU C 126 4.59 4.43 32.32
N ASP C 127 5.52 5.11 32.97
CA ASP C 127 6.57 5.86 32.28
C ASP C 127 7.86 5.03 32.31
N THR C 128 8.31 4.56 31.14
CA THR C 128 9.46 3.66 31.09
C THR C 128 10.80 4.30 31.46
N LYS C 129 11.76 3.45 31.85
CA LYS C 129 13.10 3.90 32.20
C LYS C 129 13.82 4.42 30.96
N GLY C 130 13.65 3.74 29.83
CA GLY C 130 14.26 4.20 28.59
C GLY C 130 15.40 3.33 28.12
N PRO C 131 15.96 3.66 26.95
CA PRO C 131 17.02 2.82 26.38
C PRO C 131 18.38 2.97 27.05
N PRO C 135 20.12 2.45 22.57
CA PRO C 135 20.39 1.49 21.49
C PRO C 135 19.22 0.56 21.16
N GLY C 136 17.99 1.01 21.40
CA GLY C 136 16.79 0.19 21.17
C GLY C 136 16.07 -0.18 22.44
N LEU C 137 15.05 -1.08 22.37
CA LEU C 137 14.28 -1.42 23.57
C LEU C 137 15.11 -2.16 24.64
N SER C 138 15.26 -1.58 25.84
CA SER C 138 16.06 -2.20 26.90
C SER C 138 15.40 -3.40 27.51
N GLU C 139 16.20 -4.31 28.09
CA GLU C 139 15.67 -5.49 28.74
C GLU C 139 14.71 -5.09 29.90
N GLN C 140 15.09 -4.04 30.63
CA GLN C 140 14.27 -3.58 31.74
C GLN C 140 12.92 -3.06 31.22
N ASP C 141 12.92 -2.34 30.10
CA ASP C 141 11.68 -1.84 29.51
C ASP C 141 10.75 -2.98 29.10
N VAL C 142 11.30 -4.09 28.54
CA VAL C 142 10.45 -5.24 28.18
C VAL C 142 9.75 -5.80 29.43
N ARG C 143 10.51 -5.93 30.54
CA ARG C 143 9.95 -6.45 31.78
C ARG C 143 8.95 -5.49 32.38
N ASP C 144 9.23 -4.18 32.33
CA ASP C 144 8.31 -3.18 32.88
C ASP C 144 7.02 -3.05 32.05
N LEU C 145 7.12 -3.15 30.73
CA LEU C 145 5.94 -3.13 29.85
C LEU C 145 5.08 -4.38 30.11
N ARG C 146 5.72 -5.55 30.39
CA ARG C 146 5.00 -6.77 30.73
C ARG C 146 4.26 -6.59 32.05
N PHE C 147 4.92 -5.94 33.02
CA PHE C 147 4.31 -5.63 34.31
C PHE C 147 3.06 -4.75 34.08
N GLY C 148 3.18 -3.75 33.20
CA GLY C 148 2.08 -2.87 32.85
C GLY C 148 0.87 -3.60 32.31
N VAL C 149 1.08 -4.52 31.36
CA VAL C 149 0.01 -5.33 30.79
C VAL C 149 -0.64 -6.20 31.86
N GLU C 150 0.18 -6.87 32.70
CA GLU C 150 -0.33 -7.71 33.76
C GLU C 150 -1.12 -6.94 34.80
N HIS C 151 -0.76 -5.68 35.04
CA HIS C 151 -1.48 -4.86 36.03
C HIS C 151 -2.59 -3.98 35.42
N GLY C 152 -2.86 -4.14 34.13
CA GLY C 152 -3.93 -3.42 33.46
C GLY C 152 -3.75 -1.93 33.35
N VAL C 153 -2.50 -1.45 33.10
CA VAL C 153 -2.29 -0.01 32.93
C VAL C 153 -3.00 0.45 31.65
N ASP C 154 -3.37 1.72 31.61
CA ASP C 154 -4.08 2.28 30.48
C ASP C 154 -3.18 2.90 29.43
N ILE C 155 -2.06 3.46 29.87
CA ILE C 155 -1.19 4.25 29.01
C ILE C 155 0.28 3.94 29.31
N VAL C 156 1.13 4.06 28.29
CA VAL C 156 2.56 3.97 28.43
C VAL C 156 3.14 5.28 27.95
N PHE C 157 3.98 5.93 28.77
CA PHE C 157 4.72 7.10 28.34
C PHE C 157 6.11 6.50 28.01
N ALA C 158 6.39 6.29 26.73
CA ALA C 158 7.64 5.67 26.28
C ALA C 158 8.80 6.68 26.24
N SER C 159 9.79 6.48 27.09
CA SER C 159 10.93 7.39 27.20
C SER C 159 11.89 7.34 26.02
N PHE C 160 12.45 8.50 25.67
CA PHE C 160 13.46 8.66 24.62
C PHE C 160 13.10 8.01 23.30
N VAL C 161 11.91 8.33 22.77
CA VAL C 161 11.53 7.80 21.47
C VAL C 161 12.28 8.60 20.42
N ARG C 162 13.07 7.93 19.57
CA ARG C 162 13.89 8.61 18.58
C ARG C 162 13.51 8.35 17.13
N LYS C 163 12.67 7.35 16.89
CA LYS C 163 12.28 6.97 15.53
C LYS C 163 11.07 6.05 15.58
N ALA C 164 10.40 5.84 14.44
CA ALA C 164 9.21 4.99 14.35
C ALA C 164 9.46 3.57 14.84
N SER C 165 10.66 3.00 14.58
CA SER C 165 10.93 1.62 15.02
C SER C 165 10.97 1.48 16.54
N ASP C 166 11.26 2.56 17.27
CA ASP C 166 11.21 2.53 18.74
C ASP C 166 9.75 2.31 19.19
N VAL C 167 8.79 2.98 18.52
CA VAL C 167 7.37 2.81 18.85
C VAL C 167 6.92 1.41 18.51
N ALA C 168 7.34 0.87 17.35
CA ALA C 168 7.00 -0.50 16.97
C ALA C 168 7.49 -1.51 17.99
N ALA C 169 8.69 -1.28 18.56
CA ALA C 169 9.24 -2.18 19.57
C ALA C 169 8.40 -2.14 20.84
N VAL C 170 7.96 -0.95 21.27
CA VAL C 170 7.13 -0.83 22.46
C VAL C 170 5.78 -1.54 22.22
N ARG C 171 5.19 -1.32 21.03
CA ARG C 171 3.92 -1.92 20.62
C ARG C 171 4.04 -3.47 20.67
N ALA C 172 5.15 -4.01 20.13
CA ALA C 172 5.37 -5.47 20.16
C ALA C 172 5.51 -5.99 21.60
N ALA C 173 6.22 -5.25 22.48
CA ALA C 173 6.40 -5.66 23.89
C ALA C 173 5.09 -5.64 24.70
N LEU C 174 4.05 -4.96 24.18
CA LEU C 174 2.76 -4.92 24.83
CA LEU C 174 2.78 -4.92 24.86
C LEU C 174 1.99 -6.25 24.73
N GLY C 175 2.66 -7.32 24.27
CA GLY C 175 2.19 -8.71 24.21
C GLY C 175 0.88 -8.96 23.54
N PRO C 176 0.34 -10.17 23.68
CA PRO C 176 -0.96 -10.45 23.05
C PRO C 176 -2.14 -9.76 23.78
N GLU C 177 -1.97 -9.40 25.07
CA GLU C 177 -3.06 -8.85 25.87
C GLU C 177 -3.18 -7.31 25.94
N GLY C 178 -2.15 -6.56 25.54
CA GLY C 178 -2.16 -5.11 25.73
C GLY C 178 -2.20 -4.23 24.51
N HIS C 179 -2.79 -4.69 23.40
CA HIS C 179 -2.88 -3.86 22.19
CA HIS C 179 -2.89 -3.88 22.19
C HIS C 179 -3.76 -2.62 22.37
N GLY C 180 -4.65 -2.62 23.37
CA GLY C 180 -5.52 -1.49 23.65
C GLY C 180 -4.87 -0.39 24.49
N ILE C 181 -3.63 -0.63 24.98
CA ILE C 181 -2.91 0.35 25.79
C ILE C 181 -2.43 1.48 24.88
N LYS C 182 -2.61 2.73 25.28
CA LYS C 182 -2.19 3.87 24.48
C LYS C 182 -0.68 4.12 24.65
N ILE C 183 0.02 4.37 23.55
CA ILE C 183 1.46 4.66 23.60
C ILE C 183 1.66 6.13 23.31
N ILE C 184 2.12 6.85 24.32
CA ILE C 184 2.44 8.26 24.24
C ILE C 184 3.98 8.36 24.15
N SER C 185 4.50 8.75 22.99
CA SER C 185 5.93 8.82 22.78
C SER C 185 6.53 10.06 23.40
N LYS C 186 7.54 9.89 24.24
CA LYS C 186 8.22 11.04 24.88
C LYS C 186 9.33 11.53 23.96
N ILE C 187 9.25 12.80 23.55
CA ILE C 187 10.30 13.39 22.70
C ILE C 187 11.26 14.10 23.63
N GLU C 188 12.50 13.60 23.71
CA GLU C 188 13.46 14.07 24.71
C GLU C 188 14.82 14.48 24.16
N ASN C 189 15.02 14.38 22.84
CA ASN C 189 16.34 14.73 22.27
C ASN C 189 16.22 15.25 20.86
N HIS C 190 17.35 15.68 20.27
CA HIS C 190 17.35 16.25 18.93
C HIS C 190 16.79 15.31 17.88
N GLU C 191 17.18 14.03 17.92
CA GLU C 191 16.70 13.06 16.94
C GLU C 191 15.17 12.89 16.99
N GLY C 192 14.61 12.83 18.18
CA GLY C 192 13.15 12.74 18.35
C GLY C 192 12.43 13.91 17.74
N VAL C 193 12.98 15.12 17.91
CA VAL C 193 12.38 16.33 17.33
C VAL C 193 12.48 16.28 15.79
N LYS C 194 13.65 15.90 15.27
CA LYS C 194 13.85 15.84 13.82
C LYS C 194 13.03 14.76 13.13
N ARG C 195 12.82 13.62 13.79
CA ARG C 195 12.00 12.54 13.24
C ARG C 195 10.56 12.57 13.81
N PHE C 196 10.11 13.73 14.27
CA PHE C 196 8.81 13.87 14.89
C PHE C 196 7.65 13.35 14.04
N ASP C 197 7.58 13.70 12.75
CA ASP C 197 6.46 13.27 11.90
C ASP C 197 6.32 11.77 11.83
N GLU C 198 7.43 11.04 11.64
CA GLU C 198 7.36 9.58 11.58
C GLU C 198 6.97 8.98 12.91
N ILE C 199 7.38 9.59 14.02
CA ILE C 199 7.04 9.11 15.37
C ILE C 199 5.54 9.33 15.65
N LEU C 200 5.05 10.53 15.37
CA LEU C 200 3.64 10.86 15.62
C LEU C 200 2.71 9.95 14.82
N GLU C 201 3.07 9.66 13.55
CA GLU C 201 2.26 8.81 12.69
C GLU C 201 1.96 7.44 13.31
N VAL C 202 2.92 6.83 14.03
CA VAL C 202 2.74 5.50 14.61
C VAL C 202 2.38 5.52 16.12
N SER C 203 2.36 6.71 16.75
CA SER C 203 2.08 6.79 18.18
C SER C 203 0.62 7.19 18.42
N ASP C 204 0.11 6.93 19.62
CA ASP C 204 -1.23 7.42 19.97
C ASP C 204 -1.19 8.91 20.36
N GLY C 205 -0.04 9.38 20.80
CA GLY C 205 0.13 10.77 21.19
C GLY C 205 1.57 11.06 21.56
N ILE C 206 1.82 12.26 22.08
CA ILE C 206 3.18 12.69 22.36
C ILE C 206 3.30 13.33 23.72
N MET C 207 4.48 13.20 24.35
CA MET C 207 4.79 13.96 25.54
C MET C 207 6.02 14.84 25.24
N VAL C 208 5.91 16.15 25.50
CA VAL C 208 7.02 17.08 25.36
C VAL C 208 7.77 16.97 26.68
N ALA C 209 8.81 16.11 26.70
CA ALA C 209 9.55 15.81 27.93
C ALA C 209 10.64 16.85 28.09
N ARG C 210 10.27 18.02 28.65
CA ARG C 210 11.15 19.17 28.67
C ARG C 210 12.40 19.04 29.52
N GLY C 211 12.40 18.14 30.50
CA GLY C 211 13.55 17.94 31.38
C GLY C 211 14.77 17.50 30.58
N ASP C 212 14.67 16.35 29.94
CA ASP C 212 15.75 15.85 29.10
C ASP C 212 15.91 16.68 27.86
N LEU C 213 14.81 17.17 27.25
CA LEU C 213 14.91 17.99 26.06
C LEU C 213 15.79 19.25 26.31
N GLY C 214 15.65 19.86 27.49
CA GLY C 214 16.38 21.04 27.90
C GLY C 214 17.86 20.82 28.20
N ILE C 215 18.28 19.55 28.27
CA ILE C 215 19.68 19.14 28.46
C ILE C 215 20.25 18.67 27.10
N GLU C 216 19.42 18.02 26.27
CA GLU C 216 19.83 17.48 24.97
C GLU C 216 19.94 18.54 23.89
N ILE C 217 19.09 19.57 23.95
CA ILE C 217 19.16 20.69 23.00
C ILE C 217 19.36 21.99 23.84
N PRO C 218 19.79 23.11 23.23
CA PRO C 218 19.94 24.35 24.02
C PRO C 218 18.62 24.72 24.74
N ALA C 219 18.73 25.07 26.04
CA ALA C 219 17.56 25.38 26.86
C ALA C 219 16.66 26.45 26.24
N GLU C 220 17.26 27.42 25.55
CA GLU C 220 16.52 28.51 24.91
C GLU C 220 15.72 28.07 23.67
N LYS C 221 15.88 26.82 23.20
CA LYS C 221 15.14 26.31 22.05
C LYS C 221 13.96 25.39 22.46
N VAL C 222 13.87 25.00 23.72
CA VAL C 222 12.81 24.08 24.16
C VAL C 222 11.41 24.60 23.83
N PHE C 223 11.16 25.91 24.01
CA PHE C 223 9.83 26.46 23.72
C PHE C 223 9.43 26.27 22.24
N LEU C 224 10.42 26.30 21.31
CA LEU C 224 10.15 26.11 19.89
C LEU C 224 9.71 24.69 19.66
N ALA C 225 10.42 23.72 20.26
CA ALA C 225 10.07 22.30 20.10
C ALA C 225 8.69 22.05 20.71
N GLN C 226 8.41 22.65 21.87
CA GLN C 226 7.11 22.49 22.54
C GLN C 226 5.98 23.01 21.63
N LYS C 227 6.10 24.24 21.15
CA LYS C 227 5.06 24.85 20.35
C LYS C 227 4.84 24.10 19.04
N MET C 228 5.95 23.65 18.41
CA MET C 228 5.87 22.91 17.14
C MET C 228 5.15 21.57 17.36
N MET C 229 5.55 20.83 18.40
CA MET C 229 4.96 19.52 18.67
C MET C 229 3.50 19.62 19.05
N ILE C 230 3.14 20.61 19.87
CA ILE C 230 1.73 20.81 20.23
C ILE C 230 0.91 21.16 18.97
N GLY C 231 1.42 22.06 18.13
CA GLY C 231 0.74 22.43 16.89
C GLY C 231 0.53 21.25 15.97
N ARG C 232 1.58 20.40 15.78
CA ARG C 232 1.45 19.21 14.94
C ARG C 232 0.50 18.18 15.49
N CYS C 233 0.50 17.98 16.82
CA CYS C 233 -0.44 17.04 17.44
C CYS C 233 -1.86 17.54 17.29
N ASN C 234 -2.08 18.85 17.46
CA ASN C 234 -3.41 19.46 17.31
C ASN C 234 -3.90 19.25 15.89
N LEU C 235 -3.01 19.42 14.90
CA LEU C 235 -3.37 19.22 13.51
C LEU C 235 -3.71 17.75 13.22
N ALA C 236 -2.96 16.83 13.80
CA ALA C 236 -3.20 15.39 13.64
C ALA C 236 -4.39 14.85 14.48
N GLY C 237 -4.86 15.62 15.43
CA GLY C 237 -5.94 15.21 16.32
C GLY C 237 -5.48 14.14 17.30
N LYS C 238 -4.21 14.21 17.75
CA LYS C 238 -3.69 13.24 18.71
C LYS C 238 -3.27 13.95 19.99
N PRO C 239 -3.48 13.31 21.15
CA PRO C 239 -3.17 13.99 22.42
C PRO C 239 -1.71 14.36 22.60
N VAL C 240 -1.45 15.52 23.21
CA VAL C 240 -0.11 15.97 23.50
C VAL C 240 -0.05 16.44 24.96
N VAL C 241 1.00 16.02 25.66
CA VAL C 241 1.19 16.33 27.07
C VAL C 241 2.36 17.30 27.21
N CYS C 242 2.22 18.35 28.04
CA CYS C 242 3.33 19.23 28.34
C CYS C 242 3.84 18.80 29.71
N ALA C 243 5.15 18.54 29.83
CA ALA C 243 5.68 18.00 31.07
C ALA C 243 6.95 18.68 31.56
N THR C 244 7.18 18.58 32.89
CA THR C 244 8.41 18.83 33.63
C THR C 244 8.68 20.27 34.00
N GLN C 245 8.82 20.47 35.32
CA GLN C 245 9.15 21.74 35.97
C GLN C 245 8.09 22.81 35.81
N MET C 246 6.82 22.42 35.54
CA MET C 246 5.76 23.41 35.37
C MET C 246 5.51 24.23 36.63
N LEU C 247 5.54 23.58 37.80
CA LEU C 247 5.35 24.28 39.08
C LEU C 247 6.48 23.88 40.04
N GLU C 248 7.71 23.76 39.52
CA GLU C 248 8.87 23.24 40.25
C GLU C 248 9.09 23.80 41.64
N SER C 249 8.97 25.12 41.82
CA SER C 249 9.19 25.74 43.14
C SER C 249 8.23 25.23 44.21
N MET C 250 7.07 24.68 43.80
CA MET C 250 6.11 24.13 44.75
C MET C 250 6.57 22.82 45.40
N ILE C 251 7.75 22.29 45.01
CA ILE C 251 8.32 21.13 45.71
C ILE C 251 8.63 21.57 47.17
N THR C 252 9.06 22.84 47.38
CA THR C 252 9.38 23.34 48.72
C THR C 252 8.52 24.52 49.17
N LYS C 253 7.88 25.24 48.24
CA LYS C 253 7.08 26.41 48.59
C LYS C 253 5.58 26.21 48.40
N PRO C 254 4.73 26.82 49.25
CA PRO C 254 3.28 26.61 49.13
C PRO C 254 2.62 27.31 47.94
N ARG C 255 3.29 28.30 47.34
CA ARG C 255 2.77 29.04 46.19
C ARG C 255 3.83 29.04 45.08
N PRO C 256 3.42 29.02 43.81
CA PRO C 256 4.40 28.99 42.71
C PRO C 256 4.96 30.36 42.35
N THR C 257 5.99 30.40 41.48
CA THR C 257 6.52 31.67 41.00
C THR C 257 5.62 32.23 39.86
N ARG C 258 5.81 33.49 39.47
CA ARG C 258 5.06 34.10 38.39
C ARG C 258 5.38 33.42 37.06
N ALA C 259 6.62 32.91 36.89
CA ALA C 259 6.96 32.22 35.64
C ALA C 259 6.26 30.87 35.54
N GLU C 260 6.08 30.20 36.68
CA GLU C 260 5.43 28.88 36.70
C GLU C 260 3.95 28.97 36.39
N THR C 261 3.23 29.97 36.94
CA THR C 261 1.80 30.10 36.59
C THR C 261 1.67 30.46 35.10
N SER C 262 2.58 31.32 34.60
CA SER C 262 2.63 31.68 33.19
C SER C 262 2.85 30.40 32.32
N ASP C 263 3.79 29.54 32.71
CA ASP C 263 4.10 28.33 31.96
C ASP C 263 2.90 27.39 31.84
N VAL C 264 2.15 27.18 32.94
CA VAL C 264 0.98 26.33 32.90
C VAL C 264 -0.10 26.94 31.96
N ALA C 265 -0.37 28.24 32.10
CA ALA C 265 -1.37 28.91 31.27
C ALA C 265 -0.99 28.86 29.81
N ASN C 266 0.29 29.13 29.50
CA ASN C 266 0.73 29.10 28.10
C ASN C 266 0.74 27.71 27.51
N ALA C 267 0.97 26.65 28.31
CA ALA C 267 0.87 25.28 27.76
C ALA C 267 -0.58 25.02 27.29
N VAL C 268 -1.57 25.46 28.08
CA VAL C 268 -2.98 25.30 27.72
C VAL C 268 -3.31 26.14 26.48
N LEU C 269 -2.86 27.41 26.45
CA LEU C 269 -3.10 28.27 25.29
C LEU C 269 -2.38 27.76 24.02
N ASP C 270 -1.22 27.09 24.19
CA ASP C 270 -0.48 26.49 23.06
C ASP C 270 -1.32 25.37 22.41
N GLY C 271 -2.15 24.69 23.20
CA GLY C 271 -2.99 23.59 22.74
C GLY C 271 -2.75 22.25 23.42
N ALA C 272 -2.04 22.22 24.56
CA ALA C 272 -1.75 20.93 25.23
C ALA C 272 -3.05 20.26 25.71
N ASP C 273 -3.17 18.96 25.48
CA ASP C 273 -4.33 18.21 25.98
C ASP C 273 -4.20 17.94 27.48
N CYS C 274 -2.96 17.67 27.95
CA CYS C 274 -2.69 17.36 29.35
C CYS C 274 -1.51 18.19 29.83
N ILE C 275 -1.48 18.44 31.13
CA ILE C 275 -0.34 19.08 31.79
C ILE C 275 0.10 18.12 32.92
N MET C 276 1.38 18.16 33.26
CA MET C 276 1.92 17.18 34.20
C MET C 276 2.66 17.78 35.40
N LEU C 277 2.70 17.01 36.49
CA LEU C 277 3.43 17.30 37.70
C LEU C 277 4.33 16.11 37.95
N SER C 278 5.61 16.37 38.27
CA SER C 278 6.56 15.30 38.53
C SER C 278 7.00 15.37 40.01
N GLY C 279 8.14 15.98 40.33
CA GLY C 279 8.61 16.13 41.71
C GLY C 279 7.60 16.86 42.59
N GLU C 280 6.80 17.77 41.97
CA GLU C 280 5.77 18.51 42.70
C GLU C 280 4.79 17.59 43.43
N THR C 281 4.48 16.42 42.85
CA THR C 281 3.55 15.48 43.50
C THR C 281 4.26 14.23 44.01
N ALA C 282 5.37 13.83 43.38
CA ALA C 282 6.05 12.59 43.78
C ALA C 282 6.83 12.73 45.07
N LYS C 283 7.49 13.87 45.28
CA LYS C 283 8.35 14.04 46.46
C LYS C 283 8.20 15.35 47.21
N GLY C 284 7.47 16.31 46.64
CA GLY C 284 7.34 17.61 47.26
C GLY C 284 6.53 17.68 48.54
N ASN C 285 6.54 18.85 49.19
CA ASN C 285 5.80 19.03 50.43
C ASN C 285 4.34 19.51 50.23
N PHE C 286 3.96 19.84 48.98
CA PHE C 286 2.62 20.36 48.71
C PHE C 286 1.96 19.68 47.49
N PRO C 287 1.88 18.33 47.44
CA PRO C 287 1.34 17.66 46.26
C PRO C 287 -0.11 18.04 45.95
N VAL C 288 -0.97 18.14 46.97
CA VAL C 288 -2.36 18.48 46.74
C VAL C 288 -2.48 19.91 46.23
N GLU C 289 -1.72 20.83 46.82
CA GLU C 289 -1.75 22.24 46.45
C GLU C 289 -1.25 22.42 45.00
N ALA C 290 -0.28 21.60 44.58
CA ALA C 290 0.24 21.69 43.20
C ALA C 290 -0.87 21.28 42.21
N VAL C 291 -1.62 20.22 42.52
CA VAL C 291 -2.74 19.79 41.68
C VAL C 291 -3.82 20.90 41.64
N LYS C 292 -4.13 21.49 42.81
CA LYS C 292 -5.12 22.57 42.88
C LYS C 292 -4.71 23.78 42.04
N MET C 293 -3.40 24.09 42.05
CA MET C 293 -2.88 25.24 41.30
C MET C 293 -3.00 24.97 39.80
N GLN C 294 -2.64 23.76 39.35
CA GLN C 294 -2.80 23.45 37.91
C GLN C 294 -4.26 23.50 37.50
N HIS C 295 -5.17 22.99 38.37
CA HIS C 295 -6.61 23.03 38.08
C HIS C 295 -7.08 24.50 37.91
N ALA C 296 -6.71 25.36 38.84
CA ALA C 296 -7.14 26.77 38.82
C ALA C 296 -6.63 27.52 37.60
N ILE C 297 -5.32 27.32 37.25
CA ILE C 297 -4.76 28.00 36.08
C ILE C 297 -5.39 27.47 34.80
N ALA C 298 -5.48 26.12 34.64
CA ALA C 298 -6.05 25.55 33.43
C ALA C 298 -7.48 26.06 33.14
N ARG C 299 -8.32 26.19 34.18
CA ARG C 299 -9.67 26.70 33.99
C ARG C 299 -9.65 28.14 33.45
N GLU C 300 -8.77 28.98 33.99
CA GLU C 300 -8.68 30.37 33.52
C GLU C 300 -8.19 30.41 32.09
N ALA C 301 -7.15 29.60 31.80
CA ALA C 301 -6.55 29.59 30.45
C ALA C 301 -7.47 29.05 29.38
N GLU C 302 -8.27 28.03 29.70
CA GLU C 302 -9.20 27.46 28.74
C GLU C 302 -10.25 28.45 28.27
N ALA C 303 -10.73 29.29 29.20
CA ALA C 303 -11.70 30.33 28.83
C ALA C 303 -11.07 31.40 27.94
N ALA C 304 -9.73 31.62 28.06
CA ALA C 304 -8.99 32.61 27.29
C ALA C 304 -8.56 32.13 25.89
N VAL C 305 -8.85 30.88 25.52
CA VAL C 305 -8.52 30.37 24.19
C VAL C 305 -9.35 31.14 23.14
N TYR C 306 -8.74 31.55 22.02
CA TYR C 306 -9.44 32.29 20.98
C TYR C 306 -10.05 31.28 20.00
N HIS C 307 -11.18 30.67 20.39
CA HIS C 307 -11.84 29.64 19.58
C HIS C 307 -12.19 30.07 18.18
N ARG C 308 -12.53 31.36 17.97
CA ARG C 308 -12.89 31.82 16.61
C ARG C 308 -11.79 31.53 15.59
N GLN C 309 -10.54 31.83 15.95
CA GLN C 309 -9.43 31.58 15.02
C GLN C 309 -9.05 30.10 15.05
N LEU C 310 -9.00 29.51 16.25
CA LEU C 310 -8.60 28.10 16.39
C LEU C 310 -9.49 27.17 15.56
N PHE C 311 -10.81 27.32 15.67
CA PHE C 311 -11.74 26.48 14.92
C PHE C 311 -11.61 26.70 13.42
N GLU C 312 -11.49 27.97 12.98
CA GLU C 312 -11.30 28.31 11.56
C GLU C 312 -10.04 27.65 11.00
N GLU C 313 -8.93 27.74 11.75
CA GLU C 313 -7.67 27.17 11.31
C GLU C 313 -7.66 25.66 11.33
N LEU C 314 -8.29 25.03 12.34
CA LEU C 314 -8.36 23.57 12.41
C LEU C 314 -9.21 23.04 11.24
N ARG C 315 -10.29 23.75 10.88
CA ARG C 315 -11.18 23.43 9.77
C ARG C 315 -10.43 23.51 8.44
N ARG C 316 -9.71 24.61 8.22
CA ARG C 316 -8.97 24.88 7.01
C ARG C 316 -7.82 23.88 6.79
N ALA C 317 -7.10 23.53 7.87
CA ALA C 317 -5.96 22.63 7.76
C ALA C 317 -6.33 21.16 7.69
N ALA C 318 -7.45 20.76 8.30
CA ALA C 318 -7.86 19.36 8.29
C ALA C 318 -8.29 18.99 6.89
N PRO C 319 -7.80 17.86 6.38
CA PRO C 319 -8.22 17.44 5.03
C PRO C 319 -9.69 17.04 5.00
N LEU C 320 -10.28 17.02 3.79
CA LEU C 320 -11.63 16.53 3.58
C LEU C 320 -11.66 15.05 3.98
N SER C 321 -12.79 14.58 4.44
CA SER C 321 -12.89 13.21 4.90
C SER C 321 -14.17 12.56 4.49
N ARG C 322 -14.13 11.28 4.17
CA ARG C 322 -15.33 10.51 3.88
C ARG C 322 -15.67 9.59 5.09
N ASP C 323 -15.00 9.75 6.24
CA ASP C 323 -15.26 8.94 7.42
C ASP C 323 -16.43 9.61 8.13
N PRO C 324 -17.56 8.91 8.26
CA PRO C 324 -18.72 9.54 8.92
C PRO C 324 -18.44 10.00 10.34
N THR C 325 -17.55 9.34 11.11
CA THR C 325 -17.26 9.81 12.48
C THR C 325 -16.63 11.22 12.43
N GLU C 326 -15.72 11.43 11.49
CA GLU C 326 -15.05 12.72 11.35
CA GLU C 326 -15.04 12.71 11.33
C GLU C 326 -16.03 13.79 10.86
N VAL C 327 -16.87 13.45 9.88
CA VAL C 327 -17.86 14.36 9.32
C VAL C 327 -18.90 14.76 10.36
N THR C 328 -19.36 13.79 11.16
CA THR C 328 -20.33 14.07 12.22
C THR C 328 -19.68 14.96 13.29
N ALA C 329 -18.42 14.68 13.64
CA ALA C 329 -17.74 15.45 14.68
C ALA C 329 -17.65 16.94 14.34
N ILE C 330 -17.29 17.29 13.09
CA ILE C 330 -17.18 18.71 12.73
C ILE C 330 -18.56 19.37 12.68
N GLY C 331 -19.58 18.64 12.21
CA GLY C 331 -20.95 19.17 12.22
C GLY C 331 -21.43 19.42 13.63
N ALA C 332 -21.14 18.47 14.56
CA ALA C 332 -21.56 18.59 15.95
C ALA C 332 -20.87 19.78 16.63
N VAL C 333 -19.58 19.97 16.40
CA VAL C 333 -18.83 21.09 17.02
C VAL C 333 -19.34 22.42 16.46
N GLU C 334 -19.62 22.47 15.16
CA GLU C 334 -20.18 23.69 14.54
CA GLU C 334 -20.18 23.69 14.54
C GLU C 334 -21.54 24.00 15.16
N ALA C 335 -22.39 22.97 15.33
CA ALA C 335 -23.72 23.14 15.93
C ALA C 335 -23.58 23.62 17.38
N ALA C 336 -22.63 23.03 18.15
CA ALA C 336 -22.44 23.43 19.55
C ALA C 336 -22.06 24.94 19.66
N PHE C 337 -21.19 25.41 18.75
CA PHE C 337 -20.80 26.82 18.77
C PHE C 337 -22.01 27.72 18.41
N LYS C 338 -22.84 27.29 17.46
CA LYS C 338 -24.01 28.07 17.01
C LYS C 338 -25.01 28.36 18.12
N CYS C 339 -25.21 27.41 19.04
CA CYS C 339 -26.19 27.60 20.11
C CYS C 339 -25.61 27.75 21.49
N CYS C 340 -24.27 27.87 21.62
CA CYS C 340 -23.57 27.95 22.92
C CYS C 340 -23.96 26.72 23.76
N ALA C 341 -23.99 25.53 23.13
CA ALA C 341 -24.43 24.31 23.80
C ALA C 341 -23.65 24.06 25.06
N ALA C 342 -24.37 23.63 26.10
CA ALA C 342 -23.77 23.35 27.40
C ALA C 342 -22.85 22.10 27.32
N ALA C 343 -23.16 21.16 26.41
CA ALA C 343 -22.38 19.94 26.26
C ALA C 343 -22.68 19.27 24.92
N ILE C 344 -21.76 18.38 24.51
CA ILE C 344 -21.91 17.45 23.43
C ILE C 344 -21.87 16.07 24.09
N ILE C 345 -22.96 15.31 24.04
CA ILE C 345 -22.99 13.99 24.64
C ILE C 345 -22.70 13.01 23.53
N VAL C 346 -21.70 12.16 23.72
CA VAL C 346 -21.34 11.21 22.68
C VAL C 346 -21.28 9.80 23.25
N LEU C 347 -21.81 8.84 22.50
CA LEU C 347 -21.72 7.44 22.92
C LEU C 347 -20.47 6.89 22.24
N THR C 348 -19.61 6.19 23.00
CA THR C 348 -18.37 5.68 22.42
C THR C 348 -17.94 4.41 23.11
N THR C 349 -17.45 3.43 22.38
CA THR C 349 -16.97 2.20 23.02
C THR C 349 -15.44 2.26 23.17
N THR C 350 -14.73 2.79 22.16
CA THR C 350 -13.28 2.88 22.19
C THR C 350 -12.74 4.25 22.61
N GLY C 351 -13.59 5.26 22.61
CA GLY C 351 -13.21 6.65 22.85
C GLY C 351 -12.99 7.42 21.55
N ARG C 352 -12.89 6.75 20.41
CA ARG C 352 -12.58 7.40 19.13
C ARG C 352 -13.55 8.55 18.73
N SER C 353 -14.88 8.34 18.88
CA SER C 353 -15.84 9.39 18.54
C SER C 353 -15.61 10.63 19.43
N ALA C 354 -15.26 10.45 20.73
CA ALA C 354 -14.99 11.58 21.62
C ALA C 354 -13.68 12.27 21.22
N GLN C 355 -12.66 11.50 20.85
CA GLN C 355 -11.38 12.06 20.39
C GLN C 355 -11.59 12.95 19.15
N LEU C 356 -12.43 12.49 18.19
CA LEU C 356 -12.67 13.28 16.97
C LEU C 356 -13.45 14.57 17.24
N LEU C 357 -14.26 14.59 18.30
CA LEU C 357 -14.94 15.83 18.69
C LEU C 357 -13.88 16.76 19.35
N SER C 358 -13.06 16.20 20.26
CA SER C 358 -12.05 16.94 20.99
C SER C 358 -11.06 17.66 20.05
N ARG C 359 -10.72 17.05 18.91
CA ARG C 359 -9.74 17.63 17.96
C ARG C 359 -10.18 18.98 17.39
N TYR C 360 -11.50 19.28 17.40
CA TYR C 360 -11.99 20.59 16.93
C TYR C 360 -12.11 21.62 18.03
N ARG C 361 -11.71 21.26 19.26
CA ARG C 361 -11.66 22.14 20.40
C ARG C 361 -12.98 22.89 20.66
N PRO C 362 -14.09 22.16 20.88
CA PRO C 362 -15.34 22.85 21.21
C PRO C 362 -15.21 23.49 22.59
N ARG C 363 -15.93 24.60 22.77
CA ARG C 363 -16.04 25.19 24.09
C ARG C 363 -16.98 24.28 24.96
N ALA C 364 -17.97 23.63 24.34
CA ALA C 364 -18.91 22.74 25.04
C ALA C 364 -18.14 21.52 25.56
N ALA C 365 -18.43 21.09 26.80
CA ALA C 365 -17.83 19.86 27.35
C ALA C 365 -18.27 18.66 26.51
N VAL C 366 -17.36 17.72 26.28
CA VAL C 366 -17.70 16.51 25.55
C VAL C 366 -17.94 15.44 26.62
N ILE C 367 -19.19 15.07 26.84
CA ILE C 367 -19.56 14.06 27.84
C ILE C 367 -19.59 12.71 27.13
N ALA C 368 -18.61 11.86 27.42
CA ALA C 368 -18.48 10.60 26.71
C ALA C 368 -19.05 9.46 27.54
N VAL C 369 -20.15 8.85 27.05
CA VAL C 369 -20.81 7.76 27.77
C VAL C 369 -20.29 6.46 27.17
N THR C 370 -19.69 5.62 28.02
CA THR C 370 -19.11 4.37 27.52
C THR C 370 -19.34 3.25 28.51
N ARG C 371 -19.40 2.01 27.99
CA ARG C 371 -19.43 0.82 28.85
C ARG C 371 -17.99 0.32 29.16
N SER C 372 -16.97 0.82 28.42
CA SER C 372 -15.59 0.37 28.60
C SER C 372 -14.91 1.15 29.71
N ALA C 373 -14.57 0.49 30.82
CA ALA C 373 -13.86 1.17 31.93
C ALA C 373 -12.46 1.66 31.43
N GLN C 374 -11.82 0.89 30.54
CA GLN C 374 -10.52 1.29 29.98
C GLN C 374 -10.69 2.56 29.13
N ALA C 375 -11.70 2.58 28.25
CA ALA C 375 -11.90 3.77 27.38
C ALA C 375 -12.22 4.98 28.23
N ALA C 376 -12.97 4.78 29.32
CA ALA C 376 -13.31 5.89 30.22
C ALA C 376 -12.04 6.49 30.85
N ARG C 377 -11.07 5.65 31.22
CA ARG C 377 -9.83 6.15 31.81
C ARG C 377 -8.96 6.81 30.70
N GLN C 378 -8.87 6.17 29.52
CA GLN C 378 -8.01 6.68 28.45
C GLN C 378 -8.44 7.98 27.82
N VAL C 379 -9.76 8.27 27.80
CA VAL C 379 -10.20 9.53 27.15
C VAL C 379 -9.78 10.78 27.92
N HIS C 380 -9.25 10.63 29.16
CA HIS C 380 -8.67 11.77 29.88
C HIS C 380 -7.48 12.37 29.06
N LEU C 381 -6.88 11.59 28.14
CA LEU C 381 -5.79 12.12 27.31
C LEU C 381 -6.29 13.23 26.35
N CYS C 382 -7.61 13.27 26.03
CA CYS C 382 -8.19 14.22 25.07
C CYS C 382 -8.80 15.40 25.77
N ARG C 383 -8.35 16.61 25.41
CA ARG C 383 -8.89 17.81 26.07
C ARG C 383 -10.41 17.93 25.96
N GLY C 384 -11.04 18.21 27.08
CA GLY C 384 -12.46 18.50 27.14
C GLY C 384 -13.38 17.29 27.11
N VAL C 385 -12.81 16.07 27.28
CA VAL C 385 -13.64 14.88 27.32
C VAL C 385 -13.85 14.47 28.78
N PHE C 386 -15.11 14.35 29.19
CA PHE C 386 -15.52 14.00 30.53
C PHE C 386 -16.16 12.61 30.47
N PRO C 387 -15.41 11.59 30.91
CA PRO C 387 -15.92 10.22 30.79
C PRO C 387 -16.98 9.87 31.82
N LEU C 388 -18.00 9.15 31.39
CA LEU C 388 -19.05 8.61 32.26
C LEU C 388 -19.12 7.12 32.01
N LEU C 389 -18.80 6.32 33.02
CA LEU C 389 -18.83 4.86 32.86
C LEU C 389 -20.26 4.37 33.11
N TYR C 390 -20.84 3.70 32.14
CA TYR C 390 -22.21 3.19 32.19
C TYR C 390 -22.16 1.67 32.38
N ARG C 391 -22.79 1.17 33.42
CA ARG C 391 -22.75 -0.26 33.73
C ARG C 391 -24.11 -0.95 33.76
N GLU C 392 -25.16 -0.33 33.19
CA GLU C 392 -26.47 -0.99 33.18
C GLU C 392 -26.40 -2.12 32.19
N PRO C 393 -27.15 -3.21 32.42
CA PRO C 393 -27.15 -4.29 31.42
C PRO C 393 -27.82 -3.82 30.12
N PRO C 394 -27.39 -4.35 28.98
CA PRO C 394 -27.98 -3.91 27.70
C PRO C 394 -29.45 -4.24 27.53
N GLU C 395 -30.20 -3.28 26.99
CA GLU C 395 -31.61 -3.44 26.69
C GLU C 395 -31.72 -4.34 25.46
N ALA C 396 -32.79 -5.12 25.37
CA ALA C 396 -33.05 -5.99 24.21
C ALA C 396 -33.26 -5.17 22.94
N ILE C 397 -33.91 -4.00 23.04
CA ILE C 397 -34.12 -3.14 21.87
C ILE C 397 -32.98 -2.12 21.84
N TRP C 398 -32.16 -2.16 20.80
CA TRP C 398 -30.99 -1.30 20.69
C TRP C 398 -31.29 0.16 20.80
N ALA C 399 -32.32 0.67 20.08
CA ALA C 399 -32.69 2.09 20.18
C ALA C 399 -33.02 2.50 21.60
N ASP C 400 -33.61 1.61 22.41
CA ASP C 400 -33.90 1.89 23.81
C ASP C 400 -32.60 1.96 24.64
N ASP C 401 -31.65 1.09 24.33
CA ASP C 401 -30.38 1.07 25.04
C ASP C 401 -29.61 2.40 24.75
N VAL C 402 -29.69 2.88 23.51
CA VAL C 402 -29.07 4.15 23.11
C VAL C 402 -29.73 5.29 23.88
N ASP C 403 -31.08 5.32 23.88
CA ASP C 403 -31.82 6.35 24.62
C ASP C 403 -31.51 6.37 26.10
N ARG C 404 -31.39 5.21 26.74
CA ARG C 404 -31.09 5.13 28.16
C ARG C 404 -29.71 5.76 28.44
N ARG C 405 -28.72 5.50 27.55
CA ARG C 405 -27.37 6.06 27.71
C ARG C 405 -27.34 7.55 27.49
N VAL C 406 -28.09 8.06 26.51
CA VAL C 406 -28.16 9.50 26.29
C VAL C 406 -28.78 10.18 27.51
N GLN C 407 -29.86 9.58 28.05
CA GLN C 407 -30.49 10.13 29.25
C GLN C 407 -29.57 10.07 30.47
N PHE C 408 -28.76 9.02 30.57
CA PHE C 408 -27.76 8.88 31.64
C PHE C 408 -26.73 10.04 31.54
N GLY C 409 -26.31 10.38 30.33
CA GLY C 409 -25.39 11.50 30.12
C GLY C 409 -26.05 12.81 30.54
N ILE C 410 -27.33 12.98 30.21
CA ILE C 410 -28.06 14.20 30.57
C ILE C 410 -28.23 14.31 32.10
N GLU C 411 -28.69 13.23 32.73
CA GLU C 411 -28.90 13.24 34.19
C GLU C 411 -27.59 13.41 34.93
N SER C 412 -26.49 12.78 34.45
CA SER C 412 -25.18 12.99 35.10
C SER C 412 -24.73 14.44 34.91
N GLY C 413 -24.98 14.99 33.72
CA GLY C 413 -24.64 16.38 33.42
C GLY C 413 -25.38 17.35 34.32
N LYS C 414 -26.67 17.08 34.60
CA LYS C 414 -27.45 17.93 35.50
C LYS C 414 -26.88 17.82 36.92
N LEU C 415 -26.62 16.61 37.41
CA LEU C 415 -26.11 16.40 38.77
C LEU C 415 -24.74 17.07 38.96
N ARG C 416 -23.87 16.99 37.93
CA ARG C 416 -22.53 17.57 37.99
C ARG C 416 -22.44 19.05 37.66
N GLY C 417 -23.56 19.69 37.31
CA GLY C 417 -23.55 21.12 37.02
C GLY C 417 -23.27 21.53 35.58
N PHE C 418 -23.07 20.57 34.67
CA PHE C 418 -22.85 20.87 33.26
C PHE C 418 -24.15 21.40 32.58
N LEU C 419 -25.33 20.87 32.99
CA LEU C 419 -26.62 21.12 32.33
C LEU C 419 -27.76 21.49 33.25
N ARG C 420 -28.72 22.23 32.69
CA ARG C 420 -29.95 22.63 33.37
C ARG C 420 -31.09 22.47 32.37
N VAL C 421 -32.33 22.36 32.87
CA VAL C 421 -33.51 22.29 32.02
C VAL C 421 -33.59 23.58 31.19
N GLY C 422 -33.83 23.45 29.89
CA GLY C 422 -33.83 24.59 28.99
C GLY C 422 -32.54 24.71 28.18
N ASP C 423 -31.45 24.10 28.64
CA ASP C 423 -30.17 24.14 27.87
C ASP C 423 -30.31 23.34 26.58
N LEU C 424 -29.47 23.64 25.59
CA LEU C 424 -29.40 22.83 24.39
C LEU C 424 -28.14 21.99 24.50
N VAL C 425 -28.24 20.74 24.06
CA VAL C 425 -27.09 19.85 24.03
C VAL C 425 -27.06 19.21 22.64
N ILE C 426 -25.86 18.87 22.18
CA ILE C 426 -25.71 18.17 20.91
C ILE C 426 -25.46 16.71 21.28
N VAL C 427 -26.08 15.78 20.59
CA VAL C 427 -25.92 14.36 20.93
C VAL C 427 -25.40 13.66 19.70
N VAL C 428 -24.34 12.87 19.88
CA VAL C 428 -23.70 12.18 18.78
C VAL C 428 -23.76 10.67 19.02
N THR C 429 -24.30 9.94 18.04
CA THR C 429 -24.49 8.47 18.11
C THR C 429 -24.24 7.90 16.70
N GLY C 430 -24.38 6.59 16.56
CA GLY C 430 -24.26 5.95 15.23
C GLY C 430 -25.57 5.28 14.87
N TRP C 431 -25.64 4.72 13.69
CA TRP C 431 -26.85 4.13 13.13
C TRP C 431 -27.08 2.65 13.48
N ARG C 432 -26.05 1.99 14.03
CA ARG C 432 -26.12 0.58 14.41
C ARG C 432 -25.10 0.36 15.56
N PRO C 433 -25.24 -0.74 16.31
CA PRO C 433 -24.29 -0.97 17.42
C PRO C 433 -22.90 -1.35 16.96
N GLY C 434 -21.95 -1.24 17.87
CA GLY C 434 -20.57 -1.55 17.60
C GLY C 434 -19.79 -0.30 17.27
N SER C 435 -18.50 -0.34 17.52
CA SER C 435 -17.62 0.78 17.24
C SER C 435 -17.49 1.04 15.73
N GLY C 436 -17.25 2.30 15.36
CA GLY C 436 -16.99 2.65 13.97
C GLY C 436 -18.13 3.14 13.10
N TYR C 437 -19.33 3.28 13.65
CA TYR C 437 -20.52 3.67 12.87
C TYR C 437 -21.12 5.02 13.23
N THR C 438 -20.39 5.85 14.00
CA THR C 438 -20.89 7.18 14.37
C THR C 438 -21.21 7.98 13.11
N ASN C 439 -22.46 8.44 12.99
CA ASN C 439 -22.90 9.18 11.79
C ASN C 439 -24.10 10.09 12.06
N ILE C 440 -24.49 10.30 13.33
CA ILE C 440 -25.69 11.08 13.66
C ILE C 440 -25.38 12.15 14.65
N MET C 441 -25.91 13.35 14.41
CA MET C 441 -25.82 14.46 15.33
C MET C 441 -27.28 14.96 15.54
N ARG C 442 -27.70 15.11 16.77
CA ARG C 442 -29.04 15.61 17.09
C ARG C 442 -28.92 16.78 18.05
N VAL C 443 -29.89 17.70 17.98
CA VAL C 443 -29.91 18.84 18.86
C VAL C 443 -31.08 18.57 19.81
N LEU C 444 -30.79 18.51 21.10
CA LEU C 444 -31.82 18.26 22.09
C LEU C 444 -31.96 19.41 23.06
N SER C 445 -33.22 19.70 23.45
CA SER C 445 -33.49 20.70 24.48
CA SER C 445 -33.49 20.70 24.48
C SER C 445 -33.66 19.90 25.77
N ILE C 446 -32.94 20.27 26.82
CA ILE C 446 -32.99 19.54 28.08
C ILE C 446 -34.31 19.69 28.80
N SER C 447 -34.96 18.57 29.10
CA SER C 447 -36.21 18.59 29.87
C SER C 447 -36.03 17.87 31.21
N GLY D 23 -12.42 10.08 -8.02
CA GLY D 23 -11.16 9.47 -8.43
C GLY D 23 -10.04 10.46 -8.67
N THR D 24 -9.97 11.02 -9.89
CA THR D 24 -8.92 11.98 -10.25
C THR D 24 -9.50 13.19 -11.00
N ALA D 25 -10.39 12.95 -11.98
CA ALA D 25 -11.01 14.03 -12.76
C ALA D 25 -12.03 14.85 -11.97
N PHE D 26 -12.49 14.33 -10.82
CA PHE D 26 -13.45 15.00 -9.94
C PHE D 26 -12.96 16.38 -9.54
N PHE D 27 -11.69 16.49 -9.12
CA PHE D 27 -11.12 17.75 -8.67
C PHE D 27 -10.75 18.75 -9.79
N GLN D 28 -10.95 18.37 -11.05
CA GLN D 28 -10.71 19.27 -12.18
C GLN D 28 -12.02 20.04 -12.49
N GLN D 29 -13.16 19.33 -12.40
CA GLN D 29 -14.50 19.84 -12.71
C GLN D 29 -15.01 20.87 -11.70
N GLN D 30 -16.17 21.48 -12.02
CA GLN D 30 -16.90 22.45 -11.20
C GLN D 30 -16.01 23.50 -10.53
N GLN D 31 -15.01 23.99 -11.27
CA GLN D 31 -14.08 25.01 -10.79
C GLN D 31 -13.43 24.66 -9.44
N LEU D 32 -13.25 23.36 -9.16
CA LEU D 32 -12.66 22.94 -7.89
C LEU D 32 -11.21 23.49 -7.70
N PRO D 33 -10.33 23.62 -8.72
CA PRO D 33 -9.03 24.29 -8.48
C PRO D 33 -9.21 25.73 -7.98
N ALA D 34 -10.17 26.49 -8.54
CA ALA D 34 -10.45 27.86 -8.09
C ALA D 34 -11.08 27.87 -6.69
N ALA D 35 -11.88 26.84 -6.36
CA ALA D 35 -12.52 26.72 -5.06
C ALA D 35 -11.52 26.56 -3.93
N MET D 36 -10.39 25.91 -4.21
CA MET D 36 -9.35 25.68 -3.19
C MET D 36 -8.38 26.85 -3.00
N ALA D 37 -8.54 27.96 -3.77
CA ALA D 37 -7.62 29.09 -3.66
C ALA D 37 -7.66 29.76 -2.30
N ASP D 38 -6.52 30.31 -1.87
CA ASP D 38 -6.38 30.97 -0.57
C ASP D 38 -6.84 32.42 -0.54
N THR D 39 -6.97 33.06 -1.71
CA THR D 39 -7.48 34.42 -1.79
C THR D 39 -8.54 34.50 -2.92
N PHE D 40 -9.40 35.51 -2.86
CA PHE D 40 -10.39 35.74 -3.92
C PHE D 40 -9.67 36.05 -5.24
N LEU D 41 -8.56 36.81 -5.20
CA LEU D 41 -7.80 37.13 -6.40
C LEU D 41 -7.26 35.87 -7.06
N GLU D 42 -6.67 34.96 -6.26
CA GLU D 42 -6.16 33.71 -6.82
C GLU D 42 -7.31 32.81 -7.32
N HIS D 43 -8.47 32.86 -6.66
CA HIS D 43 -9.67 32.15 -7.08
C HIS D 43 -10.04 32.58 -8.52
N LEU D 44 -10.06 33.91 -8.78
CA LEU D 44 -10.35 34.42 -10.11
C LEU D 44 -9.34 33.93 -11.13
N CYS D 45 -8.03 34.00 -10.78
CA CYS D 45 -6.95 33.58 -11.67
C CYS D 45 -7.06 32.12 -12.06
N LEU D 46 -7.67 31.28 -11.22
CA LEU D 46 -7.78 29.84 -11.46
C LEU D 46 -9.07 29.40 -12.16
N LEU D 47 -9.99 30.33 -12.45
CA LEU D 47 -11.24 29.99 -13.15
C LEU D 47 -10.89 29.46 -14.55
N ASP D 48 -11.51 28.36 -14.93
CA ASP D 48 -11.16 27.66 -16.17
C ASP D 48 -12.40 27.42 -17.05
N ILE D 49 -12.37 27.92 -18.29
CA ILE D 49 -13.48 27.71 -19.22
C ILE D 49 -13.67 26.22 -19.59
N ASP D 50 -12.63 25.40 -19.43
CA ASP D 50 -12.71 23.95 -19.70
C ASP D 50 -13.17 23.13 -18.48
N SER D 51 -13.38 23.77 -17.31
CA SER D 51 -13.82 23.05 -16.11
C SER D 51 -15.34 23.02 -16.13
N GLU D 52 -15.91 21.86 -16.48
CA GLU D 52 -17.34 21.73 -16.67
C GLU D 52 -18.15 21.67 -15.39
N PRO D 53 -19.32 22.36 -15.38
CA PRO D 53 -20.17 22.28 -14.19
C PRO D 53 -20.76 20.87 -14.05
N VAL D 54 -20.88 20.40 -12.83
CA VAL D 54 -21.43 19.06 -12.57
C VAL D 54 -22.69 19.17 -11.73
N ALA D 55 -22.71 20.08 -10.75
CA ALA D 55 -23.86 20.26 -9.88
C ALA D 55 -25.10 20.71 -10.65
N ALA D 56 -26.27 20.37 -10.12
CA ALA D 56 -27.51 20.83 -10.74
C ALA D 56 -27.62 22.35 -10.54
N ARG D 57 -28.28 23.02 -11.50
CA ARG D 57 -28.44 24.46 -11.44
C ARG D 57 -29.29 24.86 -10.23
N SER D 58 -28.74 25.71 -9.36
CA SER D 58 -29.38 26.07 -8.10
C SER D 58 -30.22 27.36 -8.08
N THR D 59 -29.89 28.33 -8.94
CA THR D 59 -30.63 29.60 -8.97
C THR D 59 -31.92 29.37 -9.78
N SER D 60 -33.08 29.58 -9.15
CA SER D 60 -34.36 29.35 -9.84
CA SER D 60 -34.37 29.38 -9.82
C SER D 60 -34.61 30.39 -10.94
N ILE D 61 -35.32 29.97 -11.96
CA ILE D 61 -35.71 30.84 -13.08
C ILE D 61 -37.21 31.16 -13.00
N ILE D 62 -37.52 32.46 -13.00
CA ILE D 62 -38.89 32.93 -13.02
C ILE D 62 -39.18 33.38 -14.48
N ALA D 63 -40.18 32.78 -15.10
CA ALA D 63 -40.55 33.19 -16.46
C ALA D 63 -41.92 33.89 -16.43
N THR D 64 -42.02 35.09 -17.00
CA THR D 64 -43.29 35.79 -17.09
C THR D 64 -44.17 35.17 -18.22
N ILE D 65 -45.43 34.87 -17.89
CA ILE D 65 -46.37 34.28 -18.84
C ILE D 65 -47.03 35.38 -19.67
N GLY D 66 -47.16 35.11 -20.94
CA GLY D 66 -47.79 36.01 -21.88
C GLY D 66 -48.16 35.28 -23.14
N PRO D 67 -48.50 36.04 -24.20
CA PRO D 67 -48.84 35.39 -25.47
C PRO D 67 -47.77 34.45 -26.03
N ALA D 68 -46.49 34.74 -25.82
CA ALA D 68 -45.41 33.86 -26.31
C ALA D 68 -45.31 32.55 -25.53
N SER D 69 -45.91 32.48 -24.34
CA SER D 69 -45.73 31.32 -23.46
C SER D 69 -47.01 30.82 -22.79
N ARG D 70 -48.16 31.06 -23.38
CA ARG D 70 -49.43 30.60 -22.78
C ARG D 70 -49.84 29.23 -23.25
N SER D 71 -49.39 28.79 -24.42
CA SER D 71 -49.75 27.49 -24.97
C SER D 71 -49.34 26.37 -24.02
N VAL D 72 -50.22 25.40 -23.75
CA VAL D 72 -49.87 24.25 -22.90
C VAL D 72 -48.61 23.50 -23.43
N GLU D 73 -48.53 23.31 -24.75
CA GLU D 73 -47.38 22.62 -25.33
C GLU D 73 -46.08 23.43 -25.18
N ARG D 74 -46.16 24.75 -25.33
CA ARG D 74 -44.99 25.62 -25.15
C ARG D 74 -44.59 25.60 -23.63
N LEU D 75 -45.57 25.60 -22.73
CA LEU D 75 -45.29 25.56 -21.29
C LEU D 75 -44.58 24.27 -20.88
N LYS D 76 -44.91 23.14 -21.53
CA LYS D 76 -44.22 21.87 -21.25
C LYS D 76 -42.75 22.00 -21.63
N GLU D 77 -42.45 22.63 -22.78
CA GLU D 77 -41.08 22.83 -23.20
C GLU D 77 -40.33 23.77 -22.23
N MET D 78 -41.01 24.79 -21.70
CA MET D 78 -40.38 25.73 -20.77
CA MET D 78 -40.38 25.73 -20.77
C MET D 78 -40.07 25.05 -19.42
N ILE D 79 -40.93 24.12 -19.00
CA ILE D 79 -40.70 23.37 -17.76
C ILE D 79 -39.47 22.48 -17.97
N LYS D 80 -39.39 21.78 -19.12
CA LYS D 80 -38.24 20.96 -19.43
C LYS D 80 -36.94 21.79 -19.55
N ALA D 81 -37.03 23.04 -20.05
CA ALA D 81 -35.87 23.93 -20.21
C ALA D 81 -35.33 24.46 -18.84
N GLY D 82 -36.20 24.45 -17.82
CA GLY D 82 -35.79 24.86 -16.49
C GLY D 82 -36.63 25.92 -15.78
N MET D 83 -37.81 26.32 -16.34
CA MET D 83 -38.65 27.30 -15.64
C MET D 83 -39.14 26.72 -14.31
N ASN D 84 -38.97 27.47 -13.22
CA ASN D 84 -39.38 27.00 -11.90
C ASN D 84 -40.57 27.77 -11.36
N ILE D 85 -40.73 29.03 -11.73
CA ILE D 85 -41.79 29.88 -11.24
C ILE D 85 -42.40 30.60 -12.45
N ALA D 86 -43.72 30.59 -12.54
CA ALA D 86 -44.46 31.28 -13.61
C ALA D 86 -45.01 32.58 -13.02
N ARG D 87 -44.60 33.71 -13.57
CA ARG D 87 -45.05 35.02 -13.10
C ARG D 87 -46.24 35.53 -13.95
N LEU D 88 -47.31 35.96 -13.27
CA LEU D 88 -48.50 36.55 -13.92
C LEU D 88 -48.47 38.04 -13.64
N ASN D 89 -48.29 38.86 -14.68
CA ASN D 89 -48.21 40.29 -14.47
C ASN D 89 -49.62 40.89 -14.52
N PHE D 90 -50.18 41.26 -13.36
CA PHE D 90 -51.52 41.82 -13.29
C PHE D 90 -51.61 43.28 -13.77
N SER D 91 -50.48 43.87 -14.26
CA SER D 91 -50.56 45.18 -14.91
C SER D 91 -51.21 45.05 -16.31
N HIS D 92 -51.31 43.81 -16.87
CA HIS D 92 -51.87 43.55 -18.19
C HIS D 92 -52.85 42.38 -18.13
N GLY D 93 -53.94 42.46 -18.89
CA GLY D 93 -54.92 41.40 -18.98
C GLY D 93 -55.95 41.38 -17.87
N SER D 94 -57.12 40.83 -18.16
CA SER D 94 -58.23 40.73 -17.21
C SER D 94 -58.04 39.52 -16.26
N HIS D 95 -58.95 39.37 -15.28
CA HIS D 95 -58.94 38.18 -14.41
C HIS D 95 -59.18 36.91 -15.24
N GLU D 96 -60.03 37.00 -16.28
CA GLU D 96 -60.29 35.84 -17.16
C GLU D 96 -59.01 35.41 -17.86
N TYR D 97 -58.23 36.38 -18.30
CA TYR D 97 -56.95 36.10 -18.96
C TYR D 97 -56.00 35.34 -18.00
N HIS D 98 -55.86 35.86 -16.80
CA HIS D 98 -54.96 35.23 -15.83
C HIS D 98 -55.45 33.89 -15.34
N ALA D 99 -56.78 33.68 -15.22
CA ALA D 99 -57.31 32.37 -14.84
C ALA D 99 -56.97 31.34 -15.91
N GLU D 100 -57.01 31.74 -17.19
CA GLU D 100 -56.61 30.83 -18.29
C GLU D 100 -55.11 30.55 -18.22
N SER D 101 -54.28 31.56 -17.88
CA SER D 101 -52.82 31.38 -17.74
C SER D 101 -52.54 30.33 -16.65
N ILE D 102 -53.22 30.46 -15.53
CA ILE D 102 -53.04 29.54 -14.40
C ILE D 102 -53.44 28.13 -14.79
N ALA D 103 -54.60 28.00 -15.46
CA ALA D 103 -55.09 26.69 -15.91
C ALA D 103 -54.10 26.03 -16.86
N ASN D 104 -53.53 26.81 -17.81
CA ASN D 104 -52.56 26.25 -18.76
C ASN D 104 -51.26 25.83 -18.11
N VAL D 105 -50.77 26.63 -17.15
CA VAL D 105 -49.55 26.28 -16.42
C VAL D 105 -49.80 24.98 -15.64
N ARG D 106 -50.91 24.91 -14.93
CA ARG D 106 -51.24 23.70 -14.15
C ARG D 106 -51.39 22.48 -15.03
N GLU D 107 -52.03 22.62 -16.19
CA GLU D 107 -52.18 21.49 -17.12
C GLU D 107 -50.80 21.00 -17.58
N ALA D 108 -49.91 21.94 -17.95
CA ALA D 108 -48.56 21.56 -18.39
C ALA D 108 -47.77 20.89 -17.25
N VAL D 109 -47.84 21.45 -16.04
CA VAL D 109 -47.08 20.90 -14.91
C VAL D 109 -47.59 19.48 -14.57
N GLU D 110 -48.92 19.33 -14.49
CA GLU D 110 -49.52 18.05 -14.12
C GLU D 110 -49.39 16.99 -15.21
N SER D 111 -49.03 17.37 -16.45
CA SER D 111 -48.79 16.38 -17.51
C SER D 111 -47.60 15.48 -17.18
N PHE D 112 -46.69 15.92 -16.29
CA PHE D 112 -45.53 15.14 -15.89
C PHE D 112 -45.78 14.38 -14.57
N SER D 115 -44.93 10.27 -13.81
CA SER D 115 -43.58 9.90 -13.39
C SER D 115 -43.18 10.70 -12.15
N PRO D 116 -43.58 10.20 -10.97
CA PRO D 116 -43.28 10.93 -9.73
C PRO D 116 -41.80 11.17 -9.41
N LEU D 117 -40.88 10.32 -9.89
CA LEU D 117 -39.45 10.48 -9.60
C LEU D 117 -38.81 11.63 -10.38
N SER D 118 -39.47 12.11 -11.46
CA SER D 118 -38.98 13.18 -12.31
CA SER D 118 -38.94 13.20 -12.26
C SER D 118 -39.85 14.44 -12.27
N TYR D 119 -41.05 14.38 -11.66
CA TYR D 119 -41.98 15.50 -11.59
C TYR D 119 -41.35 16.74 -11.01
N ARG D 120 -41.52 17.89 -11.71
CA ARG D 120 -41.00 19.16 -11.27
C ARG D 120 -42.12 20.11 -10.89
N PRO D 121 -42.24 20.44 -9.60
CA PRO D 121 -43.23 21.45 -9.19
C PRO D 121 -42.90 22.80 -9.83
N VAL D 122 -43.93 23.61 -10.10
CA VAL D 122 -43.74 24.96 -10.68
C VAL D 122 -44.63 25.92 -9.91
N ALA D 123 -44.05 26.96 -9.31
CA ALA D 123 -44.82 27.92 -8.53
C ALA D 123 -45.56 28.91 -9.43
N ILE D 124 -46.63 29.48 -8.93
CA ILE D 124 -47.38 30.51 -9.63
C ILE D 124 -47.32 31.77 -8.79
N ALA D 125 -46.77 32.83 -9.36
CA ALA D 125 -46.60 34.11 -8.67
C ALA D 125 -47.45 35.19 -9.31
N LEU D 126 -48.13 35.97 -8.48
CA LEU D 126 -49.00 37.05 -8.94
C LEU D 126 -48.25 38.35 -8.71
N ASP D 127 -47.99 39.11 -9.77
CA ASP D 127 -47.26 40.36 -9.67
C ASP D 127 -48.29 41.49 -9.78
N THR D 128 -48.50 42.23 -8.70
CA THR D 128 -49.56 43.24 -8.65
C THR D 128 -49.32 44.46 -9.54
N LYS D 129 -50.42 45.15 -9.89
CA LYS D 129 -50.37 46.35 -10.70
C LYS D 129 -49.65 47.47 -9.92
N GLY D 130 -49.93 47.59 -8.63
CA GLY D 130 -49.28 48.59 -7.81
C GLY D 130 -50.18 49.74 -7.40
N PRO D 131 -49.62 50.67 -6.64
CA PRO D 131 -50.42 51.80 -6.13
C PRO D 131 -50.77 52.89 -7.15
N GLY D 136 -50.66 53.99 -1.17
CA GLY D 136 -51.21 52.86 -0.41
C GLY D 136 -51.79 51.76 -1.28
N LEU D 137 -52.37 50.72 -0.66
CA LEU D 137 -52.94 49.60 -1.42
C LEU D 137 -54.14 50.04 -2.25
N SER D 138 -54.05 49.90 -3.58
CA SER D 138 -55.11 50.30 -4.49
C SER D 138 -56.31 49.36 -4.44
N GLU D 139 -57.47 49.83 -4.91
CA GLU D 139 -58.66 49.00 -4.94
C GLU D 139 -58.53 47.86 -5.95
N GLN D 140 -57.83 48.09 -7.06
CA GLN D 140 -57.58 47.04 -8.04
C GLN D 140 -56.69 45.95 -7.42
N ASP D 141 -55.66 46.34 -6.63
CA ASP D 141 -54.80 45.37 -5.98
C ASP D 141 -55.58 44.52 -4.99
N VAL D 142 -56.56 45.12 -4.26
CA VAL D 142 -57.40 44.34 -3.33
C VAL D 142 -58.17 43.25 -4.11
N ARG D 143 -58.75 43.61 -5.25
CA ARG D 143 -59.48 42.63 -6.06
C ARG D 143 -58.55 41.59 -6.65
N ASP D 144 -57.35 41.99 -7.09
CA ASP D 144 -56.40 41.04 -7.68
C ASP D 144 -55.85 40.07 -6.65
N LEU D 145 -55.60 40.56 -5.43
CA LEU D 145 -55.10 39.70 -4.36
C LEU D 145 -56.16 38.70 -3.95
N ARG D 146 -57.46 39.11 -3.94
CA ARG D 146 -58.52 38.16 -3.60
CA ARG D 146 -58.55 38.18 -3.62
C ARG D 146 -58.62 37.11 -4.71
N PHE D 147 -58.43 37.52 -5.98
CA PHE D 147 -58.43 36.58 -7.12
C PHE D 147 -57.29 35.54 -6.90
N GLY D 148 -56.11 36.02 -6.48
CA GLY D 148 -54.96 35.17 -6.22
C GLY D 148 -55.23 34.11 -5.18
N VAL D 149 -55.85 34.50 -4.06
CA VAL D 149 -56.20 33.55 -3.01
C VAL D 149 -57.21 32.52 -3.52
N GLU D 150 -58.26 32.99 -4.22
CA GLU D 150 -59.29 32.10 -4.76
C GLU D 150 -58.73 31.12 -5.77
N HIS D 151 -57.68 31.52 -6.52
CA HIS D 151 -57.08 30.62 -7.52
C HIS D 151 -55.83 29.88 -7.01
N GLY D 152 -55.52 29.97 -5.73
CA GLY D 152 -54.43 29.24 -5.11
C GLY D 152 -53.02 29.62 -5.56
N VAL D 153 -52.75 30.92 -5.83
CA VAL D 153 -51.37 31.31 -6.19
C VAL D 153 -50.42 31.06 -4.99
N ASP D 154 -49.15 30.84 -5.26
CA ASP D 154 -48.17 30.52 -4.21
C ASP D 154 -47.48 31.72 -3.64
N ILE D 155 -47.25 32.72 -4.51
CA ILE D 155 -46.43 33.88 -4.18
C ILE D 155 -47.06 35.15 -4.72
N VAL D 156 -46.87 36.25 -4.01
CA VAL D 156 -47.25 37.55 -4.49
C VAL D 156 -45.96 38.38 -4.64
N PHE D 157 -45.75 38.98 -5.81
CA PHE D 157 -44.66 39.93 -6.01
C PHE D 157 -45.38 41.28 -5.87
N ALA D 158 -45.29 41.92 -4.69
CA ALA D 158 -45.97 43.18 -4.43
C ALA D 158 -45.24 44.37 -5.02
N SER D 159 -45.85 45.06 -6.00
CA SER D 159 -45.24 46.18 -6.68
C SER D 159 -45.13 47.45 -5.83
N PHE D 160 -44.03 48.19 -6.03
CA PHE D 160 -43.76 49.48 -5.39
C PHE D 160 -43.93 49.49 -3.88
N VAL D 161 -43.30 48.53 -3.20
CA VAL D 161 -43.37 48.50 -1.74
C VAL D 161 -42.45 49.62 -1.23
N ARG D 162 -42.99 50.55 -0.44
CA ARG D 162 -42.23 51.70 0.04
C ARG D 162 -42.00 51.73 1.56
N LYS D 163 -42.74 50.90 2.31
CA LYS D 163 -42.65 50.87 3.77
C LYS D 163 -43.31 49.59 4.30
N ALA D 164 -43.05 49.27 5.57
CA ALA D 164 -43.58 48.07 6.21
C ALA D 164 -45.11 48.01 6.16
N SER D 165 -45.81 49.16 6.30
CA SER D 165 -47.28 49.15 6.27
C SER D 165 -47.84 48.73 4.91
N ASP D 166 -47.07 48.88 3.82
CA ASP D 166 -47.49 48.41 2.49
C ASP D 166 -47.58 46.88 2.52
N VAL D 167 -46.61 46.22 3.16
CA VAL D 167 -46.59 44.76 3.27
C VAL D 167 -47.76 44.28 4.13
N ALA D 168 -48.01 44.99 5.25
CA ALA D 168 -49.13 44.62 6.14
C ALA D 168 -50.47 44.72 5.38
N ALA D 169 -50.63 45.74 4.54
CA ALA D 169 -51.85 45.93 3.75
C ALA D 169 -52.04 44.77 2.76
N VAL D 170 -50.94 44.30 2.12
CA VAL D 170 -51.03 43.18 1.18
C VAL D 170 -51.43 41.92 1.95
N ARG D 171 -50.83 41.71 3.13
CA ARG D 171 -51.11 40.57 3.97
C ARG D 171 -52.60 40.57 4.40
N ALA D 172 -53.13 41.74 4.78
CA ALA D 172 -54.53 41.85 5.19
C ALA D 172 -55.47 41.56 4.02
N ALA D 173 -55.13 42.05 2.81
CA ALA D 173 -55.94 41.80 1.62
C ALA D 173 -55.95 40.34 1.19
N LEU D 174 -54.94 39.55 1.59
CA LEU D 174 -54.92 38.12 1.29
C LEU D 174 -55.90 37.34 2.22
N GLY D 175 -56.26 37.93 3.37
CA GLY D 175 -57.21 37.35 4.30
C GLY D 175 -56.74 36.12 5.05
N PRO D 176 -57.65 35.53 5.83
CA PRO D 176 -57.27 34.31 6.58
C PRO D 176 -56.97 33.11 5.69
N GLU D 177 -57.60 33.02 4.52
CA GLU D 177 -57.34 31.90 3.61
C GLU D 177 -56.00 32.01 2.86
N GLY D 178 -55.35 33.17 2.89
CA GLY D 178 -54.08 33.36 2.18
C GLY D 178 -52.87 33.50 3.08
N HIS D 179 -52.95 32.97 4.32
CA HIS D 179 -51.86 33.05 5.29
CA HIS D 179 -51.85 33.07 5.28
C HIS D 179 -50.56 32.37 4.83
N GLY D 180 -50.69 31.32 4.02
CA GLY D 180 -49.55 30.55 3.54
C GLY D 180 -48.85 31.11 2.29
N ILE D 181 -49.45 32.12 1.65
CA ILE D 181 -48.88 32.73 0.46
C ILE D 181 -47.64 33.59 0.83
N LYS D 182 -46.55 33.43 0.08
CA LYS D 182 -45.33 34.21 0.34
C LYS D 182 -45.43 35.60 -0.27
N ILE D 183 -45.05 36.62 0.47
CA ILE D 183 -45.04 37.98 -0.04
C ILE D 183 -43.60 38.42 -0.32
N ILE D 184 -43.29 38.67 -1.59
CA ILE D 184 -41.99 39.15 -2.04
C ILE D 184 -42.18 40.62 -2.37
N SER D 185 -41.55 41.50 -1.59
CA SER D 185 -41.68 42.93 -1.82
C SER D 185 -40.80 43.41 -2.95
N LYS D 186 -41.40 44.10 -3.93
CA LYS D 186 -40.62 44.65 -5.04
C LYS D 186 -40.13 46.04 -4.63
N ILE D 187 -38.82 46.25 -4.69
CA ILE D 187 -38.20 47.54 -4.38
C ILE D 187 -37.99 48.23 -5.70
N GLU D 188 -38.70 49.33 -5.92
CA GLU D 188 -38.70 49.99 -7.22
C GLU D 188 -38.43 51.48 -7.22
N ASN D 189 -38.19 52.08 -6.04
CA ASN D 189 -37.95 53.51 -5.97
C ASN D 189 -37.02 53.88 -4.82
N HIS D 190 -36.66 55.17 -4.72
CA HIS D 190 -35.75 55.63 -3.68
C HIS D 190 -36.25 55.32 -2.27
N GLU D 191 -37.54 55.57 -1.98
CA GLU D 191 -38.09 55.30 -0.64
C GLU D 191 -37.98 53.83 -0.26
N GLY D 192 -38.27 52.93 -1.19
CA GLY D 192 -38.14 51.49 -0.93
C GLY D 192 -36.71 51.11 -0.57
N VAL D 193 -35.71 51.70 -1.27
CA VAL D 193 -34.31 51.41 -0.98
C VAL D 193 -33.95 51.97 0.43
N LYS D 194 -34.37 53.20 0.72
CA LYS D 194 -34.08 53.82 2.02
C LYS D 194 -34.75 53.13 3.22
N ARG D 195 -35.95 52.63 3.02
CA ARG D 195 -36.67 51.89 4.07
C ARG D 195 -36.53 50.37 3.91
N PHE D 196 -35.49 49.93 3.20
CA PHE D 196 -35.26 48.52 2.94
C PHE D 196 -35.30 47.64 4.18
N ASP D 197 -34.57 48.00 5.25
CA ASP D 197 -34.52 47.13 6.44
C ASP D 197 -35.91 46.87 7.04
N GLU D 198 -36.74 47.90 7.15
CA GLU D 198 -38.07 47.72 7.72
C GLU D 198 -38.96 46.85 6.80
N ILE D 199 -38.78 46.97 5.48
CA ILE D 199 -39.54 46.20 4.50
C ILE D 199 -39.11 44.72 4.56
N LEU D 200 -37.79 44.47 4.56
CA LEU D 200 -37.28 43.10 4.61
C LEU D 200 -37.76 42.36 5.86
N GLU D 201 -37.75 43.05 7.00
CA GLU D 201 -38.17 42.48 8.28
C GLU D 201 -39.56 41.84 8.23
N VAL D 202 -40.52 42.49 7.55
CA VAL D 202 -41.90 41.97 7.48
C VAL D 202 -42.22 41.19 6.18
N SER D 203 -41.28 41.10 5.23
CA SER D 203 -41.53 40.40 3.97
C SER D 203 -40.93 39.01 3.99
N ASP D 204 -41.43 38.13 3.12
CA ASP D 204 -40.81 36.81 2.97
C ASP D 204 -39.51 36.90 2.12
N GLY D 205 -39.41 37.91 1.28
CA GLY D 205 -38.27 38.11 0.41
C GLY D 205 -38.38 39.41 -0.36
N ILE D 206 -37.44 39.60 -1.28
CA ILE D 206 -37.38 40.87 -2.02
C ILE D 206 -37.17 40.63 -3.50
N MET D 207 -37.68 41.55 -4.32
CA MET D 207 -37.36 41.56 -5.73
C MET D 207 -36.70 42.90 -6.04
N VAL D 208 -35.53 42.86 -6.70
CA VAL D 208 -34.84 44.05 -7.16
C VAL D 208 -35.47 44.34 -8.53
N ALA D 209 -36.46 45.22 -8.55
CA ALA D 209 -37.24 45.51 -9.76
C ALA D 209 -36.51 46.60 -10.52
N ARG D 210 -35.51 46.21 -11.31
CA ARG D 210 -34.59 47.16 -11.94
C ARG D 210 -35.19 48.07 -12.98
N GLY D 211 -36.31 47.66 -13.58
CA GLY D 211 -36.98 48.48 -14.60
C GLY D 211 -37.40 49.83 -14.03
N ASP D 212 -38.30 49.80 -13.05
CA ASP D 212 -38.72 51.02 -12.39
C ASP D 212 -37.59 51.65 -11.59
N LEU D 213 -36.76 50.83 -10.91
CA LEU D 213 -35.65 51.37 -10.11
C LEU D 213 -34.71 52.25 -10.97
N GLY D 214 -34.46 51.81 -12.20
CA GLY D 214 -33.60 52.50 -13.16
C GLY D 214 -34.17 53.80 -13.73
N ILE D 215 -35.47 54.06 -13.50
CA ILE D 215 -36.18 55.30 -13.87
C ILE D 215 -36.35 56.18 -12.62
N GLU D 216 -36.55 55.58 -11.44
CA GLU D 216 -36.76 56.28 -10.19
C GLU D 216 -35.47 56.83 -9.58
N ILE D 217 -34.36 56.10 -9.75
CA ILE D 217 -33.04 56.58 -9.29
C ILE D 217 -32.10 56.64 -10.53
N PRO D 218 -30.95 57.35 -10.47
CA PRO D 218 -30.05 57.38 -11.64
C PRO D 218 -29.65 55.97 -12.07
N ALA D 219 -29.71 55.70 -13.37
CA ALA D 219 -29.44 54.39 -13.96
C ALA D 219 -28.09 53.83 -13.51
N GLU D 220 -27.09 54.72 -13.38
CA GLU D 220 -25.73 54.32 -12.97
C GLU D 220 -25.63 53.91 -11.50
N LYS D 221 -26.69 54.08 -10.68
CA LYS D 221 -26.68 53.67 -9.28
C LYS D 221 -27.43 52.33 -9.04
N VAL D 222 -28.15 51.80 -10.04
CA VAL D 222 -28.94 50.59 -9.84
C VAL D 222 -28.10 49.40 -9.35
N PHE D 223 -26.88 49.23 -9.90
CA PHE D 223 -26.03 48.11 -9.47
C PHE D 223 -25.71 48.17 -7.96
N LEU D 224 -25.61 49.40 -7.38
CA LEU D 224 -25.32 49.55 -5.95
C LEU D 224 -26.53 49.07 -5.15
N ALA D 225 -27.75 49.47 -5.56
CA ALA D 225 -28.96 49.05 -4.86
C ALA D 225 -29.12 47.53 -4.99
N GLN D 226 -28.85 46.97 -6.18
CA GLN D 226 -28.95 45.52 -6.40
C GLN D 226 -27.97 44.77 -5.47
N LYS D 227 -26.69 45.15 -5.48
CA LYS D 227 -25.68 44.48 -4.65
C LYS D 227 -25.99 44.59 -3.18
N MET D 228 -26.43 45.78 -2.73
CA MET D 228 -26.76 46.00 -1.32
C MET D 228 -27.93 45.12 -0.90
N MET D 229 -29.01 45.11 -1.70
CA MET D 229 -30.20 44.33 -1.36
C MET D 229 -29.93 42.85 -1.36
N ILE D 230 -29.14 42.37 -2.33
CA ILE D 230 -28.79 40.94 -2.36
C ILE D 230 -27.95 40.58 -1.13
N GLY D 231 -26.95 41.42 -0.79
CA GLY D 231 -26.14 41.17 0.40
C GLY D 231 -26.96 41.13 1.67
N ARG D 232 -27.89 42.10 1.84
CA ARG D 232 -28.75 42.12 3.03
C ARG D 232 -29.72 40.95 3.10
N CYS D 233 -30.26 40.51 1.96
CA CYS D 233 -31.14 39.35 1.94
C CYS D 233 -30.36 38.09 2.25
N ASN D 234 -29.15 37.97 1.74
CA ASN D 234 -28.28 36.82 2.03
C ASN D 234 -27.99 36.77 3.55
N LEU D 235 -27.72 37.92 4.14
CA LEU D 235 -27.44 37.99 5.59
C LEU D 235 -28.69 37.59 6.40
N ALA D 236 -29.87 38.05 5.96
CA ALA D 236 -31.14 37.72 6.62
C ALA D 236 -31.64 36.29 6.35
N GLY D 237 -31.05 35.62 5.38
CA GLY D 237 -31.52 34.28 4.98
C GLY D 237 -32.90 34.30 4.32
N LYS D 238 -33.20 35.38 3.58
CA LYS D 238 -34.48 35.50 2.88
C LYS D 238 -34.24 35.59 1.37
N PRO D 239 -35.13 34.99 0.58
CA PRO D 239 -34.93 35.00 -0.89
C PRO D 239 -34.90 36.37 -1.53
N VAL D 240 -34.06 36.52 -2.56
CA VAL D 240 -33.95 37.77 -3.30
C VAL D 240 -33.94 37.43 -4.77
N VAL D 241 -34.72 38.18 -5.54
CA VAL D 241 -34.88 37.96 -6.98
C VAL D 241 -34.23 39.13 -7.74
N CYS D 242 -33.46 38.83 -8.79
CA CYS D 242 -32.92 39.90 -9.65
C CYS D 242 -33.82 39.92 -10.90
N ALA D 243 -34.35 41.10 -11.27
CA ALA D 243 -35.31 41.16 -12.36
C ALA D 243 -35.05 42.28 -13.36
N THR D 244 -35.54 42.07 -14.60
CA THR D 244 -35.78 43.02 -15.67
C THR D 244 -34.57 43.31 -16.55
N GLN D 245 -34.79 43.08 -17.86
CA GLN D 245 -33.84 43.29 -18.96
C GLN D 245 -32.59 42.45 -18.89
N MET D 246 -32.63 41.29 -18.17
CA MET D 246 -31.45 40.46 -18.06
C MET D 246 -30.99 39.90 -19.40
N LEU D 247 -31.94 39.47 -20.27
CA LEU D 247 -31.59 38.95 -21.60
C LEU D 247 -32.50 39.68 -22.63
N GLU D 248 -32.69 40.98 -22.46
CA GLU D 248 -33.62 41.80 -23.25
C GLU D 248 -33.52 41.62 -24.77
N SER D 249 -32.30 41.55 -25.31
CA SER D 249 -32.14 41.41 -26.76
C SER D 249 -32.71 40.10 -27.29
N MET D 250 -32.88 39.05 -26.41
CA MET D 250 -33.47 37.78 -26.85
C MET D 250 -35.01 37.83 -27.07
N ILE D 251 -35.63 38.99 -26.86
CA ILE D 251 -37.03 39.19 -27.23
C ILE D 251 -37.12 39.04 -28.81
N THR D 252 -36.10 39.54 -29.53
CA THR D 252 -36.09 39.52 -30.99
C THR D 252 -34.91 38.75 -31.60
N LYS D 253 -33.81 38.57 -30.85
CA LYS D 253 -32.63 37.87 -31.38
C LYS D 253 -32.38 36.52 -30.74
N PRO D 254 -31.82 35.56 -31.49
CA PRO D 254 -31.67 34.21 -30.95
C PRO D 254 -30.55 34.05 -29.91
N ARG D 255 -29.61 35.02 -29.87
CA ARG D 255 -28.48 34.95 -28.92
C ARG D 255 -28.41 36.30 -28.19
N PRO D 256 -28.03 36.29 -26.91
CA PRO D 256 -27.98 37.55 -26.16
C PRO D 256 -26.68 38.33 -26.39
N THR D 257 -26.63 39.60 -25.92
CA THR D 257 -25.41 40.38 -26.04
C THR D 257 -24.38 39.93 -24.97
N ARG D 258 -23.12 40.39 -25.08
CA ARG D 258 -22.11 40.08 -24.08
C ARG D 258 -22.46 40.70 -22.74
N ALA D 259 -23.13 41.88 -22.74
CA ALA D 259 -23.51 42.50 -21.46
C ALA D 259 -24.60 41.71 -20.75
N GLU D 260 -25.52 41.11 -21.53
CA GLU D 260 -26.62 40.33 -20.96
C GLU D 260 -26.15 39.05 -20.32
N THR D 261 -25.22 38.31 -20.97
CA THR D 261 -24.71 37.07 -20.32
C THR D 261 -23.93 37.45 -19.04
N SER D 262 -23.16 38.55 -19.09
CA SER D 262 -22.43 39.05 -17.94
C SER D 262 -23.42 39.41 -16.81
N ASP D 263 -24.51 40.11 -17.12
CA ASP D 263 -25.51 40.53 -16.13
C ASP D 263 -26.11 39.31 -15.39
N VAL D 264 -26.49 38.27 -16.12
CA VAL D 264 -27.04 37.04 -15.52
C VAL D 264 -25.96 36.39 -14.61
N ALA D 265 -24.73 36.23 -15.12
CA ALA D 265 -23.66 35.60 -14.32
C ALA D 265 -23.37 36.40 -13.05
N ASN D 266 -23.31 37.74 -13.17
CA ASN D 266 -23.02 38.58 -12.00
C ASN D 266 -24.17 38.61 -11.00
N ALA D 267 -25.43 38.45 -11.44
CA ALA D 267 -26.54 38.39 -10.48
C ALA D 267 -26.39 37.13 -9.61
N VAL D 268 -26.02 35.99 -10.24
CA VAL D 268 -25.78 34.75 -9.49
C VAL D 268 -24.58 34.89 -8.55
N LEU D 269 -23.45 35.44 -9.06
CA LEU D 269 -22.26 35.68 -8.23
C LEU D 269 -22.55 36.65 -7.10
N ASP D 270 -23.43 37.62 -7.30
CA ASP D 270 -23.83 38.59 -6.27
C ASP D 270 -24.52 37.86 -5.08
N GLY D 271 -25.23 36.78 -5.38
CA GLY D 271 -25.96 35.97 -4.40
C GLY D 271 -27.47 35.89 -4.62
N ALA D 272 -27.98 36.28 -5.83
CA ALA D 272 -29.44 36.21 -6.06
C ALA D 272 -29.95 34.78 -5.94
N ASP D 273 -31.08 34.60 -5.26
CA ASP D 273 -31.71 33.28 -5.17
C ASP D 273 -32.42 32.93 -6.50
N CYS D 274 -33.03 33.93 -7.15
CA CYS D 274 -33.77 33.73 -8.41
C CYS D 274 -33.35 34.79 -9.42
N ILE D 275 -33.48 34.43 -10.68
CA ILE D 275 -33.30 35.37 -11.79
C ILE D 275 -34.60 35.32 -12.60
N MET D 276 -34.94 36.44 -13.28
CA MET D 276 -36.22 36.55 -13.93
C MET D 276 -36.14 36.93 -15.41
N LEU D 277 -37.16 36.53 -16.14
CA LEU D 277 -37.39 36.85 -17.55
C LEU D 277 -38.78 37.50 -17.62
N SER D 278 -38.87 38.62 -18.33
CA SER D 278 -40.13 39.34 -18.48
C SER D 278 -40.54 39.28 -19.97
N GLY D 279 -40.26 40.31 -20.77
CA GLY D 279 -40.57 40.26 -22.20
C GLY D 279 -39.99 39.05 -22.93
N GLU D 280 -38.78 38.59 -22.49
CA GLU D 280 -38.07 37.44 -23.09
C GLU D 280 -38.95 36.20 -23.15
N THR D 281 -39.79 35.96 -22.12
CA THR D 281 -40.70 34.81 -22.14
C THR D 281 -42.16 35.19 -22.39
N ALA D 282 -42.58 36.44 -22.07
CA ALA D 282 -43.98 36.79 -22.21
C ALA D 282 -44.38 37.18 -23.62
N LYS D 283 -43.51 37.88 -24.35
CA LYS D 283 -43.89 38.35 -25.67
C LYS D 283 -42.89 38.09 -26.78
N GLY D 284 -41.71 37.62 -26.44
CA GLY D 284 -40.64 37.44 -27.42
C GLY D 284 -40.74 36.22 -28.31
N ASN D 285 -39.85 36.15 -29.28
CA ASN D 285 -39.82 35.03 -30.21
C ASN D 285 -38.96 33.85 -29.74
N PHE D 286 -38.30 33.97 -28.57
CA PHE D 286 -37.42 32.89 -28.10
C PHE D 286 -37.66 32.56 -26.60
N PRO D 287 -38.92 32.33 -26.17
CA PRO D 287 -39.14 32.07 -24.73
C PRO D 287 -38.39 30.86 -24.22
N VAL D 288 -38.37 29.75 -24.99
CA VAL D 288 -37.69 28.54 -24.51
C VAL D 288 -36.18 28.75 -24.47
N GLU D 289 -35.62 29.37 -25.52
CA GLU D 289 -34.19 29.60 -25.58
C GLU D 289 -33.73 30.56 -24.49
N ALA D 290 -34.59 31.52 -24.11
CA ALA D 290 -34.21 32.48 -23.07
C ALA D 290 -34.09 31.72 -21.72
N VAL D 291 -35.02 30.79 -21.46
CA VAL D 291 -34.96 29.96 -20.26
C VAL D 291 -33.68 29.08 -20.32
N LYS D 292 -33.41 28.45 -21.47
CA LYS D 292 -32.20 27.62 -21.61
C LYS D 292 -30.92 28.43 -21.40
N MET D 293 -30.88 29.70 -21.85
CA MET D 293 -29.72 30.57 -21.71
C MET D 293 -29.50 30.92 -20.24
N GLN D 294 -30.57 31.29 -19.50
CA GLN D 294 -30.43 31.55 -18.07
C GLN D 294 -29.96 30.32 -17.34
N HIS D 295 -30.49 29.13 -17.70
CA HIS D 295 -30.08 27.87 -17.10
C HIS D 295 -28.56 27.65 -17.29
N ALA D 296 -28.08 27.77 -18.53
CA ALA D 296 -26.68 27.55 -18.85
C ALA D 296 -25.73 28.50 -18.14
N ILE D 297 -26.06 29.81 -18.11
CA ILE D 297 -25.23 30.79 -17.44
C ILE D 297 -25.21 30.54 -15.94
N ALA D 298 -26.40 30.35 -15.34
CA ALA D 298 -26.50 30.14 -13.89
C ALA D 298 -25.65 28.95 -13.44
N ARG D 299 -25.66 27.85 -14.18
CA ARG D 299 -24.84 26.67 -13.82
C ARG D 299 -23.34 27.01 -13.82
N GLU D 300 -22.87 27.76 -14.83
CA GLU D 300 -21.46 28.14 -14.88
C GLU D 300 -21.12 29.06 -13.72
N ALA D 301 -22.00 30.02 -13.43
CA ALA D 301 -21.75 31.02 -12.40
C ALA D 301 -21.76 30.42 -11.00
N GLU D 302 -22.64 29.46 -10.75
CA GLU D 302 -22.71 28.82 -9.44
C GLU D 302 -21.44 28.06 -9.10
N ALA D 303 -20.82 27.41 -10.09
CA ALA D 303 -19.55 26.71 -9.86
C ALA D 303 -18.40 27.69 -9.56
N ALA D 304 -18.50 28.94 -10.08
CA ALA D 304 -17.51 29.98 -9.90
C ALA D 304 -17.64 30.77 -8.59
N VAL D 305 -18.63 30.46 -7.76
CA VAL D 305 -18.81 31.10 -6.45
C VAL D 305 -17.64 30.68 -5.55
N TYR D 306 -17.05 31.63 -4.82
CA TYR D 306 -15.91 31.32 -3.93
C TYR D 306 -16.49 30.93 -2.56
N HIS D 307 -16.95 29.66 -2.44
CA HIS D 307 -17.59 29.17 -1.20
C HIS D 307 -16.73 29.33 0.03
N ARG D 308 -15.38 29.24 -0.11
CA ARG D 308 -14.49 29.36 1.07
C ARG D 308 -14.76 30.68 1.81
N GLN D 309 -14.81 31.79 1.07
CA GLN D 309 -15.07 33.09 1.68
CA GLN D 309 -15.08 33.08 1.68
C GLN D 309 -16.55 33.23 2.05
N LEU D 310 -17.45 32.87 1.13
CA LEU D 310 -18.89 33.01 1.35
C LEU D 310 -19.37 32.28 2.60
N PHE D 311 -19.00 31.00 2.77
CA PHE D 311 -19.44 30.23 3.94
C PHE D 311 -18.89 30.83 5.21
N GLU D 312 -17.59 31.23 5.21
CA GLU D 312 -16.94 31.85 6.37
C GLU D 312 -17.68 33.13 6.77
N GLU D 313 -18.00 33.98 5.78
CA GLU D 313 -18.69 35.24 6.08
C GLU D 313 -20.12 35.05 6.51
N LEU D 314 -20.87 34.09 5.91
CA LEU D 314 -22.25 33.83 6.30
C LEU D 314 -22.30 33.33 7.74
N ARG D 315 -21.37 32.42 8.09
CA ARG D 315 -21.30 31.88 9.46
C ARG D 315 -21.00 32.98 10.46
N ARG D 316 -19.96 33.79 10.18
CA ARG D 316 -19.52 34.86 11.06
C ARG D 316 -20.61 35.88 11.31
N ALA D 317 -21.37 36.25 10.27
CA ALA D 317 -22.41 37.25 10.39
C ALA D 317 -23.72 36.74 10.97
N ALA D 318 -24.02 35.45 10.81
CA ALA D 318 -25.27 34.89 11.31
C ALA D 318 -25.22 34.85 12.82
N PRO D 319 -26.27 35.38 13.48
CA PRO D 319 -26.25 35.39 14.94
C PRO D 319 -26.36 34.01 15.56
N LEU D 320 -25.98 33.88 16.83
CA LEU D 320 -26.16 32.64 17.59
C LEU D 320 -27.65 32.31 17.64
N SER D 321 -27.99 31.03 17.71
CA SER D 321 -29.39 30.64 17.72
C SER D 321 -29.66 29.52 18.66
N ARG D 322 -30.83 29.57 19.31
CA ARG D 322 -31.30 28.48 20.13
C ARG D 322 -32.43 27.68 19.43
N ASP D 323 -32.66 27.90 18.14
CA ASP D 323 -33.69 27.20 17.39
C ASP D 323 -33.05 25.92 16.87
N PRO D 324 -33.56 24.74 17.25
CA PRO D 324 -32.91 23.49 16.79
C PRO D 324 -32.85 23.31 15.28
N THR D 325 -33.82 23.84 14.51
CA THR D 325 -33.77 23.73 13.05
C THR D 325 -32.54 24.49 12.52
N GLU D 326 -32.32 25.70 13.03
CA GLU D 326 -31.20 26.55 12.60
C GLU D 326 -29.86 25.88 12.99
N VAL D 327 -29.79 25.34 14.21
CA VAL D 327 -28.58 24.68 14.70
C VAL D 327 -28.26 23.43 13.88
N THR D 328 -29.28 22.63 13.56
CA THR D 328 -29.08 21.43 12.74
C THR D 328 -28.64 21.84 11.33
N ALA D 329 -29.24 22.91 10.79
CA ALA D 329 -28.91 23.36 9.42
C ALA D 329 -27.44 23.70 9.28
N ILE D 330 -26.86 24.48 10.22
CA ILE D 330 -25.45 24.85 10.10
C ILE D 330 -24.54 23.64 10.28
N GLY D 331 -24.91 22.72 11.17
CA GLY D 331 -24.15 21.47 11.35
C GLY D 331 -24.18 20.63 10.09
N ALA D 332 -25.35 20.53 9.43
CA ALA D 332 -25.52 19.75 8.21
C ALA D 332 -24.71 20.36 7.06
N VAL D 333 -24.69 21.68 6.94
CA VAL D 333 -23.95 22.33 5.84
C VAL D 333 -22.44 22.16 6.08
N GLU D 334 -22.00 22.29 7.32
CA GLU D 334 -20.58 22.09 7.67
CA GLU D 334 -20.59 22.09 7.67
C GLU D 334 -20.18 20.65 7.35
N ALA D 335 -21.03 19.66 7.73
CA ALA D 335 -20.77 18.25 7.43
C ALA D 335 -20.72 18.01 5.92
N ALA D 336 -21.65 18.62 5.15
CA ALA D 336 -21.68 18.45 3.69
C ALA D 336 -20.37 18.94 3.05
N PHE D 337 -19.86 20.08 3.49
CA PHE D 337 -18.60 20.61 2.97
C PHE D 337 -17.41 19.69 3.33
N LYS D 338 -17.43 19.11 4.54
CA LYS D 338 -16.33 18.24 5.00
C LYS D 338 -16.14 17.01 4.12
N CYS D 339 -17.25 16.43 3.64
CA CYS D 339 -17.17 15.20 2.85
C CYS D 339 -17.46 15.40 1.38
N CYS D 340 -17.64 16.65 0.90
CA CYS D 340 -18.02 16.89 -0.51
C CYS D 340 -19.31 16.15 -0.82
N ALA D 341 -20.29 16.23 0.11
CA ALA D 341 -21.56 15.53 -0.07
C ALA D 341 -22.24 15.91 -1.38
N ALA D 342 -22.80 14.94 -2.10
CA ALA D 342 -23.50 15.23 -3.36
C ALA D 342 -24.83 15.97 -3.08
N ALA D 343 -25.46 15.72 -1.91
CA ALA D 343 -26.73 16.36 -1.59
C ALA D 343 -26.99 16.34 -0.08
N ILE D 344 -27.90 17.21 0.36
CA ILE D 344 -28.46 17.24 1.69
C ILE D 344 -29.96 16.92 1.43
N ILE D 345 -30.46 15.77 1.90
CA ILE D 345 -31.85 15.42 1.71
C ILE D 345 -32.58 15.86 2.97
N VAL D 346 -33.56 16.75 2.85
CA VAL D 346 -34.29 17.24 3.99
C VAL D 346 -35.79 17.00 3.86
N LEU D 347 -36.43 16.55 4.96
CA LEU D 347 -37.89 16.41 4.96
C LEU D 347 -38.45 17.73 5.48
N THR D 348 -39.46 18.27 4.81
CA THR D 348 -40.03 19.55 5.23
C THR D 348 -41.52 19.65 4.97
N THR D 349 -42.29 20.26 5.89
CA THR D 349 -43.72 20.41 5.71
C THR D 349 -44.03 21.78 5.09
N THR D 350 -43.38 22.84 5.60
CA THR D 350 -43.60 24.22 5.14
C THR D 350 -42.48 24.76 4.24
N GLY D 351 -41.37 24.04 4.12
CA GLY D 351 -40.18 24.50 3.41
C GLY D 351 -39.13 25.15 4.31
N ARG D 352 -39.50 25.50 5.55
CA ARG D 352 -38.59 26.19 6.45
C ARG D 352 -37.22 25.48 6.69
N SER D 353 -37.23 24.14 6.91
CA SER D 353 -35.96 23.43 7.16
C SER D 353 -35.04 23.54 5.91
N ALA D 354 -35.64 23.53 4.69
CA ALA D 354 -34.84 23.66 3.48
C ALA D 354 -34.31 25.09 3.33
N GLN D 355 -35.13 26.10 3.67
CA GLN D 355 -34.71 27.49 3.62
C GLN D 355 -33.49 27.74 4.55
N LEU D 356 -33.52 27.15 5.75
CA LEU D 356 -32.41 27.34 6.70
C LEU D 356 -31.12 26.65 6.26
N LEU D 357 -31.21 25.59 5.46
CA LEU D 357 -30.04 24.96 4.89
C LEU D 357 -29.51 25.88 3.75
N SER D 358 -30.44 26.34 2.88
CA SER D 358 -30.11 27.20 1.74
C SER D 358 -29.36 28.49 2.15
N ARG D 359 -29.73 29.08 3.31
CA ARG D 359 -29.12 30.33 3.74
C ARG D 359 -27.59 30.26 3.95
N TYR D 360 -27.06 29.04 4.18
CA TYR D 360 -25.62 28.84 4.34
C TYR D 360 -24.90 28.54 3.03
N ARG D 361 -25.64 28.55 1.89
CA ARG D 361 -25.12 28.32 0.57
C ARG D 361 -24.21 27.09 0.45
N PRO D 362 -24.74 25.90 0.78
CA PRO D 362 -23.94 24.69 0.55
C PRO D 362 -23.69 24.48 -0.95
N ARG D 363 -22.56 23.86 -1.28
CA ARG D 363 -22.34 23.44 -2.66
C ARG D 363 -23.24 22.21 -2.94
N ALA D 364 -23.50 21.36 -1.91
CA ALA D 364 -24.36 20.20 -2.05
C ALA D 364 -25.81 20.66 -2.35
N ALA D 365 -26.47 19.99 -3.28
CA ALA D 365 -27.88 20.27 -3.61
C ALA D 365 -28.75 19.99 -2.37
N VAL D 366 -29.72 20.84 -2.08
CA VAL D 366 -30.66 20.56 -0.97
C VAL D 366 -31.91 19.94 -1.60
N ILE D 367 -32.08 18.63 -1.48
CA ILE D 367 -33.23 17.92 -2.02
C ILE D 367 -34.32 17.92 -0.95
N ALA D 368 -35.37 18.68 -1.17
CA ALA D 368 -36.44 18.85 -0.17
C ALA D 368 -37.64 17.97 -0.47
N VAL D 369 -37.91 17.00 0.38
CA VAL D 369 -39.02 16.08 0.18
C VAL D 369 -40.20 16.54 1.02
N THR D 370 -41.34 16.80 0.37
CA THR D 370 -42.51 17.28 1.09
C THR D 370 -43.80 16.66 0.51
N ARG D 371 -44.84 16.57 1.34
CA ARG D 371 -46.17 16.20 0.88
C ARG D 371 -46.99 17.46 0.51
N SER D 372 -46.56 18.66 0.94
CA SER D 372 -47.28 19.89 0.66
C SER D 372 -46.96 20.35 -0.76
N ALA D 373 -47.97 20.31 -1.64
CA ALA D 373 -47.76 20.76 -3.02
C ALA D 373 -47.38 22.25 -3.03
N GLN D 374 -48.00 23.04 -2.15
CA GLN D 374 -47.69 24.46 -2.05
C GLN D 374 -46.25 24.71 -1.55
N ALA D 375 -45.80 24.00 -0.51
CA ALA D 375 -44.42 24.17 -0.06
C ALA D 375 -43.43 23.76 -1.13
N ALA D 376 -43.74 22.70 -1.88
CA ALA D 376 -42.87 22.24 -2.96
C ALA D 376 -42.70 23.34 -4.02
N ARG D 377 -43.78 24.08 -4.30
CA ARG D 377 -43.71 25.17 -5.26
C ARG D 377 -42.94 26.38 -4.68
N GLN D 378 -43.26 26.76 -3.45
CA GLN D 378 -42.64 27.92 -2.82
C GLN D 378 -41.13 27.82 -2.55
N VAL D 379 -40.61 26.60 -2.27
CA VAL D 379 -39.17 26.49 -1.96
C VAL D 379 -38.27 26.81 -3.16
N HIS D 380 -38.85 26.93 -4.38
CA HIS D 380 -38.06 27.39 -5.53
C HIS D 380 -37.50 28.81 -5.28
N LEU D 381 -38.08 29.57 -4.34
CA LEU D 381 -37.56 30.89 -4.02
C LEU D 381 -36.15 30.83 -3.38
N CYS D 382 -35.77 29.69 -2.78
CA CYS D 382 -34.51 29.50 -2.06
C CYS D 382 -33.46 28.83 -2.91
N ARG D 383 -32.30 29.49 -3.10
CA ARG D 383 -31.23 28.92 -3.92
C ARG D 383 -30.80 27.54 -3.50
N GLY D 384 -30.67 26.66 -4.48
CA GLY D 384 -30.15 25.33 -4.24
C GLY D 384 -31.11 24.34 -3.63
N VAL D 385 -32.39 24.69 -3.58
CA VAL D 385 -33.42 23.77 -3.05
C VAL D 385 -34.14 23.15 -4.25
N PHE D 386 -34.14 21.82 -4.32
CA PHE D 386 -34.77 21.03 -5.37
C PHE D 386 -35.96 20.30 -4.74
N PRO D 387 -37.18 20.82 -4.95
CA PRO D 387 -38.34 20.20 -4.31
C PRO D 387 -38.82 18.93 -4.98
N LEU D 388 -39.19 17.95 -4.15
CA LEU D 388 -39.74 16.70 -4.61
C LEU D 388 -41.08 16.51 -3.91
N LEU D 389 -42.15 16.34 -4.68
CA LEU D 389 -43.46 16.15 -4.11
C LEU D 389 -43.71 14.68 -3.88
N TYR D 390 -43.90 14.32 -2.64
CA TYR D 390 -44.17 12.93 -2.26
C TYR D 390 -45.70 12.74 -2.22
N ARG D 391 -46.20 11.73 -2.92
CA ARG D 391 -47.66 11.52 -3.04
C ARG D 391 -48.23 10.35 -2.28
N GLU D 392 -47.37 9.45 -1.76
CA GLU D 392 -47.87 8.27 -1.05
C GLU D 392 -48.53 8.61 0.28
N PRO D 393 -49.62 7.91 0.64
CA PRO D 393 -50.25 8.16 1.94
C PRO D 393 -49.32 7.69 3.08
N PRO D 394 -49.47 8.27 4.28
CA PRO D 394 -48.56 7.92 5.37
C PRO D 394 -48.53 6.46 5.77
N GLU D 395 -47.32 5.94 6.03
CA GLU D 395 -47.13 4.59 6.56
C GLU D 395 -47.62 4.60 8.01
N ALA D 396 -48.08 3.44 8.50
CA ALA D 396 -48.56 3.32 9.86
C ALA D 396 -47.45 3.61 10.88
N ILE D 397 -46.21 3.19 10.59
CA ILE D 397 -45.09 3.43 11.51
C ILE D 397 -44.36 4.69 11.04
N TRP D 398 -44.32 5.73 11.87
CA TRP D 398 -43.76 7.03 11.49
C TRP D 398 -42.30 6.94 11.03
N ALA D 399 -41.43 6.13 11.68
CA ALA D 399 -40.05 5.97 11.23
C ALA D 399 -39.95 5.33 9.84
N ASP D 400 -40.88 4.43 9.49
CA ASP D 400 -40.93 3.86 8.16
C ASP D 400 -41.36 4.93 7.16
N ASP D 401 -42.31 5.78 7.52
CA ASP D 401 -42.77 6.84 6.62
C ASP D 401 -41.62 7.81 6.32
N VAL D 402 -40.83 8.11 7.33
CA VAL D 402 -39.65 9.00 7.18
C VAL D 402 -38.65 8.34 6.24
N ASP D 403 -38.36 7.06 6.49
CA ASP D 403 -37.39 6.31 5.66
C ASP D 403 -37.84 6.28 4.20
N ARG D 404 -39.13 6.04 3.98
CA ARG D 404 -39.64 5.91 2.58
C ARG D 404 -39.44 7.24 1.86
N ARG D 405 -39.64 8.35 2.59
CA ARG D 405 -39.43 9.66 1.98
C ARG D 405 -37.98 9.93 1.68
N VAL D 406 -37.06 9.51 2.57
CA VAL D 406 -35.62 9.65 2.33
C VAL D 406 -35.24 8.79 1.11
N GLN D 407 -35.77 7.57 1.00
CA GLN D 407 -35.51 6.70 -0.15
C GLN D 407 -36.08 7.29 -1.45
N PHE D 408 -37.22 7.95 -1.37
CA PHE D 408 -37.80 8.65 -2.52
C PHE D 408 -36.85 9.78 -2.98
N GLY D 409 -36.27 10.53 -2.04
CA GLY D 409 -35.29 11.56 -2.35
C GLY D 409 -34.06 10.97 -3.02
N ILE D 410 -33.58 9.82 -2.53
CA ILE D 410 -32.43 9.14 -3.12
C ILE D 410 -32.74 8.63 -4.54
N GLU D 411 -33.87 7.93 -4.71
CA GLU D 411 -34.24 7.40 -6.03
C GLU D 411 -34.48 8.50 -7.05
N SER D 412 -35.11 9.61 -6.62
CA SER D 412 -35.31 10.75 -7.52
C SER D 412 -33.94 11.35 -7.88
N GLY D 413 -33.06 11.49 -6.88
CA GLY D 413 -31.71 12.03 -7.04
C GLY D 413 -30.90 11.20 -8.03
N LYS D 414 -30.99 9.87 -7.95
CA LYS D 414 -30.27 8.99 -8.87
C LYS D 414 -30.82 9.17 -10.29
N LEU D 415 -32.14 9.16 -10.47
CA LEU D 415 -32.77 9.30 -11.79
C LEU D 415 -32.41 10.63 -12.43
N ARG D 416 -32.41 11.70 -11.64
CA ARG D 416 -32.12 13.03 -12.16
C ARG D 416 -30.62 13.36 -12.31
N GLY D 417 -29.73 12.48 -11.87
CA GLY D 417 -28.29 12.72 -11.99
C GLY D 417 -27.62 13.42 -10.83
N PHE D 418 -28.36 13.69 -9.74
CA PHE D 418 -27.78 14.33 -8.56
C PHE D 418 -26.87 13.36 -7.80
N LEU D 419 -27.24 12.09 -7.76
CA LEU D 419 -26.59 11.10 -6.93
C LEU D 419 -26.22 9.86 -7.69
N ARG D 420 -25.17 9.21 -7.21
CA ARG D 420 -24.69 7.93 -7.73
C ARG D 420 -24.31 7.06 -6.55
N VAL D 421 -24.26 5.74 -6.77
CA VAL D 421 -23.81 4.78 -5.75
C VAL D 421 -22.39 5.14 -5.31
N GLY D 422 -22.16 5.20 -4.00
CA GLY D 422 -20.86 5.59 -3.46
C GLY D 422 -20.83 7.03 -2.97
N ASP D 423 -21.77 7.87 -3.41
CA ASP D 423 -21.82 9.26 -2.94
C ASP D 423 -22.20 9.30 -1.45
N LEU D 424 -21.80 10.37 -0.76
CA LEU D 424 -22.22 10.58 0.61
C LEU D 424 -23.30 11.65 0.56
N VAL D 425 -24.36 11.50 1.37
CA VAL D 425 -25.39 12.52 1.48
C VAL D 425 -25.60 12.80 2.97
N ILE D 426 -26.08 13.99 3.28
CA ILE D 426 -26.44 14.35 4.64
C ILE D 426 -27.98 14.31 4.65
N VAL D 427 -28.59 13.66 5.63
CA VAL D 427 -30.04 13.54 5.71
C VAL D 427 -30.52 14.30 6.95
N VAL D 428 -31.45 15.23 6.76
CA VAL D 428 -31.94 16.10 7.81
C VAL D 428 -33.42 15.79 8.06
N THR D 429 -33.74 15.39 9.28
CA THR D 429 -35.10 15.03 9.65
C THR D 429 -35.37 15.60 11.07
N GLY D 430 -36.55 15.30 11.64
CA GLY D 430 -36.92 15.76 12.98
C GLY D 430 -37.34 14.64 13.91
N TRP D 431 -37.61 14.95 15.17
CA TRP D 431 -37.88 13.89 16.18
C TRP D 431 -39.34 13.49 16.32
N ARG D 432 -40.24 14.27 15.72
CA ARG D 432 -41.66 13.94 15.73
C ARG D 432 -42.36 14.49 14.47
N PRO D 433 -43.57 13.98 14.17
CA PRO D 433 -44.32 14.55 13.02
C PRO D 433 -44.72 16.00 13.26
N GLY D 434 -45.02 16.69 12.18
CA GLY D 434 -45.43 18.09 12.22
C GLY D 434 -44.28 19.03 11.98
N SER D 435 -44.60 20.26 11.51
CA SER D 435 -43.60 21.27 11.22
CA SER D 435 -43.59 21.29 11.24
C SER D 435 -42.94 21.80 12.50
N GLY D 436 -41.67 22.20 12.39
CA GLY D 436 -40.96 22.84 13.50
C GLY D 436 -40.05 22.01 14.37
N TYR D 437 -39.95 20.73 14.11
CA TYR D 437 -39.18 19.82 14.97
C TYR D 437 -37.94 19.21 14.34
N THR D 438 -37.41 19.82 13.26
CA THR D 438 -36.14 19.34 12.70
C THR D 438 -35.02 19.46 13.74
N ASN D 439 -34.29 18.35 13.91
CA ASN D 439 -33.21 18.36 14.90
C ASN D 439 -32.16 17.28 14.68
N ILE D 440 -32.17 16.56 13.55
CA ILE D 440 -31.23 15.46 13.33
C ILE D 440 -30.58 15.58 11.99
N MET D 441 -29.29 15.30 11.96
CA MET D 441 -28.45 15.27 10.77
C MET D 441 -27.76 13.87 10.78
N ARG D 442 -27.78 13.15 9.65
CA ARG D 442 -27.21 11.81 9.54
C ARG D 442 -26.33 11.77 8.28
N VAL D 443 -25.17 11.12 8.35
CA VAL D 443 -24.30 10.95 7.18
C VAL D 443 -24.60 9.58 6.60
N LEU D 444 -25.00 9.53 5.32
CA LEU D 444 -25.41 8.29 4.69
C LEU D 444 -24.64 8.01 3.40
N SER D 445 -24.24 6.76 3.21
CA SER D 445 -23.57 6.36 1.98
C SER D 445 -24.64 5.83 1.02
N ILE D 446 -24.63 6.29 -0.23
CA ILE D 446 -25.60 5.86 -1.21
C ILE D 446 -25.28 4.46 -1.73
N SER D 447 -26.25 3.54 -1.61
CA SER D 447 -26.10 2.17 -2.11
C SER D 447 -27.13 1.90 -3.23
N GLN E 28 -13.33 -24.98 -15.09
CA GLN E 28 -13.68 -26.20 -15.82
C GLN E 28 -14.44 -27.21 -14.95
N GLN E 29 -15.15 -28.13 -15.61
CA GLN E 29 -15.92 -29.22 -15.01
C GLN E 29 -15.00 -30.34 -14.50
N GLN E 30 -15.62 -31.35 -13.84
CA GLN E 30 -15.00 -32.55 -13.30
C GLN E 30 -13.67 -32.31 -12.56
N GLN E 31 -13.60 -31.19 -11.82
CA GLN E 31 -12.41 -30.80 -11.04
C GLN E 31 -11.13 -30.78 -11.91
N LEU E 32 -11.26 -30.46 -13.21
CA LEU E 32 -10.08 -30.41 -14.08
C LEU E 32 -9.03 -29.36 -13.63
N PRO E 33 -9.38 -28.16 -13.10
CA PRO E 33 -8.33 -27.27 -12.56
C PRO E 33 -7.52 -27.95 -11.43
N ALA E 34 -8.19 -28.69 -10.53
CA ALA E 34 -7.49 -29.42 -9.45
C ALA E 34 -6.66 -30.58 -10.01
N ALA E 35 -7.15 -31.21 -11.09
CA ALA E 35 -6.44 -32.33 -11.74
C ALA E 35 -5.10 -31.90 -12.33
N MET E 36 -4.99 -30.66 -12.79
CA MET E 36 -3.75 -30.16 -13.39
C MET E 36 -2.73 -29.63 -12.38
N ALA E 37 -3.03 -29.67 -11.07
CA ALA E 37 -2.10 -29.15 -10.06
C ALA E 37 -0.80 -29.92 -9.99
N ASP E 38 0.29 -29.22 -9.62
CA ASP E 38 1.62 -29.82 -9.54
C ASP E 38 1.91 -30.54 -8.22
N THR E 39 1.13 -30.27 -7.17
CA THR E 39 1.31 -30.97 -5.88
C THR E 39 -0.08 -31.39 -5.36
N PHE E 40 -0.11 -32.36 -4.44
CA PHE E 40 -1.36 -32.81 -3.83
C PHE E 40 -1.97 -31.65 -3.03
N LEU E 41 -1.15 -30.87 -2.32
CA LEU E 41 -1.63 -29.73 -1.56
C LEU E 41 -2.32 -28.71 -2.50
N GLU E 42 -1.68 -28.37 -3.64
CA GLU E 42 -2.28 -27.44 -4.61
CA GLU E 42 -2.31 -27.43 -4.57
C GLU E 42 -3.58 -28.03 -5.17
N HIS E 43 -3.61 -29.35 -5.39
CA HIS E 43 -4.80 -30.06 -5.90
C HIS E 43 -5.96 -29.84 -4.93
N LEU E 44 -5.73 -30.02 -3.61
CA LEU E 44 -6.78 -29.79 -2.61
C LEU E 44 -7.26 -28.35 -2.64
N CYS E 45 -6.33 -27.38 -2.70
CA CYS E 45 -6.65 -25.96 -2.73
C CYS E 45 -7.51 -25.58 -3.92
N LEU E 46 -7.44 -26.35 -5.02
CA LEU E 46 -8.18 -26.03 -6.24
C LEU E 46 -9.53 -26.75 -6.38
N LEU E 47 -9.89 -27.64 -5.43
CA LEU E 47 -11.18 -28.32 -5.46
C LEU E 47 -12.30 -27.28 -5.39
N ASP E 48 -13.30 -27.43 -6.28
CA ASP E 48 -14.34 -26.41 -6.44
C ASP E 48 -15.72 -27.02 -6.34
N ILE E 49 -16.54 -26.52 -5.41
CA ILE E 49 -17.92 -27.01 -5.26
C ILE E 49 -18.79 -26.70 -6.48
N ASP E 50 -18.42 -25.71 -7.29
CA ASP E 50 -19.17 -25.37 -8.50
C ASP E 50 -18.70 -26.16 -9.73
N SER E 51 -17.67 -27.02 -9.60
CA SER E 51 -17.18 -27.79 -10.73
C SER E 51 -17.97 -29.10 -10.76
N GLU E 52 -18.91 -29.20 -11.70
CA GLU E 52 -19.83 -30.34 -11.75
C GLU E 52 -19.22 -31.60 -12.33
N PRO E 53 -19.54 -32.76 -11.73
CA PRO E 53 -19.04 -34.02 -12.30
C PRO E 53 -19.72 -34.29 -13.64
N VAL E 54 -18.98 -34.83 -14.60
CA VAL E 54 -19.53 -35.15 -15.92
C VAL E 54 -19.42 -36.64 -16.20
N ALA E 55 -18.34 -37.28 -15.75
CA ALA E 55 -18.15 -38.70 -15.97
C ALA E 55 -19.18 -39.54 -15.26
N ALA E 56 -19.45 -40.74 -15.80
CA ALA E 56 -20.36 -41.67 -15.17
C ALA E 56 -19.75 -42.16 -13.86
N ARG E 57 -20.61 -42.47 -12.88
CA ARG E 57 -20.15 -42.94 -11.58
C ARG E 57 -19.44 -44.29 -11.73
N SER E 58 -18.19 -44.37 -11.27
CA SER E 58 -17.34 -45.55 -11.46
C SER E 58 -17.29 -46.54 -10.28
N THR E 59 -17.53 -46.09 -9.04
CA THR E 59 -17.48 -46.98 -7.88
C THR E 59 -18.83 -47.69 -7.79
N SER E 60 -18.84 -49.02 -7.84
CA SER E 60 -20.09 -49.77 -7.78
C SER E 60 -20.75 -49.70 -6.41
N ILE E 61 -22.08 -49.78 -6.40
CA ILE E 61 -22.86 -49.79 -5.17
C ILE E 61 -23.41 -51.20 -4.93
N ILE E 62 -23.15 -51.74 -3.75
CA ILE E 62 -23.68 -53.02 -3.32
C ILE E 62 -24.80 -52.71 -2.34
N ALA E 63 -26.01 -53.21 -2.61
CA ALA E 63 -27.15 -52.99 -1.70
C ALA E 63 -27.59 -54.33 -1.13
N THR E 64 -27.80 -54.40 0.19
CA THR E 64 -28.23 -55.63 0.84
C THR E 64 -29.76 -55.74 0.69
N ILE E 65 -30.24 -56.90 0.20
CA ILE E 65 -31.65 -57.16 -0.07
C ILE E 65 -32.33 -57.80 1.12
N GLY E 66 -33.32 -57.11 1.65
CA GLY E 66 -34.08 -57.58 2.80
C GLY E 66 -35.52 -57.10 2.77
N PRO E 67 -36.21 -57.11 3.92
CA PRO E 67 -37.63 -56.68 3.95
C PRO E 67 -37.94 -55.34 3.30
N ALA E 68 -37.07 -54.33 3.47
CA ALA E 68 -37.31 -53.00 2.93
C ALA E 68 -37.04 -52.83 1.45
N SER E 69 -36.37 -53.78 0.84
CA SER E 69 -35.95 -53.65 -0.56
C SER E 69 -36.25 -54.88 -1.41
N ARG E 70 -37.17 -55.73 -0.98
CA ARG E 70 -37.47 -57.00 -1.61
C ARG E 70 -38.43 -57.01 -2.80
N SER E 71 -39.41 -56.11 -2.81
CA SER E 71 -40.42 -56.10 -3.86
C SER E 71 -39.84 -55.77 -5.22
N VAL E 72 -40.44 -56.32 -6.29
CA VAL E 72 -39.99 -56.07 -7.64
C VAL E 72 -40.04 -54.58 -7.99
N GLU E 73 -41.11 -53.88 -7.59
CA GLU E 73 -41.22 -52.45 -7.88
CA GLU E 73 -41.28 -52.44 -7.83
C GLU E 73 -40.16 -51.64 -7.16
N ARG E 74 -39.83 -51.99 -5.90
CA ARG E 74 -38.80 -51.31 -5.13
C ARG E 74 -37.43 -51.60 -5.75
N LEU E 75 -37.19 -52.84 -6.18
CA LEU E 75 -35.93 -53.23 -6.82
C LEU E 75 -35.70 -52.50 -8.13
N LYS E 76 -36.77 -52.23 -8.91
CA LYS E 76 -36.64 -51.47 -10.14
C LYS E 76 -36.14 -50.05 -9.83
N GLU E 77 -36.68 -49.44 -8.77
CA GLU E 77 -36.28 -48.09 -8.33
CA GLU E 77 -36.25 -48.09 -8.39
C GLU E 77 -34.81 -48.10 -7.88
N MET E 78 -34.39 -49.16 -7.20
CA MET E 78 -33.01 -49.28 -6.72
CA MET E 78 -33.01 -49.27 -6.71
C MET E 78 -32.03 -49.46 -7.87
N ILE E 79 -32.45 -50.18 -8.92
CA ILE E 79 -31.60 -50.36 -10.10
C ILE E 79 -31.45 -49.01 -10.79
N LYS E 80 -32.54 -48.26 -10.94
CA LYS E 80 -32.48 -46.94 -11.57
C LYS E 80 -31.67 -45.94 -10.72
N ALA E 81 -31.71 -46.08 -9.40
CA ALA E 81 -30.95 -45.22 -8.48
C ALA E 81 -29.43 -45.51 -8.54
N GLY E 82 -29.04 -46.71 -8.96
CA GLY E 82 -27.63 -47.03 -9.13
C GLY E 82 -27.12 -48.32 -8.54
N MET E 83 -28.00 -49.17 -7.96
CA MET E 83 -27.53 -50.45 -7.41
C MET E 83 -26.92 -51.33 -8.50
N ASN E 84 -25.68 -51.81 -8.28
CA ASN E 84 -24.99 -52.67 -9.27
C ASN E 84 -24.89 -54.12 -8.81
N ILE E 85 -24.84 -54.34 -7.50
CA ILE E 85 -24.69 -55.66 -6.91
C ILE E 85 -25.72 -55.82 -5.80
N ALA E 86 -26.45 -56.94 -5.79
CA ALA E 86 -27.44 -57.23 -4.75
C ALA E 86 -26.85 -58.23 -3.79
N ARG E 87 -26.76 -57.88 -2.50
CA ARG E 87 -26.16 -58.75 -1.49
C ARG E 87 -27.25 -59.48 -0.71
N LEU E 88 -27.08 -60.80 -0.55
CA LEU E 88 -28.00 -61.60 0.25
C LEU E 88 -27.27 -62.05 1.49
N ASN E 89 -27.70 -61.60 2.66
CA ASN E 89 -27.01 -61.94 3.90
C ASN E 89 -27.54 -63.25 4.47
N PHE E 90 -26.77 -64.33 4.30
CA PHE E 90 -27.19 -65.65 4.77
C PHE E 90 -27.07 -65.85 6.29
N SER E 91 -26.68 -64.80 7.04
CA SER E 91 -26.72 -64.85 8.50
C SER E 91 -28.21 -64.78 8.97
N HIS E 92 -29.14 -64.33 8.11
CA HIS E 92 -30.57 -64.18 8.42
C HIS E 92 -31.42 -64.75 7.29
N GLY E 93 -32.64 -65.16 7.58
CA GLY E 93 -33.55 -65.69 6.57
C GLY E 93 -33.27 -67.11 6.14
N SER E 94 -34.25 -67.74 5.55
CA SER E 94 -34.14 -69.13 5.09
C SER E 94 -33.69 -69.19 3.63
N HIS E 95 -33.41 -70.40 3.11
CA HIS E 95 -33.11 -70.57 1.69
C HIS E 95 -34.30 -70.15 0.84
N GLU E 96 -35.54 -70.43 1.29
CA GLU E 96 -36.74 -70.06 0.57
C GLU E 96 -36.86 -68.54 0.48
N TYR E 97 -36.56 -67.85 1.58
CA TYR E 97 -36.61 -66.40 1.63
C TYR E 97 -35.62 -65.79 0.61
N HIS E 98 -34.36 -66.26 0.63
CA HIS E 98 -33.33 -65.76 -0.29
C HIS E 98 -33.61 -66.12 -1.74
N ALA E 99 -34.20 -67.31 -2.01
CA ALA E 99 -34.54 -67.69 -3.39
C ALA E 99 -35.59 -66.72 -3.95
N GLU E 100 -36.55 -66.30 -3.11
CA GLU E 100 -37.55 -65.34 -3.54
C GLU E 100 -36.93 -63.98 -3.81
N SER E 101 -35.96 -63.56 -2.97
CA SER E 101 -35.25 -62.29 -3.17
C SER E 101 -34.50 -62.33 -4.51
N ILE E 102 -33.79 -63.44 -4.80
CA ILE E 102 -33.05 -63.60 -6.06
C ILE E 102 -34.00 -63.52 -7.25
N ALA E 103 -35.16 -64.20 -7.17
CA ALA E 103 -36.14 -64.18 -8.26
C ALA E 103 -36.66 -62.78 -8.48
N ASN E 104 -36.92 -62.03 -7.40
CA ASN E 104 -37.41 -60.65 -7.53
C ASN E 104 -36.35 -59.74 -8.13
N VAL E 105 -35.08 -59.90 -7.75
CA VAL E 105 -33.98 -59.10 -8.34
C VAL E 105 -33.89 -59.39 -9.82
N ARG E 106 -33.88 -60.67 -10.20
CA ARG E 106 -33.83 -61.06 -11.61
C ARG E 106 -35.02 -60.56 -12.41
N GLU E 107 -36.23 -60.56 -11.83
CA GLU E 107 -37.40 -60.03 -12.53
C GLU E 107 -37.25 -58.53 -12.75
N ALA E 108 -36.76 -57.80 -11.73
CA ALA E 108 -36.54 -56.36 -11.87
C ALA E 108 -35.45 -56.05 -12.90
N VAL E 109 -34.35 -56.81 -12.90
CA VAL E 109 -33.25 -56.61 -13.84
C VAL E 109 -33.69 -56.88 -15.27
N GLU E 110 -34.38 -58.01 -15.48
CA GLU E 110 -34.82 -58.39 -16.82
C GLU E 110 -35.95 -57.53 -17.36
N SER E 111 -36.64 -56.75 -16.50
CA SER E 111 -37.65 -55.81 -16.98
C SER E 111 -37.05 -54.72 -17.89
N PHE E 112 -35.72 -54.49 -17.82
CA PHE E 112 -35.04 -53.49 -18.63
C PHE E 112 -34.33 -54.12 -19.85
N SER E 115 -34.42 -53.41 -24.05
CA SER E 115 -33.57 -52.38 -24.64
C SER E 115 -32.10 -52.74 -24.38
N PRO E 116 -31.49 -53.55 -25.26
CA PRO E 116 -30.10 -53.96 -25.03
C PRO E 116 -29.04 -52.85 -24.93
N LEU E 117 -29.29 -51.70 -25.54
CA LEU E 117 -28.36 -50.57 -25.50
C LEU E 117 -28.30 -49.90 -24.12
N SER E 118 -29.35 -50.05 -23.30
CA SER E 118 -29.39 -49.42 -21.98
C SER E 118 -29.46 -50.43 -20.83
N TYR E 119 -29.57 -51.74 -21.12
CA TYR E 119 -29.66 -52.79 -20.10
C TYR E 119 -28.50 -52.75 -19.14
N ARG E 120 -28.80 -52.77 -17.83
CA ARG E 120 -27.77 -52.78 -16.81
C ARG E 120 -27.74 -54.11 -16.09
N PRO E 121 -26.65 -54.88 -16.28
CA PRO E 121 -26.48 -56.11 -15.52
C PRO E 121 -26.40 -55.82 -14.01
N VAL E 122 -26.91 -56.73 -13.17
CA VAL E 122 -26.83 -56.59 -11.72
C VAL E 122 -26.33 -57.91 -11.17
N ALA E 123 -25.20 -57.89 -10.44
CA ALA E 123 -24.64 -59.11 -9.88
C ALA E 123 -25.40 -59.55 -8.63
N ILE E 124 -25.36 -60.85 -8.32
CA ILE E 124 -25.95 -61.37 -7.11
C ILE E 124 -24.84 -61.96 -6.25
N ALA E 125 -24.70 -61.45 -5.02
CA ALA E 125 -23.67 -61.88 -4.12
C ALA E 125 -24.25 -62.55 -2.88
N LEU E 126 -23.66 -63.68 -2.48
CA LEU E 126 -24.10 -64.41 -1.32
C LEU E 126 -23.10 -64.15 -0.20
N ASP E 127 -23.56 -63.60 0.92
CA ASP E 127 -22.70 -63.32 2.05
C ASP E 127 -22.90 -64.42 3.09
N THR E 128 -21.88 -65.23 3.35
CA THR E 128 -22.01 -66.38 4.24
C THR E 128 -22.17 -66.04 5.72
N LYS E 129 -22.75 -66.97 6.48
CA LYS E 129 -22.95 -66.81 7.91
C LYS E 129 -21.60 -66.80 8.64
N GLY E 130 -20.68 -67.64 8.22
CA GLY E 130 -19.35 -67.68 8.81
C GLY E 130 -19.08 -68.89 9.67
N PRO E 131 -17.85 -68.98 10.20
CA PRO E 131 -17.47 -70.15 11.00
C PRO E 131 -18.06 -70.18 12.41
N GLY E 136 -13.27 -75.54 11.02
CA GLY E 136 -13.09 -74.85 9.74
C GLY E 136 -14.36 -74.26 9.17
N LEU E 137 -14.69 -74.62 7.92
CA LEU E 137 -15.91 -74.19 7.23
C LEU E 137 -17.10 -74.86 7.92
N SER E 138 -18.11 -74.08 8.30
CA SER E 138 -19.27 -74.60 9.02
C SER E 138 -20.19 -75.44 8.13
N GLU E 139 -21.01 -76.29 8.74
CA GLU E 139 -21.97 -77.12 8.00
C GLU E 139 -23.02 -76.25 7.31
N GLN E 140 -23.45 -75.16 7.95
CA GLN E 140 -24.43 -74.26 7.36
C GLN E 140 -23.82 -73.56 6.14
N ASP E 141 -22.54 -73.17 6.21
CA ASP E 141 -21.87 -72.54 5.07
C ASP E 141 -21.78 -73.49 3.89
N VAL E 142 -21.53 -74.80 4.14
CA VAL E 142 -21.49 -75.79 3.04
C VAL E 142 -22.85 -75.84 2.33
N ARG E 143 -23.94 -75.87 3.10
CA ARG E 143 -25.29 -75.89 2.53
C ARG E 143 -25.62 -74.60 1.80
N ASP E 144 -25.22 -73.44 2.36
CA ASP E 144 -25.50 -72.15 1.74
C ASP E 144 -24.71 -71.94 0.46
N LEU E 145 -23.46 -72.40 0.44
CA LEU E 145 -22.61 -72.30 -0.75
C LEU E 145 -23.16 -73.18 -1.88
N ARG E 146 -23.70 -74.38 -1.51
CA ARG E 146 -24.35 -75.28 -2.46
C ARG E 146 -25.58 -74.57 -3.05
N PHE E 147 -26.38 -73.89 -2.19
CA PHE E 147 -27.56 -73.13 -2.61
C PHE E 147 -27.14 -72.06 -3.63
N GLY E 148 -26.04 -71.36 -3.34
CA GLY E 148 -25.51 -70.32 -4.21
C GLY E 148 -25.17 -70.83 -5.60
N VAL E 149 -24.48 -71.97 -5.67
CA VAL E 149 -24.13 -72.57 -6.96
C VAL E 149 -25.40 -72.97 -7.73
N GLU E 150 -26.35 -73.61 -7.04
CA GLU E 150 -27.60 -74.04 -7.66
C GLU E 150 -28.44 -72.87 -8.15
N HIS E 151 -28.36 -71.72 -7.48
CA HIS E 151 -29.12 -70.54 -7.91
C HIS E 151 -28.32 -69.56 -8.80
N GLY E 152 -27.13 -69.96 -9.23
CA GLY E 152 -26.31 -69.17 -10.13
C GLY E 152 -25.81 -67.83 -9.62
N VAL E 153 -25.44 -67.76 -8.32
CA VAL E 153 -24.90 -66.49 -7.78
C VAL E 153 -23.55 -66.18 -8.46
N ASP E 154 -23.22 -64.90 -8.55
CA ASP E 154 -21.99 -64.45 -9.22
C ASP E 154 -20.80 -64.35 -8.29
N ILE E 155 -21.05 -63.99 -7.03
CA ILE E 155 -20.02 -63.67 -6.06
C ILE E 155 -20.36 -64.24 -4.71
N VAL E 156 -19.34 -64.62 -3.96
CA VAL E 156 -19.49 -65.03 -2.58
C VAL E 156 -18.68 -64.05 -1.72
N PHE E 157 -19.30 -63.45 -0.72
CA PHE E 157 -18.60 -62.63 0.26
C PHE E 157 -18.39 -63.60 1.43
N ALA E 158 -17.19 -64.17 1.54
CA ALA E 158 -16.88 -65.15 2.58
C ALA E 158 -16.58 -64.49 3.93
N SER E 159 -17.45 -64.72 4.92
CA SER E 159 -17.30 -64.14 6.25
C SER E 159 -16.16 -64.69 7.07
N PHE E 160 -15.54 -63.81 7.87
CA PHE E 160 -14.46 -64.13 8.80
C PHE E 160 -13.33 -64.94 8.21
N VAL E 161 -12.78 -64.50 7.06
CA VAL E 161 -11.64 -65.19 6.47
C VAL E 161 -10.40 -64.85 7.32
N ARG E 162 -9.73 -65.87 7.85
CA ARG E 162 -8.57 -65.67 8.73
C ARG E 162 -7.25 -66.16 8.16
N LYS E 163 -7.28 -66.96 7.09
CA LYS E 163 -6.08 -67.55 6.49
C LYS E 163 -6.42 -68.09 5.10
N ALA E 164 -5.38 -68.37 4.30
CA ALA E 164 -5.55 -68.89 2.94
C ALA E 164 -6.37 -70.19 2.89
N SER E 165 -6.22 -71.08 3.89
CA SER E 165 -6.99 -72.34 3.89
C SER E 165 -8.49 -72.14 4.02
N ASP E 166 -8.92 -71.00 4.61
CA ASP E 166 -10.35 -70.68 4.69
C ASP E 166 -10.89 -70.44 3.28
N VAL E 167 -10.12 -69.74 2.42
CA VAL E 167 -10.53 -69.47 1.04
C VAL E 167 -10.58 -70.78 0.26
N ALA E 168 -9.57 -71.66 0.45
CA ALA E 168 -9.54 -72.95 -0.25
C ALA E 168 -10.77 -73.79 0.13
N ALA E 169 -11.19 -73.76 1.40
CA ALA E 169 -12.37 -74.49 1.88
C ALA E 169 -13.65 -73.98 1.20
N VAL E 170 -13.78 -72.66 1.05
CA VAL E 170 -14.94 -72.07 0.37
C VAL E 170 -14.95 -72.50 -1.10
N ARG E 171 -13.78 -72.43 -1.75
CA ARG E 171 -13.63 -72.82 -3.15
CA ARG E 171 -13.64 -72.83 -3.15
C ARG E 171 -14.03 -74.30 -3.36
N ALA E 172 -13.58 -75.17 -2.46
CA ALA E 172 -13.92 -76.61 -2.54
C ALA E 172 -15.41 -76.83 -2.36
N ALA E 173 -16.05 -76.11 -1.42
CA ALA E 173 -17.50 -76.24 -1.19
C ALA E 173 -18.35 -75.74 -2.36
N LEU E 174 -17.79 -74.87 -3.22
CA LEU E 174 -18.50 -74.42 -4.42
C LEU E 174 -18.53 -75.52 -5.52
N GLY E 175 -17.61 -76.50 -5.44
CA GLY E 175 -17.55 -77.62 -6.35
C GLY E 175 -17.14 -77.29 -7.77
N PRO E 176 -17.18 -78.31 -8.65
CA PRO E 176 -16.78 -78.08 -10.06
C PRO E 176 -17.72 -77.14 -10.82
N GLU E 177 -19.01 -77.11 -10.44
CA GLU E 177 -19.96 -76.22 -11.11
C GLU E 177 -19.85 -74.74 -10.67
N GLY E 178 -19.11 -74.46 -9.60
CA GLY E 178 -18.96 -73.09 -9.11
C GLY E 178 -17.59 -72.48 -9.32
N HIS E 179 -16.81 -73.02 -10.28
CA HIS E 179 -15.46 -72.55 -10.57
CA HIS E 179 -15.45 -72.54 -10.56
C HIS E 179 -15.41 -71.07 -11.00
N GLY E 180 -16.46 -70.59 -11.64
CA GLY E 180 -16.52 -69.22 -12.15
C GLY E 180 -16.97 -68.16 -11.14
N ILE E 181 -17.45 -68.58 -9.98
CA ILE E 181 -17.91 -67.66 -8.95
C ILE E 181 -16.71 -66.93 -8.30
N LYS E 182 -16.81 -65.60 -8.13
CA LYS E 182 -15.74 -64.83 -7.51
C LYS E 182 -15.83 -64.93 -5.98
N ILE E 183 -14.68 -65.14 -5.33
CA ILE E 183 -14.65 -65.20 -3.88
C ILE E 183 -14.01 -63.91 -3.34
N ILE E 184 -14.81 -63.12 -2.62
CA ILE E 184 -14.37 -61.89 -1.98
C ILE E 184 -14.23 -62.21 -0.50
N SER E 185 -13.00 -62.20 0.01
CA SER E 185 -12.76 -62.52 1.41
C SER E 185 -13.06 -61.36 2.33
N LYS E 186 -13.91 -61.57 3.34
CA LYS E 186 -14.22 -60.54 4.30
C LYS E 186 -13.20 -60.57 5.43
N ILE E 187 -12.51 -59.44 5.64
CA ILE E 187 -11.52 -59.32 6.71
C ILE E 187 -12.24 -58.69 7.88
N GLU E 188 -12.41 -59.45 8.97
CA GLU E 188 -13.22 -59.03 10.09
C GLU E 188 -12.56 -59.11 11.45
N ASN E 189 -11.30 -59.52 11.53
CA ASN E 189 -10.63 -59.65 12.82
C ASN E 189 -9.12 -59.46 12.72
N HIS E 190 -8.42 -59.46 13.87
CA HIS E 190 -6.98 -59.25 13.90
C HIS E 190 -6.20 -60.24 13.05
N GLU E 191 -6.55 -61.53 13.12
CA GLU E 191 -5.85 -62.55 12.35
C GLU E 191 -5.96 -62.31 10.84
N GLY E 192 -7.15 -61.93 10.38
CA GLY E 192 -7.37 -61.63 8.97
C GLY E 192 -6.51 -60.48 8.50
N VAL E 193 -6.37 -59.43 9.33
CA VAL E 193 -5.52 -58.29 8.99
C VAL E 193 -4.05 -58.73 8.94
N LYS E 194 -3.59 -59.48 9.95
CA LYS E 194 -2.20 -59.94 10.00
C LYS E 194 -1.82 -60.92 8.89
N ARG E 195 -2.75 -61.78 8.48
CA ARG E 195 -2.52 -62.71 7.39
C ARG E 195 -3.09 -62.22 6.07
N PHE E 196 -3.27 -60.88 5.94
CA PHE E 196 -3.86 -60.28 4.76
C PHE E 196 -3.19 -60.68 3.45
N ASP E 197 -1.86 -60.62 3.36
CA ASP E 197 -1.16 -60.94 2.12
C ASP E 197 -1.47 -62.34 1.62
N GLU E 198 -1.44 -63.34 2.50
CA GLU E 198 -1.74 -64.71 2.08
C GLU E 198 -3.20 -64.89 1.65
N ILE E 199 -4.12 -64.15 2.28
CA ILE E 199 -5.54 -64.20 1.94
C ILE E 199 -5.78 -63.55 0.59
N LEU E 200 -5.21 -62.37 0.37
CA LEU E 200 -5.39 -61.65 -0.90
C LEU E 200 -4.87 -62.47 -2.08
N GLU E 201 -3.71 -63.13 -1.91
CA GLU E 201 -3.09 -63.95 -2.94
CA GLU E 201 -3.10 -63.95 -2.95
C GLU E 201 -4.05 -65.00 -3.53
N VAL E 202 -4.85 -65.65 -2.69
CA VAL E 202 -5.78 -66.70 -3.15
C VAL E 202 -7.23 -66.24 -3.35
N SER E 203 -7.54 -64.97 -3.04
CA SER E 203 -8.91 -64.47 -3.19
C SER E 203 -9.06 -63.66 -4.47
N ASP E 204 -10.29 -63.51 -4.95
CA ASP E 204 -10.55 -62.65 -6.10
C ASP E 204 -10.57 -61.15 -5.68
N GLY E 205 -10.84 -60.89 -4.41
CA GLY E 205 -10.89 -59.55 -3.86
C GLY E 205 -11.14 -59.59 -2.37
N ILE E 206 -11.33 -58.41 -1.79
CA ILE E 206 -11.46 -58.29 -0.34
C ILE E 206 -12.62 -57.39 0.03
N MET E 207 -13.23 -57.65 1.18
CA MET E 207 -14.19 -56.74 1.76
C MET E 207 -13.66 -56.30 3.14
N VAL E 208 -13.59 -54.99 3.37
CA VAL E 208 -13.21 -54.45 4.66
C VAL E 208 -14.52 -54.41 5.45
N ALA E 209 -14.75 -55.48 6.25
CA ALA E 209 -16.00 -55.67 7.00
C ALA E 209 -15.88 -54.93 8.31
N ARG E 210 -16.12 -53.60 8.28
CA ARG E 210 -15.86 -52.74 9.42
C ARG E 210 -16.70 -52.99 10.66
N GLY E 211 -17.88 -53.60 10.50
CA GLY E 211 -18.75 -53.89 11.65
C GLY E 211 -18.06 -54.79 12.66
N ASP E 212 -17.73 -56.01 12.25
CA ASP E 212 -17.01 -56.94 13.10
C ASP E 212 -15.58 -56.47 13.35
N LEU E 213 -14.91 -55.90 12.34
CA LEU E 213 -13.51 -55.44 12.53
C LEU E 213 -13.42 -54.39 13.66
N GLY E 214 -14.43 -53.53 13.77
CA GLY E 214 -14.54 -52.49 14.80
C GLY E 214 -14.84 -52.99 16.21
N ILE E 215 -15.23 -54.26 16.33
CA ILE E 215 -15.47 -54.93 17.61
C ILE E 215 -14.26 -55.85 17.95
N GLU E 216 -13.63 -56.44 16.92
CA GLU E 216 -12.49 -57.34 17.09
C GLU E 216 -11.19 -56.61 17.38
N ILE E 217 -10.99 -55.43 16.78
CA ILE E 217 -9.83 -54.59 17.04
C ILE E 217 -10.32 -53.22 17.60
N PRO E 218 -9.46 -52.40 18.26
CA PRO E 218 -9.93 -51.10 18.76
C PRO E 218 -10.56 -50.26 17.64
N ALA E 219 -11.73 -49.66 17.91
CA ALA E 219 -12.49 -48.90 16.92
C ALA E 219 -11.64 -47.80 16.26
N GLU E 220 -10.74 -47.19 17.03
CA GLU E 220 -9.87 -46.13 16.52
C GLU E 220 -8.79 -46.61 15.55
N LYS E 221 -8.63 -47.94 15.37
CA LYS E 221 -7.64 -48.49 14.45
C LYS E 221 -8.24 -48.98 13.11
N VAL E 222 -9.58 -49.04 13.01
CA VAL E 222 -10.23 -49.54 11.79
C VAL E 222 -9.83 -48.76 10.54
N PHE E 223 -9.72 -47.42 10.63
CA PHE E 223 -9.32 -46.64 9.45
C PHE E 223 -7.93 -47.04 8.92
N LEU E 224 -7.01 -47.47 9.82
CA LEU E 224 -5.66 -47.89 9.41
C LEU E 224 -5.77 -49.20 8.62
N ALA E 225 -6.57 -50.14 9.12
CA ALA E 225 -6.78 -51.43 8.43
C ALA E 225 -7.45 -51.19 7.09
N GLN E 226 -8.45 -50.29 7.03
CA GLN E 226 -9.15 -49.97 5.80
C GLN E 226 -8.19 -49.39 4.77
N LYS E 227 -7.40 -48.37 5.16
CA LYS E 227 -6.49 -47.72 4.22
C LYS E 227 -5.38 -48.67 3.75
N MET E 228 -4.86 -49.51 4.64
CA MET E 228 -3.84 -50.50 4.29
C MET E 228 -4.40 -51.51 3.29
N MET E 229 -5.58 -52.08 3.58
CA MET E 229 -6.17 -53.10 2.71
C MET E 229 -6.55 -52.56 1.38
N ILE E 230 -7.06 -51.32 1.33
CA ILE E 230 -7.40 -50.69 0.05
C ILE E 230 -6.11 -50.47 -0.76
N GLY E 231 -5.06 -49.96 -0.12
CA GLY E 231 -3.79 -49.72 -0.80
C GLY E 231 -3.21 -51.00 -1.37
N ARG E 232 -3.22 -52.09 -0.59
CA ARG E 232 -2.68 -53.37 -1.04
C ARG E 232 -3.48 -53.99 -2.17
N CYS E 233 -4.83 -53.85 -2.13
CA CYS E 233 -5.67 -54.35 -3.21
C CYS E 233 -5.45 -53.54 -4.47
N ASN E 234 -5.30 -52.21 -4.34
CA ASN E 234 -5.02 -51.35 -5.49
C ASN E 234 -3.66 -51.76 -6.13
N LEU E 235 -2.67 -52.06 -5.29
CA LEU E 235 -1.35 -52.49 -5.79
C LEU E 235 -1.48 -53.84 -6.54
N ALA E 236 -2.26 -54.76 -5.98
CA ALA E 236 -2.46 -56.09 -6.58
C ALA E 236 -3.41 -56.07 -7.80
N GLY E 237 -4.14 -54.98 -8.01
CA GLY E 237 -5.11 -54.88 -9.09
C GLY E 237 -6.31 -55.78 -8.84
N LYS E 238 -6.70 -55.99 -7.56
CA LYS E 238 -7.86 -56.82 -7.19
C LYS E 238 -8.92 -55.96 -6.50
N PRO E 239 -10.21 -56.23 -6.76
CA PRO E 239 -11.27 -55.41 -6.17
C PRO E 239 -11.32 -55.39 -4.66
N VAL E 240 -11.67 -54.24 -4.09
CA VAL E 240 -11.81 -54.09 -2.65
C VAL E 240 -13.10 -53.33 -2.37
N VAL E 241 -13.86 -53.83 -1.40
CA VAL E 241 -15.15 -53.28 -1.02
C VAL E 241 -15.04 -52.63 0.34
N CYS E 242 -15.58 -51.41 0.51
CA CYS E 242 -15.65 -50.80 1.83
C CYS E 242 -17.09 -51.01 2.33
N ALA E 243 -17.23 -51.55 3.54
CA ALA E 243 -18.55 -51.91 4.03
C ALA E 243 -18.84 -51.47 5.44
N THR E 244 -20.13 -51.33 5.75
CA THR E 244 -20.79 -51.24 7.04
C THR E 244 -20.80 -49.86 7.67
N GLN E 245 -22.03 -49.40 7.98
CA GLN E 245 -22.38 -48.16 8.63
C GLN E 245 -21.98 -46.92 7.85
N MET E 246 -21.82 -47.04 6.53
CA MET E 246 -21.44 -45.88 5.72
C MET E 246 -22.48 -44.76 5.77
N LEU E 247 -23.79 -45.11 5.72
CA LEU E 247 -24.87 -44.12 5.79
C LEU E 247 -25.88 -44.58 6.86
N GLU E 248 -25.38 -45.12 7.98
CA GLU E 248 -26.19 -45.72 9.03
C GLU E 248 -27.42 -44.92 9.48
N SER E 249 -27.27 -43.62 9.71
CA SER E 249 -28.40 -42.80 10.18
C SER E 249 -29.58 -42.80 9.21
N MET E 250 -29.35 -43.07 7.91
CA MET E 250 -30.43 -43.11 6.93
C MET E 250 -31.39 -44.31 7.09
N ILE E 251 -31.13 -45.18 8.06
CA ILE E 251 -32.06 -46.26 8.39
C ILE E 251 -33.38 -45.63 8.91
N THR E 252 -33.27 -44.50 9.66
CA THR E 252 -34.44 -43.79 10.17
C THR E 252 -34.57 -42.35 9.66
N LYS E 253 -33.46 -41.74 9.14
CA LYS E 253 -33.52 -40.35 8.69
C LYS E 253 -33.40 -40.21 7.18
N PRO E 254 -34.09 -39.20 6.58
CA PRO E 254 -34.03 -39.03 5.12
C PRO E 254 -32.71 -38.50 4.56
N ARG E 255 -31.90 -37.86 5.42
CA ARG E 255 -30.61 -37.29 5.02
C ARG E 255 -29.53 -37.81 5.97
N PRO E 256 -28.31 -38.06 5.44
CA PRO E 256 -27.25 -38.61 6.31
C PRO E 256 -26.54 -37.54 7.14
N THR E 257 -25.70 -37.97 8.11
CA THR E 257 -24.93 -37.00 8.90
C THR E 257 -23.72 -36.51 8.08
N ARG E 258 -23.04 -35.44 8.55
CA ARG E 258 -21.84 -34.93 7.89
C ARG E 258 -20.73 -35.98 7.92
N ALA E 259 -20.64 -36.80 8.98
CA ALA E 259 -19.60 -37.83 9.06
C ALA E 259 -19.84 -38.93 8.03
N GLU E 260 -21.11 -39.26 7.78
CA GLU E 260 -21.46 -40.32 6.83
C GLU E 260 -21.16 -39.96 5.40
N THR E 261 -21.44 -38.71 4.99
CA THR E 261 -21.10 -38.29 3.62
C THR E 261 -19.59 -38.26 3.45
N SER E 262 -18.86 -37.80 4.49
CA SER E 262 -17.41 -37.78 4.52
C SER E 262 -16.86 -39.21 4.37
N ASP E 263 -17.42 -40.16 5.12
CA ASP E 263 -16.99 -41.58 5.07
C ASP E 263 -17.09 -42.17 3.66
N VAL E 264 -18.23 -41.94 2.98
CA VAL E 264 -18.42 -42.46 1.63
C VAL E 264 -17.40 -41.81 0.68
N ALA E 265 -17.24 -40.48 0.75
CA ALA E 265 -16.30 -39.77 -0.12
C ALA E 265 -14.86 -40.27 0.12
N ASN E 266 -14.46 -40.44 1.38
CA ASN E 266 -13.12 -40.88 1.71
C ASN E 266 -12.87 -42.33 1.32
N ALA E 267 -13.91 -43.19 1.31
CA ALA E 267 -13.71 -44.59 0.86
C ALA E 267 -13.35 -44.57 -0.63
N VAL E 268 -14.03 -43.73 -1.42
CA VAL E 268 -13.74 -43.59 -2.85
C VAL E 268 -12.33 -43.00 -3.05
N LEU E 269 -12.02 -41.91 -2.32
CA LEU E 269 -10.68 -41.29 -2.41
C LEU E 269 -9.58 -42.24 -1.98
N ASP E 270 -9.84 -43.12 -0.99
CA ASP E 270 -8.87 -44.13 -0.53
C ASP E 270 -8.53 -45.11 -1.66
N GLY E 271 -9.48 -45.38 -2.54
CA GLY E 271 -9.30 -46.28 -3.66
C GLY E 271 -10.24 -47.47 -3.70
N ALA E 272 -11.35 -47.45 -2.91
CA ALA E 272 -12.28 -48.59 -2.90
C ALA E 272 -12.92 -48.78 -4.28
N ASP E 273 -13.03 -50.05 -4.72
CA ASP E 273 -13.70 -50.33 -5.98
C ASP E 273 -15.22 -50.28 -5.79
N CYS E 274 -15.72 -50.75 -4.65
CA CYS E 274 -17.17 -50.79 -4.34
C CYS E 274 -17.42 -50.21 -2.96
N ILE E 275 -18.61 -49.67 -2.78
CA ILE E 275 -19.11 -49.22 -1.50
C ILE E 275 -20.41 -49.99 -1.22
N MET E 276 -20.72 -50.21 0.06
CA MET E 276 -21.86 -51.07 0.41
C MET E 276 -22.86 -50.40 1.35
N LEU E 277 -24.11 -50.89 1.27
CA LEU E 277 -25.22 -50.51 2.13
C LEU E 277 -25.74 -51.83 2.73
N SER E 278 -25.95 -51.85 4.04
CA SER E 278 -26.42 -53.03 4.74
C SER E 278 -27.81 -52.78 5.32
N GLY E 279 -27.92 -52.42 6.61
CA GLY E 279 -29.21 -52.10 7.22
C GLY E 279 -29.94 -50.97 6.49
N GLU E 280 -29.17 -50.05 5.85
CA GLU E 280 -29.73 -48.92 5.11
C GLU E 280 -30.70 -49.38 4.01
N THR E 281 -30.43 -50.52 3.37
CA THR E 281 -31.31 -51.02 2.31
C THR E 281 -32.09 -52.27 2.74
N ALA E 282 -31.53 -53.08 3.65
CA ALA E 282 -32.20 -54.31 4.05
C ALA E 282 -33.40 -54.03 4.96
N LYS E 283 -33.28 -53.10 5.90
CA LYS E 283 -34.39 -52.79 6.81
C LYS E 283 -34.75 -51.33 6.93
N GLY E 284 -34.05 -50.46 6.22
CA GLY E 284 -34.25 -49.03 6.35
C GLY E 284 -35.53 -48.45 5.80
N ASN E 285 -35.84 -47.24 6.25
CA ASN E 285 -37.01 -46.51 5.79
C ASN E 285 -36.76 -45.71 4.52
N PHE E 286 -35.49 -45.58 4.07
CA PHE E 286 -35.15 -44.82 2.88
C PHE E 286 -34.14 -45.61 1.99
N PRO E 287 -34.41 -46.87 1.63
CA PRO E 287 -33.44 -47.65 0.84
C PRO E 287 -33.06 -47.01 -0.48
N VAL E 288 -34.04 -46.50 -1.25
CA VAL E 288 -33.75 -45.89 -2.55
C VAL E 288 -32.92 -44.63 -2.37
N GLU E 289 -33.28 -43.81 -1.37
CA GLU E 289 -32.56 -42.56 -1.07
C GLU E 289 -31.11 -42.86 -0.65
N ALA E 290 -30.89 -43.97 0.07
CA ALA E 290 -29.53 -44.36 0.50
C ALA E 290 -28.67 -44.68 -0.74
N VAL E 291 -29.25 -45.41 -1.72
CA VAL E 291 -28.53 -45.70 -2.97
C VAL E 291 -28.26 -44.40 -3.73
N LYS E 292 -29.26 -43.51 -3.83
CA LYS E 292 -29.08 -42.23 -4.51
C LYS E 292 -27.99 -41.38 -3.87
N MET E 293 -27.90 -41.42 -2.54
CA MET E 293 -26.90 -40.65 -1.81
C MET E 293 -25.50 -41.19 -2.08
N GLN E 294 -25.32 -42.53 -2.07
CA GLN E 294 -24.01 -43.11 -2.40
C GLN E 294 -23.64 -42.79 -3.83
N HIS E 295 -24.61 -42.82 -4.76
CA HIS E 295 -24.35 -42.48 -6.15
C HIS E 295 -23.83 -41.03 -6.27
N ALA E 296 -24.55 -40.09 -5.66
CA ALA E 296 -24.20 -38.69 -5.71
C ALA E 296 -22.82 -38.38 -5.11
N ILE E 297 -22.51 -38.97 -3.95
CA ILE E 297 -21.21 -38.74 -3.29
C ILE E 297 -20.10 -39.37 -4.12
N ALA E 298 -20.27 -40.62 -4.57
CA ALA E 298 -19.23 -41.29 -5.34
C ALA E 298 -18.85 -40.52 -6.60
N ARG E 299 -19.82 -39.94 -7.30
CA ARG E 299 -19.54 -39.15 -8.51
C ARG E 299 -18.68 -37.93 -8.17
N GLU E 300 -19.00 -37.24 -7.06
CA GLU E 300 -18.23 -36.06 -6.67
C GLU E 300 -16.82 -36.47 -6.27
N ALA E 301 -16.69 -37.55 -5.51
CA ALA E 301 -15.39 -38.01 -5.02
C ALA E 301 -14.48 -38.52 -6.13
N GLU E 302 -15.05 -39.20 -7.14
CA GLU E 302 -14.25 -39.70 -8.25
C GLU E 302 -13.60 -38.59 -9.04
N ALA E 303 -14.32 -37.48 -9.24
CA ALA E 303 -13.75 -36.33 -9.94
C ALA E 303 -12.63 -35.66 -9.13
N ALA E 304 -12.66 -35.77 -7.79
CA ALA E 304 -11.69 -35.18 -6.86
C ALA E 304 -10.43 -36.04 -6.67
N VAL E 305 -10.35 -37.24 -7.28
CA VAL E 305 -9.17 -38.07 -7.19
C VAL E 305 -8.00 -37.35 -7.91
N TYR E 306 -6.80 -37.33 -7.31
CA TYR E 306 -5.65 -36.66 -7.93
C TYR E 306 -4.96 -37.65 -8.87
N HIS E 307 -5.51 -37.83 -10.08
CA HIS E 307 -4.97 -38.83 -11.02
C HIS E 307 -3.52 -38.66 -11.37
N ARG E 308 -2.99 -37.43 -11.40
CA ARG E 308 -1.58 -37.21 -11.73
C ARG E 308 -0.65 -38.03 -10.82
N GLN E 309 -0.89 -37.98 -9.50
CA GLN E 309 -0.10 -38.75 -8.55
CA GLN E 309 -0.09 -38.76 -8.56
C GLN E 309 -0.49 -40.22 -8.57
N LEU E 310 -1.80 -40.50 -8.57
CA LEU E 310 -2.28 -41.88 -8.53
C LEU E 310 -1.78 -42.72 -9.70
N PHE E 311 -1.90 -42.21 -10.92
CA PHE E 311 -1.42 -42.94 -12.11
C PHE E 311 0.08 -43.14 -12.04
N GLU E 312 0.85 -42.10 -11.67
CA GLU E 312 2.30 -42.24 -11.57
CA GLU E 312 2.29 -42.25 -11.56
C GLU E 312 2.69 -43.31 -10.56
N GLU E 313 2.03 -43.31 -9.39
CA GLU E 313 2.34 -44.32 -8.36
C GLU E 313 1.92 -45.73 -8.76
N LEU E 314 0.75 -45.87 -9.39
CA LEU E 314 0.28 -47.21 -9.82
C LEU E 314 1.16 -47.74 -10.93
N ARG E 315 1.55 -46.89 -11.86
CA ARG E 315 2.41 -47.25 -12.97
C ARG E 315 3.80 -47.68 -12.46
N ARG E 316 4.35 -46.96 -11.46
CA ARG E 316 5.65 -47.27 -10.91
C ARG E 316 5.65 -48.57 -10.11
N ALA E 317 4.59 -48.84 -9.36
CA ALA E 317 4.50 -50.04 -8.53
C ALA E 317 4.09 -51.29 -9.31
N ALA E 318 3.39 -51.15 -10.45
CA ALA E 318 2.94 -52.30 -11.24
C ALA E 318 4.17 -52.95 -11.85
N PRO E 319 4.35 -54.26 -11.69
CA PRO E 319 5.57 -54.88 -12.19
C PRO E 319 5.70 -54.84 -13.69
N LEU E 320 6.96 -54.93 -14.18
CA LEU E 320 7.21 -55.06 -15.61
C LEU E 320 6.62 -56.41 -16.04
N SER E 321 6.17 -56.50 -17.29
CA SER E 321 5.49 -57.69 -17.72
C SER E 321 5.67 -57.94 -19.17
N ARG E 322 5.71 -59.22 -19.56
CA ARG E 322 5.74 -59.61 -20.95
CA ARG E 322 5.73 -59.56 -20.97
C ARG E 322 4.37 -60.17 -21.41
N ASP E 323 3.29 -60.01 -20.59
CA ASP E 323 1.94 -60.46 -20.91
C ASP E 323 1.36 -59.37 -21.81
N PRO E 324 0.99 -59.68 -23.06
CA PRO E 324 0.49 -58.64 -23.97
C PRO E 324 -0.75 -57.90 -23.47
N THR E 325 -1.64 -58.56 -22.70
CA THR E 325 -2.82 -57.87 -22.15
C THR E 325 -2.37 -56.77 -21.18
N GLU E 326 -1.43 -57.08 -20.28
CA GLU E 326 -0.91 -56.10 -19.31
C GLU E 326 -0.22 -54.92 -20.05
N VAL E 327 0.58 -55.25 -21.07
CA VAL E 327 1.31 -54.23 -21.84
C VAL E 327 0.34 -53.31 -22.58
N THR E 328 -0.70 -53.91 -23.22
CA THR E 328 -1.70 -53.12 -23.94
C THR E 328 -2.49 -52.25 -22.96
N ALA E 329 -2.82 -52.80 -21.78
CA ALA E 329 -3.61 -52.04 -20.80
C ALA E 329 -2.93 -50.73 -20.37
N ILE E 330 -1.63 -50.79 -20.05
CA ILE E 330 -0.94 -49.57 -19.61
C ILE E 330 -0.78 -48.59 -20.78
N GLY E 331 -0.54 -49.09 -21.98
CA GLY E 331 -0.47 -48.24 -23.18
C GLY E 331 -1.80 -47.55 -23.45
N ALA E 332 -2.92 -48.29 -23.30
CA ALA E 332 -4.27 -47.74 -23.51
C ALA E 332 -4.60 -46.66 -22.49
N VAL E 333 -4.26 -46.89 -21.21
CA VAL E 333 -4.56 -45.90 -20.16
C VAL E 333 -3.72 -44.63 -20.37
N GLU E 334 -2.44 -44.82 -20.76
CA GLU E 334 -1.56 -43.68 -21.04
C GLU E 334 -2.13 -42.87 -22.20
N ALA E 335 -2.55 -43.56 -23.28
CA ALA E 335 -3.16 -42.90 -24.43
C ALA E 335 -4.45 -42.15 -24.06
N ALA E 336 -5.29 -42.77 -23.21
CA ALA E 336 -6.55 -42.15 -22.79
C ALA E 336 -6.29 -40.83 -22.04
N PHE E 337 -5.28 -40.81 -21.16
CA PHE E 337 -4.94 -39.59 -20.43
C PHE E 337 -4.39 -38.51 -21.36
N LYS E 338 -3.63 -38.90 -22.39
CA LYS E 338 -3.03 -37.96 -23.34
C LYS E 338 -4.07 -37.15 -24.12
N CYS E 339 -5.18 -37.79 -24.48
CA CYS E 339 -6.21 -37.12 -25.27
C CYS E 339 -7.49 -36.82 -24.51
N CYS E 340 -7.54 -37.06 -23.19
CA CYS E 340 -8.77 -36.87 -22.40
C CYS E 340 -9.90 -37.72 -23.01
N ALA E 341 -9.57 -38.97 -23.37
CA ALA E 341 -10.54 -39.86 -24.03
C ALA E 341 -11.81 -40.01 -23.20
N ALA E 342 -12.97 -39.98 -23.85
CA ALA E 342 -14.24 -40.12 -23.15
C ALA E 342 -14.38 -41.56 -22.60
N ALA E 343 -13.83 -42.56 -23.31
CA ALA E 343 -13.94 -43.95 -22.89
C ALA E 343 -12.83 -44.81 -23.50
N ILE E 344 -12.62 -45.98 -22.89
CA ILE E 344 -11.78 -47.05 -23.40
C ILE E 344 -12.78 -48.19 -23.63
N ILE E 345 -12.99 -48.60 -24.88
CA ILE E 345 -13.91 -49.69 -25.19
C ILE E 345 -13.09 -50.95 -25.29
N VAL E 346 -13.40 -51.96 -24.48
CA VAL E 346 -12.63 -53.19 -24.49
C VAL E 346 -13.53 -54.41 -24.70
N LEU E 347 -13.07 -55.36 -25.52
CA LEU E 347 -13.79 -56.61 -25.68
C LEU E 347 -13.21 -57.59 -24.68
N THR E 348 -14.07 -58.31 -23.94
CA THR E 348 -13.56 -59.24 -22.94
C THR E 348 -14.47 -60.44 -22.77
N THR E 349 -13.89 -61.63 -22.56
CA THR E 349 -14.66 -62.85 -22.38
C THR E 349 -14.89 -63.12 -20.90
N THR E 350 -13.83 -62.98 -20.09
CA THR E 350 -13.85 -63.24 -18.65
C THR E 350 -13.91 -61.98 -17.79
N GLY E 351 -13.67 -60.82 -18.38
CA GLY E 351 -13.55 -59.55 -17.67
C GLY E 351 -12.09 -59.15 -17.42
N ARG E 352 -11.13 -60.09 -17.60
CA ARG E 352 -9.70 -59.82 -17.30
C ARG E 352 -9.11 -58.59 -18.01
N SER E 353 -9.35 -58.41 -19.33
CA SER E 353 -8.81 -57.25 -20.04
C SER E 353 -9.35 -55.93 -19.45
N ALA E 354 -10.62 -55.93 -19.00
CA ALA E 354 -11.20 -54.72 -18.39
C ALA E 354 -10.58 -54.51 -17.00
N GLN E 355 -10.39 -55.57 -16.22
CA GLN E 355 -9.78 -55.49 -14.91
C GLN E 355 -8.36 -54.91 -14.99
N LEU E 356 -7.57 -55.32 -15.99
CA LEU E 356 -6.20 -54.79 -16.16
C LEU E 356 -6.18 -53.32 -16.57
N LEU E 357 -7.21 -52.81 -17.23
CA LEU E 357 -7.30 -51.38 -17.54
C LEU E 357 -7.70 -50.66 -16.24
N SER E 358 -8.71 -51.20 -15.52
CA SER E 358 -9.24 -50.61 -14.28
CA SER E 358 -9.20 -50.56 -14.30
C SER E 358 -8.15 -50.41 -13.20
N ARG E 359 -7.19 -51.33 -13.13
CA ARG E 359 -6.13 -51.26 -12.12
C ARG E 359 -5.26 -49.98 -12.24
N TYR E 360 -5.22 -49.35 -13.42
CA TYR E 360 -4.48 -48.10 -13.62
C TYR E 360 -5.30 -46.84 -13.34
N ARG E 361 -6.57 -47.02 -12.89
CA ARG E 361 -7.50 -45.95 -12.57
C ARG E 361 -7.57 -44.86 -13.64
N PRO E 362 -7.93 -45.20 -14.89
CA PRO E 362 -8.13 -44.16 -15.90
C PRO E 362 -9.32 -43.28 -15.51
N ARG E 363 -9.27 -42.01 -15.90
CA ARG E 363 -10.42 -41.12 -15.75
C ARG E 363 -11.48 -41.55 -16.82
N ALA E 364 -11.04 -42.04 -17.99
CA ALA E 364 -11.94 -42.50 -19.05
C ALA E 364 -12.71 -43.72 -18.56
N ALA E 365 -14.00 -43.79 -18.87
CA ALA E 365 -14.84 -44.94 -18.52
C ALA E 365 -14.33 -46.17 -19.28
N VAL E 366 -14.28 -47.33 -18.65
CA VAL E 366 -13.90 -48.57 -19.35
C VAL E 366 -15.21 -49.26 -19.73
N ILE E 367 -15.58 -49.22 -21.00
CA ILE E 367 -16.80 -49.85 -21.49
C ILE E 367 -16.47 -51.27 -21.93
N ALA E 368 -16.88 -52.26 -21.15
CA ALA E 368 -16.51 -53.65 -21.40
C ALA E 368 -17.63 -54.40 -22.13
N VAL E 369 -17.38 -54.82 -23.37
CA VAL E 369 -18.36 -55.53 -24.17
C VAL E 369 -18.09 -57.02 -24.08
N THR E 370 -19.07 -57.78 -23.59
CA THR E 370 -18.91 -59.22 -23.43
C THR E 370 -20.17 -59.98 -23.81
N ARG E 371 -20.01 -61.24 -24.25
CA ARG E 371 -21.14 -62.14 -24.48
C ARG E 371 -21.47 -62.92 -23.18
N SER E 372 -20.56 -62.94 -22.18
CA SER E 372 -20.76 -63.67 -20.95
C SER E 372 -21.63 -62.88 -20.00
N ALA E 373 -22.87 -63.35 -19.73
CA ALA E 373 -23.76 -62.67 -18.79
C ALA E 373 -23.14 -62.63 -17.40
N GLN E 374 -22.48 -63.72 -17.00
CA GLN E 374 -21.84 -63.78 -15.70
C GLN E 374 -20.66 -62.79 -15.61
N ALA E 375 -19.80 -62.71 -16.64
CA ALA E 375 -18.67 -61.76 -16.64
C ALA E 375 -19.19 -60.34 -16.59
N ALA E 376 -20.29 -60.04 -17.29
CA ALA E 376 -20.91 -58.72 -17.29
C ALA E 376 -21.35 -58.33 -15.86
N ARG E 377 -21.89 -59.28 -15.11
CA ARG E 377 -22.32 -59.02 -13.74
C ARG E 377 -21.09 -58.85 -12.82
N GLN E 378 -20.11 -59.74 -12.95
CA GLN E 378 -18.93 -59.74 -12.10
C GLN E 378 -18.01 -58.53 -12.26
N VAL E 379 -17.92 -57.93 -13.47
CA VAL E 379 -17.00 -56.79 -13.66
C VAL E 379 -17.42 -55.54 -12.89
N HIS E 380 -18.64 -55.52 -12.30
CA HIS E 380 -19.05 -54.44 -11.41
C HIS E 380 -18.09 -54.35 -10.20
N LEU E 381 -17.36 -55.44 -9.87
CA LEU E 381 -16.41 -55.42 -8.78
C LEU E 381 -15.21 -54.49 -9.08
N CYS E 382 -14.92 -54.17 -10.36
CA CYS E 382 -13.78 -53.34 -10.78
C CYS E 382 -14.17 -51.91 -11.03
N ARG E 383 -13.55 -50.96 -10.31
CA ARG E 383 -13.90 -49.55 -10.49
C ARG E 383 -13.79 -49.07 -11.92
N GLY E 384 -14.78 -48.34 -12.38
CA GLY E 384 -14.77 -47.71 -13.68
C GLY E 384 -15.05 -48.62 -14.85
N VAL E 385 -15.52 -49.85 -14.59
CA VAL E 385 -15.86 -50.78 -15.68
C VAL E 385 -17.39 -50.77 -15.81
N PHE E 386 -17.87 -50.46 -17.01
CA PHE E 386 -19.28 -50.39 -17.35
C PHE E 386 -19.57 -51.54 -18.29
N PRO E 387 -20.19 -52.62 -17.77
CA PRO E 387 -20.41 -53.80 -18.60
C PRO E 387 -21.59 -53.67 -19.56
N LEU E 388 -21.39 -54.16 -20.79
CA LEU E 388 -22.44 -54.18 -21.79
C LEU E 388 -22.55 -55.62 -22.26
N LEU E 389 -23.75 -56.22 -22.09
CA LEU E 389 -23.96 -57.59 -22.51
C LEU E 389 -24.38 -57.63 -23.97
N TYR E 390 -23.57 -58.26 -24.83
CA TYR E 390 -23.82 -58.37 -26.26
C TYR E 390 -24.57 -59.68 -26.53
N ARG E 391 -25.74 -59.61 -27.17
CA ARG E 391 -26.58 -60.80 -27.35
C ARG E 391 -26.67 -61.33 -28.78
N GLU E 392 -26.10 -60.62 -29.76
CA GLU E 392 -26.17 -61.06 -31.15
CA GLU E 392 -26.17 -61.06 -31.16
C GLU E 392 -25.34 -62.30 -31.45
N PRO E 393 -25.85 -63.18 -32.33
CA PRO E 393 -25.07 -64.38 -32.68
C PRO E 393 -23.81 -64.00 -33.48
N PRO E 394 -22.76 -64.83 -33.41
CA PRO E 394 -21.51 -64.48 -34.11
C PRO E 394 -21.62 -64.31 -35.61
N GLU E 395 -20.95 -63.28 -36.14
CA GLU E 395 -20.84 -63.03 -37.57
C GLU E 395 -19.96 -64.14 -38.19
N ALA E 396 -20.14 -64.43 -39.48
CA ALA E 396 -19.35 -65.45 -40.15
C ALA E 396 -17.85 -65.12 -40.13
N ILE E 397 -17.50 -63.84 -40.36
CA ILE E 397 -16.10 -63.43 -40.35
C ILE E 397 -15.79 -62.84 -38.96
N TRP E 398 -14.82 -63.43 -38.25
CA TRP E 398 -14.46 -63.01 -36.90
C TRP E 398 -14.13 -61.50 -36.78
N ALA E 399 -13.34 -60.94 -37.71
CA ALA E 399 -13.02 -59.52 -37.68
C ALA E 399 -14.27 -58.63 -37.76
N ASP E 400 -15.32 -59.09 -38.48
CA ASP E 400 -16.58 -58.37 -38.58
C ASP E 400 -17.34 -58.46 -37.25
N ASP E 401 -17.29 -59.63 -36.59
CA ASP E 401 -17.92 -59.83 -35.28
C ASP E 401 -17.28 -58.87 -34.25
N VAL E 402 -15.95 -58.74 -34.30
CA VAL E 402 -15.20 -57.83 -33.42
C VAL E 402 -15.67 -56.39 -33.66
N ASP E 403 -15.70 -55.97 -34.94
CA ASP E 403 -16.15 -54.62 -35.31
CA ASP E 403 -16.14 -54.63 -35.30
C ASP E 403 -17.57 -54.34 -34.86
N ARG E 404 -18.47 -55.32 -34.98
CA ARG E 404 -19.86 -55.14 -34.54
C ARG E 404 -19.95 -54.90 -33.05
N ARG E 405 -19.12 -55.60 -32.26
CA ARG E 405 -19.12 -55.43 -30.81
C ARG E 405 -18.54 -54.06 -30.41
N VAL E 406 -17.53 -53.57 -31.13
CA VAL E 406 -16.97 -52.24 -30.88
C VAL E 406 -18.04 -51.19 -31.17
N GLN E 407 -18.77 -51.36 -32.30
CA GLN E 407 -19.86 -50.44 -32.65
C GLN E 407 -21.00 -50.49 -31.64
N PHE E 408 -21.27 -51.67 -31.06
CA PHE E 408 -22.28 -51.81 -30.02
C PHE E 408 -21.85 -51.00 -28.77
N GLY E 409 -20.57 -51.04 -28.43
CA GLY E 409 -20.04 -50.26 -27.33
C GLY E 409 -20.17 -48.77 -27.58
N ILE E 410 -19.90 -48.33 -28.81
CA ILE E 410 -20.05 -46.93 -29.19
C ILE E 410 -21.51 -46.47 -29.13
N GLU E 411 -22.42 -47.25 -29.74
CA GLU E 411 -23.84 -46.92 -29.74
CA GLU E 411 -23.86 -46.95 -29.75
C GLU E 411 -24.42 -46.89 -28.34
N SER E 412 -24.03 -47.85 -27.48
CA SER E 412 -24.51 -47.87 -26.10
C SER E 412 -23.97 -46.64 -25.35
N GLY E 413 -22.70 -46.30 -25.59
CA GLY E 413 -22.07 -45.15 -24.96
C GLY E 413 -22.77 -43.86 -25.33
N LYS E 414 -23.12 -43.71 -26.61
CA LYS E 414 -23.84 -42.51 -27.06
C LYS E 414 -25.22 -42.43 -26.40
N LEU E 415 -25.97 -43.54 -26.37
CA LEU E 415 -27.30 -43.57 -25.77
C LEU E 415 -27.26 -43.23 -24.30
N ARG E 416 -26.26 -43.77 -23.59
CA ARG E 416 -26.14 -43.55 -22.15
C ARG E 416 -25.47 -42.24 -21.73
N GLY E 417 -24.98 -41.46 -22.68
CA GLY E 417 -24.33 -40.18 -22.36
C GLY E 417 -22.84 -40.24 -22.10
N PHE E 418 -22.20 -41.39 -22.30
CA PHE E 418 -20.76 -41.52 -22.12
C PHE E 418 -20.00 -40.84 -23.26
N LEU E 419 -20.54 -40.94 -24.48
CA LEU E 419 -19.88 -40.47 -25.69
C LEU E 419 -20.75 -39.57 -26.52
N ARG E 420 -20.10 -38.70 -27.28
CA ARG E 420 -20.76 -37.84 -28.23
C ARG E 420 -19.91 -37.80 -29.51
N VAL E 421 -20.47 -37.34 -30.61
CA VAL E 421 -19.74 -37.21 -31.88
C VAL E 421 -18.57 -36.21 -31.68
N GLY E 422 -17.38 -36.57 -32.15
CA GLY E 422 -16.21 -35.73 -31.96
C GLY E 422 -15.30 -36.21 -30.84
N ASP E 423 -15.82 -37.01 -29.90
CA ASP E 423 -14.99 -37.54 -28.82
C ASP E 423 -13.94 -38.51 -29.35
N LEU E 424 -12.85 -38.68 -28.63
CA LEU E 424 -11.85 -39.68 -28.96
C LEU E 424 -12.06 -40.83 -27.98
N VAL E 425 -11.95 -42.06 -28.46
CA VAL E 425 -12.04 -43.24 -27.61
C VAL E 425 -10.84 -44.12 -27.92
N ILE E 426 -10.42 -44.91 -26.95
CA ILE E 426 -9.37 -45.89 -27.14
C ILE E 426 -10.08 -47.23 -27.25
N VAL E 427 -9.75 -48.05 -28.24
CA VAL E 427 -10.41 -49.35 -28.42
C VAL E 427 -9.39 -50.44 -28.21
N VAL E 428 -9.68 -51.38 -27.31
CA VAL E 428 -8.77 -52.45 -26.96
C VAL E 428 -9.36 -53.80 -27.39
N THR E 429 -8.63 -54.49 -28.27
CA THR E 429 -9.07 -55.78 -28.81
C THR E 429 -7.87 -56.77 -28.85
N GLY E 430 -8.10 -58.00 -29.35
CA GLY E 430 -7.11 -59.04 -29.46
C GLY E 430 -6.93 -59.53 -30.88
N TRP E 431 -5.93 -60.36 -31.11
CA TRP E 431 -5.58 -60.81 -32.45
C TRP E 431 -6.28 -62.12 -32.88
N ARG E 432 -6.90 -62.82 -31.96
CA ARG E 432 -7.59 -64.09 -32.24
C ARG E 432 -8.71 -64.32 -31.20
N PRO E 433 -9.71 -65.18 -31.52
CA PRO E 433 -10.79 -65.42 -30.55
C PRO E 433 -10.31 -66.15 -29.29
N GLY E 434 -11.11 -66.08 -28.24
CA GLY E 434 -10.78 -66.73 -26.98
C GLY E 434 -10.13 -65.77 -26.02
N SER E 435 -10.24 -66.07 -24.74
CA SER E 435 -9.67 -65.24 -23.69
CA SER E 435 -9.65 -65.24 -23.68
C SER E 435 -8.14 -65.29 -23.71
N GLY E 436 -7.50 -64.18 -23.33
CA GLY E 436 -6.04 -64.12 -23.20
C GLY E 436 -5.21 -63.55 -24.32
N TYR E 437 -5.83 -63.08 -25.39
CA TYR E 437 -5.10 -62.62 -26.57
C TYR E 437 -5.24 -61.14 -26.87
N THR E 438 -5.67 -60.33 -25.88
CA THR E 438 -5.73 -58.87 -26.07
C THR E 438 -4.31 -58.34 -26.36
N ASN E 439 -4.14 -57.56 -27.43
CA ASN E 439 -2.80 -57.05 -27.79
C ASN E 439 -2.85 -55.80 -28.67
N ILE E 440 -4.03 -55.20 -28.87
CA ILE E 440 -4.19 -54.08 -29.79
C ILE E 440 -4.90 -52.91 -29.14
N MET E 441 -4.38 -51.72 -29.38
CA MET E 441 -5.00 -50.50 -28.91
CA MET E 441 -4.94 -50.47 -28.88
C MET E 441 -5.11 -49.55 -30.11
N ARG E 442 -6.29 -48.97 -30.30
CA ARG E 442 -6.56 -48.10 -31.43
C ARG E 442 -7.16 -46.79 -30.95
N VAL E 443 -6.80 -45.66 -31.57
CA VAL E 443 -7.40 -44.38 -31.18
C VAL E 443 -8.41 -44.01 -32.26
N LEU E 444 -9.67 -43.91 -31.86
CA LEU E 444 -10.79 -43.72 -32.78
C LEU E 444 -11.57 -42.44 -32.48
N SER E 445 -11.94 -41.72 -33.54
CA SER E 445 -12.75 -40.51 -33.39
CA SER E 445 -12.74 -40.50 -33.40
C SER E 445 -14.21 -40.92 -33.59
N ILE E 446 -15.07 -40.54 -32.67
CA ILE E 446 -16.49 -40.90 -32.73
C ILE E 446 -17.22 -40.12 -33.81
N SER E 447 -17.87 -40.82 -34.74
CA SER E 447 -18.65 -40.21 -35.80
C SER E 447 -20.14 -40.60 -35.67
N ASP F 14 8.27 -55.65 -8.44
CA ASP F 14 8.45 -54.60 -9.44
C ASP F 14 9.14 -55.19 -10.70
N VAL F 15 10.26 -55.88 -10.50
CA VAL F 15 11.01 -56.50 -11.59
C VAL F 15 11.26 -57.99 -11.34
N ALA F 16 10.75 -58.57 -10.24
CA ALA F 16 11.01 -59.96 -9.88
C ALA F 16 10.57 -60.97 -10.93
N GLN F 17 9.34 -60.85 -11.46
CA GLN F 17 8.86 -61.81 -12.46
C GLN F 17 9.66 -61.71 -13.74
N LEU F 18 9.94 -60.50 -14.21
CA LEU F 18 10.73 -60.33 -15.42
C LEU F 18 12.18 -60.74 -15.21
N THR F 19 12.71 -60.59 -13.98
CA THR F 19 14.09 -61.04 -13.69
C THR F 19 14.11 -62.56 -13.75
N GLN F 20 13.10 -63.24 -13.24
CA GLN F 20 13.03 -64.70 -13.34
C GLN F 20 12.98 -65.16 -14.81
N GLU F 21 12.15 -64.47 -15.64
CA GLU F 21 11.96 -64.83 -17.05
C GLU F 21 13.16 -64.49 -17.94
N LEU F 22 13.68 -63.24 -17.83
CA LEU F 22 14.79 -62.79 -18.68
C LEU F 22 16.17 -63.10 -18.12
N GLY F 23 16.25 -63.34 -16.82
CA GLY F 23 17.51 -63.65 -16.16
C GLY F 23 18.20 -62.47 -15.51
N THR F 24 19.06 -62.76 -14.53
CA THR F 24 19.82 -61.71 -13.86
C THR F 24 20.83 -61.09 -14.80
N ALA F 25 21.40 -61.87 -15.77
CA ALA F 25 22.39 -61.29 -16.70
C ALA F 25 21.78 -60.16 -17.53
N PHE F 26 20.52 -60.33 -18.00
CA PHE F 26 19.84 -59.29 -18.79
C PHE F 26 19.75 -57.98 -17.97
N PHE F 27 19.36 -58.10 -16.70
CA PHE F 27 19.17 -56.96 -15.83
C PHE F 27 20.46 -56.35 -15.25
N GLN F 28 21.62 -56.94 -15.53
CA GLN F 28 22.93 -56.41 -15.16
C GLN F 28 23.48 -55.52 -16.31
N GLN F 29 23.03 -55.75 -17.58
CA GLN F 29 23.49 -55.03 -18.75
C GLN F 29 22.78 -53.69 -18.96
N GLN F 30 23.25 -52.89 -19.93
CA GLN F 30 22.71 -51.60 -20.38
C GLN F 30 22.33 -50.68 -19.25
N GLN F 31 23.13 -50.67 -18.17
CA GLN F 31 22.88 -49.85 -16.99
C GLN F 31 21.47 -50.01 -16.41
N LEU F 32 20.88 -51.22 -16.56
CA LEU F 32 19.54 -51.47 -16.02
C LEU F 32 19.50 -51.31 -14.48
N PRO F 33 20.53 -51.66 -13.67
CA PRO F 33 20.44 -51.37 -12.22
C PRO F 33 20.30 -49.87 -11.98
N ALA F 34 21.04 -49.03 -12.73
CA ALA F 34 20.93 -47.56 -12.58
C ALA F 34 19.58 -47.04 -13.09
N ALA F 35 19.03 -47.69 -14.14
CA ALA F 35 17.73 -47.32 -14.70
C ALA F 35 16.60 -47.50 -13.69
N MET F 36 16.70 -48.49 -12.80
CA MET F 36 15.64 -48.75 -11.83
C MET F 36 15.74 -47.89 -10.56
N ALA F 37 16.74 -47.00 -10.46
CA ALA F 37 16.90 -46.20 -9.24
C ALA F 37 15.76 -45.23 -9.02
N ASP F 38 15.45 -44.95 -7.76
CA ASP F 38 14.35 -44.07 -7.36
C ASP F 38 14.71 -42.59 -7.39
N THR F 39 16.01 -42.25 -7.38
CA THR F 39 16.42 -40.84 -7.48
C THR F 39 17.57 -40.72 -8.51
N PHE F 40 17.80 -39.52 -9.04
CA PHE F 40 18.91 -39.28 -9.95
C PHE F 40 20.24 -39.54 -9.26
N LEU F 41 20.37 -39.15 -7.97
CA LEU F 41 21.60 -39.40 -7.22
C LEU F 41 21.87 -40.90 -7.12
N GLU F 42 20.85 -41.72 -6.78
CA GLU F 42 21.00 -43.18 -6.70
CA GLU F 42 21.04 -43.17 -6.69
C GLU F 42 21.36 -43.75 -8.08
N HIS F 43 20.76 -43.19 -9.15
CA HIS F 43 21.02 -43.60 -10.52
C HIS F 43 22.52 -43.43 -10.82
N LEU F 44 23.10 -42.26 -10.48
CA LEU F 44 24.53 -42.04 -10.68
C LEU F 44 25.37 -43.04 -9.90
N CYS F 45 25.03 -43.28 -8.62
CA CYS F 45 25.74 -44.23 -7.76
C CYS F 45 25.74 -45.64 -8.31
N LEU F 46 24.73 -45.98 -9.13
CA LEU F 46 24.62 -47.35 -9.66
C LEU F 46 25.21 -47.53 -11.04
N LEU F 47 25.71 -46.46 -11.70
CA LEU F 47 26.36 -46.60 -13.00
C LEU F 47 27.57 -47.53 -12.89
N ASP F 48 27.70 -48.47 -13.81
CA ASP F 48 28.68 -49.53 -13.69
C ASP F 48 29.49 -49.67 -14.96
N ILE F 49 30.83 -49.57 -14.86
CA ILE F 49 31.70 -49.74 -16.03
C ILE F 49 31.65 -51.18 -16.60
N ASP F 50 31.25 -52.16 -15.79
CA ASP F 50 31.12 -53.55 -16.26
C ASP F 50 29.71 -53.86 -16.86
N SER F 51 28.81 -52.88 -16.87
CA SER F 51 27.48 -53.07 -17.43
C SER F 51 27.54 -52.70 -18.91
N GLU F 52 27.59 -53.71 -19.77
CA GLU F 52 27.80 -53.46 -21.20
C GLU F 52 26.57 -52.97 -21.95
N PRO F 53 26.76 -52.01 -22.88
CA PRO F 53 25.61 -51.56 -23.68
C PRO F 53 25.15 -52.67 -24.63
N VAL F 54 23.85 -52.79 -24.85
CA VAL F 54 23.32 -53.83 -25.73
C VAL F 54 22.59 -53.21 -26.92
N ALA F 55 21.86 -52.11 -26.69
CA ALA F 55 21.08 -51.48 -27.74
C ALA F 55 21.94 -50.93 -28.87
N ALA F 56 21.37 -50.84 -30.08
CA ALA F 56 22.06 -50.21 -31.22
C ALA F 56 22.22 -48.72 -30.87
N ARG F 57 23.29 -48.10 -31.39
CA ARG F 57 23.57 -46.69 -31.10
C ARG F 57 22.49 -45.81 -31.70
N SER F 58 21.87 -44.99 -30.87
CA SER F 58 20.73 -44.17 -31.26
C SER F 58 21.05 -42.72 -31.69
N THR F 59 22.14 -42.13 -31.19
CA THR F 59 22.48 -40.74 -31.53
C THR F 59 23.21 -40.77 -32.86
N SER F 60 22.68 -40.09 -33.88
CA SER F 60 23.33 -40.09 -35.19
C SER F 60 24.65 -39.33 -35.21
N ILE F 61 25.56 -39.76 -36.08
CA ILE F 61 26.85 -39.14 -36.26
C ILE F 61 26.89 -38.41 -37.58
N ILE F 62 27.20 -37.12 -37.51
CA ILE F 62 27.39 -36.28 -38.68
C ILE F 62 28.88 -36.13 -38.90
N ALA F 63 29.38 -36.51 -40.09
CA ALA F 63 30.80 -36.39 -40.39
C ALA F 63 30.99 -35.38 -41.51
N THR F 64 31.92 -34.44 -41.31
CA THR F 64 32.21 -33.45 -42.36
C THR F 64 33.08 -34.10 -43.41
N ILE F 65 32.70 -33.96 -44.68
CA ILE F 65 33.45 -34.57 -45.77
C ILE F 65 34.46 -33.57 -46.32
N GLY F 66 35.71 -33.97 -46.40
CA GLY F 66 36.78 -33.13 -46.92
C GLY F 66 37.91 -33.96 -47.47
N PRO F 67 39.08 -33.33 -47.63
CA PRO F 67 40.25 -34.06 -48.19
C PRO F 67 40.56 -35.40 -47.55
N ALA F 68 40.38 -35.55 -46.20
CA ALA F 68 40.70 -36.82 -45.55
C ALA F 68 39.60 -37.89 -45.63
N SER F 69 38.43 -37.56 -46.16
CA SER F 69 37.29 -38.47 -46.17
C SER F 69 36.46 -38.40 -47.45
N ARG F 70 37.07 -38.03 -48.57
CA ARG F 70 36.38 -37.85 -49.83
C ARG F 70 36.40 -39.05 -50.76
N SER F 71 37.43 -39.89 -50.66
CA SER F 71 37.51 -41.04 -51.55
C SER F 71 36.39 -42.05 -51.28
N VAL F 72 35.96 -42.77 -52.31
CA VAL F 72 34.90 -43.75 -52.19
C VAL F 72 35.28 -44.84 -51.20
N GLU F 73 36.53 -45.31 -51.24
CA GLU F 73 36.95 -46.35 -50.32
C GLU F 73 36.95 -45.88 -48.88
N ARG F 74 37.36 -44.63 -48.64
CA ARG F 74 37.37 -44.07 -47.29
C ARG F 74 35.92 -43.88 -46.80
N LEU F 75 35.04 -43.40 -47.66
CA LEU F 75 33.62 -43.22 -47.34
C LEU F 75 32.93 -44.54 -47.00
N LYS F 76 33.30 -45.65 -47.67
CA LYS F 76 32.72 -46.95 -47.34
C LYS F 76 33.11 -47.33 -45.90
N GLU F 77 34.37 -47.07 -45.50
CA GLU F 77 34.86 -47.35 -44.15
CA GLU F 77 34.81 -47.38 -44.15
C GLU F 77 34.11 -46.50 -43.12
N MET F 78 33.82 -45.23 -43.47
CA MET F 78 33.11 -44.33 -42.57
CA MET F 78 33.12 -44.33 -42.57
C MET F 78 31.66 -44.73 -42.40
N ILE F 79 31.03 -45.26 -43.46
CA ILE F 79 29.65 -45.74 -43.36
C ILE F 79 29.64 -46.97 -42.45
N LYS F 80 30.60 -47.89 -42.62
CA LYS F 80 30.70 -49.08 -41.77
C LYS F 80 30.99 -48.71 -40.30
N ALA F 81 31.77 -47.63 -40.08
CA ALA F 81 32.10 -47.16 -38.73
C ALA F 81 30.89 -46.50 -38.01
N GLY F 82 29.90 -46.03 -38.80
CA GLY F 82 28.70 -45.46 -38.21
C GLY F 82 28.26 -44.09 -38.68
N MET F 83 28.92 -43.49 -39.69
CA MET F 83 28.48 -42.19 -40.21
C MET F 83 27.04 -42.28 -40.76
N ASN F 84 26.14 -41.38 -40.31
CA ASN F 84 24.75 -41.38 -40.76
C ASN F 84 24.42 -40.21 -41.65
N ILE F 85 25.13 -39.07 -41.45
CA ILE F 85 24.90 -37.84 -42.21
C ILE F 85 26.25 -37.30 -42.66
N ALA F 86 26.38 -36.98 -43.95
CA ALA F 86 27.59 -36.42 -44.52
C ALA F 86 27.38 -34.90 -44.60
N ARG F 87 28.27 -34.11 -44.01
CA ARG F 87 28.13 -32.65 -44.02
C ARG F 87 29.11 -32.05 -45.04
N LEU F 88 28.61 -31.15 -45.88
CA LEU F 88 29.44 -30.45 -46.87
C LEU F 88 29.53 -29.01 -46.43
N ASN F 89 30.73 -28.55 -46.09
CA ASN F 89 30.89 -27.18 -45.58
C ASN F 89 31.14 -26.23 -46.76
N PHE F 90 30.11 -25.47 -47.13
CA PHE F 90 30.23 -24.54 -48.25
C PHE F 90 31.04 -23.26 -47.94
N SER F 91 31.63 -23.16 -46.71
CA SER F 91 32.57 -22.07 -46.42
C SER F 91 33.91 -22.33 -47.16
N HIS F 92 34.16 -23.57 -47.64
CA HIS F 92 35.39 -23.95 -48.33
C HIS F 92 35.05 -24.78 -49.59
N GLY F 93 35.91 -24.74 -50.59
CA GLY F 93 35.72 -25.52 -51.80
C GLY F 93 34.71 -24.95 -52.80
N SER F 94 34.84 -25.37 -54.04
CA SER F 94 33.96 -24.91 -55.11
C SER F 94 32.71 -25.81 -55.24
N HIS F 95 31.77 -25.41 -56.11
CA HIS F 95 30.61 -26.24 -56.41
C HIS F 95 31.06 -27.56 -57.05
N GLU F 96 32.09 -27.51 -57.90
CA GLU F 96 32.62 -28.71 -58.55
C GLU F 96 33.20 -29.67 -57.52
N TYR F 97 33.93 -29.13 -56.54
CA TYR F 97 34.53 -29.92 -55.47
C TYR F 97 33.42 -30.64 -54.67
N HIS F 98 32.38 -29.90 -54.24
CA HIS F 98 31.26 -30.47 -53.47
C HIS F 98 30.43 -31.44 -54.27
N ALA F 99 30.25 -31.21 -55.59
CA ALA F 99 29.49 -32.14 -56.42
C ALA F 99 30.22 -33.48 -56.48
N GLU F 100 31.57 -33.46 -56.55
CA GLU F 100 32.35 -34.69 -56.58
C GLU F 100 32.24 -35.41 -55.22
N SER F 101 32.24 -34.66 -54.12
CA SER F 101 32.08 -35.25 -52.79
C SER F 101 30.72 -35.95 -52.68
N ILE F 102 29.63 -35.29 -53.13
CA ILE F 102 28.27 -35.85 -53.13
C ILE F 102 28.22 -37.13 -53.96
N ALA F 103 28.83 -37.11 -55.16
CA ALA F 103 28.84 -38.29 -56.03
C ALA F 103 29.59 -39.45 -55.35
N ASN F 104 30.71 -39.17 -54.68
CA ASN F 104 31.47 -40.19 -53.98
C ASN F 104 30.69 -40.77 -52.80
N VAL F 105 29.97 -39.92 -52.04
CA VAL F 105 29.14 -40.40 -50.93
C VAL F 105 28.06 -41.32 -51.47
N ARG F 106 27.35 -40.88 -52.53
CA ARG F 106 26.31 -41.70 -53.13
C ARG F 106 26.84 -43.03 -53.68
N GLU F 107 28.03 -43.02 -54.28
CA GLU F 107 28.62 -44.27 -54.79
C GLU F 107 28.94 -45.21 -53.62
N ALA F 108 29.50 -44.68 -52.52
CA ALA F 108 29.81 -45.49 -51.36
C ALA F 108 28.51 -46.05 -50.73
N VAL F 109 27.47 -45.23 -50.60
CA VAL F 109 26.20 -45.66 -50.01
C VAL F 109 25.55 -46.76 -50.86
N GLU F 110 25.51 -46.55 -52.18
CA GLU F 110 24.88 -47.52 -53.07
C GLU F 110 25.67 -48.81 -53.23
N SER F 111 26.96 -48.84 -52.85
CA SER F 111 27.74 -50.07 -52.88
C SER F 111 27.19 -51.14 -51.92
N PHE F 112 26.38 -50.73 -50.91
CA PHE F 112 25.77 -51.64 -49.95
C PHE F 112 24.28 -51.93 -50.25
N ALA F 113 23.74 -51.42 -51.37
CA ALA F 113 22.31 -51.56 -51.73
C ALA F 113 21.85 -52.93 -52.15
N GLY F 114 22.75 -53.90 -52.21
CA GLY F 114 22.37 -55.24 -52.60
C GLY F 114 21.45 -55.95 -51.63
N SER F 115 21.28 -55.41 -50.39
CA SER F 115 20.48 -56.07 -49.36
C SER F 115 20.02 -55.13 -48.26
N PRO F 116 18.82 -55.35 -47.69
CA PRO F 116 18.37 -54.52 -46.55
C PRO F 116 19.16 -54.75 -45.27
N LEU F 117 20.07 -55.73 -45.26
CA LEU F 117 20.93 -56.03 -44.12
C LEU F 117 22.26 -55.26 -44.17
N SER F 118 22.65 -54.85 -45.36
CA SER F 118 23.88 -54.12 -45.58
CA SER F 118 23.89 -54.10 -45.56
C SER F 118 23.59 -52.63 -45.85
N TYR F 119 22.41 -52.32 -46.43
CA TYR F 119 22.02 -50.97 -46.81
C TYR F 119 21.90 -49.96 -45.66
N ARG F 120 22.71 -48.90 -45.70
CA ARG F 120 22.60 -47.87 -44.67
C ARG F 120 22.26 -46.56 -45.36
N PRO F 121 21.01 -46.02 -45.28
CA PRO F 121 20.77 -44.71 -45.88
C PRO F 121 21.71 -43.66 -45.22
N VAL F 122 22.24 -42.71 -46.01
CA VAL F 122 23.12 -41.65 -45.46
C VAL F 122 22.58 -40.32 -45.97
N ALA F 123 22.21 -39.39 -45.07
CA ALA F 123 21.71 -38.09 -45.50
C ALA F 123 22.84 -37.17 -45.93
N ILE F 124 22.57 -36.27 -46.87
CA ILE F 124 23.56 -35.29 -47.31
C ILE F 124 23.11 -33.92 -46.85
N ALA F 125 23.95 -33.25 -46.06
CA ALA F 125 23.64 -31.95 -45.49
C ALA F 125 24.55 -30.86 -46.03
N LEU F 126 23.98 -29.74 -46.42
CA LEU F 126 24.74 -28.61 -46.96
C LEU F 126 24.84 -27.56 -45.86
N ASP F 127 26.04 -27.20 -45.46
CA ASP F 127 26.25 -26.20 -44.41
C ASP F 127 26.65 -24.89 -45.10
N THR F 128 25.78 -23.89 -45.02
CA THR F 128 26.02 -22.63 -45.74
C THR F 128 27.20 -21.78 -45.20
N LYS F 129 27.74 -20.92 -46.07
CA LYS F 129 28.82 -20.02 -45.69
C LYS F 129 28.34 -19.00 -44.66
N GLY F 130 27.13 -18.49 -44.84
CA GLY F 130 26.55 -17.54 -43.89
C GLY F 130 26.48 -16.12 -44.42
N PRO F 131 25.93 -15.22 -43.59
CA PRO F 131 25.76 -13.83 -44.02
C PRO F 131 27.05 -13.02 -44.03
N PRO F 135 24.07 -9.44 -42.59
CA PRO F 135 23.00 -8.51 -42.98
C PRO F 135 21.86 -9.17 -43.76
N GLY F 136 21.60 -10.45 -43.49
CA GLY F 136 20.57 -11.19 -44.22
C GLY F 136 21.14 -12.25 -45.15
N LEU F 137 20.29 -12.86 -46.00
CA LEU F 137 20.77 -13.92 -46.91
C LEU F 137 21.75 -13.39 -47.96
N SER F 138 22.98 -13.91 -47.95
CA SER F 138 24.01 -13.48 -48.88
C SER F 138 23.77 -14.01 -50.31
N GLU F 139 24.38 -13.37 -51.32
CA GLU F 139 24.27 -13.82 -52.70
C GLU F 139 24.93 -15.18 -52.88
N GLN F 140 26.04 -15.44 -52.18
CA GLN F 140 26.70 -16.74 -52.27
C GLN F 140 25.80 -17.84 -51.70
N ASP F 141 25.10 -17.55 -50.59
CA ASP F 141 24.18 -18.52 -50.01
C ASP F 141 23.03 -18.83 -50.96
N VAL F 142 22.52 -17.84 -51.71
CA VAL F 142 21.46 -18.09 -52.68
C VAL F 142 21.95 -19.07 -53.76
N ARG F 143 23.17 -18.87 -54.27
CA ARG F 143 23.73 -19.78 -55.26
C ARG F 143 24.00 -21.17 -54.69
N ASP F 144 24.49 -21.25 -53.45
CA ASP F 144 24.79 -22.53 -52.82
C ASP F 144 23.52 -23.31 -52.50
N LEU F 145 22.46 -22.62 -52.06
CA LEU F 145 21.19 -23.26 -51.77
C LEU F 145 20.54 -23.79 -53.05
N ARG F 146 20.72 -23.06 -54.17
CA ARG F 146 20.24 -23.52 -55.47
C ARG F 146 20.99 -24.77 -55.89
N PHE F 147 22.31 -24.79 -55.66
CA PHE F 147 23.15 -25.96 -55.94
C PHE F 147 22.63 -27.18 -55.12
N GLY F 148 22.30 -26.94 -53.86
CA GLY F 148 21.77 -27.98 -52.97
C GLY F 148 20.49 -28.61 -53.49
N VAL F 149 19.55 -27.78 -53.92
CA VAL F 149 18.29 -28.27 -54.48
C VAL F 149 18.55 -29.07 -55.75
N GLU F 150 19.40 -28.54 -56.64
CA GLU F 150 19.72 -29.23 -57.89
C GLU F 150 20.42 -30.56 -57.67
N HIS F 151 21.20 -30.68 -56.60
CA HIS F 151 21.89 -31.92 -56.29
C HIS F 151 21.14 -32.84 -55.30
N GLY F 152 19.91 -32.51 -54.96
CA GLY F 152 19.06 -33.33 -54.10
C GLY F 152 19.53 -33.51 -52.67
N VAL F 153 20.10 -32.46 -52.06
CA VAL F 153 20.52 -32.57 -50.65
C VAL F 153 19.28 -32.76 -49.76
N ASP F 154 19.48 -33.43 -48.61
CA ASP F 154 18.36 -33.73 -47.70
C ASP F 154 18.16 -32.66 -46.64
N ILE F 155 19.25 -32.02 -46.22
CA ILE F 155 19.24 -31.08 -45.11
C ILE F 155 20.09 -29.86 -45.40
N VAL F 156 19.71 -28.72 -44.84
CA VAL F 156 20.51 -27.52 -44.89
C VAL F 156 20.83 -27.15 -43.43
N PHE F 157 22.12 -26.95 -43.13
CA PHE F 157 22.54 -26.42 -41.83
C PHE F 157 22.75 -24.94 -42.14
N ALA F 158 21.78 -24.09 -41.78
CA ALA F 158 21.83 -22.65 -42.08
C ALA F 158 22.70 -21.90 -41.07
N SER F 159 23.82 -21.35 -41.53
CA SER F 159 24.76 -20.64 -40.67
C SER F 159 24.27 -19.29 -40.17
N PHE F 160 24.64 -18.96 -38.92
CA PHE F 160 24.34 -17.69 -38.27
C PHE F 160 22.88 -17.26 -38.36
N VAL F 161 21.96 -18.15 -37.96
CA VAL F 161 20.55 -17.80 -37.94
C VAL F 161 20.32 -16.90 -36.71
N ARG F 162 19.81 -15.69 -36.93
CA ARG F 162 19.61 -14.72 -35.85
C ARG F 162 18.16 -14.39 -35.53
N LYS F 163 17.23 -14.74 -36.42
CA LYS F 163 15.82 -14.43 -36.26
C LYS F 163 14.98 -15.29 -37.23
N ALA F 164 13.67 -15.35 -37.00
CA ALA F 164 12.77 -16.14 -37.82
C ALA F 164 12.81 -15.77 -39.32
N SER F 165 13.01 -14.47 -39.65
CA SER F 165 13.07 -14.06 -41.06
C SER F 165 14.27 -14.63 -41.79
N ASP F 166 15.36 -14.98 -41.06
CA ASP F 166 16.52 -15.61 -41.68
C ASP F 166 16.12 -17.00 -42.19
N VAL F 167 15.32 -17.74 -41.40
CA VAL F 167 14.84 -19.07 -41.80
C VAL F 167 13.91 -18.94 -43.02
N ALA F 168 13.02 -17.95 -43.01
CA ALA F 168 12.11 -17.72 -44.13
C ALA F 168 12.88 -17.44 -45.43
N ALA F 169 13.97 -16.67 -45.33
CA ALA F 169 14.81 -16.37 -46.49
C ALA F 169 15.47 -17.62 -47.05
N VAL F 170 15.98 -18.51 -46.17
CA VAL F 170 16.59 -19.77 -46.62
C VAL F 170 15.52 -20.63 -47.31
N ARG F 171 14.33 -20.70 -46.71
CA ARG F 171 13.22 -21.48 -47.26
CA ARG F 171 13.22 -21.48 -47.26
C ARG F 171 12.85 -20.96 -48.65
N ALA F 172 12.79 -19.63 -48.83
CA ALA F 172 12.45 -19.03 -50.12
C ALA F 172 13.53 -19.33 -51.16
N ALA F 173 14.81 -19.27 -50.77
CA ALA F 173 15.92 -19.57 -51.70
C ALA F 173 15.96 -21.03 -52.14
N LEU F 174 15.33 -21.94 -51.37
CA LEU F 174 15.25 -23.35 -51.76
C LEU F 174 14.16 -23.57 -52.87
N GLY F 175 13.23 -22.64 -52.99
CA GLY F 175 12.18 -22.65 -54.01
C GLY F 175 11.16 -23.76 -53.89
N PRO F 176 10.29 -23.90 -54.91
CA PRO F 176 9.25 -24.93 -54.86
C PRO F 176 9.78 -26.35 -54.90
N GLU F 177 10.91 -26.59 -55.57
CA GLU F 177 11.48 -27.94 -55.64
C GLU F 177 12.24 -28.36 -54.35
N GLY F 178 12.45 -27.43 -53.42
CA GLY F 178 13.16 -27.76 -52.19
C GLY F 178 12.29 -27.74 -50.95
N HIS F 179 10.97 -27.89 -51.10
CA HIS F 179 10.04 -27.87 -49.98
C HIS F 179 10.26 -29.01 -48.96
N GLY F 180 10.78 -30.14 -49.42
CA GLY F 180 11.00 -31.30 -48.56
C GLY F 180 12.33 -31.31 -47.81
N ILE F 181 13.23 -30.38 -48.13
CA ILE F 181 14.52 -30.28 -47.48
C ILE F 181 14.36 -29.77 -46.04
N LYS F 182 15.01 -30.42 -45.07
CA LYS F 182 14.93 -29.99 -43.67
C LYS F 182 15.89 -28.81 -43.41
N ILE F 183 15.43 -27.79 -42.70
CA ILE F 183 16.27 -26.65 -42.37
C ILE F 183 16.63 -26.72 -40.89
N ILE F 184 17.90 -26.90 -40.61
CA ILE F 184 18.45 -26.95 -39.25
C ILE F 184 19.15 -25.61 -39.04
N SER F 185 18.62 -24.78 -38.14
CA SER F 185 19.19 -23.47 -37.89
C SER F 185 20.39 -23.54 -36.96
N LYS F 186 21.53 -22.98 -37.40
CA LYS F 186 22.73 -22.94 -36.58
C LYS F 186 22.68 -21.71 -35.68
N ILE F 187 22.75 -21.92 -34.36
CA ILE F 187 22.76 -20.82 -33.40
C ILE F 187 24.23 -20.56 -33.06
N GLU F 188 24.73 -19.39 -33.47
CA GLU F 188 26.15 -19.09 -33.37
C GLU F 188 26.50 -17.78 -32.68
N ASN F 189 25.51 -17.02 -32.21
CA ASN F 189 25.80 -15.73 -31.57
C ASN F 189 24.74 -15.36 -30.53
N HIS F 190 24.97 -14.25 -29.80
CA HIS F 190 24.06 -13.82 -28.75
C HIS F 190 22.63 -13.61 -29.23
N GLU F 191 22.44 -12.97 -30.39
CA GLU F 191 21.10 -12.73 -30.91
C GLU F 191 20.34 -14.04 -31.19
N GLY F 192 21.01 -15.04 -31.76
CA GLY F 192 20.40 -16.33 -32.03
C GLY F 192 19.93 -17.01 -30.74
N VAL F 193 20.75 -16.92 -29.67
CA VAL F 193 20.38 -17.47 -28.37
C VAL F 193 19.16 -16.74 -27.82
N LYS F 194 19.18 -15.40 -27.85
CA LYS F 194 18.08 -14.59 -27.32
C LYS F 194 16.76 -14.75 -28.09
N ARG F 195 16.84 -14.92 -29.40
CA ARG F 195 15.65 -15.12 -30.23
C ARG F 195 15.42 -16.61 -30.54
N PHE F 196 15.97 -17.50 -29.70
CA PHE F 196 15.85 -18.93 -29.91
C PHE F 196 14.42 -19.44 -30.13
N ASP F 197 13.46 -19.05 -29.29
CA ASP F 197 12.09 -19.55 -29.41
C ASP F 197 11.47 -19.26 -30.77
N GLU F 198 11.65 -18.04 -31.29
CA GLU F 198 11.09 -17.69 -32.60
C GLU F 198 11.79 -18.46 -33.73
N ILE F 199 13.10 -18.74 -33.58
CA ILE F 199 13.86 -19.47 -34.59
C ILE F 199 13.43 -20.95 -34.59
N LEU F 200 13.34 -21.55 -33.39
CA LEU F 200 12.94 -22.96 -33.29
C LEU F 200 11.56 -23.20 -33.88
N GLU F 201 10.63 -22.28 -33.62
CA GLU F 201 9.25 -22.37 -34.09
C GLU F 201 9.16 -22.58 -35.61
N VAL F 202 10.00 -21.90 -36.39
CA VAL F 202 9.97 -22.00 -37.85
C VAL F 202 11.03 -22.95 -38.45
N SER F 203 11.92 -23.51 -37.63
CA SER F 203 12.96 -24.40 -38.14
C SER F 203 12.55 -25.87 -37.95
N ASP F 204 13.17 -26.77 -38.72
CA ASP F 204 12.96 -28.20 -38.51
C ASP F 204 13.79 -28.72 -37.30
N GLY F 205 14.84 -28.00 -36.96
CA GLY F 205 15.71 -28.35 -35.85
C GLY F 205 16.80 -27.32 -35.65
N ILE F 206 17.72 -27.60 -34.73
CA ILE F 206 18.75 -26.65 -34.37
C ILE F 206 20.12 -27.28 -34.32
N MET F 207 21.16 -26.51 -34.60
CA MET F 207 22.52 -26.94 -34.37
C MET F 207 23.17 -25.95 -33.37
N VAL F 208 23.74 -26.47 -32.28
CA VAL F 208 24.48 -25.67 -31.33
C VAL F 208 25.89 -25.58 -31.92
N ALA F 209 26.15 -24.48 -32.66
CA ALA F 209 27.42 -24.30 -33.37
C ALA F 209 28.42 -23.67 -32.40
N ARG F 210 29.08 -24.53 -31.59
CA ARG F 210 29.90 -24.05 -30.49
C ARG F 210 31.14 -23.29 -30.87
N GLY F 211 31.68 -23.50 -32.07
CA GLY F 211 32.89 -22.81 -32.52
C GLY F 211 32.68 -21.31 -32.55
N ASP F 212 31.73 -20.85 -33.36
CA ASP F 212 31.41 -19.42 -33.40
C ASP F 212 30.75 -18.95 -32.11
N LEU F 213 29.88 -19.78 -31.50
CA LEU F 213 29.22 -19.38 -30.25
C LEU F 213 30.26 -19.05 -29.15
N GLY F 214 31.34 -19.83 -29.08
CA GLY F 214 32.43 -19.66 -28.13
C GLY F 214 33.30 -18.44 -28.35
N ILE F 215 33.17 -17.80 -29.52
CA ILE F 215 33.89 -16.56 -29.87
C ILE F 215 32.92 -15.36 -29.72
N GLU F 216 31.62 -15.56 -30.02
CA GLU F 216 30.60 -14.53 -29.96
C GLU F 216 30.14 -14.22 -28.54
N ILE F 217 30.09 -15.25 -27.68
CA ILE F 217 29.73 -15.07 -26.27
C ILE F 217 30.91 -15.59 -25.42
N PRO F 218 31.01 -15.24 -24.11
CA PRO F 218 32.13 -15.76 -23.30
C PRO F 218 32.19 -17.29 -23.34
N ALA F 219 33.39 -17.84 -23.53
CA ALA F 219 33.59 -19.29 -23.65
C ALA F 219 33.02 -20.07 -22.48
N GLU F 220 33.07 -19.48 -21.28
CA GLU F 220 32.55 -20.15 -20.07
C GLU F 220 31.02 -20.20 -20.01
N LYS F 221 30.30 -19.56 -20.94
CA LYS F 221 28.84 -19.57 -20.98
C LYS F 221 28.28 -20.54 -22.05
N VAL F 222 29.12 -21.07 -22.95
CA VAL F 222 28.65 -21.94 -24.02
C VAL F 222 27.86 -23.14 -23.50
N PHE F 223 28.32 -23.78 -22.41
CA PHE F 223 27.61 -24.93 -21.87
C PHE F 223 26.15 -24.59 -21.47
N LEU F 224 25.90 -23.35 -20.99
CA LEU F 224 24.55 -22.92 -20.60
C LEU F 224 23.68 -22.84 -21.85
N ALA F 225 24.20 -22.23 -22.93
CA ALA F 225 23.45 -22.11 -24.18
C ALA F 225 23.18 -23.51 -24.75
N GLN F 226 24.18 -24.39 -24.70
CA GLN F 226 24.01 -25.76 -25.20
C GLN F 226 22.90 -26.50 -24.43
N LYS F 227 22.96 -26.48 -23.08
CA LYS F 227 21.99 -27.20 -22.28
C LYS F 227 20.58 -26.65 -22.43
N MET F 228 20.45 -25.32 -22.51
CA MET F 228 19.17 -24.66 -22.69
C MET F 228 18.57 -25.04 -24.05
N MET F 229 19.36 -24.95 -25.14
CA MET F 229 18.87 -25.26 -26.47
C MET F 229 18.49 -26.71 -26.64
N ILE F 230 19.28 -27.63 -26.07
CA ILE F 230 18.96 -29.04 -26.14
C ILE F 230 17.65 -29.30 -25.36
N GLY F 231 17.52 -28.74 -24.15
CA GLY F 231 16.31 -28.89 -23.36
C GLY F 231 15.06 -28.40 -24.10
N ARG F 232 15.15 -27.20 -24.73
CA ARG F 232 14.02 -26.65 -25.46
C ARG F 232 13.67 -27.47 -26.70
N CYS F 233 14.67 -28.00 -27.42
CA CYS F 233 14.41 -28.84 -28.57
C CYS F 233 13.78 -30.15 -28.14
N ASN F 234 14.24 -30.72 -27.02
CA ASN F 234 13.66 -31.97 -26.50
C ASN F 234 12.17 -31.74 -26.14
N LEU F 235 11.89 -30.59 -25.51
CA LEU F 235 10.51 -30.24 -25.15
C LEU F 235 9.64 -30.06 -26.42
N ALA F 236 10.17 -29.42 -27.45
CA ALA F 236 9.48 -29.19 -28.72
C ALA F 236 9.39 -30.45 -29.62
N GLY F 237 10.18 -31.47 -29.32
CA GLY F 237 10.22 -32.68 -30.14
C GLY F 237 10.90 -32.46 -31.49
N LYS F 238 11.88 -31.53 -31.54
CA LYS F 238 12.61 -31.25 -32.77
C LYS F 238 14.08 -31.62 -32.63
N PRO F 239 14.71 -32.12 -33.69
CA PRO F 239 16.11 -32.53 -33.59
C PRO F 239 17.10 -31.42 -33.22
N VAL F 240 18.10 -31.76 -32.42
CA VAL F 240 19.14 -30.81 -32.02
C VAL F 240 20.49 -31.50 -32.19
N VAL F 241 21.42 -30.78 -32.80
CA VAL F 241 22.75 -31.27 -33.08
C VAL F 241 23.77 -30.56 -32.16
N CYS F 242 24.69 -31.31 -31.56
CA CYS F 242 25.77 -30.68 -30.80
C CYS F 242 27.00 -30.73 -31.73
N ALA F 243 27.66 -29.58 -31.93
CA ALA F 243 28.76 -29.53 -32.87
C ALA F 243 30.01 -28.83 -32.37
N THR F 244 31.16 -29.17 -33.00
CA THR F 244 32.46 -28.49 -33.00
C THR F 244 33.36 -28.78 -31.83
N GLN F 245 34.58 -29.27 -32.16
CA GLN F 245 35.67 -29.61 -31.28
C GLN F 245 35.36 -30.72 -30.30
N MET F 246 34.39 -31.60 -30.63
CA MET F 246 34.04 -32.69 -29.72
C MET F 246 35.19 -33.66 -29.50
N LEU F 247 35.92 -33.99 -30.57
CA LEU F 247 37.07 -34.91 -30.46
C LEU F 247 38.28 -34.27 -31.19
N GLU F 248 38.44 -32.96 -31.03
CA GLU F 248 39.45 -32.15 -31.71
C GLU F 248 40.85 -32.76 -31.76
N SER F 249 41.39 -33.24 -30.65
CA SER F 249 42.74 -33.79 -30.62
C SER F 249 42.94 -34.99 -31.56
N MET F 250 41.84 -35.69 -31.91
CA MET F 250 41.94 -36.82 -32.84
C MET F 250 42.23 -36.40 -34.28
N ILE F 251 42.34 -35.07 -34.56
CA ILE F 251 42.81 -34.61 -35.87
C ILE F 251 44.27 -35.13 -36.08
N THR F 252 45.07 -35.20 -35.01
CA THR F 252 46.46 -35.66 -35.09
C THR F 252 46.76 -36.88 -34.23
N LYS F 253 45.94 -37.16 -33.19
CA LYS F 253 46.21 -38.30 -32.31
C LYS F 253 45.20 -39.44 -32.49
N PRO F 254 45.63 -40.70 -32.31
CA PRO F 254 44.70 -41.82 -32.51
C PRO F 254 43.67 -42.00 -31.39
N ARG F 255 43.91 -41.38 -30.21
CA ARG F 255 43.02 -41.47 -29.05
C ARG F 255 42.68 -40.05 -28.57
N PRO F 256 41.47 -39.82 -28.08
CA PRO F 256 41.09 -38.45 -27.66
C PRO F 256 41.54 -38.13 -26.22
N THR F 257 41.38 -36.86 -25.81
CA THR F 257 41.71 -36.50 -24.42
C THR F 257 40.52 -36.93 -23.51
N ARG F 258 40.73 -36.89 -22.17
CA ARG F 258 39.66 -37.23 -21.22
C ARG F 258 38.52 -36.21 -21.27
N ALA F 259 38.82 -34.93 -21.60
CA ALA F 259 37.78 -33.90 -21.72
C ALA F 259 36.90 -34.16 -22.96
N GLU F 260 37.51 -34.63 -24.06
CA GLU F 260 36.77 -34.89 -25.29
C GLU F 260 35.81 -36.06 -25.16
N THR F 261 36.23 -37.16 -24.53
CA THR F 261 35.27 -38.28 -24.31
C THR F 261 34.13 -37.84 -23.41
N SER F 262 34.45 -37.06 -22.36
CA SER F 262 33.45 -36.52 -21.46
C SER F 262 32.45 -35.60 -22.23
N ASP F 263 32.97 -34.71 -23.10
CA ASP F 263 32.13 -33.81 -23.88
C ASP F 263 31.10 -34.58 -24.74
N VAL F 264 31.55 -35.63 -25.47
CA VAL F 264 30.66 -36.42 -26.30
C VAL F 264 29.59 -37.10 -25.42
N ALA F 265 30.01 -37.72 -24.32
CA ALA F 265 29.07 -38.40 -23.42
C ALA F 265 28.04 -37.42 -22.85
N ASN F 266 28.48 -36.24 -22.42
CA ASN F 266 27.59 -35.26 -21.86
C ASN F 266 26.66 -34.64 -22.89
N ALA F 267 27.06 -34.57 -24.17
CA ALA F 267 26.14 -34.06 -25.21
C ALA F 267 24.96 -35.05 -25.36
N VAL F 268 25.25 -36.37 -25.34
CA VAL F 268 24.22 -37.39 -25.41
C VAL F 268 23.33 -37.35 -24.15
N LEU F 269 23.95 -37.29 -22.97
CA LEU F 269 23.18 -37.20 -21.72
C LEU F 269 22.35 -35.93 -21.65
N ASP F 270 22.82 -34.83 -22.24
CA ASP F 270 22.07 -33.56 -22.27
C ASP F 270 20.75 -33.75 -23.08
N GLY F 271 20.78 -34.62 -24.10
CA GLY F 271 19.64 -34.92 -24.94
C GLY F 271 19.84 -34.66 -26.42
N ALA F 272 21.10 -34.51 -26.87
CA ALA F 272 21.34 -34.21 -28.29
C ALA F 272 20.88 -35.35 -29.17
N ASP F 273 20.20 -35.04 -30.29
CA ASP F 273 19.79 -36.08 -31.23
C ASP F 273 20.97 -36.53 -32.07
N CYS F 274 21.87 -35.59 -32.45
CA CYS F 274 23.04 -35.87 -33.29
C CYS F 274 24.27 -35.25 -32.66
N ILE F 275 25.41 -35.85 -32.95
CA ILE F 275 26.72 -35.31 -32.59
C ILE F 275 27.53 -35.17 -33.89
N MET F 276 28.45 -34.23 -33.92
CA MET F 276 29.16 -33.91 -35.16
C MET F 276 30.67 -33.96 -35.06
N LEU F 277 31.32 -34.23 -36.21
CA LEU F 277 32.75 -34.22 -36.40
C LEU F 277 33.02 -33.24 -37.55
N SER F 278 34.00 -32.37 -37.37
CA SER F 278 34.34 -31.35 -38.35
C SER F 278 35.73 -31.67 -38.88
N GLY F 279 36.80 -31.03 -38.37
CA GLY F 279 38.17 -31.29 -38.80
C GLY F 279 38.60 -32.73 -38.56
N GLU F 280 38.04 -33.37 -37.49
CA GLU F 280 38.37 -34.76 -37.18
C GLU F 280 38.12 -35.69 -38.39
N THR F 281 37.10 -35.40 -39.21
CA THR F 281 36.84 -36.21 -40.41
C THR F 281 37.19 -35.50 -41.72
N ALA F 282 37.08 -34.16 -41.75
CA ALA F 282 37.38 -33.41 -42.97
C ALA F 282 38.85 -33.37 -43.32
N LYS F 283 39.73 -33.20 -42.32
CA LYS F 283 41.14 -33.02 -42.57
C LYS F 283 42.12 -33.85 -41.78
N GLY F 284 41.65 -34.50 -40.73
CA GLY F 284 42.53 -35.24 -39.83
C GLY F 284 43.12 -36.54 -40.34
N ASN F 285 44.05 -37.10 -39.56
CA ASN F 285 44.72 -38.35 -39.91
C ASN F 285 43.95 -39.59 -39.48
N PHE F 286 42.86 -39.44 -38.69
CA PHE F 286 42.13 -40.60 -38.18
C PHE F 286 40.59 -40.43 -38.36
N PRO F 287 40.10 -40.11 -39.57
CA PRO F 287 38.66 -39.89 -39.74
C PRO F 287 37.80 -41.08 -39.34
N VAL F 288 38.19 -42.30 -39.73
CA VAL F 288 37.42 -43.49 -39.40
C VAL F 288 37.43 -43.72 -37.89
N GLU F 289 38.59 -43.58 -37.26
CA GLU F 289 38.74 -43.79 -35.81
C GLU F 289 37.93 -42.76 -35.02
N ALA F 290 37.81 -41.53 -35.53
CA ALA F 290 37.01 -40.50 -34.86
C ALA F 290 35.52 -40.90 -34.88
N VAL F 291 35.03 -41.42 -36.02
CA VAL F 291 33.64 -41.90 -36.13
C VAL F 291 33.45 -43.09 -35.16
N LYS F 292 34.41 -44.02 -35.15
CA LYS F 292 34.32 -45.18 -34.24
C LYS F 292 34.29 -44.76 -32.77
N MET F 293 35.07 -43.74 -32.40
CA MET F 293 35.11 -43.24 -31.03
C MET F 293 33.77 -42.61 -30.66
N GLN F 294 33.17 -41.76 -31.54
CA GLN F 294 31.84 -41.19 -31.24
C GLN F 294 30.81 -42.28 -31.10
N HIS F 295 30.87 -43.30 -31.97
CA HIS F 295 29.94 -44.44 -31.90
C HIS F 295 30.05 -45.13 -30.51
N ALA F 296 31.27 -45.44 -30.09
CA ALA F 296 31.51 -46.14 -28.82
C ALA F 296 31.03 -45.33 -27.61
N ILE F 297 31.35 -44.02 -27.59
CA ILE F 297 30.92 -43.19 -26.47
C ILE F 297 29.42 -43.03 -26.44
N ALA F 298 28.80 -42.75 -27.61
CA ALA F 298 27.34 -42.55 -27.66
C ALA F 298 26.58 -43.77 -27.15
N ARG F 299 27.04 -44.98 -27.47
CA ARG F 299 26.38 -46.20 -27.00
C ARG F 299 26.44 -46.29 -25.47
N GLU F 300 27.60 -45.97 -24.87
CA GLU F 300 27.73 -46.04 -23.41
C GLU F 300 26.84 -44.97 -22.77
N ALA F 301 26.84 -43.75 -23.34
CA ALA F 301 26.06 -42.66 -22.78
C ALA F 301 24.54 -42.86 -22.89
N GLU F 302 24.07 -43.44 -24.01
CA GLU F 302 22.64 -43.69 -24.18
C GLU F 302 22.11 -44.64 -23.13
N ALA F 303 22.89 -45.66 -22.77
CA ALA F 303 22.45 -46.60 -21.73
C ALA F 303 22.40 -45.92 -20.36
N ALA F 304 23.24 -44.88 -20.13
CA ALA F 304 23.33 -44.14 -18.85
C ALA F 304 22.27 -43.06 -18.67
N VAL F 305 21.41 -42.83 -19.68
CA VAL F 305 20.33 -41.83 -19.58
C VAL F 305 19.35 -42.31 -18.48
N TYR F 306 18.89 -41.42 -17.61
CA TYR F 306 17.96 -41.80 -16.54
C TYR F 306 16.53 -41.72 -17.11
N HIS F 307 16.10 -42.73 -17.87
CA HIS F 307 14.79 -42.72 -18.53
C HIS F 307 13.62 -42.53 -17.61
N ARG F 308 13.70 -43.01 -16.37
CA ARG F 308 12.59 -42.86 -15.41
C ARG F 308 12.21 -41.39 -15.20
N GLN F 309 13.22 -40.54 -15.02
CA GLN F 309 12.93 -39.12 -14.84
C GLN F 309 12.64 -38.47 -16.18
N LEU F 310 13.42 -38.78 -17.21
CA LEU F 310 13.24 -38.18 -18.53
C LEU F 310 11.82 -38.40 -19.08
N PHE F 311 11.34 -39.63 -19.07
CA PHE F 311 10.01 -39.95 -19.58
C PHE F 311 8.92 -39.25 -18.75
N GLU F 312 9.06 -39.26 -17.40
CA GLU F 312 8.11 -38.58 -16.51
C GLU F 312 8.04 -37.09 -16.83
N GLU F 313 9.21 -36.44 -17.00
CA GLU F 313 9.26 -35.02 -17.28
C GLU F 313 8.77 -34.66 -18.67
N LEU F 314 9.09 -35.49 -19.68
CA LEU F 314 8.63 -35.25 -21.07
C LEU F 314 7.10 -35.37 -21.11
N ARG F 315 6.53 -36.34 -20.40
CA ARG F 315 5.08 -36.54 -20.31
C ARG F 315 4.39 -35.35 -19.61
N ARG F 316 4.91 -34.93 -18.46
CA ARG F 316 4.39 -33.82 -17.66
C ARG F 316 4.42 -32.50 -18.44
N ALA F 317 5.49 -32.24 -19.18
CA ALA F 317 5.63 -30.99 -19.92
C ALA F 317 4.90 -30.98 -21.26
N ALA F 318 4.68 -32.14 -21.88
CA ALA F 318 4.01 -32.19 -23.17
C ALA F 318 2.54 -31.90 -22.97
N PRO F 319 1.98 -30.97 -23.76
CA PRO F 319 0.55 -30.65 -23.60
C PRO F 319 -0.33 -31.82 -24.04
N LEU F 320 -1.59 -31.83 -23.58
CA LEU F 320 -2.56 -32.84 -24.01
C LEU F 320 -2.74 -32.73 -25.52
N SER F 321 -3.04 -33.83 -26.19
CA SER F 321 -3.16 -33.81 -27.63
C SER F 321 -4.33 -34.61 -28.09
N ARG F 322 -5.01 -34.10 -29.13
CA ARG F 322 -6.07 -34.86 -29.77
C ARG F 322 -5.62 -35.42 -31.13
N ASP F 323 -4.31 -35.37 -31.44
CA ASP F 323 -3.76 -35.89 -32.70
C ASP F 323 -3.54 -37.38 -32.47
N PRO F 324 -4.21 -38.26 -33.24
CA PRO F 324 -4.05 -39.70 -32.99
C PRO F 324 -2.62 -40.21 -33.13
N THR F 325 -1.78 -39.60 -33.99
CA THR F 325 -0.38 -40.04 -34.11
C THR F 325 0.35 -39.81 -32.77
N GLU F 326 0.15 -38.63 -32.17
CA GLU F 326 0.77 -38.27 -30.90
C GLU F 326 0.28 -39.18 -29.78
N VAL F 327 -1.03 -39.45 -29.74
CA VAL F 327 -1.65 -40.30 -28.72
C VAL F 327 -1.15 -41.74 -28.83
N THR F 328 -1.05 -42.26 -30.05
CA THR F 328 -0.54 -43.61 -30.28
C THR F 328 0.95 -43.67 -29.89
N ALA F 329 1.73 -42.64 -30.22
CA ALA F 329 3.16 -42.62 -29.91
C ALA F 329 3.43 -42.75 -28.41
N ILE F 330 2.72 -41.99 -27.57
CA ILE F 330 2.95 -42.08 -26.12
C ILE F 330 2.47 -43.43 -25.57
N GLY F 331 1.39 -43.99 -26.10
CA GLY F 331 0.93 -45.31 -25.70
C GLY F 331 1.94 -46.38 -26.08
N ALA F 332 2.52 -46.28 -27.29
CA ALA F 332 3.52 -47.22 -27.76
C ALA F 332 4.81 -47.18 -26.93
N VAL F 333 5.28 -45.97 -26.58
CA VAL F 333 6.49 -45.82 -25.76
C VAL F 333 6.25 -46.36 -24.35
N GLU F 334 5.07 -46.08 -23.78
CA GLU F 334 4.71 -46.59 -22.45
CA GLU F 334 4.71 -46.59 -22.45
C GLU F 334 4.68 -48.12 -22.48
N ALA F 335 4.07 -48.70 -23.54
CA ALA F 335 4.01 -50.16 -23.68
C ALA F 335 5.44 -50.74 -23.80
N ALA F 336 6.31 -50.09 -24.59
CA ALA F 336 7.68 -50.57 -24.79
C ALA F 336 8.44 -50.63 -23.43
N PHE F 337 8.29 -49.60 -22.59
CA PHE F 337 8.94 -49.58 -21.28
C PHE F 337 8.39 -50.70 -20.37
N LYS F 338 7.07 -50.96 -20.44
CA LYS F 338 6.41 -51.97 -19.59
C LYS F 338 6.98 -53.38 -19.81
N CYS F 339 7.34 -53.71 -21.04
CA CYS F 339 7.84 -55.06 -21.34
C CYS F 339 9.30 -55.13 -21.72
N CYS F 340 10.06 -54.03 -21.61
CA CYS F 340 11.46 -53.97 -22.06
C CYS F 340 11.54 -54.36 -23.55
N ALA F 341 10.60 -53.85 -24.37
CA ALA F 341 10.52 -54.19 -25.80
C ALA F 341 11.84 -53.94 -26.51
N ALA F 342 12.23 -54.85 -27.38
CA ALA F 342 13.47 -54.70 -28.13
C ALA F 342 13.36 -53.56 -29.16
N ALA F 343 12.16 -53.37 -29.72
CA ALA F 343 11.97 -52.36 -30.76
C ALA F 343 10.51 -51.95 -30.85
N ILE F 344 10.29 -50.78 -31.49
CA ILE F 344 9.01 -50.26 -31.88
C ILE F 344 9.12 -50.17 -33.42
N ILE F 345 8.31 -50.95 -34.15
CA ILE F 345 8.35 -50.92 -35.60
C ILE F 345 7.24 -50.00 -36.05
N VAL F 346 7.57 -48.98 -36.83
CA VAL F 346 6.58 -48.01 -37.28
C VAL F 346 6.59 -47.84 -38.79
N LEU F 347 5.42 -47.78 -39.41
CA LEU F 347 5.34 -47.49 -40.84
C LEU F 347 5.22 -45.98 -40.96
N THR F 348 5.99 -45.38 -41.87
CA THR F 348 5.94 -43.92 -42.01
C THR F 348 6.22 -43.48 -43.45
N THR F 349 5.52 -42.45 -43.91
CA THR F 349 5.72 -41.94 -45.27
C THR F 349 6.70 -40.76 -45.23
N THR F 350 6.50 -39.85 -44.27
CA THR F 350 7.30 -38.63 -44.14
C THR F 350 8.36 -38.69 -43.02
N GLY F 351 8.25 -39.68 -42.15
CA GLY F 351 9.07 -39.81 -40.96
C GLY F 351 8.38 -39.27 -39.72
N ARG F 352 7.25 -38.54 -39.85
CA ARG F 352 6.59 -37.91 -38.71
C ARG F 352 6.18 -38.89 -37.58
N SER F 353 5.59 -40.06 -37.91
CA SER F 353 5.20 -41.01 -36.87
C SER F 353 6.45 -41.50 -36.08
N ALA F 354 7.60 -41.66 -36.76
CA ALA F 354 8.84 -42.07 -36.07
C ALA F 354 9.37 -40.91 -35.20
N GLN F 355 9.29 -39.66 -35.70
CA GLN F 355 9.71 -38.49 -34.92
C GLN F 355 8.91 -38.36 -33.62
N LEU F 356 7.59 -38.61 -33.68
CA LEU F 356 6.75 -38.52 -32.49
C LEU F 356 7.03 -39.63 -31.47
N LEU F 357 7.52 -40.79 -31.92
CA LEU F 357 7.92 -41.85 -30.99
C LEU F 357 9.28 -41.41 -30.37
N SER F 358 10.24 -40.94 -31.21
CA SER F 358 11.58 -40.50 -30.79
C SER F 358 11.53 -39.43 -29.69
N ARG F 359 10.54 -38.54 -29.78
CA ARG F 359 10.32 -37.42 -28.86
C ARG F 359 10.19 -37.88 -27.41
N TYR F 360 9.69 -39.10 -27.18
CA TYR F 360 9.51 -39.63 -25.82
C TYR F 360 10.71 -40.42 -25.31
N ARG F 361 11.78 -40.49 -26.12
CA ARG F 361 13.03 -41.13 -25.79
C ARG F 361 12.87 -42.57 -25.29
N PRO F 362 12.26 -43.46 -26.09
CA PRO F 362 12.18 -44.86 -25.65
C PRO F 362 13.56 -45.48 -25.62
N ARG F 363 13.73 -46.46 -24.74
CA ARG F 363 14.97 -47.23 -24.74
C ARG F 363 14.95 -48.20 -25.99
N ALA F 364 13.74 -48.65 -26.40
CA ALA F 364 13.55 -49.51 -27.56
C ALA F 364 13.93 -48.77 -28.86
N ALA F 365 14.60 -49.45 -29.78
CA ALA F 365 14.94 -48.90 -31.09
C ALA F 365 13.65 -48.61 -31.86
N VAL F 366 13.58 -47.49 -32.60
CA VAL F 366 12.41 -47.21 -33.42
C VAL F 366 12.80 -47.59 -34.85
N ILE F 367 12.29 -48.72 -35.34
CA ILE F 367 12.59 -49.19 -36.69
C ILE F 367 11.52 -48.60 -37.63
N ALA F 368 11.93 -47.66 -38.47
CA ALA F 368 10.99 -46.94 -39.33
C ALA F 368 11.02 -47.51 -40.75
N VAL F 369 9.90 -48.14 -41.16
CA VAL F 369 9.80 -48.73 -42.50
C VAL F 369 9.14 -47.72 -43.43
N THR F 370 9.86 -47.32 -44.48
CA THR F 370 9.35 -46.30 -45.40
C THR F 370 9.72 -46.63 -46.83
N ARG F 371 8.90 -46.18 -47.77
CA ARG F 371 9.20 -46.27 -49.21
C ARG F 371 9.95 -44.99 -49.68
N SER F 372 9.94 -43.90 -48.87
CA SER F 372 10.58 -42.65 -49.24
C SER F 372 12.07 -42.69 -48.96
N ALA F 373 12.91 -42.69 -50.01
CA ALA F 373 14.36 -42.67 -49.84
C ALA F 373 14.80 -41.39 -49.10
N GLN F 374 14.16 -40.25 -49.40
CA GLN F 374 14.48 -39.00 -48.71
C GLN F 374 14.09 -39.05 -47.24
N ALA F 375 12.88 -39.56 -46.88
CA ALA F 375 12.49 -39.67 -45.47
C ALA F 375 13.43 -40.62 -44.74
N ALA F 376 13.85 -41.72 -45.39
CA ALA F 376 14.78 -42.68 -44.78
C ALA F 376 16.12 -41.98 -44.43
N ARG F 377 16.59 -41.06 -45.27
CA ARG F 377 17.82 -40.31 -45.00
C ARG F 377 17.58 -39.27 -43.88
N GLN F 378 16.47 -38.54 -43.96
CA GLN F 378 16.20 -37.46 -43.02
C GLN F 378 15.88 -37.91 -41.60
N VAL F 379 15.32 -39.11 -41.40
CA VAL F 379 14.98 -39.54 -40.02
C VAL F 379 16.23 -39.78 -39.16
N HIS F 380 17.42 -39.81 -39.75
CA HIS F 380 18.67 -39.86 -38.98
C HIS F 380 18.78 -38.64 -38.04
N LEU F 381 18.05 -37.55 -38.32
CA LEU F 381 18.07 -36.39 -37.44
C LEU F 381 17.44 -36.69 -36.06
N CYS F 382 16.56 -37.71 -35.96
CA CYS F 382 15.81 -38.06 -34.74
C CYS F 382 16.45 -39.19 -33.99
N ARG F 383 16.77 -38.95 -32.70
CA ARG F 383 17.44 -39.99 -31.92
C ARG F 383 16.67 -41.30 -31.87
N GLY F 384 17.39 -42.39 -32.10
CA GLY F 384 16.83 -43.73 -31.95
C GLY F 384 15.97 -44.21 -33.09
N VAL F 385 15.98 -43.51 -34.23
CA VAL F 385 15.21 -43.95 -35.40
C VAL F 385 16.16 -44.61 -36.39
N PHE F 386 15.88 -45.87 -36.75
CA PHE F 386 16.66 -46.70 -37.66
C PHE F 386 15.82 -46.90 -38.93
N PRO F 387 16.19 -46.17 -39.99
CA PRO F 387 15.40 -46.26 -41.23
C PRO F 387 15.63 -47.53 -42.04
N LEU F 388 14.53 -48.12 -42.52
CA LEU F 388 14.60 -49.28 -43.41
C LEU F 388 13.87 -48.89 -44.67
N LEU F 389 14.60 -48.83 -45.79
CA LEU F 389 14.00 -48.45 -47.05
C LEU F 389 13.35 -49.69 -47.72
N TYR F 390 12.02 -49.64 -47.88
CA TYR F 390 11.24 -50.74 -48.47
C TYR F 390 11.15 -50.47 -49.98
N ARG F 391 11.57 -51.43 -50.80
CA ARG F 391 11.60 -51.21 -52.25
C ARG F 391 10.55 -51.99 -53.05
N GLU F 392 9.78 -52.88 -52.42
CA GLU F 392 8.78 -53.68 -53.15
C GLU F 392 7.58 -52.88 -53.61
N PRO F 393 7.06 -53.21 -54.83
CA PRO F 393 5.85 -52.53 -55.32
C PRO F 393 4.62 -52.85 -54.46
N PRO F 394 3.65 -51.94 -54.41
CA PRO F 394 2.48 -52.17 -53.55
C PRO F 394 1.66 -53.41 -53.88
N GLU F 395 1.24 -54.14 -52.83
CA GLU F 395 0.37 -55.30 -52.95
C GLU F 395 -1.02 -54.80 -53.37
N ALA F 396 -1.81 -55.67 -54.03
CA ALA F 396 -3.16 -55.30 -54.47
C ALA F 396 -4.05 -54.92 -53.31
N ILE F 397 -3.98 -55.67 -52.21
CA ILE F 397 -4.79 -55.39 -51.03
C ILE F 397 -3.93 -54.57 -50.05
N TRP F 398 -4.37 -53.36 -49.70
CA TRP F 398 -3.63 -52.47 -48.80
C TRP F 398 -3.25 -53.11 -47.46
N ALA F 399 -4.19 -53.81 -46.80
CA ALA F 399 -3.90 -54.49 -45.53
C ALA F 399 -2.75 -55.50 -45.66
N ASP F 400 -2.66 -56.18 -46.83
CA ASP F 400 -1.58 -57.13 -47.10
C ASP F 400 -0.25 -56.37 -47.28
N ASP F 401 -0.29 -55.22 -47.95
CA ASP F 401 0.90 -54.41 -48.16
C ASP F 401 1.46 -53.91 -46.82
N VAL F 402 0.56 -53.51 -45.89
CA VAL F 402 0.93 -53.08 -44.54
C VAL F 402 1.59 -54.24 -43.81
N ASP F 403 0.96 -55.44 -43.84
CA ASP F 403 1.49 -56.63 -43.19
C ASP F 403 2.86 -57.00 -43.73
N ARG F 404 3.06 -56.91 -45.06
CA ARG F 404 4.35 -57.23 -45.65
C ARG F 404 5.45 -56.28 -45.14
N ARG F 405 5.13 -54.98 -44.99
CA ARG F 405 6.10 -54.01 -44.50
C ARG F 405 6.44 -54.26 -43.04
N VAL F 406 5.45 -54.64 -42.21
CA VAL F 406 5.71 -54.95 -40.80
C VAL F 406 6.62 -56.18 -40.71
N GLN F 407 6.32 -57.21 -41.54
CA GLN F 407 7.15 -58.42 -41.57
C GLN F 407 8.55 -58.13 -42.07
N PHE F 408 8.71 -57.19 -43.02
CA PHE F 408 10.01 -56.76 -43.53
C PHE F 408 10.80 -56.14 -42.37
N GLY F 409 10.15 -55.31 -41.54
CA GLY F 409 10.80 -54.70 -40.37
C GLY F 409 11.25 -55.76 -39.38
N ILE F 410 10.39 -56.77 -39.14
CA ILE F 410 10.71 -57.87 -38.21
C ILE F 410 11.88 -58.70 -38.72
N GLU F 411 11.81 -59.13 -39.98
CA GLU F 411 12.87 -59.95 -40.57
C GLU F 411 14.18 -59.20 -40.67
N SER F 412 14.16 -57.91 -41.04
CA SER F 412 15.38 -57.10 -41.08
C SER F 412 15.93 -56.96 -39.65
N GLY F 413 15.07 -56.73 -38.67
CA GLY F 413 15.47 -56.59 -37.28
C GLY F 413 16.15 -57.84 -36.77
N LYS F 414 15.60 -59.02 -37.10
CA LYS F 414 16.19 -60.29 -36.67
C LYS F 414 17.54 -60.51 -37.31
N LEU F 415 17.61 -60.34 -38.61
CA LEU F 415 18.83 -60.57 -39.36
C LEU F 415 19.94 -59.54 -39.02
N ARG F 416 19.55 -58.36 -38.49
CA ARG F 416 20.49 -57.29 -38.10
C ARG F 416 20.83 -57.29 -36.59
N GLY F 417 20.23 -58.18 -35.82
CA GLY F 417 20.52 -58.25 -34.39
C GLY F 417 19.71 -57.33 -33.49
N PHE F 418 18.74 -56.59 -34.04
CA PHE F 418 17.87 -55.76 -33.21
C PHE F 418 16.87 -56.62 -32.43
N LEU F 419 16.40 -57.72 -33.04
CA LEU F 419 15.35 -58.57 -32.49
C LEU F 419 15.80 -60.01 -32.43
N ARG F 420 15.38 -60.67 -31.41
CA ARG F 420 15.70 -62.05 -31.16
C ARG F 420 14.34 -62.78 -30.99
N VAL F 421 14.26 -64.07 -31.37
CA VAL F 421 13.02 -64.84 -31.15
C VAL F 421 12.69 -64.82 -29.64
N GLY F 422 11.43 -64.56 -29.31
CA GLY F 422 11.02 -64.43 -27.91
C GLY F 422 10.86 -62.98 -27.48
N ASP F 423 11.50 -62.04 -28.19
CA ASP F 423 11.37 -60.62 -27.84
C ASP F 423 9.94 -60.13 -28.07
N LEU F 424 9.57 -59.07 -27.39
CA LEU F 424 8.31 -58.40 -27.66
C LEU F 424 8.67 -57.14 -28.46
N VAL F 425 7.84 -56.82 -29.45
CA VAL F 425 8.00 -55.59 -30.22
C VAL F 425 6.64 -54.90 -30.21
N ILE F 426 6.66 -53.58 -30.29
CA ILE F 426 5.44 -52.79 -30.40
C ILE F 426 5.36 -52.38 -31.87
N VAL F 427 4.21 -52.54 -32.51
CA VAL F 427 4.06 -52.19 -33.94
C VAL F 427 3.07 -51.06 -34.08
N VAL F 428 3.47 -50.00 -34.77
CA VAL F 428 2.67 -48.79 -34.91
C VAL F 428 2.30 -48.59 -36.38
N THR F 429 1.00 -48.59 -36.67
CA THR F 429 0.47 -48.47 -38.04
C THR F 429 -0.78 -47.52 -38.04
N GLY F 430 -1.35 -47.27 -39.21
CA GLY F 430 -2.52 -46.42 -39.34
C GLY F 430 -3.70 -47.14 -39.99
N TRP F 431 -4.85 -46.51 -40.00
CA TRP F 431 -6.09 -47.14 -40.46
C TRP F 431 -6.37 -47.01 -41.97
N ARG F 432 -5.67 -46.10 -42.64
CA ARG F 432 -5.84 -45.91 -44.09
C ARG F 432 -4.51 -45.44 -44.72
N PRO F 433 -4.34 -45.58 -46.06
CA PRO F 433 -3.08 -45.11 -46.70
C PRO F 433 -2.89 -43.59 -46.61
N GLY F 434 -1.67 -43.13 -46.83
CA GLY F 434 -1.33 -41.72 -46.80
C GLY F 434 -0.82 -41.28 -45.43
N SER F 435 -0.05 -40.20 -45.41
CA SER F 435 0.48 -39.66 -44.14
C SER F 435 -0.60 -39.11 -43.25
N GLY F 436 -0.38 -39.19 -41.94
CA GLY F 436 -1.26 -38.55 -40.98
C GLY F 436 -2.32 -39.39 -40.30
N TYR F 437 -2.40 -40.69 -40.63
CA TYR F 437 -3.46 -41.55 -40.09
C TYR F 437 -2.98 -42.64 -39.14
N THR F 438 -1.75 -42.51 -38.60
CA THR F 438 -1.26 -43.47 -37.59
C THR F 438 -2.19 -43.45 -36.37
N ASN F 439 -2.71 -44.60 -35.96
CA ASN F 439 -3.66 -44.67 -34.84
C ASN F 439 -3.69 -46.03 -34.16
N ILE F 440 -2.79 -46.95 -34.50
CA ILE F 440 -2.84 -48.31 -33.95
C ILE F 440 -1.49 -48.73 -33.36
N MET F 441 -1.56 -49.38 -32.22
CA MET F 441 -0.39 -49.93 -31.57
CA MET F 441 -0.42 -49.92 -31.51
C MET F 441 -0.73 -51.39 -31.24
N ARG F 442 0.18 -52.31 -31.61
CA ARG F 442 -0.01 -53.72 -31.39
C ARG F 442 1.21 -54.31 -30.66
N VAL F 443 0.99 -55.25 -29.74
CA VAL F 443 2.09 -55.89 -29.02
C VAL F 443 2.26 -57.27 -29.67
N LEU F 444 3.44 -57.52 -30.25
CA LEU F 444 3.71 -58.78 -30.93
CA LEU F 444 3.71 -58.75 -30.96
C LEU F 444 4.90 -59.51 -30.34
N SER F 445 4.79 -60.85 -30.26
CA SER F 445 5.86 -61.69 -29.77
C SER F 445 6.61 -62.19 -31.01
N ILE F 446 7.93 -62.04 -31.05
CA ILE F 446 8.72 -62.43 -32.20
CA ILE F 446 8.74 -62.42 -32.19
C ILE F 446 8.93 -63.94 -32.27
N SER F 447 8.57 -64.55 -33.39
CA SER F 447 8.72 -65.99 -33.58
C SER F 447 9.67 -66.32 -34.73
N PHE G 26 11.82 -49.09 18.43
CA PHE G 26 11.63 -47.67 18.10
C PHE G 26 11.11 -47.52 16.66
N PHE G 27 11.74 -48.20 15.70
CA PHE G 27 11.42 -48.10 14.28
C PHE G 27 10.15 -48.82 13.86
N GLN G 28 9.55 -49.62 14.75
CA GLN G 28 8.28 -50.30 14.47
C GLN G 28 7.07 -49.46 14.95
N GLN G 29 7.27 -48.58 15.94
CA GLN G 29 6.21 -47.74 16.50
C GLN G 29 5.90 -46.52 15.63
N GLN G 30 4.82 -45.79 16.00
CA GLN G 30 4.34 -44.55 15.38
C GLN G 30 4.34 -44.57 13.85
N GLN G 31 3.97 -45.72 13.25
CA GLN G 31 3.91 -45.90 11.81
C GLN G 31 5.22 -45.50 11.11
N LEU G 32 6.37 -45.67 11.78
CA LEU G 32 7.67 -45.32 11.18
C LEU G 32 7.96 -46.14 9.89
N PRO G 33 7.61 -47.43 9.77
CA PRO G 33 7.81 -48.11 8.45
C PRO G 33 7.03 -47.42 7.33
N ALA G 34 5.77 -46.98 7.59
CA ALA G 34 4.97 -46.26 6.58
C ALA G 34 5.54 -44.87 6.30
N ALA G 35 6.12 -44.23 7.33
CA ALA G 35 6.73 -42.91 7.20
C ALA G 35 7.92 -42.91 6.23
N MET G 36 8.66 -44.01 6.17
CA MET G 36 9.84 -44.11 5.30
C MET G 36 9.52 -44.51 3.85
N ALA G 37 8.24 -44.72 3.50
CA ALA G 37 7.87 -45.14 2.14
C ALA G 37 8.20 -44.09 1.10
N ASP G 38 8.52 -44.54 -0.12
CA ASP G 38 8.88 -43.65 -1.22
C ASP G 38 7.69 -43.09 -1.99
N THR G 39 6.50 -43.68 -1.83
CA THR G 39 5.30 -43.15 -2.47
C THR G 39 4.13 -43.15 -1.46
N PHE G 40 3.10 -42.35 -1.73
CA PHE G 40 1.91 -42.31 -0.87
C PHE G 40 1.22 -43.69 -0.87
N LEU G 41 1.16 -44.34 -2.05
CA LEU G 41 0.56 -45.67 -2.16
C LEU G 41 1.30 -46.68 -1.28
N GLU G 42 2.64 -46.70 -1.33
CA GLU G 42 3.46 -47.59 -0.49
CA GLU G 42 3.41 -47.61 -0.49
C GLU G 42 3.24 -47.26 0.99
N HIS G 43 3.11 -45.96 1.31
CA HIS G 43 2.88 -45.50 2.69
C HIS G 43 1.58 -46.13 3.22
N LEU G 44 0.49 -46.10 2.42
CA LEU G 44 -0.78 -46.72 2.82
C LEU G 44 -0.62 -48.22 3.03
N CYS G 45 0.07 -48.91 2.11
CA CYS G 45 0.31 -50.35 2.20
C CYS G 45 1.07 -50.76 3.45
N LEU G 46 1.88 -49.84 4.01
CA LEU G 46 2.70 -50.15 5.18
C LEU G 46 2.06 -49.77 6.52
N LEU G 47 0.87 -49.15 6.51
CA LEU G 47 0.18 -48.80 7.76
C LEU G 47 -0.11 -50.07 8.54
N ASP G 48 0.16 -50.05 9.84
CA ASP G 48 0.08 -51.25 10.66
C ASP G 48 -0.75 -51.01 11.91
N ILE G 49 -1.80 -51.81 12.12
CA ILE G 49 -2.64 -51.70 13.32
C ILE G 49 -1.87 -52.05 14.61
N ASP G 50 -0.76 -52.78 14.51
CA ASP G 50 0.05 -53.12 15.68
C ASP G 50 1.15 -52.08 15.96
N SER G 51 1.29 -51.03 15.14
CA SER G 51 2.29 -49.99 15.34
C SER G 51 1.68 -48.95 16.26
N GLU G 52 2.05 -48.97 17.54
CA GLU G 52 1.44 -48.10 18.52
C GLU G 52 1.90 -46.64 18.45
N PRO G 53 0.94 -45.70 18.62
CA PRO G 53 1.34 -44.29 18.63
C PRO G 53 2.14 -44.01 19.90
N VAL G 54 3.17 -43.17 19.78
CA VAL G 54 3.98 -42.81 20.94
C VAL G 54 3.89 -41.32 21.20
N ALA G 55 3.84 -40.51 20.14
CA ALA G 55 3.75 -39.07 20.28
C ALA G 55 2.47 -38.64 20.99
N ALA G 56 2.54 -37.49 21.67
CA ALA G 56 1.36 -36.95 22.32
C ALA G 56 0.37 -36.51 21.22
N ARG G 57 -0.92 -36.56 21.54
CA ARG G 57 -1.96 -36.17 20.58
C ARG G 57 -1.85 -34.69 20.23
N SER G 58 -1.69 -34.37 18.95
CA SER G 58 -1.43 -33.01 18.48
C SER G 58 -2.65 -32.19 18.01
N THR G 59 -3.71 -32.83 17.54
CA THR G 59 -4.89 -32.12 17.08
C THR G 59 -5.71 -31.75 18.29
N SER G 60 -5.94 -30.44 18.52
CA SER G 60 -6.72 -30.03 19.69
C SER G 60 -8.19 -30.44 19.59
N ILE G 61 -8.78 -30.68 20.75
CA ILE G 61 -10.19 -31.03 20.84
C ILE G 61 -10.97 -29.82 21.41
N ILE G 62 -11.97 -29.40 20.68
CA ILE G 62 -12.88 -28.36 21.13
C ILE G 62 -14.17 -29.05 21.58
N ALA G 63 -14.56 -28.86 22.84
CA ALA G 63 -15.78 -29.44 23.35
C ALA G 63 -16.79 -28.33 23.62
N THR G 64 -18.02 -28.52 23.14
CA THR G 64 -19.06 -27.53 23.42
C THR G 64 -19.62 -27.76 24.80
N ILE G 65 -19.73 -26.68 25.58
CA ILE G 65 -20.22 -26.72 26.94
C ILE G 65 -21.74 -26.51 26.96
N GLY G 66 -22.43 -27.33 27.72
CA GLY G 66 -23.88 -27.24 27.83
C GLY G 66 -24.35 -27.97 29.06
N PRO G 67 -25.65 -28.32 29.09
CA PRO G 67 -26.21 -28.99 30.29
C PRO G 67 -25.52 -30.28 30.66
N ALA G 68 -24.96 -31.02 29.68
CA ALA G 68 -24.27 -32.27 29.99
C ALA G 68 -22.83 -32.10 30.49
N SER G 69 -22.26 -30.89 30.37
CA SER G 69 -20.83 -30.67 30.63
C SER G 69 -20.51 -29.36 31.34
N ARG G 70 -21.44 -28.88 32.15
CA ARG G 70 -21.28 -27.61 32.84
C ARG G 70 -20.77 -27.72 34.25
N SER G 71 -20.99 -28.86 34.91
CA SER G 71 -20.57 -28.98 36.31
C SER G 71 -19.05 -29.01 36.43
N VAL G 72 -18.53 -28.50 37.53
CA VAL G 72 -17.09 -28.48 37.77
C VAL G 72 -16.50 -29.88 37.76
N GLU G 73 -17.20 -30.84 38.40
CA GLU G 73 -16.68 -32.22 38.43
C GLU G 73 -16.65 -32.85 37.04
N ARG G 74 -17.67 -32.58 36.22
CA ARG G 74 -17.69 -33.12 34.87
C ARG G 74 -16.59 -32.45 34.00
N LEU G 75 -16.40 -31.14 34.17
CA LEU G 75 -15.37 -30.42 33.43
C LEU G 75 -13.95 -30.91 33.79
N LYS G 76 -13.72 -31.31 35.05
CA LYS G 76 -12.42 -31.88 35.45
C LYS G 76 -12.15 -33.17 34.68
N GLU G 77 -13.19 -34.01 34.54
CA GLU G 77 -13.04 -35.26 33.80
C GLU G 77 -12.80 -35.00 32.31
N MET G 78 -13.44 -33.96 31.76
CA MET G 78 -13.26 -33.62 30.34
CA MET G 78 -13.26 -33.62 30.34
C MET G 78 -11.85 -33.07 30.08
N ILE G 79 -11.28 -32.32 31.04
CA ILE G 79 -9.92 -31.81 30.90
C ILE G 79 -8.95 -33.00 30.94
N LYS G 80 -9.18 -33.95 31.86
CA LYS G 80 -8.34 -35.15 31.94
C LYS G 80 -8.44 -36.01 30.68
N ALA G 81 -9.63 -36.06 30.07
CA ALA G 81 -9.88 -36.83 28.85
C ALA G 81 -9.20 -36.21 27.62
N GLY G 82 -8.94 -34.91 27.64
CA GLY G 82 -8.25 -34.26 26.54
C GLY G 82 -8.83 -32.97 25.97
N MET G 83 -9.90 -32.43 26.59
CA MET G 83 -10.48 -31.18 26.09
C MET G 83 -9.45 -30.04 26.19
N ASN G 84 -9.21 -29.33 25.08
CA ASN G 84 -8.26 -28.21 25.08
C ASN G 84 -8.95 -26.85 24.97
N ILE G 85 -10.09 -26.80 24.30
CA ILE G 85 -10.84 -25.55 24.11
C ILE G 85 -12.31 -25.80 24.46
N ALA G 86 -12.91 -24.90 25.28
CA ALA G 86 -14.31 -24.99 25.68
C ALA G 86 -15.10 -24.02 24.82
N ARG G 87 -16.05 -24.53 24.06
CA ARG G 87 -16.88 -23.70 23.18
C ARG G 87 -18.20 -23.33 23.86
N LEU G 88 -18.54 -22.04 23.85
CA LEU G 88 -19.82 -21.56 24.40
C LEU G 88 -20.68 -21.15 23.19
N ASN G 89 -21.79 -21.82 22.98
CA ASN G 89 -22.65 -21.52 21.84
C ASN G 89 -23.67 -20.46 22.23
N PHE G 90 -23.43 -19.21 21.79
CA PHE G 90 -24.32 -18.11 22.14
C PHE G 90 -25.64 -18.10 21.36
N SER G 91 -25.90 -19.11 20.53
CA SER G 91 -27.22 -19.27 19.92
C SER G 91 -28.26 -19.70 21.01
N HIS G 92 -27.79 -20.21 22.17
CA HIS G 92 -28.66 -20.68 23.24
C HIS G 92 -28.15 -20.15 24.59
N GLY G 93 -29.06 -19.90 25.52
CA GLY G 93 -28.67 -19.49 26.87
C GLY G 93 -28.43 -18.00 27.03
N SER G 94 -28.58 -17.52 28.26
CA SER G 94 -28.41 -16.12 28.57
C SER G 94 -26.94 -15.79 28.91
N HIS G 95 -26.63 -14.49 29.08
CA HIS G 95 -25.29 -14.08 29.49
C HIS G 95 -24.98 -14.64 30.89
N GLU G 96 -25.99 -14.70 31.78
CA GLU G 96 -25.79 -15.24 33.12
C GLU G 96 -25.44 -16.75 33.04
N TYR G 97 -26.11 -17.47 32.16
CA TYR G 97 -25.87 -18.90 31.97
C TYR G 97 -24.41 -19.12 31.48
N HIS G 98 -23.99 -18.38 30.46
CA HIS G 98 -22.62 -18.50 29.92
C HIS G 98 -21.54 -18.04 30.90
N ALA G 99 -21.81 -17.00 31.73
CA ALA G 99 -20.87 -16.55 32.73
C ALA G 99 -20.63 -17.66 33.75
N GLU G 100 -21.70 -18.41 34.12
CA GLU G 100 -21.59 -19.53 35.06
CA GLU G 100 -21.55 -19.51 35.06
C GLU G 100 -20.74 -20.64 34.42
N SER G 101 -20.96 -20.92 33.13
CA SER G 101 -20.19 -21.95 32.42
C SER G 101 -18.70 -21.57 32.43
N ILE G 102 -18.37 -20.29 32.12
CA ILE G 102 -16.98 -19.79 32.13
C ILE G 102 -16.36 -19.96 33.52
N ALA G 103 -17.10 -19.58 34.57
CA ALA G 103 -16.60 -19.69 35.94
C ALA G 103 -16.31 -21.14 36.30
N ASN G 104 -17.20 -22.06 35.88
CA ASN G 104 -17.02 -23.49 36.16
C ASN G 104 -15.82 -24.05 35.40
N VAL G 105 -15.63 -23.64 34.13
CA VAL G 105 -14.46 -24.09 33.36
C VAL G 105 -13.18 -23.61 34.05
N ARG G 106 -13.12 -22.32 34.45
CA ARG G 106 -11.96 -21.78 35.13
C ARG G 106 -11.69 -22.46 36.46
N GLU G 107 -12.75 -22.79 37.23
CA GLU G 107 -12.57 -23.49 38.50
C GLU G 107 -11.98 -24.87 38.26
N ALA G 108 -12.49 -25.59 37.25
CA ALA G 108 -11.98 -26.92 36.93
C ALA G 108 -10.52 -26.85 36.46
N VAL G 109 -10.19 -25.89 35.58
CA VAL G 109 -8.83 -25.75 35.06
C VAL G 109 -7.84 -25.43 36.18
N GLU G 110 -8.21 -24.46 37.03
CA GLU G 110 -7.33 -24.03 38.11
C GLU G 110 -7.19 -25.04 39.24
N SER G 111 -8.08 -26.05 39.30
CA SER G 111 -7.95 -27.12 40.29
C SER G 111 -6.67 -27.95 40.08
N PHE G 112 -6.06 -27.91 38.88
CA PHE G 112 -4.83 -28.63 38.56
C PHE G 112 -3.57 -27.73 38.60
N ALA G 113 -3.70 -26.43 38.96
CA ALA G 113 -2.59 -25.48 38.94
C ALA G 113 -1.51 -25.68 40.02
N GLY G 114 -1.80 -26.51 41.01
CA GLY G 114 -0.86 -26.81 42.09
C GLY G 114 0.33 -27.63 41.64
N SER G 115 0.23 -28.25 40.46
CA SER G 115 1.33 -28.98 39.87
C SER G 115 1.67 -28.28 38.55
N PRO G 116 2.56 -27.25 38.59
CA PRO G 116 2.88 -26.51 37.36
C PRO G 116 3.50 -27.31 36.22
N LEU G 117 4.18 -28.45 36.52
CA LEU G 117 4.81 -29.25 35.46
C LEU G 117 3.79 -30.05 34.64
N SER G 118 2.55 -30.22 35.15
CA SER G 118 1.53 -30.99 34.45
C SER G 118 0.26 -30.16 34.13
N TYR G 119 0.19 -28.89 34.59
CA TYR G 119 -0.98 -28.02 34.38
C TYR G 119 -1.30 -27.88 32.89
N ARG G 120 -2.58 -28.07 32.54
CA ARG G 120 -3.03 -27.91 31.17
C ARG G 120 -3.95 -26.67 30.99
N PRO G 121 -3.46 -25.66 30.27
CA PRO G 121 -4.32 -24.51 29.96
C PRO G 121 -5.51 -24.95 29.10
N VAL G 122 -6.67 -24.28 29.24
CA VAL G 122 -7.87 -24.58 28.42
C VAL G 122 -8.43 -23.25 27.90
N ALA G 123 -8.53 -23.11 26.58
CA ALA G 123 -9.03 -21.88 26.00
C ALA G 123 -10.54 -21.79 26.09
N ILE G 124 -11.08 -20.56 26.11
CA ILE G 124 -12.53 -20.37 26.09
C ILE G 124 -12.89 -19.65 24.80
N ALA G 125 -13.75 -20.28 24.01
CA ALA G 125 -14.18 -19.77 22.71
C ALA G 125 -15.67 -19.42 22.72
N LEU G 126 -15.99 -18.25 22.19
CA LEU G 126 -17.37 -17.79 22.12
C LEU G 126 -17.85 -17.95 20.69
N ASP G 127 -18.89 -18.74 20.48
CA ASP G 127 -19.43 -18.98 19.16
C ASP G 127 -20.69 -18.11 19.00
N THR G 128 -20.63 -17.13 18.10
CA THR G 128 -21.72 -16.17 17.96
C THR G 128 -23.03 -16.76 17.37
N LYS G 129 -24.16 -16.09 17.67
CA LYS G 129 -25.46 -16.49 17.14
C LYS G 129 -25.50 -16.32 15.62
N GLY G 130 -24.93 -15.23 15.12
CA GLY G 130 -24.88 -15.01 13.68
C GLY G 130 -25.79 -13.90 13.20
N PRO G 131 -25.76 -13.64 11.90
CA PRO G 131 -26.55 -12.53 11.35
C PRO G 131 -28.05 -12.82 11.24
N PRO G 135 -27.61 -10.09 7.19
CA PRO G 135 -27.43 -8.72 6.66
C PRO G 135 -26.28 -7.95 7.31
N GLY G 136 -25.28 -8.65 7.83
CA GLY G 136 -24.16 -8.00 8.53
C GLY G 136 -24.12 -8.34 10.01
N LEU G 137 -23.23 -7.68 10.78
CA LEU G 137 -23.14 -7.95 12.21
C LEU G 137 -24.43 -7.59 12.97
N SER G 138 -25.05 -8.58 13.61
CA SER G 138 -26.31 -8.37 14.32
C SER G 138 -26.12 -7.63 15.63
N GLU G 139 -27.21 -7.05 16.14
CA GLU G 139 -27.17 -6.33 17.42
C GLU G 139 -26.83 -7.28 18.56
N GLN G 140 -27.39 -8.50 18.51
CA GLN G 140 -27.12 -9.49 19.56
C GLN G 140 -25.65 -9.90 19.54
N ASP G 141 -25.06 -10.05 18.34
CA ASP G 141 -23.64 -10.39 18.24
C ASP G 141 -22.76 -9.32 18.84
N VAL G 142 -23.11 -8.01 18.65
CA VAL G 142 -22.33 -6.95 19.26
C VAL G 142 -22.34 -7.07 20.80
N ARG G 143 -23.52 -7.34 21.37
CA ARG G 143 -23.64 -7.49 22.81
C ARG G 143 -22.89 -8.73 23.31
N ASP G 144 -22.96 -9.84 22.55
CA ASP G 144 -22.29 -11.07 22.96
C ASP G 144 -20.75 -10.94 22.86
N LEU G 145 -20.24 -10.31 21.82
CA LEU G 145 -18.82 -10.03 21.67
C LEU G 145 -18.33 -9.14 22.82
N ARG G 146 -19.14 -8.13 23.27
CA ARG G 146 -18.79 -7.28 24.40
C ARG G 146 -18.73 -8.12 25.67
N PHE G 147 -19.68 -9.05 25.84
CA PHE G 147 -19.66 -9.97 26.98
C PHE G 147 -18.34 -10.80 26.94
N GLY G 148 -17.96 -11.27 25.78
CA GLY G 148 -16.74 -12.04 25.60
C GLY G 148 -15.49 -11.28 26.00
N VAL G 149 -15.36 -10.03 25.58
CA VAL G 149 -14.23 -9.17 25.96
C VAL G 149 -14.22 -8.96 27.48
N GLU G 150 -15.40 -8.64 28.06
CA GLU G 150 -15.48 -8.42 29.51
C GLU G 150 -15.15 -9.66 30.32
N HIS G 151 -15.45 -10.84 29.79
CA HIS G 151 -15.15 -12.09 30.49
C HIS G 151 -13.81 -12.73 30.09
N GLY G 152 -13.02 -12.04 29.28
CA GLY G 152 -11.68 -12.49 28.89
C GLY G 152 -11.63 -13.76 28.08
N VAL G 153 -12.57 -13.93 27.12
CA VAL G 153 -12.53 -15.10 26.24
C VAL G 153 -11.28 -15.00 25.34
N ASP G 154 -10.78 -16.16 24.91
CA ASP G 154 -9.58 -16.20 24.09
C ASP G 154 -9.84 -16.16 22.60
N ILE G 155 -10.97 -16.72 22.18
CA ILE G 155 -11.28 -16.94 20.77
C ILE G 155 -12.74 -16.64 20.48
N VAL G 156 -13.01 -16.17 19.25
CA VAL G 156 -14.37 -15.99 18.79
C VAL G 156 -14.53 -16.86 17.56
N PHE G 157 -15.57 -17.70 17.53
CA PHE G 157 -15.94 -18.45 16.33
C PHE G 157 -17.08 -17.63 15.73
N ALA G 158 -16.79 -16.83 14.70
CA ALA G 158 -17.78 -15.92 14.10
C ALA G 158 -18.67 -16.65 13.10
N SER G 159 -19.97 -16.77 13.43
CA SER G 159 -20.92 -17.50 12.59
C SER G 159 -21.25 -16.81 11.26
N PHE G 160 -21.45 -17.61 10.22
CA PHE G 160 -21.87 -17.18 8.90
C PHE G 160 -21.06 -16.03 8.33
N VAL G 161 -19.73 -16.18 8.31
CA VAL G 161 -18.88 -15.15 7.71
C VAL G 161 -19.03 -15.32 6.18
N ARG G 162 -19.43 -14.25 5.48
CA ARG G 162 -19.63 -14.31 4.03
C ARG G 162 -18.67 -13.46 3.20
N LYS G 163 -17.93 -12.55 3.85
CA LYS G 163 -17.02 -11.64 3.14
C LYS G 163 -16.07 -10.99 4.14
N ALA G 164 -14.99 -10.37 3.64
CA ALA G 164 -14.00 -9.72 4.49
C ALA G 164 -14.58 -8.66 5.40
N SER G 165 -15.60 -7.89 4.93
CA SER G 165 -16.19 -6.84 5.79
C SER G 165 -16.90 -7.41 7.01
N ASP G 166 -17.35 -8.67 6.96
CA ASP G 166 -17.95 -9.31 8.13
C ASP G 166 -16.87 -9.48 9.22
N VAL G 167 -15.64 -9.88 8.81
CA VAL G 167 -14.55 -10.05 9.79
C VAL G 167 -14.14 -8.71 10.35
N ALA G 168 -14.08 -7.66 9.50
CA ALA G 168 -13.72 -6.31 9.96
C ALA G 168 -14.72 -5.82 11.02
N ALA G 169 -16.02 -6.14 10.83
CA ALA G 169 -17.06 -5.75 11.77
C ALA G 169 -16.86 -6.45 13.12
N VAL G 170 -16.47 -7.74 13.07
CA VAL G 170 -16.21 -8.48 14.30
C VAL G 170 -14.98 -7.89 15.00
N ARG G 171 -13.91 -7.59 14.25
CA ARG G 171 -12.70 -6.95 14.79
C ARG G 171 -13.04 -5.65 15.50
N ALA G 172 -13.82 -4.79 14.82
CA ALA G 172 -14.21 -3.48 15.36
C ALA G 172 -14.99 -3.64 16.65
N ALA G 173 -15.83 -4.68 16.76
CA ALA G 173 -16.64 -4.94 17.96
C ALA G 173 -15.87 -5.49 19.18
N LEU G 174 -14.61 -5.88 18.99
CA LEU G 174 -13.82 -6.39 20.10
C LEU G 174 -13.01 -5.31 20.87
N GLY G 175 -12.93 -4.11 20.32
CA GLY G 175 -12.19 -3.03 20.96
C GLY G 175 -12.89 -2.30 22.10
N PRO G 176 -12.15 -1.57 22.95
CA PRO G 176 -10.69 -1.35 22.91
C PRO G 176 -9.87 -2.44 23.59
N GLU G 177 -10.47 -3.26 24.47
CA GLU G 177 -9.68 -4.21 25.22
C GLU G 177 -9.56 -5.65 24.65
N GLY G 178 -10.13 -5.94 23.50
CA GLY G 178 -10.11 -7.30 22.95
C GLY G 178 -9.41 -7.55 21.64
N HIS G 179 -8.44 -6.70 21.26
CA HIS G 179 -7.71 -6.89 20.00
CA HIS G 179 -7.72 -6.88 20.00
C HIS G 179 -6.86 -8.17 19.97
N GLY G 180 -6.52 -8.70 21.14
CA GLY G 180 -5.72 -9.93 21.22
C GLY G 180 -6.56 -11.19 21.03
N ILE G 181 -7.90 -11.06 21.01
CA ILE G 181 -8.78 -12.22 20.81
C ILE G 181 -8.65 -12.74 19.38
N LYS G 182 -8.52 -14.07 19.22
CA LYS G 182 -8.42 -14.65 17.89
C LYS G 182 -9.79 -14.78 17.23
N ILE G 183 -9.90 -14.39 15.97
CA ILE G 183 -11.16 -14.52 15.22
C ILE G 183 -11.08 -15.65 14.24
N ILE G 184 -11.86 -16.69 14.49
CA ILE G 184 -11.94 -17.85 13.61
C ILE G 184 -13.26 -17.71 12.84
N SER G 185 -13.17 -17.48 11.55
CA SER G 185 -14.35 -17.30 10.71
C SER G 185 -15.03 -18.62 10.34
N LYS G 186 -16.32 -18.73 10.66
CA LYS G 186 -17.07 -19.94 10.30
C LYS G 186 -17.58 -19.83 8.87
N ILE G 187 -17.22 -20.77 8.02
CA ILE G 187 -17.69 -20.79 6.62
C ILE G 187 -18.89 -21.75 6.60
N GLU G 188 -20.07 -21.20 6.34
CA GLU G 188 -21.31 -21.97 6.46
C GLU G 188 -22.24 -21.93 5.24
N ASN G 189 -21.84 -21.23 4.17
CA ASN G 189 -22.71 -21.14 3.00
C ASN G 189 -21.92 -20.96 1.71
N HIS G 190 -22.61 -20.97 0.58
CA HIS G 190 -21.97 -20.84 -0.72
C HIS G 190 -21.12 -19.57 -0.86
N GLU G 191 -21.64 -18.42 -0.42
CA GLU G 191 -20.88 -17.17 -0.52
C GLU G 191 -19.57 -17.22 0.29
N GLY G 192 -19.61 -17.75 1.49
CA GLY G 192 -18.40 -17.91 2.31
C GLY G 192 -17.35 -18.77 1.62
N VAL G 193 -17.78 -19.86 0.95
CA VAL G 193 -16.84 -20.73 0.22
C VAL G 193 -16.26 -19.96 -0.97
N LYS G 194 -17.10 -19.27 -1.73
CA LYS G 194 -16.64 -18.53 -2.91
C LYS G 194 -15.74 -17.36 -2.59
N ARG G 195 -15.99 -16.67 -1.48
CA ARG G 195 -15.13 -15.56 -1.05
C ARG G 195 -14.11 -15.99 0.01
N PHE G 196 -13.78 -17.29 0.04
CA PHE G 196 -12.88 -17.84 1.05
C PHE G 196 -11.53 -17.11 1.13
N ASP G 197 -10.87 -16.85 0.01
CA ASP G 197 -9.55 -16.22 0.04
C ASP G 197 -9.55 -14.87 0.73
N GLU G 198 -10.55 -14.01 0.43
CA GLU G 198 -10.62 -12.71 1.08
C GLU G 198 -10.93 -12.82 2.57
N ILE G 199 -11.71 -13.83 2.96
CA ILE G 199 -12.05 -14.05 4.36
C ILE G 199 -10.80 -14.55 5.13
N LEU G 200 -10.10 -15.55 4.58
CA LEU G 200 -8.91 -16.10 5.23
C LEU G 200 -7.84 -15.04 5.45
N GLU G 201 -7.64 -14.16 4.45
CA GLU G 201 -6.65 -13.10 4.53
C GLU G 201 -6.81 -12.21 5.77
N VAL G 202 -8.04 -11.90 6.17
CA VAL G 202 -8.28 -11.02 7.32
C VAL G 202 -8.63 -11.76 8.62
N SER G 203 -8.77 -13.10 8.58
CA SER G 203 -9.12 -13.86 9.78
C SER G 203 -7.88 -14.48 10.43
N ASP G 204 -7.98 -14.86 11.71
CA ASP G 204 -6.90 -15.61 12.35
C ASP G 204 -6.94 -17.09 11.94
N GLY G 205 -8.09 -17.57 11.52
CA GLY G 205 -8.27 -18.96 11.13
C GLY G 205 -9.69 -19.20 10.65
N ILE G 206 -10.01 -20.47 10.39
CA ILE G 206 -11.30 -20.82 9.80
C ILE G 206 -11.93 -22.01 10.48
N MET G 207 -13.26 -22.05 10.51
CA MET G 207 -13.97 -23.24 10.95
C MET G 207 -14.82 -23.72 9.77
N VAL G 208 -14.71 -25.02 9.41
CA VAL G 208 -15.54 -25.61 8.39
C VAL G 208 -16.81 -26.05 9.16
N ALA G 209 -17.84 -25.19 9.13
CA ALA G 209 -19.08 -25.41 9.89
C ALA G 209 -20.00 -26.27 9.04
N ARG G 210 -19.77 -27.59 9.10
CA ARG G 210 -20.44 -28.54 8.21
C ARG G 210 -21.95 -28.68 8.38
N GLY G 211 -22.48 -28.32 9.53
CA GLY G 211 -23.91 -28.41 9.79
C GLY G 211 -24.68 -27.51 8.85
N ASP G 212 -24.45 -26.20 8.95
CA ASP G 212 -25.09 -25.26 8.05
C ASP G 212 -24.59 -25.43 6.62
N LEU G 213 -23.29 -25.70 6.43
CA LEU G 213 -22.76 -25.88 5.07
C LEU G 213 -23.51 -27.00 4.31
N GLY G 214 -23.83 -28.09 5.01
CA GLY G 214 -24.53 -29.25 4.46
C GLY G 214 -26.01 -29.02 4.15
N ILE G 215 -26.57 -27.89 4.60
CA ILE G 215 -27.93 -27.45 4.31
C ILE G 215 -27.91 -26.36 3.23
N GLU G 216 -26.88 -25.49 3.25
CA GLU G 216 -26.72 -24.40 2.31
C GLU G 216 -26.24 -24.84 0.94
N ILE G 217 -25.39 -25.88 0.89
CA ILE G 217 -24.91 -26.44 -0.37
C ILE G 217 -25.30 -27.93 -0.42
N PRO G 218 -25.31 -28.60 -1.59
CA PRO G 218 -25.64 -30.04 -1.60
C PRO G 218 -24.75 -30.84 -0.64
N ALA G 219 -25.35 -31.73 0.15
CA ALA G 219 -24.66 -32.51 1.17
C ALA G 219 -23.46 -33.28 0.60
N GLU G 220 -23.58 -33.76 -0.64
CA GLU G 220 -22.51 -34.51 -1.30
C GLU G 220 -21.31 -33.65 -1.71
N LYS G 221 -21.39 -32.31 -1.58
CA LYS G 221 -20.28 -31.42 -1.91
C LYS G 221 -19.51 -30.92 -0.67
N VAL G 222 -20.03 -31.14 0.55
CA VAL G 222 -19.38 -30.66 1.76
C VAL G 222 -17.91 -31.12 1.89
N PHE G 223 -17.63 -32.39 1.57
CA PHE G 223 -16.25 -32.90 1.67
C PHE G 223 -15.27 -32.10 0.77
N LEU G 224 -15.76 -31.59 -0.39
CA LEU G 224 -14.91 -30.81 -1.30
C LEU G 224 -14.57 -29.49 -0.65
N ALA G 225 -15.59 -28.83 -0.05
CA ALA G 225 -15.37 -27.54 0.62
C ALA G 225 -14.42 -27.75 1.82
N GLN G 226 -14.62 -28.84 2.58
CA GLN G 226 -13.77 -29.14 3.74
C GLN G 226 -12.31 -29.33 3.30
N LYS G 227 -12.07 -30.18 2.32
CA LYS G 227 -10.70 -30.47 1.87
C LYS G 227 -10.02 -29.25 1.28
N MET G 228 -10.78 -28.43 0.53
CA MET G 228 -10.24 -27.21 -0.08
C MET G 228 -9.85 -26.21 1.03
N MET G 229 -10.75 -25.98 2.00
CA MET G 229 -10.49 -25.01 3.05
C MET G 229 -9.34 -25.43 3.94
N ILE G 230 -9.25 -26.73 4.28
CA ILE G 230 -8.15 -27.21 5.08
C ILE G 230 -6.82 -27.04 4.31
N GLY G 231 -6.81 -27.41 3.03
CA GLY G 231 -5.62 -27.25 2.20
C GLY G 231 -5.16 -25.80 2.13
N ARG G 232 -6.10 -24.85 1.91
CA ARG G 232 -5.75 -23.43 1.85
C ARG G 232 -5.26 -22.88 3.18
N CYS G 233 -5.85 -23.31 4.29
CA CYS G 233 -5.40 -22.86 5.61
C CYS G 233 -4.02 -23.41 5.91
N ASN G 234 -3.75 -24.67 5.55
CA ASN G 234 -2.43 -25.29 5.72
C ASN G 234 -1.39 -24.48 4.93
N LEU G 235 -1.73 -24.09 3.71
CA LEU G 235 -0.83 -23.29 2.87
C LEU G 235 -0.57 -21.91 3.48
N ALA G 236 -1.60 -21.28 4.04
CA ALA G 236 -1.48 -19.98 4.68
C ALA G 236 -0.86 -20.03 6.09
N GLY G 237 -0.74 -21.21 6.69
CA GLY G 237 -0.22 -21.35 8.05
C GLY G 237 -1.17 -20.79 9.10
N LYS G 238 -2.48 -20.92 8.84
CA LYS G 238 -3.48 -20.46 9.80
C LYS G 238 -4.34 -21.62 10.27
N PRO G 239 -4.73 -21.62 11.55
CA PRO G 239 -5.53 -22.75 12.07
C PRO G 239 -6.87 -22.97 11.37
N VAL G 240 -7.23 -24.24 11.19
CA VAL G 240 -8.51 -24.62 10.61
C VAL G 240 -9.15 -25.69 11.50
N VAL G 241 -10.44 -25.51 11.80
CA VAL G 241 -11.20 -26.40 12.64
C VAL G 241 -12.19 -27.20 11.79
N CYS G 242 -12.29 -28.52 12.03
CA CYS G 242 -13.33 -29.32 11.37
C CYS G 242 -14.45 -29.49 12.42
N ALA G 243 -15.70 -29.17 12.04
CA ALA G 243 -16.77 -29.20 13.01
C ALA G 243 -18.04 -29.88 12.52
N THR G 244 -18.84 -30.35 13.50
CA THR G 244 -20.25 -30.76 13.42
C THR G 244 -20.48 -32.17 12.95
N GLN G 245 -21.18 -32.93 13.82
CA GLN G 245 -21.62 -34.31 13.60
C GLN G 245 -20.47 -35.30 13.45
N MET G 246 -19.28 -34.97 13.98
CA MET G 246 -18.14 -35.89 13.86
C MET G 246 -18.39 -37.22 14.57
N LEU G 247 -18.97 -37.18 15.78
CA LEU G 247 -19.29 -38.41 16.54
C LEU G 247 -20.79 -38.32 16.98
N GLU G 248 -21.65 -37.84 16.09
CA GLU G 248 -23.07 -37.59 16.37
C GLU G 248 -23.82 -38.69 17.12
N SER G 249 -23.66 -39.95 16.71
CA SER G 249 -24.38 -41.06 17.35
C SER G 249 -24.05 -41.18 18.85
N MET G 250 -22.88 -40.65 19.28
CA MET G 250 -22.48 -40.70 20.69
C MET G 250 -23.29 -39.77 21.59
N ILE G 251 -24.19 -38.96 21.05
CA ILE G 251 -25.12 -38.17 21.86
C ILE G 251 -25.98 -39.17 22.70
N THR G 252 -26.34 -40.33 22.11
CA THR G 252 -27.15 -41.33 22.83
C THR G 252 -26.45 -42.67 23.00
N LYS G 253 -25.43 -42.97 22.19
CA LYS G 253 -24.74 -44.27 22.27
C LYS G 253 -23.33 -44.18 22.85
N PRO G 254 -22.89 -45.19 23.61
CA PRO G 254 -21.55 -45.14 24.22
C PRO G 254 -20.38 -45.35 23.25
N ARG G 255 -20.66 -45.86 22.05
CA ARG G 255 -19.62 -46.09 21.04
C ARG G 255 -20.09 -45.45 19.72
N PRO G 256 -19.16 -44.94 18.90
CA PRO G 256 -19.56 -44.31 17.63
C PRO G 256 -19.73 -45.32 16.49
N THR G 257 -20.26 -44.85 15.36
CA THR G 257 -20.37 -45.71 14.18
C THR G 257 -19.01 -45.79 13.45
N ARG G 258 -18.87 -46.71 12.48
CA ARG G 258 -17.67 -46.83 11.69
C ARG G 258 -17.43 -45.58 10.83
N ALA G 259 -18.52 -44.93 10.36
CA ALA G 259 -18.39 -43.71 9.56
C ALA G 259 -17.83 -42.56 10.42
N GLU G 260 -18.26 -42.49 11.68
CA GLU G 260 -17.84 -41.42 12.57
C GLU G 260 -16.37 -41.52 12.94
N THR G 261 -15.86 -42.72 13.23
CA THR G 261 -14.41 -42.86 13.52
C THR G 261 -13.59 -42.52 12.27
N SER G 262 -14.06 -42.94 11.10
CA SER G 262 -13.44 -42.61 9.82
C SER G 262 -13.41 -41.09 9.61
N ASP G 263 -14.55 -40.40 9.88
CA ASP G 263 -14.64 -38.95 9.71
C ASP G 263 -13.59 -38.21 10.55
N VAL G 264 -13.46 -38.57 11.85
CA VAL G 264 -12.47 -37.94 12.72
C VAL G 264 -11.04 -38.19 12.18
N ALA G 265 -10.73 -39.44 11.84
CA ALA G 265 -9.42 -39.78 11.31
C ALA G 265 -9.10 -39.01 10.03
N ASN G 266 -10.08 -38.93 9.11
CA ASN G 266 -9.87 -38.24 7.84
C ASN G 266 -9.76 -36.73 8.00
N ALA G 267 -10.41 -36.15 9.02
CA ALA G 267 -10.24 -34.70 9.24
C ALA G 267 -8.75 -34.42 9.65
N VAL G 268 -8.18 -35.28 10.49
CA VAL G 268 -6.78 -35.14 10.91
C VAL G 268 -5.87 -35.36 9.70
N LEU G 269 -6.12 -36.43 8.92
CA LEU G 269 -5.32 -36.70 7.73
C LEU G 269 -5.43 -35.61 6.67
N ASP G 270 -6.59 -34.94 6.59
CA ASP G 270 -6.82 -33.81 5.67
C ASP G 270 -5.89 -32.62 6.05
N GLY G 271 -5.61 -32.46 7.34
CA GLY G 271 -4.76 -31.39 7.84
C GLY G 271 -5.43 -30.47 8.85
N ALA G 272 -6.58 -30.87 9.44
CA ALA G 272 -7.26 -30.00 10.42
C ALA G 272 -6.40 -29.76 11.65
N ASP G 273 -6.34 -28.51 12.12
CA ASP G 273 -5.63 -28.21 13.36
C ASP G 273 -6.42 -28.63 14.58
N CYS G 274 -7.75 -28.46 14.52
CA CYS G 274 -8.64 -28.81 15.64
C CYS G 274 -9.81 -29.63 15.10
N ILE G 275 -10.37 -30.43 15.99
CA ILE G 275 -11.61 -31.18 15.73
C ILE G 275 -12.58 -30.79 16.85
N MET G 276 -13.88 -30.83 16.54
CA MET G 276 -14.88 -30.33 17.48
C MET G 276 -15.98 -31.33 17.80
N LEU G 277 -16.56 -31.16 18.98
CA LEU G 277 -17.72 -31.89 19.49
C LEU G 277 -18.75 -30.81 19.83
N SER G 278 -19.99 -31.03 19.40
CA SER G 278 -21.06 -30.09 19.68
CA SER G 278 -21.06 -30.09 19.68
C SER G 278 -22.09 -30.78 20.60
N GLY G 279 -23.16 -31.36 20.06
CA GLY G 279 -24.17 -32.05 20.87
C GLY G 279 -23.58 -33.19 21.67
N GLU G 280 -22.52 -33.85 21.12
CA GLU G 280 -21.85 -34.95 21.80
C GLU G 280 -21.37 -34.56 23.19
N THR G 281 -20.95 -33.31 23.41
CA THR G 281 -20.53 -32.90 24.75
C THR G 281 -21.50 -31.96 25.43
N ALA G 282 -22.21 -31.12 24.66
CA ALA G 282 -23.09 -30.11 25.28
C ALA G 282 -24.38 -30.72 25.82
N LYS G 283 -24.90 -31.73 25.14
CA LYS G 283 -26.18 -32.33 25.54
C LYS G 283 -26.22 -33.87 25.46
N GLY G 284 -25.07 -34.50 25.28
CA GLY G 284 -25.02 -35.94 25.14
C GLY G 284 -25.02 -36.70 26.44
N ASN G 285 -25.27 -38.01 26.35
CA ASN G 285 -25.26 -38.90 27.51
C ASN G 285 -23.83 -39.36 27.87
N PHE G 286 -22.85 -39.19 26.98
CA PHE G 286 -21.48 -39.65 27.19
C PHE G 286 -20.44 -38.57 26.79
N PRO G 287 -20.50 -37.36 27.38
CA PRO G 287 -19.57 -36.30 26.96
C PRO G 287 -18.10 -36.65 27.16
N VAL G 288 -17.76 -37.31 28.28
CA VAL G 288 -16.36 -37.67 28.55
C VAL G 288 -15.88 -38.71 27.57
N GLU G 289 -16.72 -39.71 27.29
CA GLU G 289 -16.38 -40.77 26.35
C GLU G 289 -16.20 -40.22 24.92
N ALA G 290 -16.97 -39.18 24.55
CA ALA G 290 -16.82 -38.59 23.21
C ALA G 290 -15.44 -37.90 23.10
N VAL G 291 -15.00 -37.19 24.17
CA VAL G 291 -13.69 -36.56 24.19
C VAL G 291 -12.59 -37.66 24.11
N LYS G 292 -12.76 -38.73 24.88
CA LYS G 292 -11.78 -39.83 24.89
C LYS G 292 -11.69 -40.48 23.50
N MET G 293 -12.81 -40.60 22.79
CA MET G 293 -12.83 -41.22 21.46
C MET G 293 -12.10 -40.34 20.46
N GLN G 294 -12.36 -39.00 20.47
CA GLN G 294 -11.63 -38.10 19.59
C GLN G 294 -10.13 -38.14 19.88
N HIS G 295 -9.75 -38.19 21.16
CA HIS G 295 -8.35 -38.28 21.56
C HIS G 295 -7.70 -39.55 20.96
N ALA G 296 -8.35 -40.71 21.16
CA ALA G 296 -7.81 -41.99 20.67
C ALA G 296 -7.66 -42.04 19.15
N ILE G 297 -8.68 -41.57 18.41
CA ILE G 297 -8.60 -41.56 16.97
C ILE G 297 -7.53 -40.60 16.48
N ALA G 298 -7.51 -39.35 17.01
CA ALA G 298 -6.55 -38.35 16.55
C ALA G 298 -5.11 -38.82 16.72
N ARG G 299 -4.80 -39.50 17.84
CA ARG G 299 -3.44 -40.03 18.06
C ARG G 299 -3.06 -41.03 16.97
N GLU G 300 -3.98 -41.94 16.62
CA GLU G 300 -3.69 -42.93 15.58
C GLU G 300 -3.51 -42.27 14.23
N ALA G 301 -4.39 -41.28 13.92
CA ALA G 301 -4.35 -40.62 12.62
C ALA G 301 -3.11 -39.74 12.44
N GLU G 302 -2.65 -39.08 13.50
CA GLU G 302 -1.46 -38.23 13.41
C GLU G 302 -0.21 -39.03 13.04
N ALA G 303 -0.09 -40.24 13.58
CA ALA G 303 1.05 -41.10 13.25
C ALA G 303 0.98 -41.58 11.79
N ALA G 304 -0.24 -41.66 11.21
CA ALA G 304 -0.48 -42.11 9.84
C ALA G 304 -0.32 -41.01 8.78
N VAL G 305 -0.02 -39.76 9.18
CA VAL G 305 0.20 -38.68 8.23
C VAL G 305 1.51 -38.99 7.45
N TYR G 306 1.52 -38.77 6.14
CA TYR G 306 2.70 -39.03 5.31
C TYR G 306 3.56 -37.77 5.29
N HIS G 307 4.32 -37.54 6.37
CA HIS G 307 5.14 -36.34 6.51
C HIS G 307 6.13 -36.12 5.39
N ARG G 308 6.68 -37.18 4.78
CA ARG G 308 7.65 -37.00 3.69
C ARG G 308 7.10 -36.14 2.56
N GLN G 309 5.85 -36.40 2.14
CA GLN G 309 5.24 -35.61 1.09
C GLN G 309 4.73 -34.29 1.63
N LEU G 310 4.08 -34.32 2.80
CA LEU G 310 3.51 -33.10 3.39
C LEU G 310 4.59 -32.01 3.60
N PHE G 311 5.70 -32.37 4.24
CA PHE G 311 6.78 -31.40 4.47
C PHE G 311 7.35 -30.88 3.16
N GLU G 312 7.59 -31.76 2.17
CA GLU G 312 8.10 -31.36 0.85
C GLU G 312 7.16 -30.36 0.18
N GLU G 313 5.84 -30.64 0.21
CA GLU G 313 4.86 -29.76 -0.40
C GLU G 313 4.69 -28.44 0.34
N LEU G 314 4.73 -28.46 1.68
CA LEU G 314 4.61 -27.22 2.46
C LEU G 314 5.82 -26.33 2.23
N ARG G 315 7.03 -26.93 2.14
CA ARG G 315 8.28 -26.21 1.89
C ARG G 315 8.26 -25.57 0.49
N ARG G 316 7.85 -26.35 -0.54
CA ARG G 316 7.78 -25.90 -1.93
C ARG G 316 6.80 -24.75 -2.11
N ALA G 317 5.64 -24.82 -1.43
CA ALA G 317 4.61 -23.79 -1.57
C ALA G 317 4.85 -22.54 -0.73
N ALA G 318 5.59 -22.66 0.39
CA ALA G 318 5.85 -21.50 1.24
C ALA G 318 6.85 -20.58 0.55
N PRO G 319 6.54 -19.28 0.46
CA PRO G 319 7.44 -18.36 -0.22
C PRO G 319 8.74 -18.15 0.58
N LEU G 320 9.77 -17.62 -0.12
CA LEU G 320 11.02 -17.24 0.53
C LEU G 320 10.70 -16.14 1.56
N SER G 321 11.46 -16.10 2.65
CA SER G 321 11.19 -15.12 3.68
C SER G 321 12.46 -14.55 4.25
N ARG G 322 12.44 -13.29 4.58
CA ARG G 322 13.53 -12.64 5.29
C ARG G 322 13.16 -12.43 6.80
N ASP G 323 12.06 -13.01 7.28
CA ASP G 323 11.65 -12.88 8.68
C ASP G 323 12.44 -13.94 9.46
N PRO G 324 13.28 -13.53 10.42
CA PRO G 324 14.09 -14.54 11.14
C PRO G 324 13.27 -15.60 11.86
N THR G 325 12.05 -15.27 12.35
CA THR G 325 11.22 -16.27 13.02
C THR G 325 10.83 -17.39 12.02
N GLU G 326 10.43 -17.01 10.80
CA GLU G 326 10.04 -17.97 9.76
CA GLU G 326 10.05 -17.96 9.76
C GLU G 326 11.26 -18.81 9.31
N VAL G 327 12.41 -18.17 9.15
CA VAL G 327 13.64 -18.84 8.73
C VAL G 327 14.08 -19.84 9.80
N THR G 328 14.02 -19.45 11.07
CA THR G 328 14.40 -20.33 12.17
C THR G 328 13.42 -21.49 12.25
N ALA G 329 12.11 -21.22 12.06
CA ALA G 329 11.09 -22.27 12.15
C ALA G 329 11.33 -23.40 11.15
N ILE G 330 11.62 -23.07 9.88
CA ILE G 330 11.82 -24.13 8.88
C ILE G 330 13.13 -24.89 9.16
N GLY G 331 14.17 -24.18 9.62
CA GLY G 331 15.43 -24.84 9.98
C GLY G 331 15.23 -25.80 11.14
N ALA G 332 14.45 -25.37 12.15
CA ALA G 332 14.16 -26.21 13.32
C ALA G 332 13.37 -27.46 12.95
N VAL G 333 12.37 -27.32 12.08
CA VAL G 333 11.53 -28.46 11.67
C VAL G 333 12.39 -29.43 10.83
N GLU G 334 13.23 -28.91 9.95
CA GLU G 334 14.14 -29.76 9.14
CA GLU G 334 14.14 -29.75 9.15
C GLU G 334 15.08 -30.53 10.08
N ALA G 335 15.65 -29.83 11.09
CA ALA G 335 16.54 -30.48 12.05
C ALA G 335 15.80 -31.55 12.84
N ALA G 336 14.54 -31.27 13.24
CA ALA G 336 13.76 -32.24 14.03
C ALA G 336 13.53 -33.52 13.22
N PHE G 337 13.26 -33.40 11.92
CA PHE G 337 13.04 -34.57 11.07
C PHE G 337 14.35 -35.39 10.90
N LYS G 338 15.49 -34.69 10.81
CA LYS G 338 16.80 -35.34 10.62
C LYS G 338 17.17 -36.27 11.78
N CYS G 339 16.81 -35.90 13.01
CA CYS G 339 17.16 -36.72 14.17
C CYS G 339 16.00 -37.40 14.84
N CYS G 340 14.79 -37.34 14.25
CA CYS G 340 13.54 -37.87 14.86
C CYS G 340 13.39 -37.31 16.27
N ALA G 341 13.61 -35.97 16.39
CA ALA G 341 13.57 -35.29 17.68
C ALA G 341 12.28 -35.57 18.41
N ALA G 342 12.36 -35.76 19.73
CA ALA G 342 11.16 -36.01 20.52
C ALA G 342 10.28 -34.74 20.61
N ALA G 343 10.94 -33.56 20.62
CA ALA G 343 10.21 -32.30 20.74
C ALA G 343 11.03 -31.15 20.20
N ILE G 344 10.35 -30.02 19.90
CA ILE G 344 10.90 -28.74 19.61
C ILE G 344 10.41 -27.84 20.76
N ILE G 345 11.30 -27.36 21.62
CA ILE G 345 10.93 -26.49 22.72
C ILE G 345 11.08 -25.06 22.25
N VAL G 346 10.03 -24.26 22.33
CA VAL G 346 10.11 -22.87 21.85
C VAL G 346 9.64 -21.90 22.94
N LEU G 347 10.35 -20.80 23.09
CA LEU G 347 9.91 -19.75 24.03
C LEU G 347 9.07 -18.78 23.20
N THR G 348 7.90 -18.39 23.73
CA THR G 348 7.03 -17.50 22.97
C THR G 348 6.21 -16.61 23.89
N THR G 349 6.04 -15.34 23.54
CA THR G 349 5.24 -14.44 24.35
C THR G 349 3.82 -14.37 23.78
N THR G 350 3.70 -14.27 22.46
CA THR G 350 2.42 -14.13 21.76
C THR G 350 1.87 -15.45 21.17
N GLY G 351 2.72 -16.46 21.06
CA GLY G 351 2.41 -17.72 20.41
C GLY G 351 2.91 -17.79 18.96
N ARG G 352 3.32 -16.64 18.39
CA ARG G 352 3.69 -16.59 16.97
C ARG G 352 4.85 -17.56 16.57
N SER G 353 5.90 -17.64 17.40
CA SER G 353 7.03 -18.54 17.07
C SER G 353 6.56 -20.01 17.05
N ALA G 354 5.62 -20.37 17.95
CA ALA G 354 5.09 -21.75 17.96
C ALA G 354 4.20 -21.99 16.72
N GLN G 355 3.40 -20.98 16.33
CA GLN G 355 2.53 -21.10 15.15
C GLN G 355 3.37 -21.32 13.89
N LEU G 356 4.51 -20.60 13.77
CA LEU G 356 5.35 -20.75 12.58
C LEU G 356 6.04 -22.12 12.53
N LEU G 357 6.28 -22.75 13.68
CA LEU G 357 6.82 -24.11 13.70
C LEU G 357 5.69 -25.08 13.28
N SER G 358 4.49 -24.91 13.86
CA SER G 358 3.32 -25.75 13.59
C SER G 358 2.96 -25.79 12.09
N ARG G 359 3.12 -24.67 11.37
CA ARG G 359 2.73 -24.60 9.95
C ARG G 359 3.51 -25.59 9.06
N TYR G 360 4.73 -26.02 9.51
CA TYR G 360 5.51 -27.00 8.76
C TYR G 360 5.22 -28.45 9.15
N ARG G 361 4.28 -28.66 10.06
CA ARG G 361 3.80 -29.97 10.49
C ARG G 361 4.90 -30.92 10.91
N PRO G 362 5.72 -30.54 11.91
CA PRO G 362 6.73 -31.47 12.40
C PRO G 362 6.07 -32.65 13.08
N ARG G 363 6.73 -33.82 13.04
CA ARG G 363 6.28 -34.95 13.81
C ARG G 363 6.58 -34.70 15.30
N ALA G 364 7.67 -33.99 15.61
CA ALA G 364 8.07 -33.67 16.96
C ALA G 364 7.03 -32.74 17.58
N ALA G 365 6.70 -32.96 18.85
CA ALA G 365 5.78 -32.10 19.60
C ALA G 365 6.41 -30.70 19.74
N VAL G 366 5.63 -29.64 19.56
CA VAL G 366 6.14 -28.28 19.77
C VAL G 366 5.75 -27.88 21.19
N ILE G 367 6.69 -27.87 22.11
CA ILE G 367 6.44 -27.50 23.50
C ILE G 367 6.65 -26.00 23.64
N ALA G 368 5.56 -25.25 23.81
CA ALA G 368 5.66 -23.78 23.85
C ALA G 368 5.65 -23.28 25.28
N VAL G 369 6.77 -22.69 25.72
CA VAL G 369 6.88 -22.16 27.07
C VAL G 369 6.59 -20.66 27.03
N THR G 370 5.60 -20.23 27.81
CA THR G 370 5.21 -18.83 27.81
C THR G 370 4.82 -18.34 29.19
N ARG G 371 5.02 -17.06 29.46
CA ARG G 371 4.53 -16.41 30.67
C ARG G 371 3.09 -15.83 30.44
N SER G 372 2.61 -15.77 29.18
CA SER G 372 1.27 -15.25 28.90
C SER G 372 0.23 -16.36 29.03
N ALA G 373 -0.65 -16.24 30.03
CA ALA G 373 -1.75 -17.21 30.19
C ALA G 373 -2.66 -17.22 28.93
N GLN G 374 -2.89 -16.05 28.32
CA GLN G 374 -3.72 -15.98 27.10
C GLN G 374 -3.03 -16.67 25.93
N ALA G 375 -1.70 -16.44 25.74
CA ALA G 375 -1.01 -17.12 24.61
C ALA G 375 -1.03 -18.63 24.84
N ALA G 376 -0.89 -19.06 26.09
CA ALA G 376 -0.90 -20.50 26.41
C ALA G 376 -2.26 -21.11 26.02
N ARG G 377 -3.36 -20.37 26.22
CA ARG G 377 -4.68 -20.89 25.85
C ARG G 377 -4.87 -20.86 24.32
N GLN G 378 -4.45 -19.77 23.68
CA GLN G 378 -4.67 -19.58 22.25
C GLN G 378 -3.88 -20.51 21.33
N VAL G 379 -2.67 -20.93 21.78
CA VAL G 379 -1.85 -21.79 20.89
C VAL G 379 -2.46 -23.19 20.70
N HIS G 380 -3.50 -23.55 21.50
CA HIS G 380 -4.22 -24.81 21.24
C HIS G 380 -4.84 -24.81 19.82
N LEU G 381 -5.03 -23.63 19.20
CA LEU G 381 -5.55 -23.59 17.83
C LEU G 381 -4.58 -24.19 16.81
N CYS G 382 -3.27 -24.25 17.12
CA CYS G 382 -2.22 -24.70 16.20
C CYS G 382 -1.87 -26.15 16.46
N ARG G 383 -1.96 -27.00 15.41
CA ARG G 383 -1.67 -28.43 15.60
C ARG G 383 -0.27 -28.69 16.14
N GLY G 384 -0.19 -29.57 17.12
CA GLY G 384 1.07 -30.01 17.67
C GLY G 384 1.72 -29.07 18.65
N VAL G 385 1.01 -28.03 19.10
CA VAL G 385 1.60 -27.09 20.06
C VAL G 385 1.06 -27.42 21.43
N PHE G 386 1.96 -27.68 22.39
CA PHE G 386 1.63 -28.05 23.76
C PHE G 386 2.06 -26.91 24.64
N PRO G 387 1.10 -26.09 25.09
CA PRO G 387 1.48 -24.91 25.87
C PRO G 387 1.82 -25.21 27.31
N LEU G 388 2.86 -24.57 27.83
CA LEU G 388 3.25 -24.69 29.21
C LEU G 388 3.31 -23.28 29.78
N LEU G 389 2.51 -23.02 30.82
CA LEU G 389 2.49 -21.68 31.41
C LEU G 389 3.58 -21.59 32.50
N TYR G 390 4.56 -20.71 32.32
CA TYR G 390 5.67 -20.51 33.25
C TYR G 390 5.28 -19.40 34.22
N ARG G 391 5.29 -19.69 35.51
CA ARG G 391 4.87 -18.76 36.55
C ARG G 391 5.98 -18.25 37.47
N GLU G 392 7.24 -18.64 37.25
CA GLU G 392 8.32 -18.15 38.11
C GLU G 392 8.66 -16.70 37.76
N PRO G 393 9.01 -15.91 38.79
CA PRO G 393 9.41 -14.51 38.52
C PRO G 393 10.73 -14.45 37.75
N PRO G 394 10.94 -13.38 36.96
CA PRO G 394 12.15 -13.30 36.16
C PRO G 394 13.47 -13.30 36.93
N GLU G 395 14.47 -14.02 36.39
CA GLU G 395 15.82 -13.98 36.91
C GLU G 395 16.42 -12.64 36.44
N ALA G 396 17.43 -12.14 37.16
CA ALA G 396 18.07 -10.86 36.85
C ALA G 396 18.84 -10.92 35.55
N ILE G 397 19.52 -12.05 35.25
CA ILE G 397 20.29 -12.16 34.03
C ILE G 397 19.41 -12.83 32.98
N TRP G 398 19.13 -12.12 31.89
CA TRP G 398 18.25 -12.61 30.83
C TRP G 398 18.61 -14.01 30.31
N ALA G 399 19.87 -14.26 29.93
CA ALA G 399 20.26 -15.59 29.44
C ALA G 399 19.99 -16.69 30.45
N ASP G 400 20.09 -16.40 31.75
CA ASP G 400 19.78 -17.38 32.80
C ASP G 400 18.25 -17.62 32.87
N ASP G 401 17.47 -16.57 32.67
CA ASP G 401 16.02 -16.67 32.67
C ASP G 401 15.51 -17.53 31.47
N VAL G 402 16.17 -17.36 30.33
CA VAL G 402 15.88 -18.14 29.12
C VAL G 402 16.19 -19.62 29.42
N ASP G 403 17.36 -19.90 30.02
CA ASP G 403 17.78 -21.27 30.33
C ASP G 403 16.84 -21.92 31.30
N ARG G 404 16.35 -21.17 32.27
CA ARG G 404 15.40 -21.67 33.26
C ARG G 404 14.10 -22.12 32.60
N ARG G 405 13.61 -21.34 31.61
CA ARG G 405 12.38 -21.67 30.90
C ARG G 405 12.56 -22.87 29.99
N VAL G 406 13.71 -22.99 29.32
CA VAL G 406 13.99 -24.16 28.48
C VAL G 406 14.01 -25.42 29.37
N GLN G 407 14.64 -25.33 30.55
CA GLN G 407 14.68 -26.46 31.48
C GLN G 407 13.31 -26.81 32.00
N PHE G 408 12.44 -25.82 32.24
CA PHE G 408 11.04 -26.04 32.60
C PHE G 408 10.31 -26.84 31.51
N GLY G 409 10.57 -26.52 30.24
CA GLY G 409 9.99 -27.26 29.13
C GLY G 409 10.49 -28.70 29.12
N ILE G 410 11.76 -28.90 29.41
CA ILE G 410 12.36 -30.25 29.45
C ILE G 410 11.77 -31.06 30.61
N GLU G 411 11.73 -30.49 31.82
CA GLU G 411 11.20 -31.19 32.99
C GLU G 411 9.71 -31.49 32.83
N SER G 412 8.91 -30.55 32.28
CA SER G 412 7.50 -30.82 32.02
C SER G 412 7.37 -31.93 30.96
N GLY G 413 8.20 -31.89 29.92
CA GLY G 413 8.20 -32.89 28.87
C GLY G 413 8.50 -34.27 29.40
N LYS G 414 9.47 -34.39 30.33
CA LYS G 414 9.81 -35.67 30.93
C LYS G 414 8.63 -36.17 31.77
N LEU G 415 8.04 -35.30 32.61
CA LEU G 415 6.93 -35.70 33.47
C LEU G 415 5.74 -36.19 32.66
N ARG G 416 5.43 -35.50 31.54
CA ARG G 416 4.28 -35.82 30.71
C ARG G 416 4.51 -36.95 29.71
N GLY G 417 5.74 -37.44 29.58
CA GLY G 417 6.04 -38.50 28.64
C GLY G 417 6.44 -38.09 27.23
N PHE G 418 6.64 -36.79 26.99
CA PHE G 418 7.09 -36.33 25.68
C PHE G 418 8.56 -36.65 25.45
N LEU G 419 9.37 -36.65 26.54
CA LEU G 419 10.84 -36.74 26.52
C LEU G 419 11.40 -37.71 27.51
N ARG G 420 12.57 -38.23 27.19
CA ARG G 420 13.35 -39.11 28.06
C ARG G 420 14.82 -38.72 27.94
N VAL G 421 15.63 -39.09 28.93
CA VAL G 421 17.08 -38.89 28.89
C VAL G 421 17.64 -39.64 27.68
N GLY G 422 18.50 -38.98 26.92
CA GLY G 422 19.02 -39.57 25.69
C GLY G 422 18.35 -39.04 24.44
N ASP G 423 17.12 -38.52 24.56
CA ASP G 423 16.42 -37.96 23.38
C ASP G 423 17.14 -36.72 22.86
N LEU G 424 16.95 -36.40 21.59
CA LEU G 424 17.41 -35.14 21.05
C LEU G 424 16.19 -34.22 20.99
N VAL G 425 16.37 -32.95 21.32
CA VAL G 425 15.31 -31.96 21.22
C VAL G 425 15.90 -30.75 20.49
N ILE G 426 15.06 -30.00 19.79
CA ILE G 426 15.49 -28.78 19.14
C ILE G 426 14.95 -27.66 20.03
N VAL G 427 15.72 -26.62 20.28
CA VAL G 427 15.28 -25.51 21.16
C VAL G 427 15.31 -24.26 20.34
N VAL G 428 14.21 -23.50 20.34
CA VAL G 428 14.07 -22.29 19.55
C VAL G 428 13.88 -21.09 20.49
N THR G 429 14.72 -20.07 20.33
CA THR G 429 14.70 -18.88 21.21
C THR G 429 15.09 -17.66 20.34
N GLY G 430 15.11 -16.48 20.94
CA GLY G 430 15.56 -15.27 20.24
C GLY G 430 16.82 -14.71 20.85
N TRP G 431 17.39 -13.66 20.24
CA TRP G 431 18.67 -13.09 20.71
C TRP G 431 18.57 -12.03 21.80
N ARG G 432 17.36 -11.54 22.03
CA ARG G 432 17.12 -10.51 23.03
C ARG G 432 15.65 -10.64 23.51
N PRO G 433 15.32 -10.08 24.68
CA PRO G 433 13.94 -10.18 25.19
C PRO G 433 12.91 -9.42 24.36
N GLY G 434 11.68 -9.84 24.54
CA GLY G 434 10.54 -9.28 23.85
C GLY G 434 10.14 -10.10 22.63
N SER G 435 8.87 -10.05 22.31
CA SER G 435 8.30 -10.71 21.15
C SER G 435 8.94 -10.22 19.83
N GLY G 436 9.04 -11.09 18.81
CA GLY G 436 9.50 -10.71 17.47
C GLY G 436 10.97 -10.93 17.12
N TYR G 437 11.76 -11.47 18.04
CA TYR G 437 13.20 -11.64 17.79
C TYR G 437 13.68 -13.06 17.71
N THR G 438 12.77 -14.05 17.58
CA THR G 438 13.21 -15.46 17.47
C THR G 438 14.16 -15.62 16.30
N ASN G 439 15.32 -16.21 16.51
CA ASN G 439 16.33 -16.32 15.46
C ASN G 439 17.36 -17.41 15.77
N ILE G 440 17.16 -18.24 16.81
CA ILE G 440 18.16 -19.23 17.22
C ILE G 440 17.52 -20.60 17.30
N MET G 441 18.23 -21.62 16.79
CA MET G 441 17.81 -23.01 16.86
C MET G 441 19.03 -23.76 17.45
N ARG G 442 18.83 -24.57 18.47
CA ARG G 442 19.91 -25.34 19.10
C ARG G 442 19.51 -26.81 19.18
N VAL G 443 20.45 -27.72 19.06
CA VAL G 443 20.18 -29.16 19.15
C VAL G 443 20.73 -29.58 20.50
N LEU G 444 19.85 -30.11 21.35
CA LEU G 444 20.23 -30.52 22.69
CA LEU G 444 20.21 -30.48 22.71
C LEU G 444 19.98 -31.99 22.95
N SER G 445 20.92 -32.64 23.61
CA SER G 445 20.75 -34.04 24.01
CA SER G 445 20.75 -34.03 24.01
C SER G 445 20.23 -33.97 25.44
N ILE G 446 19.09 -34.58 25.71
CA ILE G 446 18.46 -34.54 27.01
C ILE G 446 19.27 -35.29 28.06
N SER G 447 19.61 -34.61 29.15
CA SER G 447 20.33 -35.19 30.27
C SER G 447 19.42 -35.17 31.53
N GLY H 23 16.44 -6.69 -4.57
CA GLY H 23 14.99 -6.54 -4.64
C GLY H 23 14.34 -6.92 -5.96
N THR H 24 14.75 -6.29 -7.08
CA THR H 24 14.15 -6.56 -8.39
C THR H 24 15.09 -7.39 -9.31
N ALA H 25 16.28 -6.86 -9.61
CA ALA H 25 17.26 -7.56 -10.44
C ALA H 25 17.84 -8.81 -9.76
N PHE H 26 17.70 -8.92 -8.43
CA PHE H 26 18.19 -10.02 -7.64
C PHE H 26 17.70 -11.36 -8.17
N PHE H 27 16.40 -11.48 -8.45
CA PHE H 27 15.82 -12.73 -8.91
C PHE H 27 16.08 -13.08 -10.38
N GLN H 28 16.79 -12.22 -11.10
CA GLN H 28 17.17 -12.50 -12.48
C GLN H 28 18.62 -13.06 -12.55
N GLN H 29 19.46 -12.76 -11.53
CA GLN H 29 20.83 -13.20 -11.43
C GLN H 29 20.93 -14.65 -10.94
N GLN H 30 22.16 -15.20 -10.98
CA GLN H 30 22.56 -16.52 -10.49
C GLN H 30 21.59 -17.64 -10.89
N GLN H 31 21.07 -17.58 -12.11
CA GLN H 31 20.13 -18.58 -12.64
C GLN H 31 18.92 -18.81 -11.71
N LEU H 32 18.48 -17.77 -10.97
CA LEU H 32 17.35 -17.94 -10.06
C LEU H 32 16.04 -18.33 -10.81
N PRO H 33 15.74 -17.84 -12.03
CA PRO H 33 14.55 -18.36 -12.75
C PRO H 33 14.63 -19.88 -12.98
N ALA H 34 15.82 -20.41 -13.37
CA ALA H 34 15.99 -21.84 -13.56
C ALA H 34 15.93 -22.61 -12.22
N ALA H 35 16.40 -21.98 -11.14
CA ALA H 35 16.39 -22.58 -9.80
C ALA H 35 14.97 -22.86 -9.32
N MET H 36 14.00 -22.01 -9.71
CA MET H 36 12.63 -22.17 -9.26
C MET H 36 11.81 -23.16 -10.10
N ALA H 37 12.40 -23.78 -11.15
CA ALA H 37 11.64 -24.70 -12.00
C ALA H 37 11.15 -25.96 -11.28
N ASP H 38 10.01 -26.49 -11.71
CA ASP H 38 9.40 -27.68 -11.11
C ASP H 38 9.95 -29.00 -11.61
N THR H 39 10.65 -29.01 -12.76
CA THR H 39 11.28 -30.22 -13.27
C THR H 39 12.72 -29.90 -13.72
N PHE H 40 13.58 -30.91 -13.80
CA PHE H 40 14.94 -30.74 -14.27
C PHE H 40 14.92 -30.27 -15.74
N LEU H 41 13.99 -30.80 -16.55
CA LEU H 41 13.88 -30.38 -17.95
C LEU H 41 13.51 -28.90 -18.06
N GLU H 42 12.56 -28.42 -17.26
CA GLU H 42 12.19 -26.98 -17.26
C GLU H 42 13.37 -26.14 -16.75
N HIS H 43 14.12 -26.65 -15.76
CA HIS H 43 15.31 -25.99 -15.22
C HIS H 43 16.30 -25.72 -16.36
N LEU H 44 16.57 -26.75 -17.19
CA LEU H 44 17.48 -26.60 -18.33
C LEU H 44 16.97 -25.54 -19.30
N CYS H 45 15.66 -25.60 -19.65
CA CYS H 45 15.03 -24.65 -20.57
C CYS H 45 15.13 -23.21 -20.11
N LEU H 46 15.24 -22.98 -18.79
CA LEU H 46 15.29 -21.63 -18.24
C LEU H 46 16.70 -21.09 -18.00
N LEU H 47 17.76 -21.90 -18.26
CA LEU H 47 19.14 -21.41 -18.08
C LEU H 47 19.38 -20.24 -19.04
N ASP H 48 19.98 -19.17 -18.52
CA ASP H 48 20.13 -17.93 -19.26
C ASP H 48 21.58 -17.45 -19.28
N ILE H 49 22.14 -17.24 -20.49
CA ILE H 49 23.51 -16.75 -20.62
C ILE H 49 23.68 -15.32 -20.07
N ASP H 50 22.58 -14.55 -19.97
CA ASP H 50 22.61 -13.18 -19.46
C ASP H 50 22.41 -13.13 -17.93
N SER H 51 22.19 -14.27 -17.26
CA SER H 51 21.99 -14.28 -15.81
C SER H 51 23.38 -14.42 -15.19
N GLU H 52 23.92 -13.33 -14.64
CA GLU H 52 25.27 -13.33 -14.13
C GLU H 52 25.44 -14.01 -12.78
N PRO H 53 26.54 -14.75 -12.60
CA PRO H 53 26.77 -15.37 -11.30
C PRO H 53 27.09 -14.29 -10.26
N VAL H 54 26.63 -14.47 -9.05
CA VAL H 54 26.87 -13.51 -7.97
C VAL H 54 27.65 -14.17 -6.85
N ALA H 55 27.34 -15.43 -6.54
CA ALA H 55 28.00 -16.15 -5.47
C ALA H 55 29.48 -16.34 -5.74
N ALA H 56 30.27 -16.45 -4.67
CA ALA H 56 31.70 -16.71 -4.83
C ALA H 56 31.87 -18.14 -5.36
N ARG H 57 32.91 -18.35 -6.18
CA ARG H 57 33.17 -19.68 -6.76
C ARG H 57 33.47 -20.69 -5.67
N SER H 58 32.73 -21.79 -5.64
CA SER H 58 32.79 -22.78 -4.58
C SER H 58 33.65 -24.03 -4.84
N THR H 59 33.84 -24.43 -6.09
CA THR H 59 34.62 -25.62 -6.39
C THR H 59 36.08 -25.24 -6.31
N SER H 60 36.87 -25.90 -5.43
CA SER H 60 38.29 -25.56 -5.30
CA SER H 60 38.28 -25.59 -5.28
C SER H 60 39.11 -25.95 -6.52
N ILE H 61 40.15 -25.18 -6.79
CA ILE H 61 41.07 -25.46 -7.90
C ILE H 61 42.40 -25.99 -7.33
N ILE H 62 42.80 -27.15 -7.82
CA ILE H 62 44.08 -27.75 -7.48
C ILE H 62 45.03 -27.48 -8.67
N ALA H 63 46.12 -26.80 -8.42
CA ALA H 63 47.12 -26.55 -9.46
C ALA H 63 48.37 -27.37 -9.19
N THR H 64 48.83 -28.12 -10.19
CA THR H 64 50.06 -28.86 -10.04
C THR H 64 51.26 -27.93 -10.23
N ILE H 65 52.19 -27.99 -9.29
CA ILE H 65 53.40 -27.16 -9.31
C ILE H 65 54.44 -27.83 -10.22
N GLY H 66 55.13 -27.01 -10.97
CA GLY H 66 56.20 -27.48 -11.83
C GLY H 66 57.04 -26.31 -12.31
N PRO H 67 57.89 -26.56 -13.32
CA PRO H 67 58.70 -25.45 -13.87
C PRO H 67 57.93 -24.17 -14.22
N ALA H 68 56.69 -24.32 -14.73
CA ALA H 68 55.90 -23.14 -15.11
C ALA H 68 55.34 -22.35 -13.93
N SER H 69 55.30 -22.93 -12.75
CA SER H 69 54.64 -22.33 -11.60
C SER H 69 55.46 -22.37 -10.32
N ARG H 70 56.78 -22.53 -10.38
CA ARG H 70 57.58 -22.54 -9.14
C ARG H 70 57.97 -21.15 -8.66
N SER H 71 57.97 -20.16 -9.55
CA SER H 71 58.35 -18.79 -9.23
C SER H 71 57.48 -18.24 -8.09
N VAL H 72 58.06 -17.65 -7.05
CA VAL H 72 57.27 -17.05 -5.95
C VAL H 72 56.30 -15.97 -6.50
N GLU H 73 56.79 -15.16 -7.44
CA GLU H 73 55.96 -14.07 -8.00
CA GLU H 73 56.02 -14.07 -8.04
C GLU H 73 54.83 -14.62 -8.88
N ARG H 74 55.06 -15.71 -9.62
CA ARG H 74 54.00 -16.32 -10.39
C ARG H 74 52.99 -16.98 -9.41
N LEU H 75 53.48 -17.61 -8.34
CA LEU H 75 52.60 -18.24 -7.36
C LEU H 75 51.67 -17.21 -6.72
N LYS H 76 52.16 -15.98 -6.52
CA LYS H 76 51.29 -14.91 -5.99
C LYS H 76 50.15 -14.63 -6.96
N GLU H 77 50.45 -14.60 -8.29
CA GLU H 77 49.42 -14.37 -9.28
C GLU H 77 48.44 -15.55 -9.33
N MET H 78 48.93 -16.79 -9.14
CA MET H 78 48.06 -17.97 -9.16
CA MET H 78 48.06 -17.96 -9.15
C MET H 78 47.13 -17.99 -7.95
N ILE H 79 47.61 -17.50 -6.78
CA ILE H 79 46.79 -17.43 -5.59
C ILE H 79 45.69 -16.39 -5.83
N LYS H 80 46.05 -15.22 -6.41
CA LYS H 80 45.06 -14.20 -6.73
C LYS H 80 44.03 -14.67 -7.77
N ALA H 81 44.47 -15.51 -8.74
CA ALA H 81 43.61 -16.06 -9.81
C ALA H 81 42.62 -17.12 -9.28
N GLY H 82 42.92 -17.72 -8.11
CA GLY H 82 42.02 -18.67 -7.51
C GLY H 82 42.56 -20.04 -7.12
N MET H 83 43.88 -20.29 -7.23
CA MET H 83 44.45 -21.58 -6.82
C MET H 83 44.22 -21.78 -5.31
N ASN H 84 43.68 -22.94 -4.94
CA ASN H 84 43.42 -23.23 -3.52
C ASN H 84 44.33 -24.32 -2.96
N ILE H 85 44.73 -25.27 -3.80
CA ILE H 85 45.57 -26.37 -3.36
C ILE H 85 46.72 -26.51 -4.37
N ALA H 86 47.93 -26.64 -3.85
CA ALA H 86 49.13 -26.82 -4.68
C ALA H 86 49.49 -28.31 -4.63
N ARG H 87 49.52 -28.96 -5.79
CA ARG H 87 49.83 -30.38 -5.89
C ARG H 87 51.29 -30.59 -6.29
N LEU H 88 51.99 -31.45 -5.55
CA LEU H 88 53.39 -31.83 -5.78
C LEU H 88 53.39 -33.24 -6.29
N ASN H 89 53.79 -33.43 -7.56
CA ASN H 89 53.78 -34.74 -8.14
C ASN H 89 55.12 -35.46 -7.86
N PHE H 90 55.11 -36.40 -6.91
CA PHE H 90 56.35 -37.11 -6.55
C PHE H 90 56.78 -38.18 -7.57
N SER H 91 56.06 -38.30 -8.70
CA SER H 91 56.54 -39.17 -9.80
C SER H 91 57.73 -38.50 -10.52
N HIS H 92 57.96 -37.18 -10.31
CA HIS H 92 59.03 -36.42 -10.93
C HIS H 92 59.77 -35.58 -9.89
N GLY H 93 61.05 -35.35 -10.11
CA GLY H 93 61.82 -34.51 -9.22
C GLY H 93 62.35 -35.19 -7.98
N SER H 94 63.36 -34.59 -7.38
CA SER H 94 63.97 -35.13 -6.17
C SER H 94 63.28 -34.54 -4.93
N HIS H 95 63.65 -35.02 -3.73
CA HIS H 95 63.16 -34.42 -2.49
C HIS H 95 63.57 -32.95 -2.40
N GLU H 96 64.79 -32.59 -2.87
CA GLU H 96 65.28 -31.21 -2.87
C GLU H 96 64.39 -30.32 -3.74
N TYR H 97 64.00 -30.82 -4.92
CA TYR H 97 63.09 -30.12 -5.81
C TYR H 97 61.75 -29.84 -5.09
N HIS H 98 61.17 -30.85 -4.46
CA HIS H 98 59.87 -30.68 -3.76
C HIS H 98 59.97 -29.80 -2.53
N ALA H 99 61.10 -29.83 -1.81
CA ALA H 99 61.28 -28.94 -0.65
C ALA H 99 61.30 -27.48 -1.14
N GLU H 100 61.92 -27.22 -2.31
CA GLU H 100 61.94 -25.88 -2.89
C GLU H 100 60.54 -25.45 -3.30
N SER H 101 59.76 -26.36 -3.91
CA SER H 101 58.37 -26.08 -4.31
C SER H 101 57.54 -25.67 -3.08
N ILE H 102 57.68 -26.43 -1.99
CA ILE H 102 56.94 -26.14 -0.76
C ILE H 102 57.34 -24.78 -0.19
N ALA H 103 58.65 -24.48 -0.14
CA ALA H 103 59.16 -23.20 0.39
C ALA H 103 58.61 -22.04 -0.44
N ASN H 104 58.60 -22.18 -1.76
CA ASN H 104 58.11 -21.12 -2.65
C ASN H 104 56.62 -20.90 -2.49
N VAL H 105 55.86 -21.98 -2.37
CA VAL H 105 54.40 -21.86 -2.19
C VAL H 105 54.13 -21.13 -0.85
N ARG H 106 54.79 -21.56 0.22
CA ARG H 106 54.63 -20.93 1.52
C ARG H 106 55.05 -19.47 1.51
N GLU H 107 56.14 -19.11 0.83
CA GLU H 107 56.55 -17.71 0.75
C GLU H 107 55.47 -16.87 0.05
N ALA H 108 54.95 -17.39 -1.07
CA ALA H 108 53.89 -16.66 -1.80
C ALA H 108 52.63 -16.51 -0.95
N VAL H 109 52.20 -17.58 -0.27
CA VAL H 109 50.99 -17.54 0.54
C VAL H 109 51.16 -16.55 1.71
N GLU H 110 52.30 -16.64 2.40
CA GLU H 110 52.54 -15.79 3.57
C GLU H 110 52.79 -14.33 3.23
N SER H 111 53.07 -14.02 1.95
CA SER H 111 53.22 -12.62 1.53
C SER H 111 51.92 -11.83 1.71
N PHE H 112 50.77 -12.52 1.77
CA PHE H 112 49.49 -11.86 1.94
C PHE H 112 49.08 -11.81 3.43
N SER H 115 47.65 -8.59 5.65
CA SER H 115 46.24 -8.22 5.61
C SER H 115 45.38 -9.44 5.96
N PRO H 116 45.15 -9.65 7.26
CA PRO H 116 44.38 -10.83 7.67
C PRO H 116 42.97 -10.96 7.12
N LEU H 117 42.29 -9.85 6.79
CA LEU H 117 40.93 -9.91 6.28
C LEU H 117 40.82 -10.46 4.84
N SER H 118 41.95 -10.46 4.11
CA SER H 118 42.01 -10.90 2.71
CA SER H 118 41.97 -10.93 2.74
C SER H 118 42.90 -12.13 2.53
N TYR H 119 43.66 -12.56 3.56
CA TYR H 119 44.57 -13.71 3.47
C TYR H 119 43.87 -14.97 3.01
N ARG H 120 44.45 -15.65 1.99
CA ARG H 120 43.88 -16.89 1.50
C ARG H 120 44.78 -18.07 1.80
N PRO H 121 44.35 -18.99 2.68
CA PRO H 121 45.13 -20.21 2.89
C PRO H 121 45.26 -21.02 1.61
N VAL H 122 46.38 -21.73 1.43
CA VAL H 122 46.57 -22.63 0.27
C VAL H 122 47.11 -23.96 0.79
N ALA H 123 46.43 -25.06 0.49
CA ALA H 123 46.86 -26.37 0.95
C ALA H 123 48.02 -26.90 0.12
N ILE H 124 48.82 -27.80 0.69
CA ILE H 124 49.89 -28.45 -0.03
C ILE H 124 49.59 -29.93 -0.03
N ALA H 125 49.47 -30.51 -1.22
CA ALA H 125 49.14 -31.92 -1.38
C ALA H 125 50.28 -32.67 -2.04
N LEU H 126 50.64 -33.81 -1.48
CA LEU H 126 51.71 -34.65 -1.99
C LEU H 126 51.06 -35.79 -2.76
N ASP H 127 51.38 -35.91 -4.04
CA ASP H 127 50.82 -36.96 -4.90
C ASP H 127 51.91 -38.03 -5.08
N THR H 128 51.68 -39.20 -4.53
CA THR H 128 52.71 -40.25 -4.51
C THR H 128 53.03 -40.86 -5.88
N LYS H 129 54.23 -41.45 -5.99
CA LYS H 129 54.66 -42.10 -7.20
C LYS H 129 53.81 -43.34 -7.49
N GLY H 130 53.49 -44.10 -6.45
CA GLY H 130 52.64 -45.27 -6.60
C GLY H 130 53.37 -46.58 -6.45
N PRO H 131 52.61 -47.68 -6.53
CA PRO H 131 53.21 -49.00 -6.31
C PRO H 131 54.05 -49.57 -7.44
N GLY H 132 53.92 -48.99 -8.64
CA GLY H 132 54.66 -49.46 -9.81
C GLY H 132 54.10 -50.74 -10.39
N PRO H 135 52.52 -54.47 -6.11
CA PRO H 135 51.81 -54.94 -4.90
C PRO H 135 51.44 -53.74 -4.00
N GLY H 136 51.66 -53.81 -2.69
CA GLY H 136 51.31 -52.72 -1.80
C GLY H 136 52.18 -51.48 -1.89
N LEU H 137 52.43 -50.85 -0.73
CA LEU H 137 53.21 -49.63 -0.61
C LEU H 137 54.67 -49.83 -0.96
N SER H 138 55.20 -49.06 -1.91
CA SER H 138 56.59 -49.17 -2.32
C SER H 138 57.55 -48.49 -1.32
N GLU H 139 58.85 -48.85 -1.38
CA GLU H 139 59.86 -48.26 -0.52
C GLU H 139 60.04 -46.77 -0.82
N GLN H 140 59.90 -46.36 -2.09
CA GLN H 140 60.00 -44.94 -2.44
C GLN H 140 58.81 -44.18 -1.82
N ASP H 141 57.61 -44.77 -1.84
CA ASP H 141 56.44 -44.11 -1.24
C ASP H 141 56.61 -43.95 0.26
N VAL H 142 57.21 -44.94 0.95
CA VAL H 142 57.49 -44.81 2.38
C VAL H 142 58.40 -43.60 2.65
N ARG H 143 59.47 -43.46 1.87
CA ARG H 143 60.38 -42.32 2.02
C ARG H 143 59.70 -41.01 1.70
N ASP H 144 58.86 -40.98 0.64
CA ASP H 144 58.19 -39.74 0.25
C ASP H 144 57.13 -39.31 1.25
N LEU H 145 56.41 -40.28 1.83
CA LEU H 145 55.40 -39.99 2.84
C LEU H 145 56.07 -39.46 4.11
N ARG H 146 57.26 -40.00 4.48
CA ARG H 146 57.97 -39.47 5.65
CA ARG H 146 58.02 -39.50 5.64
C ARG H 146 58.44 -38.06 5.37
N PHE H 147 58.88 -37.76 4.12
CA PHE H 147 59.28 -36.41 3.71
C PHE H 147 58.05 -35.46 3.87
N GLY H 148 56.87 -35.92 3.43
CA GLY H 148 55.63 -35.16 3.55
C GLY H 148 55.31 -34.77 4.97
N VAL H 149 55.42 -35.72 5.90
CA VAL H 149 55.16 -35.44 7.32
C VAL H 149 56.18 -34.44 7.86
N GLU H 150 57.47 -34.65 7.55
CA GLU H 150 58.53 -33.75 8.01
C GLU H 150 58.37 -32.34 7.48
N HIS H 151 57.81 -32.20 6.27
CA HIS H 151 57.61 -30.87 5.68
C HIS H 151 56.19 -30.30 5.91
N GLY H 152 55.37 -30.96 6.71
CA GLY H 152 54.05 -30.46 7.06
C GLY H 152 53.04 -30.37 5.93
N VAL H 153 53.05 -31.34 4.99
CA VAL H 153 52.01 -31.33 3.94
C VAL H 153 50.61 -31.56 4.56
N ASP H 154 49.57 -31.03 3.92
CA ASP H 154 48.21 -31.13 4.44
C ASP H 154 47.46 -32.36 3.98
N ILE H 155 47.75 -32.79 2.74
CA ILE H 155 46.99 -33.83 2.08
C ILE H 155 47.93 -34.75 1.33
N VAL H 156 47.55 -36.01 1.23
CA VAL H 156 48.25 -36.97 0.39
C VAL H 156 47.24 -37.46 -0.67
N PHE H 157 47.62 -37.38 -1.94
CA PHE H 157 46.85 -37.97 -3.01
C PHE H 157 47.57 -39.31 -3.26
N ALA H 158 47.03 -40.40 -2.71
CA ALA H 158 47.65 -41.73 -2.83
C ALA H 158 47.37 -42.37 -4.20
N SER H 159 48.42 -42.58 -4.99
CA SER H 159 48.31 -43.15 -6.32
C SER H 159 47.96 -44.63 -6.35
N PHE H 160 47.15 -45.03 -7.35
CA PHE H 160 46.76 -46.40 -7.61
C PHE H 160 46.23 -47.15 -6.40
N VAL H 161 45.27 -46.56 -5.67
CA VAL H 161 44.69 -47.24 -4.52
C VAL H 161 43.76 -48.32 -5.09
N ARG H 162 43.98 -49.58 -4.69
CA ARG H 162 43.21 -50.70 -5.23
C ARG H 162 42.36 -51.44 -4.19
N LYS H 163 42.58 -51.17 -2.90
CA LYS H 163 41.86 -51.83 -1.81
C LYS H 163 42.07 -51.09 -0.50
N ALA H 164 41.26 -51.38 0.52
CA ALA H 164 41.34 -50.73 1.82
C ALA H 164 42.72 -50.87 2.47
N SER H 165 43.40 -52.03 2.30
CA SER H 165 44.72 -52.21 2.91
C SER H 165 45.78 -51.28 2.34
N ASP H 166 45.59 -50.78 1.10
CA ASP H 166 46.51 -49.80 0.52
C ASP H 166 46.41 -48.49 1.33
N VAL H 167 45.18 -48.09 1.72
CA VAL H 167 44.98 -46.88 2.50
C VAL H 167 45.58 -47.04 3.88
N ALA H 168 45.39 -48.22 4.50
CA ALA H 168 45.96 -48.50 5.82
C ALA H 168 47.49 -48.40 5.79
N ALA H 169 48.12 -48.88 4.72
CA ALA H 169 49.57 -48.81 4.55
C ALA H 169 50.05 -47.38 4.47
N VAL H 170 49.32 -46.52 3.72
CA VAL H 170 49.69 -45.12 3.62
C VAL H 170 49.57 -44.45 4.98
N ARG H 171 48.46 -44.74 5.71
CA ARG H 171 48.19 -44.19 7.03
C ARG H 171 49.34 -44.58 8.00
N ALA H 172 49.77 -45.84 7.96
CA ALA H 172 50.86 -46.32 8.83
C ALA H 172 52.19 -45.64 8.49
N ALA H 173 52.48 -45.46 7.20
CA ALA H 173 53.72 -44.80 6.76
C ALA H 173 53.77 -43.31 7.15
N LEU H 174 52.60 -42.68 7.39
CA LEU H 174 52.56 -41.29 7.85
C LEU H 174 52.94 -41.18 9.36
N GLY H 175 52.80 -42.28 10.09
CA GLY H 175 53.19 -42.38 11.50
C GLY H 175 52.34 -41.58 12.45
N PRO H 176 52.73 -41.55 13.73
CA PRO H 176 51.95 -40.80 14.73
C PRO H 176 51.94 -39.30 14.52
N GLU H 177 53.02 -38.74 13.93
CA GLU H 177 53.07 -37.31 13.67
C GLU H 177 52.22 -36.87 12.44
N GLY H 178 51.76 -37.82 11.64
CA GLY H 178 50.96 -37.48 10.46
C GLY H 178 49.50 -37.86 10.55
N HIS H 179 48.96 -38.01 11.78
CA HIS H 179 47.57 -38.39 11.99
CA HIS H 179 47.57 -38.40 11.98
C HIS H 179 46.56 -37.39 11.41
N GLY H 180 46.92 -36.12 11.36
CA GLY H 180 46.03 -35.07 10.87
C GLY H 180 46.00 -34.86 9.37
N ILE H 181 46.92 -35.51 8.65
CA ILE H 181 47.00 -35.39 7.19
C ILE H 181 45.83 -36.14 6.54
N LYS H 182 45.16 -35.50 5.56
CA LYS H 182 44.04 -36.13 4.87
C LYS H 182 44.53 -37.05 3.77
N ILE H 183 43.95 -38.25 3.67
CA ILE H 183 44.33 -39.18 2.61
C ILE H 183 43.21 -39.22 1.56
N ILE H 184 43.54 -38.81 0.35
CA ILE H 184 42.62 -38.82 -0.80
C ILE H 184 43.08 -39.97 -1.69
N SER H 185 42.28 -41.00 -1.81
CA SER H 185 42.64 -42.16 -2.60
C SER H 185 42.41 -41.91 -4.08
N LYS H 186 43.45 -42.11 -4.90
CA LYS H 186 43.32 -41.97 -6.35
C LYS H 186 42.82 -43.29 -6.93
N ILE H 187 41.71 -43.25 -7.67
CA ILE H 187 41.16 -44.43 -8.31
C ILE H 187 41.62 -44.37 -9.74
N GLU H 188 42.46 -45.31 -10.13
CA GLU H 188 43.13 -45.26 -11.44
C GLU H 188 43.02 -46.52 -12.28
N ASN H 189 42.35 -47.55 -11.77
CA ASN H 189 42.26 -48.80 -12.54
C ASN H 189 40.96 -49.56 -12.23
N HIS H 190 40.73 -50.66 -12.95
CA HIS H 190 39.50 -51.43 -12.79
C HIS H 190 39.30 -51.90 -11.34
N GLU H 191 40.36 -52.43 -10.69
CA GLU H 191 40.22 -52.91 -9.30
C GLU H 191 39.79 -51.81 -8.33
N GLY H 192 40.37 -50.63 -8.49
CA GLY H 192 39.98 -49.49 -7.65
C GLY H 192 38.51 -49.14 -7.81
N VAL H 193 37.99 -49.18 -9.06
CA VAL H 193 36.58 -48.88 -9.30
C VAL H 193 35.71 -49.98 -8.66
N LYS H 194 36.09 -51.23 -8.83
CA LYS H 194 35.32 -52.36 -8.28
C LYS H 194 35.32 -52.44 -6.77
N ARG H 195 36.43 -52.08 -6.15
CA ARG H 195 36.52 -52.05 -4.69
C ARG H 195 36.30 -50.65 -4.12
N PHE H 196 35.64 -49.78 -4.88
CA PHE H 196 35.41 -48.39 -4.49
C PHE H 196 34.81 -48.23 -3.11
N ASP H 197 33.71 -48.97 -2.78
CA ASP H 197 33.07 -48.79 -1.49
C ASP H 197 34.00 -49.02 -0.29
N GLU H 198 34.79 -50.10 -0.33
CA GLU H 198 35.72 -50.38 0.76
C GLU H 198 36.83 -49.31 0.85
N ILE H 199 37.26 -48.75 -0.30
CA ILE H 199 38.29 -47.72 -0.32
C ILE H 199 37.73 -46.41 0.24
N LEU H 200 36.52 -46.00 -0.20
CA LEU H 200 35.90 -44.76 0.27
C LEU H 200 35.68 -44.79 1.78
N GLU H 201 35.25 -45.93 2.30
CA GLU H 201 35.00 -46.09 3.74
C GLU H 201 36.19 -45.72 4.62
N VAL H 202 37.41 -46.07 4.21
CA VAL H 202 38.63 -45.79 5.00
C VAL H 202 39.40 -44.55 4.55
N SER H 203 38.99 -43.89 3.45
CA SER H 203 39.70 -42.71 2.95
C SER H 203 38.99 -41.44 3.38
N ASP H 204 39.72 -40.32 3.36
CA ASP H 204 39.10 -39.02 3.61
C ASP H 204 38.33 -38.52 2.37
N GLY H 205 38.71 -39.00 1.20
CA GLY H 205 38.09 -38.59 -0.05
C GLY H 205 38.67 -39.34 -1.21
N ILE H 206 38.26 -38.94 -2.43
CA ILE H 206 38.67 -39.67 -3.62
C ILE H 206 39.12 -38.74 -4.72
N MET H 207 40.04 -39.21 -5.56
CA MET H 207 40.39 -38.49 -6.78
C MET H 207 40.09 -39.42 -7.96
N VAL H 208 39.32 -38.91 -8.95
CA VAL H 208 39.03 -39.64 -10.17
C VAL H 208 40.21 -39.31 -11.09
N ALA H 209 41.21 -40.21 -11.12
CA ALA H 209 42.47 -39.99 -11.82
C ALA H 209 42.28 -40.45 -13.25
N ARG H 210 41.69 -39.58 -14.10
CA ARG H 210 41.25 -39.99 -15.44
C ARG H 210 42.36 -40.34 -16.41
N GLY H 211 43.58 -39.88 -16.17
CA GLY H 211 44.70 -40.19 -17.07
C GLY H 211 44.97 -41.68 -17.09
N ASP H 212 45.33 -42.25 -15.94
CA ASP H 212 45.52 -43.69 -15.84
C ASP H 212 44.24 -44.46 -16.02
N LEU H 213 43.11 -43.97 -15.48
CA LEU H 213 41.82 -44.66 -15.64
C LEU H 213 41.48 -44.87 -17.14
N GLY H 214 41.76 -43.85 -17.97
CA GLY H 214 41.51 -43.89 -19.40
C GLY H 214 42.40 -44.81 -20.21
N ILE H 215 43.49 -45.31 -19.58
CA ILE H 215 44.39 -46.28 -20.17
C ILE H 215 44.13 -47.70 -19.58
N GLU H 216 43.69 -47.76 -18.33
CA GLU H 216 43.40 -49.03 -17.63
C GLU H 216 42.05 -49.61 -18.02
N ILE H 217 41.06 -48.75 -18.29
CA ILE H 217 39.74 -49.19 -18.74
C ILE H 217 39.45 -48.51 -20.11
N PRO H 218 38.46 -48.99 -20.89
CA PRO H 218 38.18 -48.34 -22.19
C PRO H 218 37.88 -46.85 -22.01
N ALA H 219 38.49 -46.01 -22.85
CA ALA H 219 38.36 -44.56 -22.73
C ALA H 219 36.91 -44.10 -22.70
N GLU H 220 36.04 -44.79 -23.45
CA GLU H 220 34.61 -44.45 -23.54
C GLU H 220 33.83 -44.79 -22.26
N LYS H 221 34.45 -45.47 -21.28
CA LYS H 221 33.76 -45.79 -20.03
C LYS H 221 34.17 -44.87 -18.85
N VAL H 222 35.21 -44.02 -19.04
CA VAL H 222 35.70 -43.18 -17.94
C VAL H 222 34.60 -42.27 -17.38
N PHE H 223 33.73 -41.71 -18.23
CA PHE H 223 32.66 -40.83 -17.72
C PHE H 223 31.73 -41.57 -16.75
N LEU H 224 31.50 -42.88 -16.96
CA LEU H 224 30.64 -43.67 -16.07
C LEU H 224 31.30 -43.78 -14.70
N ALA H 225 32.61 -44.10 -14.67
CA ALA H 225 33.35 -44.21 -13.41
C ALA H 225 33.37 -42.87 -12.71
N GLN H 226 33.57 -41.78 -13.46
CA GLN H 226 33.60 -40.44 -12.88
C GLN H 226 32.24 -40.11 -12.23
N LYS H 227 31.14 -40.28 -12.97
CA LYS H 227 29.81 -39.94 -12.46
C LYS H 227 29.45 -40.81 -11.26
N MET H 228 29.78 -42.10 -11.31
CA MET H 228 29.46 -43.02 -10.20
C MET H 228 30.25 -42.61 -8.94
N MET H 229 31.56 -42.35 -9.07
CA MET H 229 32.38 -42.01 -7.90
C MET H 229 31.98 -40.68 -7.32
N ILE H 230 31.67 -39.68 -8.18
CA ILE H 230 31.21 -38.38 -7.66
C ILE H 230 29.89 -38.56 -6.92
N GLY H 231 28.93 -39.31 -7.50
CA GLY H 231 27.65 -39.56 -6.85
C GLY H 231 27.82 -40.23 -5.50
N ARG H 232 28.68 -41.28 -5.43
CA ARG H 232 28.89 -41.98 -4.15
C ARG H 232 29.58 -41.12 -3.10
N CYS H 233 30.54 -40.25 -3.52
CA CYS H 233 31.21 -39.37 -2.58
C CYS H 233 30.24 -38.31 -2.08
N ASN H 234 29.38 -37.79 -2.97
CA ASN H 234 28.36 -36.80 -2.56
C ASN H 234 27.41 -37.46 -1.52
N LEU H 235 27.03 -38.72 -1.75
CA LEU H 235 26.16 -39.43 -0.81
C LEU H 235 26.86 -39.62 0.56
N ALA H 236 28.13 -39.97 0.52
CA ALA H 236 28.94 -40.16 1.73
C ALA H 236 29.35 -38.87 2.45
N GLY H 237 29.23 -37.73 1.77
CA GLY H 237 29.67 -36.44 2.33
C GLY H 237 31.18 -36.34 2.44
N LYS H 238 31.91 -36.97 1.48
CA LYS H 238 33.37 -36.93 1.45
C LYS H 238 33.84 -36.27 0.16
N PRO H 239 34.93 -35.49 0.24
CA PRO H 239 35.40 -34.76 -0.97
C PRO H 239 35.79 -35.65 -2.15
N VAL H 240 35.52 -35.17 -3.36
CA VAL H 240 35.89 -35.91 -4.57
C VAL H 240 36.49 -34.91 -5.54
N VAL H 241 37.61 -35.29 -6.13
CA VAL H 241 38.37 -34.44 -7.06
C VAL H 241 38.25 -35.00 -8.48
N CYS H 242 38.00 -34.14 -9.48
CA CYS H 242 38.01 -34.57 -10.88
C CYS H 242 39.36 -34.12 -11.45
N ALA H 243 40.12 -35.03 -12.08
CA ALA H 243 41.47 -34.71 -12.50
C ALA H 243 41.80 -35.16 -13.91
N THR H 244 42.76 -34.45 -14.53
CA THR H 244 43.54 -34.79 -15.73
C THR H 244 42.89 -34.44 -17.06
N GLN H 245 43.63 -33.61 -17.84
CA GLN H 245 43.32 -33.15 -19.18
C GLN H 245 42.06 -32.29 -19.27
N MET H 246 41.68 -31.63 -18.15
CA MET H 246 40.48 -30.80 -18.17
C MET H 246 40.61 -29.61 -19.12
N LEU H 247 41.76 -28.98 -19.16
CA LEU H 247 41.99 -27.81 -20.05
C LEU H 247 43.31 -28.06 -20.81
N GLU H 248 43.55 -29.31 -21.23
CA GLU H 248 44.81 -29.73 -21.85
C GLU H 248 45.37 -28.81 -22.95
N SER H 249 44.51 -28.31 -23.83
CA SER H 249 45.00 -27.49 -24.95
C SER H 249 45.61 -26.16 -24.45
N MET H 250 45.26 -25.70 -23.21
CA MET H 250 45.84 -24.48 -22.66
C MET H 250 47.32 -24.63 -22.23
N ILE H 251 47.94 -25.83 -22.42
CA ILE H 251 49.38 -25.97 -22.15
C ILE H 251 50.12 -25.09 -23.23
N THR H 252 49.57 -25.06 -24.46
CA THR H 252 50.19 -24.36 -25.58
C THR H 252 49.34 -23.22 -26.15
N LYS H 253 48.00 -23.22 -25.94
CA LYS H 253 47.11 -22.20 -26.50
C LYS H 253 46.49 -21.29 -25.45
N PRO H 254 46.19 -20.03 -25.78
CA PRO H 254 45.64 -19.11 -24.78
C PRO H 254 44.20 -19.40 -24.37
N ARG H 255 43.42 -20.09 -25.23
CA ARG H 255 42.01 -20.36 -24.93
C ARG H 255 41.77 -21.85 -25.11
N PRO H 256 40.87 -22.43 -24.29
CA PRO H 256 40.62 -23.88 -24.39
C PRO H 256 39.67 -24.26 -25.50
N THR H 257 39.53 -25.57 -25.78
CA THR H 257 38.56 -26.03 -26.79
C THR H 257 37.15 -26.04 -26.20
N ARG H 258 36.12 -26.20 -27.06
CA ARG H 258 34.73 -26.27 -26.59
C ARG H 258 34.52 -27.50 -25.72
N ALA H 259 35.22 -28.61 -26.02
CA ALA H 259 35.08 -29.84 -25.20
C ALA H 259 35.67 -29.65 -23.80
N GLU H 260 36.76 -28.87 -23.70
CA GLU H 260 37.43 -28.65 -22.40
C GLU H 260 36.59 -27.78 -21.48
N THR H 261 35.97 -26.71 -22.00
CA THR H 261 35.09 -25.88 -21.15
C THR H 261 33.89 -26.71 -20.70
N SER H 262 33.33 -27.52 -21.60
CA SER H 262 32.21 -28.40 -21.29
C SER H 262 32.62 -29.41 -20.20
N ASP H 263 33.82 -30.00 -20.30
CA ASP H 263 34.31 -30.99 -19.32
C ASP H 263 34.38 -30.36 -17.91
N VAL H 264 34.94 -29.15 -17.79
CA VAL H 264 35.04 -28.47 -16.49
C VAL H 264 33.62 -28.19 -15.95
N ALA H 265 32.74 -27.63 -16.79
CA ALA H 265 31.35 -27.34 -16.36
C ALA H 265 30.61 -28.60 -15.91
N ASN H 266 30.74 -29.68 -16.68
CA ASN H 266 30.07 -30.94 -16.33
C ASN H 266 30.67 -31.61 -15.09
N ALA H 267 31.97 -31.43 -14.80
CA ALA H 267 32.55 -31.99 -13.55
C ALA H 267 31.88 -31.29 -12.34
N VAL H 268 31.69 -29.98 -12.43
CA VAL H 268 31.03 -29.21 -11.36
C VAL H 268 29.55 -29.63 -11.25
N LEU H 269 28.85 -29.71 -12.40
CA LEU H 269 27.45 -30.15 -12.38
C LEU H 269 27.29 -31.57 -11.87
N ASP H 270 28.29 -32.44 -12.11
CA ASP H 270 28.26 -33.83 -11.63
C ASP H 270 28.29 -33.84 -10.07
N GLY H 271 28.96 -32.87 -9.47
CA GLY H 271 29.08 -32.75 -8.02
C GLY H 271 30.51 -32.76 -7.49
N ALA H 272 31.53 -32.56 -8.36
CA ALA H 272 32.92 -32.59 -7.89
C ALA H 272 33.19 -31.47 -6.88
N ASP H 273 33.87 -31.81 -5.79
CA ASP H 273 34.27 -30.80 -4.81
C ASP H 273 35.44 -29.97 -5.31
N CYS H 274 36.37 -30.61 -6.04
CA CYS H 274 37.57 -29.94 -6.57
C CYS H 274 37.77 -30.32 -8.02
N ILE H 275 38.39 -29.42 -8.76
CA ILE H 275 38.82 -29.69 -10.14
C ILE H 275 40.33 -29.44 -10.17
N MET H 276 41.05 -30.11 -11.09
CA MET H 276 42.49 -30.07 -11.09
C MET H 276 43.10 -29.68 -12.43
N LEU H 277 44.28 -29.07 -12.35
CA LEU H 277 45.12 -28.72 -13.48
C LEU H 277 46.46 -29.44 -13.25
N SER H 278 46.98 -30.08 -14.30
CA SER H 278 48.24 -30.79 -14.21
C SER H 278 49.24 -30.08 -15.14
N GLY H 279 49.40 -30.53 -16.40
CA GLY H 279 50.35 -29.87 -17.31
C GLY H 279 50.04 -28.40 -17.52
N GLU H 280 48.74 -28.03 -17.42
CA GLU H 280 48.24 -26.66 -17.64
C GLU H 280 48.93 -25.66 -16.69
N THR H 281 49.22 -26.09 -15.45
CA THR H 281 49.92 -25.21 -14.52
C THR H 281 51.38 -25.65 -14.25
N ALA H 282 51.74 -26.94 -14.44
CA ALA H 282 53.08 -27.40 -14.14
C ALA H 282 54.08 -27.07 -15.21
N LYS H 283 53.68 -27.16 -16.49
CA LYS H 283 54.69 -26.92 -17.53
C LYS H 283 54.25 -26.10 -18.71
N GLY H 284 53.00 -25.69 -18.75
CA GLY H 284 52.50 -24.93 -19.90
C GLY H 284 52.83 -23.45 -19.89
N ASN H 285 52.45 -22.79 -20.97
CA ASN H 285 52.71 -21.36 -21.15
C ASN H 285 51.61 -20.47 -20.57
N PHE H 286 50.51 -21.05 -20.03
CA PHE H 286 49.41 -20.21 -19.53
C PHE H 286 48.93 -20.64 -18.12
N PRO H 287 49.84 -20.84 -17.14
CA PRO H 287 49.38 -21.36 -15.84
C PRO H 287 48.36 -20.45 -15.17
N VAL H 288 48.57 -19.14 -15.19
CA VAL H 288 47.63 -18.23 -14.51
C VAL H 288 46.29 -18.22 -15.26
N GLU H 289 46.35 -18.16 -16.61
CA GLU H 289 45.13 -18.15 -17.41
C GLU H 289 44.33 -19.46 -17.26
N ALA H 290 45.02 -20.58 -17.01
CA ALA H 290 44.33 -21.86 -16.85
C ALA H 290 43.53 -21.83 -15.53
N VAL H 291 44.12 -21.27 -14.48
CA VAL H 291 43.46 -21.12 -13.20
C VAL H 291 42.25 -20.18 -13.38
N LYS H 292 42.47 -19.04 -14.06
CA LYS H 292 41.37 -18.08 -14.31
C LYS H 292 40.21 -18.72 -15.09
N MET H 293 40.51 -19.59 -16.05
CA MET H 293 39.49 -20.23 -16.87
C MET H 293 38.68 -21.22 -16.03
N GLN H 294 39.36 -22.03 -15.19
CA GLN H 294 38.63 -22.95 -14.31
C GLN H 294 37.76 -22.17 -13.34
N HIS H 295 38.29 -21.05 -12.82
CA HIS H 295 37.50 -20.19 -11.91
C HIS H 295 36.22 -19.70 -12.62
N ALA H 296 36.36 -19.15 -13.82
CA ALA H 296 35.23 -18.58 -14.56
C ALA H 296 34.16 -19.62 -14.90
N ILE H 297 34.57 -20.83 -15.36
CA ILE H 297 33.63 -21.89 -15.71
C ILE H 297 32.94 -22.41 -14.45
N ALA H 298 33.71 -22.69 -13.39
CA ALA H 298 33.13 -23.22 -12.15
C ALA H 298 32.07 -22.30 -11.57
N ARG H 299 32.32 -20.99 -11.63
CA ARG H 299 31.36 -20.04 -11.09
C ARG H 299 30.02 -20.10 -11.87
N GLU H 300 30.10 -20.19 -13.21
CA GLU H 300 28.90 -20.28 -14.03
C GLU H 300 28.16 -21.59 -13.77
N ALA H 301 28.91 -22.70 -13.69
CA ALA H 301 28.33 -24.03 -13.51
C ALA H 301 27.66 -24.19 -12.14
N GLU H 302 28.26 -23.61 -11.10
CA GLU H 302 27.66 -23.69 -9.75
C GLU H 302 26.30 -23.03 -9.68
N ALA H 303 26.12 -21.90 -10.37
CA ALA H 303 24.81 -21.24 -10.40
C ALA H 303 23.77 -22.08 -11.17
N ALA H 304 24.21 -22.92 -12.13
CA ALA H 304 23.35 -23.78 -12.94
C ALA H 304 22.95 -25.11 -12.27
N VAL H 305 23.46 -25.39 -11.06
CA VAL H 305 23.12 -26.62 -10.33
C VAL H 305 21.59 -26.53 -9.96
N TYR H 306 20.85 -27.62 -10.11
CA TYR H 306 19.42 -27.62 -9.78
C TYR H 306 19.28 -27.99 -8.32
N HIS H 307 19.49 -27.02 -7.40
CA HIS H 307 19.48 -27.27 -5.97
C HIS H 307 18.19 -27.88 -5.47
N ARG H 308 17.04 -27.56 -6.09
CA ARG H 308 15.75 -28.11 -5.65
C ARG H 308 15.77 -29.64 -5.62
N GLN H 309 16.26 -30.26 -6.70
CA GLN H 309 16.35 -31.72 -6.77
CA GLN H 309 16.35 -31.72 -6.75
C GLN H 309 17.53 -32.22 -5.93
N LEU H 310 18.69 -31.59 -6.05
CA LEU H 310 19.88 -32.02 -5.32
C LEU H 310 19.67 -32.07 -3.79
N PHE H 311 19.12 -31.01 -3.22
CA PHE H 311 18.87 -30.95 -1.77
C PHE H 311 17.83 -32.00 -1.34
N GLU H 312 16.76 -32.16 -2.13
CA GLU H 312 15.72 -33.18 -1.88
C GLU H 312 16.33 -34.59 -1.92
N GLU H 313 17.18 -34.87 -2.92
CA GLU H 313 17.80 -36.18 -3.02
C GLU H 313 18.84 -36.46 -1.96
N LEU H 314 19.65 -35.45 -1.58
CA LEU H 314 20.65 -35.59 -0.52
C LEU H 314 19.96 -35.89 0.79
N ARG H 315 18.80 -35.25 1.06
CA ARG H 315 18.06 -35.49 2.30
C ARG H 315 17.44 -36.89 2.31
N ARG H 316 16.80 -37.26 1.21
CA ARG H 316 16.15 -38.56 1.06
C ARG H 316 17.14 -39.71 1.22
N ALA H 317 18.33 -39.57 0.65
CA ALA H 317 19.32 -40.64 0.72
C ALA H 317 20.11 -40.69 2.03
N ALA H 318 20.31 -39.54 2.68
CA ALA H 318 21.08 -39.51 3.90
C ALA H 318 20.27 -40.14 5.03
N PRO H 319 20.88 -41.06 5.79
CA PRO H 319 20.13 -41.67 6.90
C PRO H 319 19.85 -40.66 8.02
N LEU H 320 18.93 -40.99 8.93
CA LEU H 320 18.67 -40.17 10.11
C LEU H 320 19.98 -40.06 10.93
N SER H 321 20.18 -38.96 11.62
CA SER H 321 21.41 -38.79 12.39
C SER H 321 21.12 -38.29 13.77
N ARG H 322 21.84 -38.80 14.74
CA ARG H 322 21.76 -38.32 16.11
C ARG H 322 22.99 -37.44 16.47
N ASP H 323 23.83 -37.07 15.48
CA ASP H 323 25.01 -36.26 15.75
C ASP H 323 24.56 -34.80 15.70
N PRO H 324 24.70 -34.04 16.79
CA PRO H 324 24.23 -32.64 16.77
C PRO H 324 24.87 -31.76 15.70
N THR H 325 26.13 -32.00 15.31
CA THR H 325 26.78 -31.21 14.28
C THR H 325 26.03 -31.44 12.95
N GLU H 326 25.70 -32.70 12.63
CA GLU H 326 25.01 -33.06 11.40
C GLU H 326 23.58 -32.47 11.40
N VAL H 327 22.90 -32.54 12.55
CA VAL H 327 21.53 -32.03 12.68
C VAL H 327 21.50 -30.51 12.54
N THR H 328 22.48 -29.81 13.15
CA THR H 328 22.57 -28.35 13.03
C THR H 328 22.89 -27.97 11.58
N ALA H 329 23.78 -28.73 10.94
CA ALA H 329 24.17 -28.45 9.55
C ALA H 329 22.96 -28.46 8.60
N ILE H 330 22.09 -29.49 8.68
CA ILE H 330 20.93 -29.55 7.77
C ILE H 330 19.94 -28.42 8.09
N GLY H 331 19.77 -28.07 9.38
CA GLY H 331 18.89 -26.97 9.74
C GLY H 331 19.43 -25.65 9.21
N ALA H 332 20.77 -25.44 9.31
CA ALA H 332 21.41 -24.22 8.81
C ALA H 332 21.27 -24.10 7.29
N VAL H 333 21.44 -25.20 6.56
CA VAL H 333 21.34 -25.16 5.08
C VAL H 333 19.89 -24.89 4.67
N GLU H 334 18.92 -25.50 5.36
CA GLU H 334 17.50 -25.27 5.09
CA GLU H 334 17.50 -25.27 5.10
C GLU H 334 17.17 -23.79 5.35
N ALA H 335 17.66 -23.23 6.47
CA ALA H 335 17.44 -21.82 6.79
C ALA H 335 18.07 -20.93 5.73
N ALA H 336 19.30 -21.25 5.29
CA ALA H 336 19.99 -20.43 4.29
C ALA H 336 19.19 -20.36 2.97
N PHE H 337 18.63 -21.50 2.54
CA PHE H 337 17.79 -21.53 1.32
C PHE H 337 16.51 -20.69 1.51
N LYS H 338 15.90 -20.74 2.70
CA LYS H 338 14.65 -20.01 2.97
C LYS H 338 14.78 -18.51 2.79
N CYS H 339 15.92 -17.94 3.21
CA CYS H 339 16.10 -16.50 3.15
C CYS H 339 17.08 -16.04 2.11
N CYS H 340 17.59 -16.93 1.22
CA CYS H 340 18.62 -16.56 0.22
C CYS H 340 19.82 -15.97 0.95
N ALA H 341 20.23 -16.59 2.07
CA ALA H 341 21.34 -16.08 2.86
C ALA H 341 22.61 -15.87 2.02
N ALA H 342 23.32 -14.76 2.22
CA ALA H 342 24.56 -14.52 1.47
C ALA H 342 25.66 -15.53 1.90
N ALA H 343 25.63 -15.96 3.17
CA ALA H 343 26.67 -16.86 3.68
C ALA H 343 26.19 -17.62 4.92
N ILE H 344 26.87 -18.72 5.24
CA ILE H 344 26.73 -19.44 6.49
C ILE H 344 28.14 -19.30 7.15
N ILE H 345 28.25 -18.59 8.28
CA ILE H 345 29.53 -18.41 8.94
C ILE H 345 29.64 -19.48 10.00
N VAL H 346 30.66 -20.33 9.93
CA VAL H 346 30.80 -21.42 10.89
C VAL H 346 32.16 -21.38 11.60
N LEU H 347 32.18 -21.62 12.90
CA LEU H 347 33.43 -21.72 13.64
C LEU H 347 33.80 -23.19 13.64
N THR H 348 35.08 -23.48 13.36
CA THR H 348 35.51 -24.89 13.32
C THR H 348 36.96 -25.05 13.73
N THR H 349 37.25 -26.12 14.47
CA THR H 349 38.62 -26.38 14.92
C THR H 349 39.32 -27.32 13.95
N THR H 350 38.63 -28.38 13.53
CA THR H 350 39.15 -29.44 12.64
C THR H 350 38.66 -29.33 11.19
N GLY H 351 37.67 -28.49 10.93
CA GLY H 351 36.99 -28.38 9.63
C GLY H 351 35.71 -29.21 9.54
N ARG H 352 35.49 -30.15 10.48
CA ARG H 352 34.34 -31.04 10.42
C ARG H 352 32.96 -30.34 10.32
N SER H 353 32.71 -29.27 11.12
CA SER H 353 31.41 -28.58 11.05
C SER H 353 31.20 -27.95 9.65
N ALA H 354 32.28 -27.47 9.01
CA ALA H 354 32.16 -26.89 7.68
C ALA H 354 31.89 -28.01 6.66
N GLN H 355 32.58 -29.14 6.80
CA GLN H 355 32.36 -30.28 5.90
C GLN H 355 30.89 -30.76 5.92
N LEU H 356 30.29 -30.81 7.12
CA LEU H 356 28.91 -31.25 7.24
C LEU H 356 27.91 -30.25 6.65
N LEU H 357 28.25 -28.97 6.61
CA LEU H 357 27.42 -27.99 5.95
C LEU H 357 27.56 -28.19 4.42
N SER H 358 28.81 -28.29 3.95
CA SER H 358 29.14 -28.47 2.54
C SER H 358 28.40 -29.70 1.91
N ARG H 359 28.26 -30.80 2.65
CA ARG H 359 27.64 -32.02 2.12
C ARG H 359 26.19 -31.84 1.64
N TYR H 360 25.51 -30.79 2.16
CA TYR H 360 24.13 -30.47 1.73
C TYR H 360 24.05 -29.50 0.58
N ARG H 361 25.23 -29.06 0.07
CA ARG H 361 25.35 -28.20 -1.09
C ARG H 361 24.50 -26.94 -1.01
N PRO H 362 24.72 -26.11 0.02
CA PRO H 362 23.99 -24.83 0.07
C PRO H 362 24.45 -23.92 -1.06
N ARG H 363 23.55 -23.06 -1.50
CA ARG H 363 23.91 -22.03 -2.47
C ARG H 363 24.75 -20.95 -1.74
N ALA H 364 24.45 -20.68 -0.45
CA ALA H 364 25.18 -19.71 0.37
C ALA H 364 26.63 -20.18 0.59
N ALA H 365 27.58 -19.27 0.55
CA ALA H 365 28.99 -19.57 0.81
C ALA H 365 29.15 -20.02 2.27
N VAL H 366 29.96 -21.05 2.54
CA VAL H 366 30.24 -21.46 3.93
C VAL H 366 31.58 -20.81 4.33
N ILE H 367 31.53 -19.75 5.13
CA ILE H 367 32.72 -19.04 5.57
C ILE H 367 33.20 -19.70 6.87
N ALA H 368 34.30 -20.44 6.80
CA ALA H 368 34.78 -21.20 7.96
C ALA H 368 35.89 -20.47 8.69
N VAL H 369 35.63 -20.06 9.93
CA VAL H 369 36.62 -19.33 10.73
C VAL H 369 37.31 -20.30 11.67
N THR H 370 38.64 -20.41 11.55
CA THR H 370 39.41 -21.34 12.38
C THR H 370 40.74 -20.74 12.82
N ARG H 371 41.26 -21.20 13.96
CA ARG H 371 42.62 -20.86 14.40
C ARG H 371 43.65 -21.86 13.85
N SER H 372 43.19 -23.05 13.38
CA SER H 372 44.11 -24.07 12.90
C SER H 372 44.50 -23.77 11.47
N ALA H 373 45.78 -23.46 11.26
CA ALA H 373 46.29 -23.16 9.91
C ALA H 373 46.13 -24.42 9.02
N GLN H 374 46.34 -25.61 9.58
CA GLN H 374 46.17 -26.86 8.83
C GLN H 374 44.71 -27.10 8.43
N ALA H 375 43.77 -26.94 9.38
CA ALA H 375 42.34 -27.10 9.05
C ALA H 375 41.90 -26.09 8.00
N ALA H 376 42.41 -24.85 8.08
CA ALA H 376 42.07 -23.81 7.10
C ALA H 376 42.52 -24.25 5.70
N ARG H 377 43.68 -24.88 5.59
CA ARG H 377 44.15 -25.37 4.30
C ARG H 377 43.33 -26.59 3.83
N GLN H 378 43.09 -27.54 4.72
CA GLN H 378 42.38 -28.77 4.35
C GLN H 378 40.91 -28.60 3.95
N VAL H 379 40.20 -27.58 4.50
CA VAL H 379 38.77 -27.43 4.16
C VAL H 379 38.54 -27.03 2.70
N HIS H 380 39.62 -26.64 1.96
CA HIS H 380 39.50 -26.41 0.52
C HIS H 380 39.04 -27.68 -0.20
N LEU H 381 39.21 -28.87 0.40
CA LEU H 381 38.72 -30.10 -0.21
C LEU H 381 37.18 -30.15 -0.31
N CYS H 382 36.45 -29.35 0.50
CA CYS H 382 34.99 -29.35 0.58
C CYS H 382 34.38 -28.23 -0.20
N ARG H 383 33.51 -28.56 -1.17
CA ARG H 383 32.89 -27.51 -1.99
C ARG H 383 32.20 -26.43 -1.20
N GLY H 384 32.48 -25.19 -1.56
CA GLY H 384 31.77 -24.06 -0.99
C GLY H 384 32.25 -23.62 0.37
N VAL H 385 33.40 -24.14 0.82
CA VAL H 385 33.95 -23.71 2.12
C VAL H 385 35.08 -22.71 1.85
N PHE H 386 34.97 -21.51 2.40
CA PHE H 386 35.94 -20.43 2.26
C PHE H 386 36.62 -20.26 3.60
N PRO H 387 37.83 -20.78 3.74
CA PRO H 387 38.51 -20.72 5.06
C PRO H 387 39.11 -19.38 5.39
N LEU H 388 38.95 -18.96 6.63
CA LEU H 388 39.53 -17.73 7.14
C LEU H 388 40.38 -18.10 8.35
N LEU H 389 41.67 -17.76 8.33
CA LEU H 389 42.55 -18.10 9.45
C LEU H 389 42.53 -16.95 10.46
N TYR H 390 42.02 -17.23 11.65
CA TYR H 390 41.95 -16.24 12.73
C TYR H 390 43.24 -16.30 13.57
N ARG H 391 43.90 -15.17 13.81
CA ARG H 391 45.20 -15.15 14.45
C ARG H 391 45.25 -14.60 15.86
N GLU H 392 44.18 -13.98 16.32
CA GLU H 392 44.17 -13.35 17.65
C GLU H 392 44.13 -14.37 18.78
N PRO H 393 44.85 -14.11 19.90
CA PRO H 393 44.78 -15.04 21.04
C PRO H 393 43.36 -15.04 21.67
N PRO H 394 42.99 -16.13 22.37
CA PRO H 394 41.62 -16.21 22.90
C PRO H 394 41.26 -15.13 23.91
N GLU H 395 40.04 -14.59 23.78
CA GLU H 395 39.50 -13.62 24.75
C GLU H 395 39.26 -14.37 26.08
N ALA H 396 39.27 -13.62 27.20
CA ALA H 396 39.05 -14.23 28.51
C ALA H 396 37.64 -14.82 28.62
N ILE H 397 36.63 -14.13 28.07
CA ILE H 397 35.26 -14.64 28.12
C ILE H 397 35.02 -15.40 26.81
N TRP H 398 34.67 -16.69 26.92
CA TRP H 398 34.51 -17.53 25.73
C TRP H 398 33.44 -17.02 24.73
N ALA H 399 32.31 -16.55 25.22
CA ALA H 399 31.27 -15.97 24.33
C ALA H 399 31.82 -14.74 23.57
N ASP H 400 32.68 -13.93 24.19
CA ASP H 400 33.31 -12.79 23.49
C ASP H 400 34.29 -13.31 22.42
N ASP H 401 35.01 -14.40 22.71
CA ASP H 401 35.95 -14.97 21.73
C ASP H 401 35.19 -15.49 20.50
N VAL H 402 34.03 -16.12 20.75
CA VAL H 402 33.15 -16.62 19.69
C VAL H 402 32.66 -15.43 18.85
N ASP H 403 32.14 -14.37 19.54
CA ASP H 403 31.63 -13.18 18.86
C ASP H 403 32.70 -12.50 18.02
N ARG H 404 33.94 -12.39 18.54
CA ARG H 404 35.02 -11.75 17.79
C ARG H 404 35.31 -12.52 16.49
N ARG H 405 35.26 -13.86 16.56
CA ARG H 405 35.51 -14.66 15.36
C ARG H 405 34.38 -14.54 14.35
N VAL H 406 33.12 -14.45 14.81
CA VAL H 406 31.99 -14.25 13.91
C VAL H 406 32.14 -12.88 13.23
N GLN H 407 32.52 -11.84 13.99
CA GLN H 407 32.75 -10.50 13.43
C GLN H 407 33.90 -10.50 12.43
N PHE H 408 34.94 -11.31 12.68
CA PHE H 408 36.05 -11.44 11.75
C PHE H 408 35.56 -12.05 10.42
N GLY H 409 34.67 -13.06 10.49
CA GLY H 409 34.05 -13.65 9.31
C GLY H 409 33.23 -12.62 8.54
N ILE H 410 32.49 -11.79 9.26
CA ILE H 410 31.68 -10.73 8.65
C ILE H 410 32.55 -9.66 7.97
N GLU H 411 33.55 -9.16 8.67
CA GLU H 411 34.44 -8.13 8.13
C GLU H 411 35.23 -8.64 6.93
N SER H 412 35.69 -9.91 6.98
CA SER H 412 36.38 -10.51 5.85
C SER H 412 35.41 -10.63 4.67
N GLY H 413 34.19 -11.10 4.94
CA GLY H 413 33.14 -11.25 3.95
C GLY H 413 32.81 -9.94 3.25
N LYS H 414 32.73 -8.84 4.02
CA LYS H 414 32.42 -7.53 3.44
C LYS H 414 33.58 -7.08 2.54
N LEU H 415 34.84 -7.23 3.01
CA LEU H 415 36.00 -6.82 2.23
C LEU H 415 36.10 -7.59 0.91
N ARG H 416 35.84 -8.89 0.97
CA ARG H 416 35.95 -9.77 -0.20
C ARG H 416 34.73 -9.74 -1.13
N GLY H 417 33.66 -9.04 -0.77
CA GLY H 417 32.47 -8.95 -1.61
C GLY H 417 31.42 -10.03 -1.39
N PHE H 418 31.60 -10.89 -0.38
CA PHE H 418 30.61 -11.94 -0.07
C PHE H 418 29.37 -11.31 0.57
N LEU H 419 29.55 -10.27 1.40
CA LEU H 419 28.49 -9.70 2.21
C LEU H 419 28.40 -8.21 2.09
N ARG H 420 27.20 -7.70 2.34
CA ARG H 420 26.93 -6.28 2.37
C ARG H 420 25.91 -6.00 3.47
N VAL H 421 25.87 -4.76 3.95
CA VAL H 421 24.88 -4.35 4.95
C VAL H 421 23.46 -4.66 4.48
N GLY H 422 22.66 -5.29 5.33
CA GLY H 422 21.31 -5.69 4.97
C GLY H 422 21.19 -7.16 4.61
N ASP H 423 22.31 -7.83 4.28
CA ASP H 423 22.27 -9.26 3.97
C ASP H 423 21.90 -10.06 5.23
N LEU H 424 21.35 -11.26 5.03
CA LEU H 424 21.09 -12.17 6.14
C LEU H 424 22.17 -13.24 6.04
N VAL H 425 22.72 -13.66 7.17
CA VAL H 425 23.67 -14.73 7.24
C VAL H 425 23.19 -15.73 8.30
N ILE H 426 23.60 -16.98 8.16
CA ILE H 426 23.30 -17.99 9.17
C ILE H 426 24.65 -18.19 9.91
N VAL H 427 24.65 -18.20 11.25
CA VAL H 427 25.90 -18.35 12.01
C VAL H 427 25.82 -19.67 12.79
N VAL H 428 26.82 -20.54 12.61
CA VAL H 428 26.84 -21.86 13.20
C VAL H 428 27.99 -21.97 14.22
N THR H 429 27.65 -22.28 15.48
CA THR H 429 28.64 -22.33 16.55
C THR H 429 28.27 -23.51 17.46
N GLY H 430 28.99 -23.67 18.58
CA GLY H 430 28.70 -24.74 19.51
C GLY H 430 28.52 -24.25 20.93
N TRP H 431 28.21 -25.17 21.84
CA TRP H 431 27.84 -24.78 23.21
C TRP H 431 29.01 -24.72 24.20
N ARG H 432 30.17 -25.24 23.81
CA ARG H 432 31.37 -25.21 24.64
C ARG H 432 32.65 -25.17 23.76
N PRO H 433 33.80 -24.77 24.34
CA PRO H 433 35.04 -24.81 23.56
C PRO H 433 35.45 -26.24 23.21
N GLY H 434 36.29 -26.37 22.20
CA GLY H 434 36.80 -27.66 21.75
C GLY H 434 35.99 -28.21 20.59
N SER H 435 36.62 -29.07 19.80
CA SER H 435 35.99 -29.69 18.66
CA SER H 435 35.97 -29.70 18.65
C SER H 435 34.86 -30.64 19.06
N GLY H 436 33.84 -30.77 18.19
CA GLY H 436 32.77 -31.75 18.36
C GLY H 436 31.48 -31.31 19.02
N TYR H 437 31.37 -30.03 19.36
CA TYR H 437 30.20 -29.54 20.08
C TYR H 437 29.34 -28.54 19.34
N THR H 438 29.44 -28.49 18.00
CA THR H 438 28.56 -27.61 17.22
C THR H 438 27.09 -28.04 17.41
N ASN H 439 26.25 -27.05 17.76
CA ASN H 439 24.85 -27.37 18.00
C ASN H 439 23.92 -26.15 17.86
N ILE H 440 24.38 -25.01 17.36
CA ILE H 440 23.56 -23.82 17.31
C ILE H 440 23.63 -23.15 15.99
N MET H 441 22.48 -22.74 15.49
CA MET H 441 22.40 -21.93 14.29
C MET H 441 21.59 -20.66 14.63
N ARG H 442 22.04 -19.52 14.12
CA ARG H 442 21.44 -18.22 14.40
CA ARG H 442 21.32 -18.26 14.36
C ARG H 442 21.24 -17.48 13.08
N VAL H 443 20.15 -16.74 12.94
CA VAL H 443 19.92 -15.92 11.75
C VAL H 443 20.31 -14.50 12.11
N LEU H 444 21.26 -13.91 11.38
CA LEU H 444 21.77 -12.59 11.71
C LEU H 444 21.66 -11.62 10.54
N SER H 445 21.27 -10.39 10.81
CA SER H 445 21.20 -9.35 9.81
C SER H 445 22.52 -8.58 9.84
N ILE H 446 23.17 -8.41 8.69
CA ILE H 446 24.45 -7.73 8.61
C ILE H 446 24.28 -6.22 8.76
N SER H 447 25.00 -5.63 9.71
CA SER H 447 24.98 -4.18 9.94
C SER H 447 26.37 -3.57 9.70
#